data_8IHT
#
_entry.id   8IHT
#
_cell.length_a   1.00
_cell.length_b   1.00
_cell.length_c   1.00
_cell.angle_alpha   90.00
_cell.angle_beta   90.00
_cell.angle_gamma   90.00
#
_symmetry.space_group_name_H-M   'P 1'
#
loop_
_entity.id
_entity.type
_entity.pdbx_description
1 polymer 'Histone H3'
2 polymer 'Histone H4'
3 polymer 'Histone H2A'
4 polymer 'Histone H2B'
5 polymer 'DNA (164-MER)'
6 polymer 'DNA (165-MER)'
7 polymer 'RCO1 isoform 1'
8 polymer 'Chromatin modification-related protein EAF3'
9 polymer 'Transcriptional regulatory protein SIN3'
10 polymer 'Histone deacetylase RPD3'
11 non-polymer 'ZINC ION'
12 non-polymer 'CALCIUM ION'
#
loop_
_entity_poly.entity_id
_entity_poly.type
_entity_poly.pdbx_seq_one_letter_code
_entity_poly.pdbx_strand_id
1 'polypeptide(L)'
;ARTKQTARKSTGGKAPRKQLATKAARKSAPATGGV(ML3)KPHRYRPGTVALREIRRYQKSTELLIRKLPFQRLVREIAQ
DFKTDLRFQSSAVMALQEASEAYLVALFEDTNLAAIHAKRVTIMPKDIQLARRIRGERA
;
A,E
2 'polypeptide(L)'
;SGRGKGGKGLGKGGAKRHRKVLRDNIQGITKPAIRRLARRGGVKRISGLIYEETRGVLKVFLENVIRDAVTYTEHAKRKT
VTAMDVVYALKRQGRTLYGFGG
;
B,F
3 'polypeptide(L)'
;SGRGKQGGKTRAKAKTRSSRAGLQFPVGRVHRLLRKGNYAERVGAGAPVYLAAVLEYLTAEILELAGNAARDNKKTRIIP
RHLQLAVRNDEELNKLLGRVTIAQGGVLPNIQSVLLPKKTESSKSAKSK
;
C,G
4 'polypeptide(L)'
;AKSAPAPKKGSKKAVTKTQKKDGKKRRKTRKESYAIYVYKVLKQVHPDTGISSKAMSIMNSFVNDVFERIAGEASRLAHY
NKRSTITSREIQTAVRLLLPGELAKHAVSEGTKAVTKYTSAK
;
D,H
5 'polydeoxyribonucleotide'
;(DT)(DC)(DG)(DC)(DC)(DC)(DT)(DT)(DA)(DC)(DT)(DG)(DG)(DC)(DC)(DG)(DC)(DC)(DC)(DT)
(DG)(DG)(DA)(DG)(DA)(DA)(DT)(DC)(DC)(DC)(DG)(DG)(DT)(DG)(DC)(DC)(DG)(DA)(DG)(DG)
(DC)(DC)(DG)(DC)(DT)(DC)(DA)(DA)(DT)(DT)(DG)(DG)(DT)(DC)(DG)(DT)(DA)(DG)(DA)(DC)
(DA)(DG)(DC)(DT)(DC)(DT)(DA)(DG)(DC)(DA)(DC)(DC)(DG)(DC)(DT)(DT)(DA)(DA)(DA)(DC)
(DG)(DC)(DA)(DC)(DG)(DT)(DA)(DC)(DG)(DC)(DG)(DC)(DT)(DG)(DT)(DC)(DC)(DC)(DC)(DC)
(DG)(DC)(DG)(DT)(DT)(DT)(DT)(DA)(DA)(DC)(DC)(DG)(DC)(DC)(DA)(DA)(DG)(DG)(DG)(DG)
(DA)(DT)(DT)(DA)(DC)(DT)(DC)(DC)(DC)(DT)(DA)(DG)(DT)(DC)(DT)(DC)(DC)(DA)(DG)(DG)
(DC)(DA)(DC)(DG)(DT)(DG)(DT)(DC)(DA)(DG)(DA)(DT)(DA)(DT)(DA)(DT)(DA)(DC)(DA)(DT)
(DC)(DC)(DT)(DG)
;
I
6 'polydeoxyribonucleotide'
;(DC)(DA)(DG)(DG)(DA)(DT)(DG)(DT)(DA)(DT)(DA)(DT)(DA)(DT)(DC)(DT)(DG)(DA)(DC)(DA)
(DC)(DG)(DT)(DG)(DC)(DC)(DT)(DG)(DG)(DA)(DG)(DA)(DC)(DT)(DA)(DG)(DG)(DG)(DA)(DG)
(DT)(DA)(DA)(DT)(DC)(DC)(DC)(DC)(DT)(DT)(DG)(DG)(DC)(DG)(DG)(DT)(DT)(DA)(DA)(DA)
(DA)(DC)(DG)(DC)(DG)(DG)(DG)(DG)(DG)(DA)(DC)(DA)(DG)(DC)(DG)(DC)(DG)(DT)(DA)(DC)
(DG)(DT)(DG)(DC)(DG)(DT)(DT)(DT)(DA)(DA)(DG)(DC)(DG)(DG)(DT)(DG)(DC)(DT)(DA)(DG)
(DA)(DG)(DC)(DT)(DG)(DT)(DC)(DT)(DA)(DC)(DG)(DA)(DC)(DC)(DA)(DA)(DT)(DT)(DG)(DA)
(DG)(DC)(DG)(DG)(DC)(DC)(DT)(DC)(DG)(DG)(DC)(DA)(DC)(DC)(DG)(DG)(DG)(DA)(DT)(DT)
(DC)(DT)(DC)(DC)(DA)(DG)(DG)(DG)(DC)(DG)(DG)(DC)(DC)(DA)(DG)(DT)(DA)(DA)(DG)(DG)
(DG)(DC)(DG)(DA)(DC)
;
J
7 'polypeptide(L)'
;MDTSKKDTTRSPSHSNSSSPSSSSLSSSSSKEKKRPKRLSSQNVNYDLKRRKIITSEGIERSFKNEHSNLAVEDNIPEEE
PKELLEKDSKGNIIKLNEPSTISEDSKVSVTGLPLNKGPSEKIKRESLWNYRKNLGGQSNNSEMTLVPSKRFTQVPKNFQ
DLNRNDLKTFLTENMTEESNIRSTIGWNGDIINRTRDREPESDRDNKKLSNIRTKIILSTNATYDSKSKLFGQNSIKSTS
NASEKIFRDKNNSTIDFENEDFCSACNQSGSFLCCDTCPKSFHFLCLDPPIDPNNLPKGDWHCNECKFKIFINNSMATLK
KIESNFIKQNNNVKIFAKLLFNIDSHNPKQFQLPNYIKETFPAVKTGSRGQYSDENDKIPLTDRQLFNTSYGQSITKLDS
YNPDTHIDSNSGKFLICYKCNQTRLGSWSHPENSRLIMTCDYCQTPWHLDCVPRASFKNLGSKWKCPLHSPTKVYKKIHH
CQEDNSVNYKVWKKQRLINKKNQLYYEPLQKIGYQNNGNIQIIPTTSHTDYDFNQDFKITQIDENSIKYDFFDKIYKSKM
VQKRKLFQFQESLIDKLVSNGSQNGNSEDNMVKDIASLIYFQVSNNDKSSNNKSASKSNNLRKLWDLKELTNVVVPNELD
SIQFNDFSSDEIKHLLYLKKIIESKPKEELLKFLNIENPENQSE
;
M,O
8 'polypeptide(L)'
;MVDLEQEFALGGRCLAFHGPLMYEAKILKIWDPSSKMYTSIPNDKPGGSSQATKEIKPQKLGEDESIPEEIINGKCFFIH
YQGWKSSWDEWVGYDRIRAYNEENIAMKKRLANEAKEAKKSLLEQQKKKKLSTSLGGPSNGGKRKGDSRSNASISKSTSQ
SFLTSSVSGRKSGRSSANSLHPGSSLRSSSDQNGNDDRRRSSSLSPNMLHHIAGYPTPKISLQIPIKLKSVLVDDWEYVT
KDKKICRLPADVTVEMVLNKYEHEVSQELESPGSQSQLSEYCAGLKLYFDKCLGNMLLYRLERLQYDELLKKSSKDQKPL
VPIRIYGAIHLLRLISVLPELISSTTMDLQSCQLLIKQTEDFLVWLLMHVDEYFNDKDPNRSDDALYVNTSSQYEGVALG
M
;
N,P
9 'polypeptide(L)'
;MSQVWHNSNSQSNDVATSNDATGSNERNEKEPSLQGNKPGFVQQQQRITLPSLSALSTKEEDRRDSNGQQALTSHAAHIL
GYPPPHSNAMPSIATDSALKQPHEYHPRPKSSSSSPSINASLMNAGPAPLPTVGAASFSLSRFDNPLPIKAPVHTEEPKS
YNGLQEEEKATQRPQDCKEVPAGVQPADAPDPSSNHADANDDNNNNENSHDEDADYRPLNVKDALSYLEQVKFQFSSRPD
IYNLFLDIMKDFKSQAIDTPGVIERVSTLFRGYPILIQGFNTFLPQGYRIECSSNPDDPIRVTTPMGTTTVNNNISPSGR
GTTDAQELGSFPESDGNGVQQPSNVPMVPSSVYQSEQNQDQQQSLPLLATSSGLPSIQQPEMPAHRQIPQSQSLVPQEDA
KKNVDVEFSQAISYVNKIKTRFADQPDIYKHFLEILQTYQREQKPINEVYAQVTHLFQNAPDLLEDFKKFLPDSSASANQ
QVQHAQQHAQQQHEAQMHAQAQAQAQAQAQVEQQKQQQQFLYPASGYYGHPSNRGIPQQNLPPIGSFSPPTNGSTVHEAY
QDQQHMQPPHFMPLPSIVQHGPNMVHQGIANENPPLSDLRTSLTEQYAPSSIQHQQQHPQSISPIANTQYGDIPVRPEID
LDPSIVPVVPEPTEPIENNISLNEEVTFFEKAKRYIGNKHLYTEFLKILNLYSQDILDLDDLVEKVDFYLGSNKELFTWF
KNFVGYQEKTKCIENIVHEKHRLDLDLCEAFGPSYKRLPKSDTFMPCSGRDDMCWEVLNDEWVGHPVWASEDSGFIAHRK
NQYEETLFKIEEERHEYDFYIESNLRTIQCLETIVNKIENMTENEKANFKLPPGLGHTSMTIYKKVIRKVYDKERGFEII
DALHEHPAVTAPVVLKRLKQKDEEWRRAQREWNKVWRELEQKVFFKSLDHLGLTFKQADKKLLTTKQLISEISSIKVDQT
NKKIHWLTPKPKSQLDFDFPDKNIFYDILCLADTFITHTTAYSNPDKERLKDLLKYFISLFFSISFEKIEESLYSHKQNV
SESSGSDDGSSIASRKRPYQQEMSLLDILHRSRYQKLKRSNDEDGKVPQLSEPPEEEPNTIEEEELIDEEAKNPWLTGNL
VEEANSQGIIQNRSIFNLFANTNIYIFFRHWTTIYERLLEIKQMNERVTKEINTRSTVTFAKDLDLLSSQLSEMGLDFVG
EDAYKQVLRLSRRLINGDLEHQWFEESLRQAYNNKAFKLYTIDKVTQSLVKHAHTLMTDAKTAEIMALFVKDRNASTTSA
KDQIIYRLQVRSHMSNTENMFRIEFDKRTLHVSIQYIALDDLTLKEPKADEDKWKYYVTSYALPHPTEGIPHEKLKIPFL
ERLIEFGQDIDGTEVDEEFSPEGISVSTLKIKIQPITYQLHIENGSYDVFTRKATNKYPTIANDNTQKGMVSQKKELISK
FLDCAVGLRNNLDEAQKLSMQKKWENLKDSIAKTSAGNQGIESETEKGKITKQEQSDNLDSSTASVLPASITTVPQDDNI
ETTGNTESSDKGAKIQ
;
K
10 'polypeptide(L)'
;MVYEATPFDPITVKPSDKRRVAYFYDADVGNYAYGAGHPMKPHRIRMAHSLIMNYGLYKKMEIYRAKPATKQEMCQFHTD
EYIDFLSRVTPDNLEMFKRESVKFNVGDDCPVFDGLYEYCSISGGGSMEGAARLNRGKCDVAVNYAGGLHHAKKSEASGF
CYLNDIVLGIIELLRYHPRVLYIDIDVHHGDGVEEAFYTTDRVMTCSFHKYGEFFPGTGELRDIGVGAGKNYAVNVPLRD
GIDDATYRSVFEPVIKKIMEWYQPSAVVLQCGGDSLSGDRLGCFNLSMEGHANCVNYVKSFGIPMMVVGGGGYTMRNVAR
TWCFETGLLNNVVLDKDLPYNEYYEYYGPDYKLSVRPSNMFNVNTPEYLDKVMTNIFANLENTKYAPSVQLNHTPRDAED
LGDVEEDSAEAKDTKGGSQYARDLHVEHDNEFY
;
L
#
loop_
_chem_comp.id
_chem_comp.type
_chem_comp.name
_chem_comp.formula
CA non-polymer 'CALCIUM ION' 'Ca 2'
DA DNA linking 2'-DEOXYADENOSINE-5'-MONOPHOSPHATE 'C10 H14 N5 O6 P'
DC DNA linking 2'-DEOXYCYTIDINE-5'-MONOPHOSPHATE 'C9 H14 N3 O7 P'
DG DNA linking 2'-DEOXYGUANOSINE-5'-MONOPHOSPHATE 'C10 H14 N5 O7 P'
DT DNA linking THYMIDINE-5'-MONOPHOSPHATE 'C10 H15 N2 O8 P'
ZN non-polymer 'ZINC ION' 'Zn 2'
#
# COMPACT_ATOMS: atom_id res chain seq x y z
N ALA A 1 28.41 7.13 -24.01
CA ALA A 1 27.66 6.19 -23.18
C ALA A 1 26.26 6.78 -23.11
N ARG A 2 25.29 5.91 -22.83
CA ARG A 2 23.91 6.37 -22.66
C ARG A 2 23.49 6.13 -21.22
N THR A 3 23.00 7.17 -20.56
CA THR A 3 22.64 7.13 -19.15
C THR A 3 21.13 7.34 -19.13
N LYS A 4 20.40 6.47 -18.47
CA LYS A 4 18.98 6.68 -18.51
C LYS A 4 18.73 8.00 -17.88
N GLN A 5 18.19 7.99 -16.70
CA GLN A 5 17.99 9.20 -15.90
C GLN A 5 17.60 8.79 -14.48
N THR A 6 17.42 9.77 -13.60
CA THR A 6 16.63 9.58 -12.39
C THR A 6 15.29 10.28 -12.60
N ALA A 7 14.20 9.62 -12.18
CA ALA A 7 12.88 10.22 -12.33
C ALA A 7 12.64 11.32 -11.30
N ARG A 8 13.15 11.15 -10.09
CA ARG A 8 12.83 12.01 -8.97
C ARG A 8 14.10 12.51 -8.30
N LYS A 9 14.10 13.80 -7.97
CA LYS A 9 15.32 14.49 -7.50
C LYS A 9 15.17 14.90 -6.05
N SER A 10 15.40 13.95 -5.15
CA SER A 10 15.54 14.19 -3.72
C SER A 10 15.97 12.89 -3.05
N THR A 11 16.68 13.01 -1.92
CA THR A 11 17.09 11.82 -1.19
C THR A 11 16.01 11.35 -0.23
N GLY A 12 15.17 12.27 0.24
CA GLY A 12 14.16 11.89 1.21
C GLY A 12 13.07 11.03 0.60
N GLY A 13 12.89 11.14 -0.71
CA GLY A 13 11.76 10.51 -1.35
C GLY A 13 10.45 11.24 -1.16
N LYS A 14 10.47 12.39 -0.49
CA LYS A 14 9.35 13.29 -0.25
C LYS A 14 8.40 12.71 0.78
N ALA A 15 8.59 11.48 1.22
CA ALA A 15 7.90 11.03 2.42
C ALA A 15 8.14 11.96 3.60
N PRO A 16 9.35 12.46 3.86
CA PRO A 16 9.53 13.46 4.90
C PRO A 16 9.51 14.92 4.44
N ARG A 17 9.20 15.21 3.18
CA ARG A 17 9.13 16.58 2.70
C ARG A 17 7.69 16.93 2.40
N LYS A 18 7.22 18.08 2.91
CA LYS A 18 5.82 18.45 2.74
C LYS A 18 5.57 18.96 1.33
N GLN A 19 4.29 18.92 0.94
CA GLN A 19 3.91 18.92 -0.47
C GLN A 19 4.76 17.94 -1.25
N LEU A 20 4.65 16.67 -0.87
CA LEU A 20 5.48 15.61 -1.41
C LEU A 20 5.20 15.39 -2.89
N ALA A 21 6.20 14.87 -3.57
CA ALA A 21 5.98 14.48 -4.93
C ALA A 21 5.41 13.10 -4.70
N THR A 22 5.95 12.38 -3.72
CA THR A 22 5.52 11.00 -3.48
C THR A 22 4.68 10.76 -2.23
N LYS A 23 4.37 11.78 -1.47
CA LYS A 23 3.47 11.64 -0.32
C LYS A 23 2.43 12.72 -0.42
N ALA A 24 1.50 12.57 -1.34
CA ALA A 24 0.51 13.62 -1.57
C ALA A 24 1.19 14.96 -1.86
N PRO A 38 -2.09 -35.80 4.43
CA PRO A 38 -3.41 -35.21 4.26
C PRO A 38 -4.16 -35.77 3.05
N HIS A 39 -5.35 -35.24 2.78
CA HIS A 39 -6.20 -35.69 1.69
C HIS A 39 -6.29 -34.60 0.63
N ARG A 40 -6.03 -34.97 -0.62
CA ARG A 40 -6.12 -34.06 -1.74
C ARG A 40 -6.73 -34.79 -2.93
N TYR A 41 -7.51 -34.07 -3.73
CA TYR A 41 -7.96 -34.60 -5.00
C TYR A 41 -6.85 -34.48 -6.03
N ARG A 42 -6.71 -35.51 -6.86
CA ARG A 42 -5.79 -35.41 -7.98
C ARG A 42 -6.18 -34.23 -8.86
N PRO A 43 -5.24 -33.65 -9.59
CA PRO A 43 -5.59 -32.54 -10.49
C PRO A 43 -6.64 -32.98 -11.50
N GLY A 44 -7.60 -32.09 -11.74
CA GLY A 44 -8.65 -32.31 -12.70
C GLY A 44 -9.96 -32.81 -12.11
N THR A 45 -9.91 -33.59 -11.02
CA THR A 45 -11.12 -34.17 -10.48
C THR A 45 -12.05 -33.10 -9.92
N VAL A 46 -11.48 -32.03 -9.35
CA VAL A 46 -12.32 -30.93 -8.87
C VAL A 46 -12.79 -30.08 -10.05
N ALA A 47 -11.98 -29.99 -11.10
CA ALA A 47 -12.39 -29.24 -12.28
C ALA A 47 -13.74 -29.73 -12.79
N LEU A 48 -13.85 -31.02 -13.06
CA LEU A 48 -15.14 -31.57 -13.52
C LEU A 48 -16.24 -31.30 -12.51
N ARG A 49 -15.94 -31.44 -11.22
CA ARG A 49 -16.93 -31.13 -10.19
C ARG A 49 -17.31 -29.66 -10.23
N GLU A 50 -16.38 -28.80 -10.65
CA GLU A 50 -16.71 -27.39 -10.78
C GLU A 50 -17.57 -27.13 -12.02
N ILE A 51 -17.45 -27.96 -13.04
CA ILE A 51 -18.27 -27.78 -14.23
C ILE A 51 -19.72 -28.14 -13.93
N ARG A 52 -19.97 -29.39 -13.53
CA ARG A 52 -21.34 -29.81 -13.25
C ARG A 52 -22.00 -28.95 -12.19
N ARG A 53 -21.20 -28.30 -11.33
CA ARG A 53 -21.76 -27.34 -10.38
C ARG A 53 -22.09 -26.02 -11.04
N TYR A 54 -21.60 -25.77 -12.24
CA TYR A 54 -21.91 -24.52 -12.94
C TYR A 54 -22.82 -24.71 -14.13
N GLN A 55 -22.54 -25.69 -14.99
CA GLN A 55 -23.40 -25.92 -16.14
C GLN A 55 -24.81 -26.31 -15.74
N LYS A 56 -25.02 -26.63 -14.46
CA LYS A 56 -26.37 -26.90 -13.98
C LYS A 56 -27.04 -25.64 -13.45
N SER A 57 -26.27 -24.58 -13.21
CA SER A 57 -26.80 -23.37 -12.60
C SER A 57 -26.84 -22.21 -13.60
N THR A 58 -27.69 -21.23 -13.29
CA THR A 58 -27.94 -20.10 -14.18
C THR A 58 -27.53 -18.77 -13.57
N GLU A 59 -27.07 -18.76 -12.32
CA GLU A 59 -26.71 -17.53 -11.65
C GLU A 59 -25.59 -16.80 -12.38
N LEU A 60 -25.59 -15.47 -12.29
CA LEU A 60 -24.60 -14.66 -12.98
C LEU A 60 -23.22 -14.90 -12.41
N LEU A 61 -22.21 -15.00 -13.29
CA LEU A 61 -20.88 -15.34 -12.83
C LEU A 61 -20.00 -14.12 -12.62
N ILE A 62 -20.00 -13.19 -13.57
CA ILE A 62 -19.22 -11.97 -13.41
C ILE A 62 -19.76 -11.18 -12.23
N ARG A 63 -18.87 -10.74 -11.36
CA ARG A 63 -19.29 -9.95 -10.21
C ARG A 63 -19.93 -8.66 -10.68
N LYS A 64 -21.01 -8.25 -10.02
CA LYS A 64 -21.85 -7.20 -10.58
C LYS A 64 -21.21 -5.83 -10.40
N LEU A 65 -20.99 -5.40 -9.16
CA LEU A 65 -20.42 -4.06 -8.95
C LEU A 65 -19.06 -3.84 -9.63
N PRO A 66 -18.26 -4.86 -9.94
CA PRO A 66 -17.09 -4.59 -10.79
C PRO A 66 -17.44 -4.50 -12.26
N PHE A 67 -18.61 -4.98 -12.64
CA PHE A 67 -19.04 -4.84 -14.03
C PHE A 67 -19.65 -3.46 -14.25
N GLN A 68 -20.56 -3.06 -13.37
CA GLN A 68 -21.11 -1.71 -13.40
C GLN A 68 -20.02 -0.67 -13.60
N ARG A 69 -18.92 -0.78 -12.88
CA ARG A 69 -17.86 0.20 -13.05
C ARG A 69 -17.08 -0.03 -14.32
N LEU A 70 -17.22 -1.19 -14.95
CA LEU A 70 -16.57 -1.40 -16.24
C LEU A 70 -17.39 -0.81 -17.37
N VAL A 71 -18.71 -0.91 -17.30
CA VAL A 71 -19.55 -0.34 -18.34
C VAL A 71 -19.48 1.17 -18.33
N ARG A 72 -19.53 1.78 -17.13
CA ARG A 72 -19.41 3.23 -17.05
C ARG A 72 -18.13 3.73 -17.69
N GLU A 73 -17.01 3.06 -17.41
CA GLU A 73 -15.73 3.49 -17.96
C GLU A 73 -15.75 3.47 -19.49
N ILE A 74 -16.44 2.49 -20.07
CA ILE A 74 -16.50 2.42 -21.52
C ILE A 74 -17.39 3.51 -22.08
N ALA A 75 -18.48 3.84 -21.39
CA ALA A 75 -19.44 4.79 -21.94
C ALA A 75 -18.84 6.18 -22.04
N GLN A 76 -17.91 6.53 -21.14
CA GLN A 76 -17.39 7.90 -21.10
C GLN A 76 -16.87 8.34 -22.46
N ASP A 77 -15.92 7.61 -23.03
CA ASP A 77 -15.31 8.09 -24.27
C ASP A 77 -16.26 8.02 -25.46
N PHE A 78 -17.52 7.64 -25.27
CA PHE A 78 -18.55 7.76 -26.29
C PHE A 78 -19.51 8.91 -26.03
N LYS A 79 -19.76 9.21 -24.77
CA LYS A 79 -20.57 10.35 -24.36
C LYS A 79 -20.36 10.52 -22.86
N THR A 80 -20.50 11.75 -22.39
CA THR A 80 -20.18 12.09 -21.01
C THR A 80 -21.46 12.26 -20.21
N ASP A 81 -21.39 11.86 -18.94
CA ASP A 81 -22.46 12.03 -17.96
C ASP A 81 -23.64 11.10 -18.25
N LEU A 82 -23.39 9.93 -18.82
CA LEU A 82 -24.46 8.97 -19.03
C LEU A 82 -24.99 8.46 -17.69
N ARG A 83 -26.23 8.00 -17.71
CA ARG A 83 -26.88 7.39 -16.56
C ARG A 83 -27.55 6.11 -17.02
N PHE A 84 -27.10 4.97 -16.51
CA PHE A 84 -27.61 3.69 -16.97
C PHE A 84 -28.74 3.22 -16.07
N GLN A 85 -29.84 2.81 -16.69
CA GLN A 85 -30.86 2.13 -15.90
C GLN A 85 -30.31 0.84 -15.33
N SER A 86 -30.59 0.59 -14.05
CA SER A 86 -30.08 -0.59 -13.40
C SER A 86 -30.50 -1.86 -14.11
N SER A 87 -31.49 -1.77 -15.01
CA SER A 87 -31.80 -2.90 -15.86
C SER A 87 -30.84 -3.02 -17.02
N ALA A 88 -30.40 -1.89 -17.57
CA ALA A 88 -29.56 -1.93 -18.77
C ALA A 88 -28.11 -2.25 -18.44
N VAL A 89 -27.76 -2.34 -17.16
CA VAL A 89 -26.47 -2.90 -16.82
C VAL A 89 -26.57 -4.41 -16.73
N MET A 90 -27.69 -4.92 -16.26
CA MET A 90 -27.94 -6.35 -16.33
C MET A 90 -27.94 -6.83 -17.78
N ALA A 91 -28.82 -6.28 -18.61
CA ALA A 91 -28.94 -6.72 -19.99
C ALA A 91 -27.61 -6.72 -20.72
N LEU A 92 -26.64 -5.92 -20.28
CA LEU A 92 -25.30 -6.06 -20.82
C LEU A 92 -24.61 -7.27 -20.23
N GLN A 93 -24.75 -7.48 -18.94
CA GLN A 93 -24.00 -8.55 -18.30
C GLN A 93 -24.45 -9.91 -18.80
N GLU A 94 -25.77 -10.14 -18.83
CA GLU A 94 -26.26 -11.43 -19.33
C GLU A 94 -25.91 -11.64 -20.79
N ALA A 95 -25.61 -10.57 -21.52
CA ALA A 95 -25.12 -10.75 -22.88
C ALA A 95 -23.64 -11.08 -22.88
N SER A 96 -22.83 -10.26 -22.23
CA SER A 96 -21.39 -10.48 -22.27
C SER A 96 -20.96 -11.70 -21.46
N GLU A 97 -21.86 -12.30 -20.72
CA GLU A 97 -21.45 -13.51 -20.05
C GLU A 97 -21.63 -14.56 -21.12
N ALA A 98 -22.75 -14.54 -21.81
CA ALA A 98 -23.00 -15.57 -22.79
C ALA A 98 -21.98 -15.52 -23.91
N TYR A 99 -21.63 -14.33 -24.36
CA TYR A 99 -20.71 -14.24 -25.46
C TYR A 99 -19.51 -15.02 -25.07
N LEU A 100 -19.06 -14.85 -23.84
CA LEU A 100 -17.81 -15.51 -23.46
C LEU A 100 -18.00 -17.02 -23.36
N VAL A 101 -19.13 -17.47 -22.83
CA VAL A 101 -19.30 -18.91 -22.68
C VAL A 101 -19.32 -19.60 -24.03
N ALA A 102 -19.89 -18.95 -25.04
CA ALA A 102 -19.80 -19.50 -26.38
C ALA A 102 -18.35 -19.53 -26.86
N LEU A 103 -17.65 -18.42 -26.68
CA LEU A 103 -16.25 -18.35 -27.09
C LEU A 103 -15.43 -19.45 -26.45
N PHE A 104 -15.71 -19.76 -25.19
CA PHE A 104 -14.92 -20.76 -24.50
C PHE A 104 -15.26 -22.16 -24.98
N GLU A 105 -16.52 -22.44 -25.33
CA GLU A 105 -16.84 -23.72 -25.95
C GLU A 105 -16.09 -23.87 -27.27
N ASP A 106 -16.05 -22.82 -28.08
CA ASP A 106 -15.36 -22.91 -29.36
C ASP A 106 -13.86 -23.12 -29.15
N THR A 107 -13.27 -22.45 -28.16
CA THR A 107 -11.85 -22.64 -27.91
C THR A 107 -11.57 -24.03 -27.36
N ASN A 108 -12.44 -24.54 -26.49
CA ASN A 108 -12.28 -25.89 -26.02
C ASN A 108 -12.30 -26.87 -27.18
N LEU A 109 -13.18 -26.64 -28.17
CA LEU A 109 -13.16 -27.47 -29.36
C LEU A 109 -11.83 -27.35 -30.08
N ALA A 110 -11.33 -26.12 -30.24
CA ALA A 110 -10.06 -25.94 -30.95
C ALA A 110 -8.91 -26.63 -30.23
N ALA A 111 -8.96 -26.69 -28.90
CA ALA A 111 -7.87 -27.32 -28.16
C ALA A 111 -7.98 -28.84 -28.21
N ILE A 112 -9.17 -29.38 -27.99
CA ILE A 112 -9.38 -30.80 -28.20
C ILE A 112 -8.92 -31.19 -29.59
N HIS A 113 -9.07 -30.28 -30.55
CA HIS A 113 -8.56 -30.52 -31.89
C HIS A 113 -7.04 -30.57 -31.90
N ALA A 114 -6.40 -29.52 -31.39
CA ALA A 114 -4.94 -29.47 -31.38
C ALA A 114 -4.32 -30.59 -30.54
N LYS A 115 -5.14 -31.38 -29.86
CA LYS A 115 -4.78 -32.58 -29.10
C LYS A 115 -4.24 -32.28 -27.71
N ARG A 116 -4.33 -31.05 -27.24
CA ARG A 116 -4.04 -30.72 -25.86
C ARG A 116 -5.34 -30.39 -25.16
N VAL A 117 -5.28 -30.33 -23.83
CA VAL A 117 -6.50 -30.09 -23.07
C VAL A 117 -6.66 -28.63 -22.67
N THR A 118 -5.57 -27.92 -22.46
CA THR A 118 -5.61 -26.57 -21.90
C THR A 118 -5.78 -25.54 -23.00
N ILE A 119 -6.89 -24.81 -22.97
CA ILE A 119 -7.06 -23.72 -23.91
C ILE A 119 -5.94 -22.69 -23.73
N MET A 120 -5.66 -21.96 -24.79
CA MET A 120 -4.58 -20.98 -24.79
C MET A 120 -4.92 -19.87 -25.75
N PRO A 121 -4.22 -18.74 -25.68
CA PRO A 121 -4.55 -17.62 -26.56
C PRO A 121 -4.50 -17.97 -28.04
N LYS A 122 -3.67 -18.93 -28.42
CA LYS A 122 -3.75 -19.43 -29.80
C LYS A 122 -5.15 -19.91 -30.09
N ASP A 123 -5.72 -20.67 -29.16
CA ASP A 123 -7.07 -21.18 -29.34
C ASP A 123 -8.09 -20.05 -29.37
N ILE A 124 -7.94 -19.06 -28.48
CA ILE A 124 -8.88 -17.93 -28.50
C ILE A 124 -8.86 -17.24 -29.85
N GLN A 125 -7.66 -16.90 -30.33
CA GLN A 125 -7.55 -16.15 -31.57
C GLN A 125 -8.06 -16.96 -32.75
N LEU A 126 -7.84 -18.27 -32.74
CA LEU A 126 -8.37 -19.08 -33.84
C LEU A 126 -9.88 -19.15 -33.77
N ALA A 127 -10.44 -19.41 -32.59
CA ALA A 127 -11.89 -19.51 -32.49
C ALA A 127 -12.57 -18.20 -32.81
N ARG A 128 -11.83 -17.09 -32.76
CA ARG A 128 -12.42 -15.85 -33.24
C ARG A 128 -12.23 -15.68 -34.74
N ARG A 129 -11.04 -16.00 -35.26
CA ARG A 129 -10.79 -15.82 -36.69
C ARG A 129 -11.74 -16.69 -37.51
N ILE A 130 -11.93 -17.94 -37.11
CA ILE A 130 -12.77 -18.84 -37.89
C ILE A 130 -14.21 -18.37 -37.86
N ARG A 131 -14.65 -17.79 -36.75
CA ARG A 131 -16.01 -17.25 -36.69
C ARG A 131 -16.20 -16.11 -37.67
N GLY A 132 -15.11 -15.51 -38.14
CA GLY A 132 -15.21 -14.31 -38.93
C GLY A 132 -15.60 -13.08 -38.14
N GLU A 133 -15.79 -13.20 -36.83
CA GLU A 133 -16.13 -12.07 -36.00
C GLU A 133 -14.91 -11.24 -35.61
N ARG A 134 -13.80 -11.43 -36.29
CA ARG A 134 -12.64 -10.57 -36.09
C ARG A 134 -12.88 -9.26 -36.81
N LEU B 22 -11.71 5.08 -11.59
CA LEU B 22 -12.07 4.19 -12.70
C LEU B 22 -10.96 4.13 -13.75
N ARG B 23 -9.71 4.31 -13.31
CA ARG B 23 -8.58 4.26 -14.24
C ARG B 23 -8.44 2.90 -14.88
N ASP B 24 -8.40 1.84 -14.07
CA ASP B 24 -8.37 0.47 -14.56
C ASP B 24 -9.48 -0.30 -13.87
N ASN B 25 -10.55 -0.60 -14.61
CA ASN B 25 -11.57 -1.49 -14.11
C ASN B 25 -11.59 -2.83 -14.81
N ILE B 26 -10.98 -2.93 -15.99
CA ILE B 26 -10.92 -4.23 -16.65
C ILE B 26 -10.08 -5.19 -15.84
N GLN B 27 -9.17 -4.68 -15.01
CA GLN B 27 -8.50 -5.54 -14.05
C GLN B 27 -9.44 -5.97 -12.93
N GLY B 28 -10.68 -5.47 -12.93
CA GLY B 28 -11.63 -5.88 -11.91
C GLY B 28 -12.28 -7.20 -12.23
N ILE B 29 -12.46 -7.50 -13.51
CA ILE B 29 -12.90 -8.83 -13.90
C ILE B 29 -11.75 -9.77 -13.56
N THR B 30 -11.95 -10.58 -12.52
CA THR B 30 -10.82 -11.17 -11.82
C THR B 30 -10.25 -12.35 -12.60
N LYS B 31 -9.36 -13.08 -11.96
CA LYS B 31 -8.92 -14.36 -12.49
C LYS B 31 -9.97 -15.41 -12.18
N PRO B 32 -10.48 -15.53 -10.95
CA PRO B 32 -11.58 -16.47 -10.73
C PRO B 32 -12.83 -16.12 -11.50
N ALA B 33 -13.00 -14.87 -11.93
CA ALA B 33 -14.16 -14.56 -12.75
C ALA B 33 -14.08 -15.29 -14.07
N ILE B 34 -12.98 -15.12 -14.79
CA ILE B 34 -12.80 -15.84 -16.06
C ILE B 34 -12.82 -17.34 -15.82
N ARG B 35 -12.08 -17.79 -14.81
CA ARG B 35 -12.04 -19.22 -14.52
C ARG B 35 -13.44 -19.77 -14.28
N ARG B 36 -14.30 -19.01 -13.61
CA ARG B 36 -15.65 -19.49 -13.39
C ARG B 36 -16.41 -19.58 -14.70
N LEU B 37 -16.26 -18.58 -15.57
CA LEU B 37 -16.95 -18.59 -16.85
C LEU B 37 -16.55 -19.80 -17.68
N ALA B 38 -15.26 -19.92 -17.96
CA ALA B 38 -14.80 -21.03 -18.77
C ALA B 38 -15.18 -22.37 -18.16
N ARG B 39 -15.25 -22.45 -16.84
CA ARG B 39 -15.72 -23.69 -16.22
C ARG B 39 -17.14 -24.00 -16.68
N ARG B 40 -17.98 -22.99 -16.80
CA ARG B 40 -19.29 -23.21 -17.39
C ARG B 40 -19.16 -23.56 -18.87
N GLY B 41 -18.19 -22.97 -19.54
CA GLY B 41 -18.03 -23.25 -20.96
C GLY B 41 -17.74 -24.72 -21.24
N GLY B 42 -16.91 -25.33 -20.41
CA GLY B 42 -16.63 -26.74 -20.60
C GLY B 42 -15.17 -27.09 -20.51
N VAL B 43 -14.31 -26.08 -20.37
CA VAL B 43 -12.87 -26.36 -20.36
C VAL B 43 -12.48 -27.12 -19.10
N LYS B 44 -11.23 -27.54 -19.06
CA LYS B 44 -10.74 -28.25 -17.89
C LYS B 44 -9.57 -27.51 -17.31
N ARG B 45 -8.52 -27.36 -18.11
CA ARG B 45 -7.37 -26.62 -17.64
C ARG B 45 -7.24 -25.34 -18.41
N ILE B 46 -7.17 -24.21 -17.73
CA ILE B 46 -7.03 -22.92 -18.40
C ILE B 46 -5.63 -22.35 -18.27
N SER B 47 -4.93 -22.19 -19.38
CA SER B 47 -3.57 -21.71 -19.35
C SER B 47 -3.50 -20.31 -18.88
N GLY B 48 -2.45 -19.98 -18.16
CA GLY B 48 -2.32 -18.64 -17.60
C GLY B 48 -2.52 -17.44 -18.47
N LEU B 49 -2.14 -17.49 -19.74
CA LEU B 49 -2.24 -16.27 -20.53
C LEU B 49 -3.65 -15.95 -20.95
N ILE B 50 -4.62 -16.83 -20.69
CA ILE B 50 -6.00 -16.54 -21.02
C ILE B 50 -6.53 -15.41 -20.16
N TYR B 51 -6.31 -15.50 -18.85
CA TYR B 51 -6.91 -14.57 -17.91
C TYR B 51 -6.69 -13.12 -18.29
N GLU B 52 -5.54 -12.83 -18.92
CA GLU B 52 -5.35 -11.50 -19.47
C GLU B 52 -6.01 -11.39 -20.82
N GLU B 53 -5.86 -12.40 -21.68
CA GLU B 53 -6.30 -12.28 -23.06
C GLU B 53 -7.81 -12.22 -23.18
N THR B 54 -8.54 -12.89 -22.28
CA THR B 54 -9.99 -12.79 -22.32
C THR B 54 -10.44 -11.35 -22.12
N ARG B 55 -9.81 -10.63 -21.20
CA ARG B 55 -10.14 -9.23 -21.01
C ARG B 55 -10.04 -8.45 -22.29
N GLY B 56 -9.07 -8.78 -23.14
CA GLY B 56 -8.97 -8.10 -24.42
C GLY B 56 -10.16 -8.35 -25.31
N VAL B 57 -10.75 -9.55 -25.23
CA VAL B 57 -11.93 -9.84 -26.03
C VAL B 57 -13.15 -9.16 -25.44
N LEU B 58 -13.38 -9.33 -24.14
CA LEU B 58 -14.57 -8.75 -23.52
C LEU B 58 -14.61 -7.25 -23.71
N LYS B 59 -13.47 -6.58 -23.54
CA LYS B 59 -13.42 -5.15 -23.78
C LYS B 59 -13.89 -4.79 -25.18
N VAL B 60 -13.33 -5.44 -26.20
CA VAL B 60 -13.67 -5.05 -27.56
C VAL B 60 -15.08 -5.51 -27.91
N PHE B 61 -15.68 -6.33 -27.07
CA PHE B 61 -17.10 -6.62 -27.24
C PHE B 61 -17.95 -5.46 -26.74
N LEU B 62 -17.67 -4.97 -25.54
CA LEU B 62 -18.48 -3.88 -25.00
C LEU B 62 -18.33 -2.61 -25.82
N GLU B 63 -17.11 -2.32 -26.28
CA GLU B 63 -16.92 -1.11 -27.07
C GLU B 63 -17.76 -1.13 -28.34
N ASN B 64 -18.24 -2.31 -28.75
CA ASN B 64 -19.15 -2.35 -29.89
C ASN B 64 -20.60 -2.30 -29.46
N VAL B 65 -20.94 -2.98 -28.37
CA VAL B 65 -22.32 -3.00 -27.93
C VAL B 65 -22.72 -1.65 -27.37
N ILE B 66 -21.84 -1.02 -26.59
CA ILE B 66 -22.16 0.27 -26.01
C ILE B 66 -22.24 1.34 -27.09
N ARG B 67 -21.20 1.44 -27.93
CA ARG B 67 -21.16 2.46 -28.97
C ARG B 67 -22.40 2.42 -29.85
N ASP B 68 -23.08 1.28 -29.90
CA ASP B 68 -24.38 1.26 -30.57
C ASP B 68 -25.49 1.68 -29.63
N ALA B 69 -25.48 1.18 -28.39
CA ALA B 69 -26.53 1.53 -27.45
C ALA B 69 -26.57 3.02 -27.19
N VAL B 70 -25.40 3.66 -27.15
CA VAL B 70 -25.37 5.10 -26.92
C VAL B 70 -26.01 5.83 -28.10
N THR B 71 -25.78 5.34 -29.32
CA THR B 71 -26.27 6.06 -30.48
C THR B 71 -27.80 6.05 -30.54
N TYR B 72 -28.42 4.92 -30.27
CA TYR B 72 -29.88 4.92 -30.12
C TYR B 72 -30.31 5.93 -29.08
N THR B 73 -29.64 5.95 -27.93
CA THR B 73 -29.94 6.92 -26.90
C THR B 73 -29.71 8.34 -27.38
N GLU B 74 -28.49 8.64 -27.84
CA GLU B 74 -28.16 9.97 -28.31
C GLU B 74 -29.13 10.46 -29.38
N HIS B 75 -29.82 9.55 -30.05
CA HIS B 75 -30.78 9.97 -31.06
C HIS B 75 -32.08 10.44 -30.43
N ALA B 76 -32.64 9.63 -29.53
CA ALA B 76 -33.91 9.97 -28.92
C ALA B 76 -33.84 11.16 -27.99
N LYS B 77 -32.68 11.81 -27.88
CA LYS B 77 -32.37 12.95 -27.03
C LYS B 77 -32.27 12.55 -25.57
N ARG B 78 -32.55 11.30 -25.22
CA ARG B 78 -32.46 10.87 -23.84
C ARG B 78 -31.03 11.00 -23.32
N LYS B 79 -30.90 10.93 -22.00
CA LYS B 79 -29.61 10.92 -21.34
C LYS B 79 -29.37 9.66 -20.54
N THR B 80 -30.11 8.59 -20.84
CA THR B 80 -30.01 7.35 -20.09
C THR B 80 -30.07 6.18 -21.07
N VAL B 81 -29.06 5.32 -21.02
CA VAL B 81 -29.04 4.14 -21.87
C VAL B 81 -29.93 3.08 -21.24
N THR B 82 -31.18 3.03 -21.63
CA THR B 82 -32.10 2.09 -21.01
C THR B 82 -32.05 0.73 -21.68
N ALA B 83 -32.57 -0.27 -20.97
CA ALA B 83 -32.48 -1.65 -21.44
C ALA B 83 -33.06 -1.81 -22.83
N MET B 84 -34.18 -1.13 -23.10
CA MET B 84 -34.73 -1.17 -24.45
C MET B 84 -33.74 -0.67 -25.50
N ASP B 85 -32.69 0.03 -25.09
CA ASP B 85 -31.64 0.35 -26.05
C ASP B 85 -30.69 -0.81 -26.23
N VAL B 86 -30.15 -1.33 -25.13
CA VAL B 86 -29.15 -2.39 -25.21
C VAL B 86 -29.70 -3.60 -25.95
N VAL B 87 -30.98 -3.91 -25.77
CA VAL B 87 -31.57 -5.01 -26.52
C VAL B 87 -31.53 -4.71 -28.01
N TYR B 88 -31.73 -3.45 -28.38
CA TYR B 88 -31.63 -3.09 -29.79
C TYR B 88 -30.19 -3.17 -30.28
N ALA B 89 -29.27 -2.55 -29.55
CA ALA B 89 -27.86 -2.61 -29.97
C ALA B 89 -27.40 -4.05 -30.12
N LEU B 90 -27.83 -4.92 -29.22
CA LEU B 90 -27.45 -6.33 -29.33
C LEU B 90 -28.07 -6.99 -30.55
N LYS B 91 -29.24 -6.52 -30.98
CA LYS B 91 -29.93 -7.23 -32.06
C LYS B 91 -29.18 -7.12 -33.37
N ARG B 92 -28.67 -5.94 -33.69
CA ARG B 92 -27.91 -5.79 -34.93
C ARG B 92 -26.64 -6.63 -34.91
N GLN B 93 -26.06 -6.79 -33.73
CA GLN B 93 -24.88 -7.63 -33.57
C GLN B 93 -25.15 -9.06 -34.01
N GLY B 94 -26.42 -9.37 -34.25
CA GLY B 94 -26.85 -10.73 -34.42
C GLY B 94 -27.16 -11.44 -33.12
N ARG B 95 -26.55 -10.99 -32.02
CA ARG B 95 -26.81 -11.58 -30.70
C ARG B 95 -28.11 -11.01 -30.18
N THR B 96 -29.21 -11.51 -30.72
CA THR B 96 -30.52 -11.13 -30.23
C THR B 96 -30.65 -11.48 -28.76
N LEU B 97 -31.27 -10.61 -27.99
CA LEU B 97 -31.48 -10.85 -26.57
C LEU B 97 -32.96 -10.92 -26.28
N TYR B 98 -33.33 -11.78 -25.32
CA TYR B 98 -34.71 -12.04 -24.97
C TYR B 98 -34.93 -11.73 -23.50
N GLY B 99 -36.14 -11.27 -23.19
CA GLY B 99 -36.55 -11.10 -21.81
C GLY B 99 -36.69 -9.66 -21.36
N PHE B 100 -36.33 -8.69 -22.19
CA PHE B 100 -36.34 -7.31 -21.76
C PHE B 100 -37.21 -6.40 -22.61
N GLY B 101 -37.41 -6.72 -23.88
CA GLY B 101 -38.27 -5.93 -24.74
C GLY B 101 -37.82 -5.92 -26.18
N ALA C 12 -41.62 29.39 -64.08
CA ALA C 12 -40.27 29.54 -63.57
C ALA C 12 -39.36 28.44 -64.10
N LYS C 13 -38.07 28.74 -64.21
CA LYS C 13 -37.12 27.79 -64.77
C LYS C 13 -36.85 26.66 -63.79
N ALA C 14 -36.71 25.45 -64.30
CA ALA C 14 -36.56 24.25 -63.49
C ALA C 14 -35.09 24.01 -63.17
N LYS C 15 -34.77 23.97 -61.87
CA LYS C 15 -33.45 23.61 -61.39
C LYS C 15 -33.55 22.29 -60.66
N THR C 16 -32.84 21.28 -61.16
CA THR C 16 -32.97 19.94 -60.61
C THR C 16 -32.49 19.89 -59.17
N ARG C 17 -33.22 19.18 -58.33
CA ARG C 17 -32.92 19.15 -56.90
C ARG C 17 -31.54 18.56 -56.64
N SER C 18 -31.02 17.73 -57.54
CA SER C 18 -29.68 17.21 -57.36
C SER C 18 -28.63 18.29 -57.61
N SER C 19 -28.99 19.34 -58.36
CA SER C 19 -28.06 20.44 -58.54
C SER C 19 -27.92 21.25 -57.26
N ARG C 20 -29.04 21.67 -56.67
CA ARG C 20 -28.99 22.53 -55.50
C ARG C 20 -28.21 21.87 -54.37
N ALA C 21 -28.33 20.56 -54.23
CA ALA C 21 -27.50 19.88 -53.25
C ALA C 21 -26.05 19.80 -53.69
N GLY C 22 -25.76 20.04 -54.96
CA GLY C 22 -24.42 19.88 -55.48
C GLY C 22 -24.01 18.44 -55.70
N LEU C 23 -24.86 17.48 -55.38
CA LEU C 23 -24.54 16.07 -55.46
C LEU C 23 -24.51 15.59 -56.90
N GLN C 24 -23.93 14.42 -57.09
CA GLN C 24 -23.91 13.77 -58.40
C GLN C 24 -25.03 12.73 -58.51
N PHE C 25 -25.18 11.87 -57.51
CA PHE C 25 -26.31 10.98 -57.46
C PHE C 25 -27.61 11.78 -57.52
N PRO C 26 -28.71 11.14 -57.87
CA PRO C 26 -29.97 11.87 -57.95
C PRO C 26 -30.66 11.90 -56.60
N VAL C 27 -31.05 13.08 -56.14
CA VAL C 27 -31.80 13.13 -54.89
C VAL C 27 -33.26 12.82 -55.14
N GLY C 28 -33.79 13.24 -56.28
CA GLY C 28 -35.18 12.95 -56.59
C GLY C 28 -35.46 11.45 -56.60
N ARG C 29 -34.68 10.71 -57.37
CA ARG C 29 -34.94 9.27 -57.53
C ARG C 29 -34.90 8.56 -56.20
N VAL C 30 -34.04 9.01 -55.28
CA VAL C 30 -34.07 8.44 -53.94
C VAL C 30 -35.35 8.84 -53.23
N HIS C 31 -35.71 10.12 -53.30
CA HIS C 31 -36.88 10.61 -52.57
C HIS C 31 -38.13 9.84 -52.94
N ARG C 32 -38.19 9.30 -54.15
CA ARG C 32 -39.28 8.40 -54.49
C ARG C 32 -39.07 7.04 -53.84
N LEU C 33 -37.87 6.48 -53.97
CA LEU C 33 -37.63 5.13 -53.48
C LEU C 33 -37.95 5.01 -52.00
N LEU C 34 -37.74 6.08 -51.23
CA LEU C 34 -38.10 6.03 -49.82
C LEU C 34 -39.61 5.90 -49.65
N ARG C 35 -40.39 6.54 -50.52
CA ARG C 35 -41.83 6.41 -50.44
C ARG C 35 -42.28 5.02 -50.89
N LYS C 36 -41.75 4.54 -52.02
CA LYS C 36 -42.26 3.29 -52.58
C LYS C 36 -41.89 2.10 -51.70
N GLY C 37 -40.69 2.10 -51.16
CA GLY C 37 -40.27 0.97 -50.35
C GLY C 37 -41.02 0.81 -49.05
N ASN C 38 -41.90 1.75 -48.71
CA ASN C 38 -42.69 1.68 -47.48
C ASN C 38 -41.78 1.61 -46.26
N TYR C 39 -40.87 2.57 -46.14
CA TYR C 39 -39.97 2.60 -45.01
C TYR C 39 -40.57 3.35 -43.84
N ALA C 40 -41.46 4.29 -44.11
CA ALA C 40 -42.19 4.98 -43.05
C ALA C 40 -43.38 5.68 -43.68
N GLU C 41 -44.33 6.07 -42.84
CA GLU C 41 -45.57 6.60 -43.37
C GLU C 41 -45.39 7.97 -43.99
N ARG C 42 -44.31 8.68 -43.62
CA ARG C 42 -44.01 9.98 -44.18
C ARG C 42 -42.49 10.12 -44.29
N VAL C 43 -42.05 10.86 -45.31
CA VAL C 43 -40.62 11.06 -45.57
C VAL C 43 -40.33 12.54 -45.60
N GLY C 44 -39.41 12.99 -44.75
CA GLY C 44 -39.06 14.38 -44.74
C GLY C 44 -38.30 14.78 -45.99
N ALA C 45 -38.22 16.10 -46.21
CA ALA C 45 -37.48 16.60 -47.36
C ALA C 45 -35.99 16.64 -47.12
N GLY C 46 -35.55 16.41 -45.88
CA GLY C 46 -34.13 16.36 -45.61
C GLY C 46 -33.51 15.00 -45.85
N ALA C 47 -34.32 13.95 -45.82
CA ALA C 47 -33.76 12.60 -45.94
C ALA C 47 -33.11 12.35 -47.28
N PRO C 48 -33.79 12.51 -48.42
CA PRO C 48 -33.13 12.19 -49.68
C PRO C 48 -31.83 12.93 -49.90
N VAL C 49 -31.82 14.26 -49.76
CA VAL C 49 -30.57 15.00 -49.94
C VAL C 49 -29.48 14.43 -49.07
N TYR C 50 -29.82 14.01 -47.86
CA TYR C 50 -28.81 13.46 -46.98
C TYR C 50 -28.45 12.05 -47.38
N LEU C 51 -29.40 11.31 -47.96
CA LEU C 51 -29.15 9.93 -48.32
C LEU C 51 -28.41 9.78 -49.63
N ALA C 52 -28.58 10.73 -50.54
CA ALA C 52 -27.79 10.67 -51.76
C ALA C 52 -26.33 10.97 -51.48
N ALA C 53 -26.06 11.92 -50.57
CA ALA C 53 -24.68 12.25 -50.27
C ALA C 53 -23.91 11.05 -49.76
N VAL C 54 -24.46 10.36 -48.76
CA VAL C 54 -23.77 9.19 -48.20
C VAL C 54 -23.48 8.17 -49.29
N LEU C 55 -24.51 7.80 -50.05
CA LEU C 55 -24.30 6.93 -51.20
C LEU C 55 -23.23 7.50 -52.11
N GLU C 56 -23.42 8.72 -52.59
CA GLU C 56 -22.45 9.33 -53.48
C GLU C 56 -21.07 9.40 -52.86
N TYR C 57 -20.98 9.46 -51.53
CA TYR C 57 -19.66 9.41 -50.93
C TYR C 57 -19.06 8.03 -51.05
N LEU C 58 -19.76 7.00 -50.58
CA LEU C 58 -19.24 5.64 -50.64
C LEU C 58 -18.88 5.23 -52.05
N THR C 59 -19.83 5.36 -52.99
CA THR C 59 -19.50 5.08 -54.38
C THR C 59 -18.35 5.92 -54.89
N ALA C 60 -18.15 7.10 -54.32
CA ALA C 60 -16.92 7.84 -54.64
C ALA C 60 -15.75 7.40 -53.79
N GLU C 61 -15.90 6.34 -53.00
CA GLU C 61 -14.75 5.78 -52.30
C GLU C 61 -14.24 4.50 -52.97
N ILE C 62 -15.11 3.52 -53.15
CA ILE C 62 -14.70 2.26 -53.76
C ILE C 62 -14.05 2.52 -55.11
N LEU C 63 -14.55 3.50 -55.85
CA LEU C 63 -14.01 3.74 -57.18
C LEU C 63 -12.57 4.25 -57.11
N GLU C 64 -12.35 5.39 -56.44
CA GLU C 64 -10.99 5.94 -56.41
C GLU C 64 -10.00 4.91 -55.92
N LEU C 65 -10.42 4.03 -55.01
CA LEU C 65 -9.58 2.91 -54.62
C LEU C 65 -9.42 1.93 -55.77
N ALA C 66 -10.54 1.50 -56.36
CA ALA C 66 -10.46 0.59 -57.49
C ALA C 66 -9.60 1.18 -58.60
N GLY C 67 -9.81 2.45 -58.93
CA GLY C 67 -8.98 3.10 -59.93
C GLY C 67 -7.51 2.93 -59.63
N ASN C 68 -7.09 3.36 -58.45
CA ASN C 68 -5.68 3.24 -58.06
C ASN C 68 -5.21 1.80 -58.00
N ALA C 69 -6.13 0.84 -58.02
CA ALA C 69 -5.72 -0.55 -58.19
C ALA C 69 -5.59 -0.88 -59.67
N ALA C 70 -6.42 -0.28 -60.51
CA ALA C 70 -6.33 -0.53 -61.94
C ALA C 70 -4.99 -0.08 -62.49
N ARG C 71 -4.61 1.18 -62.23
CA ARG C 71 -3.37 1.71 -62.77
C ARG C 71 -2.19 0.82 -62.43
N ASP C 72 -2.23 0.17 -61.26
CA ASP C 72 -1.10 -0.64 -60.85
C ASP C 72 -1.02 -1.95 -61.63
N ASN C 73 -2.15 -2.44 -62.13
CA ASN C 73 -2.12 -3.60 -63.00
C ASN C 73 -2.03 -3.22 -64.47
N LYS C 74 -1.70 -1.97 -64.77
CA LYS C 74 -1.47 -1.51 -66.14
C LYS C 74 -2.69 -1.73 -67.03
N LYS C 75 -3.88 -1.56 -66.47
CA LYS C 75 -5.12 -1.59 -67.24
C LYS C 75 -5.92 -0.34 -66.94
N THR C 76 -6.49 0.26 -67.98
CA THR C 76 -7.30 1.45 -67.77
C THR C 76 -8.59 1.12 -67.06
N ARG C 77 -9.35 0.17 -67.59
CA ARG C 77 -10.72 -0.03 -67.16
C ARG C 77 -10.80 -0.73 -65.82
N ILE C 78 -11.89 -0.49 -65.10
CA ILE C 78 -12.17 -1.17 -63.85
C ILE C 78 -12.90 -2.47 -64.15
N ILE C 79 -12.44 -3.56 -63.56
CA ILE C 79 -13.15 -4.84 -63.67
C ILE C 79 -13.25 -5.44 -62.28
N PRO C 80 -14.22 -6.34 -62.07
CA PRO C 80 -14.47 -6.84 -60.70
C PRO C 80 -13.22 -7.26 -59.95
N ARG C 81 -12.24 -7.84 -60.64
CA ARG C 81 -11.00 -8.20 -59.99
C ARG C 81 -10.34 -6.99 -59.34
N HIS C 82 -10.46 -5.81 -59.96
CA HIS C 82 -9.94 -4.61 -59.33
C HIS C 82 -10.76 -4.23 -58.12
N LEU C 83 -12.09 -4.36 -58.22
CA LEU C 83 -12.95 -4.03 -57.08
C LEU C 83 -12.66 -4.94 -55.90
N GLN C 84 -12.60 -6.25 -56.13
CA GLN C 84 -12.30 -7.18 -55.05
C GLN C 84 -10.97 -6.85 -54.39
N LEU C 85 -10.03 -6.29 -55.16
CA LEU C 85 -8.76 -5.87 -54.57
C LEU C 85 -8.90 -4.56 -53.82
N ALA C 86 -9.81 -3.68 -54.24
CA ALA C 86 -9.93 -2.40 -53.57
C ALA C 86 -10.63 -2.55 -52.23
N VAL C 87 -11.47 -3.55 -52.09
CA VAL C 87 -12.30 -3.69 -50.90
C VAL C 87 -11.61 -4.54 -49.83
N ARG C 88 -11.03 -5.68 -50.21
CA ARG C 88 -10.44 -6.54 -49.19
C ARG C 88 -9.15 -5.97 -48.62
N ASN C 89 -8.42 -5.20 -49.41
CA ASN C 89 -7.23 -4.59 -48.88
C ASN C 89 -7.62 -3.64 -47.77
N ASP C 90 -8.55 -2.74 -48.03
CA ASP C 90 -8.91 -1.74 -47.02
C ASP C 90 -9.52 -2.43 -45.84
N GLU C 91 -9.25 -1.95 -44.65
CA GLU C 91 -9.71 -2.64 -43.45
C GLU C 91 -11.12 -2.31 -43.06
N GLU C 92 -11.59 -1.13 -43.37
CA GLU C 92 -12.92 -0.74 -42.92
C GLU C 92 -13.99 -1.00 -43.98
N LEU C 93 -13.68 -0.77 -45.26
CA LEU C 93 -14.61 -1.20 -46.30
C LEU C 93 -14.86 -2.69 -46.22
N ASN C 94 -13.81 -3.48 -46.02
CA ASN C 94 -13.99 -4.92 -45.89
C ASN C 94 -14.93 -5.24 -44.74
N LYS C 95 -14.85 -4.48 -43.65
CA LYS C 95 -15.71 -4.74 -42.50
C LYS C 95 -17.15 -4.40 -42.80
N LEU C 96 -17.38 -3.42 -43.68
CA LEU C 96 -18.73 -3.08 -44.08
C LEU C 96 -19.33 -4.16 -44.99
N LEU C 97 -18.53 -4.66 -45.93
CA LEU C 97 -18.96 -5.71 -46.85
C LEU C 97 -18.48 -7.08 -46.41
N GLY C 98 -18.44 -7.32 -45.11
CA GLY C 98 -17.88 -8.57 -44.61
C GLY C 98 -18.54 -9.80 -45.18
N ARG C 99 -19.87 -9.76 -45.31
CA ARG C 99 -20.59 -10.93 -45.78
C ARG C 99 -20.70 -10.98 -47.30
N VAL C 100 -20.56 -9.84 -47.97
CA VAL C 100 -20.76 -9.79 -49.41
C VAL C 100 -19.75 -10.67 -50.14
N THR C 101 -20.20 -11.28 -51.22
CA THR C 101 -19.34 -12.04 -52.12
C THR C 101 -19.47 -11.46 -53.51
N ILE C 102 -18.37 -10.92 -54.03
CA ILE C 102 -18.37 -10.24 -55.31
C ILE C 102 -18.20 -11.26 -56.44
N ALA C 103 -19.08 -11.20 -57.42
CA ALA C 103 -18.99 -12.12 -58.55
C ALA C 103 -17.72 -11.85 -59.34
N GLN C 104 -17.18 -12.90 -59.95
CA GLN C 104 -15.95 -12.81 -60.75
C GLN C 104 -14.82 -12.15 -59.97
N GLY C 105 -14.88 -12.20 -58.64
CA GLY C 105 -14.03 -11.34 -57.85
C GLY C 105 -12.62 -11.85 -57.66
N GLY C 106 -12.43 -13.14 -57.64
CA GLY C 106 -11.15 -13.68 -57.24
C GLY C 106 -10.89 -13.40 -55.78
N VAL C 107 -9.71 -13.82 -55.32
CA VAL C 107 -9.37 -13.74 -53.91
C VAL C 107 -8.17 -12.83 -53.75
N LEU C 108 -7.97 -12.36 -52.53
CA LEU C 108 -6.81 -11.56 -52.20
C LEU C 108 -5.64 -12.48 -51.90
N PRO C 109 -4.52 -12.36 -52.60
CA PRO C 109 -3.43 -13.35 -52.48
C PRO C 109 -2.88 -13.41 -51.06
N ASN C 110 -2.95 -14.61 -50.47
CA ASN C 110 -2.48 -14.81 -49.11
C ASN C 110 -2.00 -16.24 -48.95
N ILE C 111 -0.75 -16.40 -48.52
CA ILE C 111 -0.18 -17.70 -48.19
C ILE C 111 0.25 -17.67 -46.73
N GLN C 112 -0.20 -18.65 -45.95
CA GLN C 112 0.25 -18.75 -44.58
C GLN C 112 1.76 -18.94 -44.55
N SER C 113 2.39 -18.36 -43.53
CA SER C 113 3.86 -18.37 -43.51
C SER C 113 4.41 -19.75 -43.23
N VAL C 114 3.62 -20.63 -42.60
CA VAL C 114 4.12 -21.96 -42.28
C VAL C 114 4.32 -22.80 -43.53
N LEU C 115 3.51 -22.56 -44.57
CA LEU C 115 3.58 -23.41 -45.74
C LEU C 115 4.78 -23.08 -46.62
N LEU C 116 5.22 -21.82 -46.62
CA LEU C 116 6.30 -21.41 -47.50
C LEU C 116 7.51 -22.31 -47.30
N PRO C 117 8.25 -22.63 -48.35
CA PRO C 117 9.33 -23.60 -48.21
C PRO C 117 10.51 -23.03 -47.47
N LYS C 118 11.43 -23.91 -47.08
CA LYS C 118 12.65 -23.48 -46.44
C LYS C 118 13.75 -24.53 -46.59
N THR D 29 -40.50 -1.46 -70.93
CA THR D 29 -39.40 -2.40 -70.77
C THR D 29 -38.15 -1.70 -70.23
N ARG D 30 -38.34 -0.81 -69.26
CA ARG D 30 -37.26 -0.03 -68.69
C ARG D 30 -36.96 -0.51 -67.28
N LYS D 31 -35.68 -0.78 -67.02
CA LYS D 31 -35.21 -1.16 -65.69
C LYS D 31 -34.23 -0.11 -65.22
N GLU D 32 -34.72 0.87 -64.50
CA GLU D 32 -33.91 2.02 -64.11
C GLU D 32 -32.81 1.60 -63.15
N SER D 33 -31.67 2.28 -63.28
CA SER D 33 -30.45 1.88 -62.59
C SER D 33 -29.59 3.10 -62.32
N TYR D 34 -28.53 2.88 -61.55
CA TYR D 34 -27.54 3.91 -61.25
C TYR D 34 -26.34 3.86 -62.17
N ALA D 35 -26.51 3.31 -63.37
CA ALA D 35 -25.37 3.17 -64.27
C ALA D 35 -24.86 4.52 -64.75
N ILE D 36 -25.75 5.49 -64.90
CA ILE D 36 -25.32 6.82 -65.31
C ILE D 36 -24.54 7.49 -64.19
N TYR D 37 -25.02 7.35 -62.96
CA TYR D 37 -24.45 8.11 -61.85
C TYR D 37 -23.08 7.62 -61.47
N VAL D 38 -22.97 6.34 -61.10
CA VAL D 38 -21.67 5.76 -60.77
C VAL D 38 -20.64 6.11 -61.82
N TYR D 39 -21.02 6.10 -63.08
CA TYR D 39 -20.07 6.43 -64.13
C TYR D 39 -19.72 7.92 -64.10
N LYS D 40 -20.67 8.77 -63.75
CA LYS D 40 -20.35 10.19 -63.65
C LYS D 40 -19.36 10.45 -62.53
N VAL D 41 -19.56 9.83 -61.37
CA VAL D 41 -18.63 10.00 -60.26
C VAL D 41 -17.25 9.50 -60.65
N LEU D 42 -17.18 8.40 -61.41
CA LEU D 42 -15.88 7.83 -61.77
C LEU D 42 -15.03 8.82 -62.53
N LYS D 43 -15.65 9.66 -63.36
CA LYS D 43 -14.86 10.66 -64.07
C LYS D 43 -14.38 11.76 -63.14
N GLN D 44 -15.10 12.02 -62.05
CA GLN D 44 -14.64 13.02 -61.11
C GLN D 44 -13.36 12.58 -60.42
N VAL D 45 -13.23 11.30 -60.09
CA VAL D 45 -12.07 10.86 -59.33
C VAL D 45 -11.05 10.09 -60.17
N HIS D 46 -11.28 9.93 -61.46
CA HIS D 46 -10.29 9.36 -62.38
C HIS D 46 -10.64 9.80 -63.78
N PRO D 47 -10.28 11.03 -64.18
CA PRO D 47 -10.75 11.55 -65.47
C PRO D 47 -10.35 10.71 -66.66
N ASP D 48 -9.55 9.66 -66.48
CA ASP D 48 -9.18 8.78 -67.58
C ASP D 48 -9.87 7.43 -67.54
N THR D 49 -10.03 6.86 -66.35
CA THR D 49 -10.52 5.49 -66.21
C THR D 49 -11.96 5.37 -66.69
N GLY D 50 -12.28 4.20 -67.24
CA GLY D 50 -13.65 3.84 -67.54
C GLY D 50 -13.94 2.47 -66.97
N ILE D 51 -15.22 2.19 -66.78
CA ILE D 51 -15.66 1.00 -66.06
C ILE D 51 -16.37 0.05 -67.02
N SER D 52 -16.13 -1.24 -66.84
CA SER D 52 -16.72 -2.26 -67.68
C SER D 52 -18.04 -2.74 -67.10
N SER D 53 -18.90 -3.27 -67.98
CA SER D 53 -20.26 -3.60 -67.60
C SER D 53 -20.31 -4.47 -66.35
N LYS D 54 -19.70 -5.66 -66.42
CA LYS D 54 -19.77 -6.58 -65.29
C LYS D 54 -19.21 -5.98 -64.01
N ALA D 55 -18.43 -4.91 -64.12
CA ALA D 55 -18.00 -4.22 -62.92
C ALA D 55 -18.99 -3.15 -62.52
N MET D 56 -19.72 -2.60 -63.49
CA MET D 56 -20.77 -1.65 -63.15
C MET D 56 -21.90 -2.33 -62.40
N SER D 57 -22.40 -3.45 -62.93
CA SER D 57 -23.51 -4.15 -62.29
C SER D 57 -23.17 -4.62 -60.89
N ILE D 58 -21.91 -4.51 -60.48
CA ILE D 58 -21.59 -4.64 -59.06
C ILE D 58 -21.98 -3.36 -58.34
N MET D 59 -21.40 -2.23 -58.76
CA MET D 59 -21.74 -0.96 -58.13
C MET D 59 -23.23 -0.70 -58.17
N ASN D 60 -23.89 -0.99 -59.30
CA ASN D 60 -25.32 -0.83 -59.38
C ASN D 60 -26.03 -1.71 -58.37
N SER D 61 -25.37 -2.73 -57.86
CA SER D 61 -25.96 -3.56 -56.82
C SER D 61 -25.32 -3.36 -55.47
N PHE D 62 -24.24 -2.60 -55.38
CA PHE D 62 -23.72 -2.23 -54.07
C PHE D 62 -24.52 -1.10 -53.47
N VAL D 63 -24.78 -0.05 -54.28
CA VAL D 63 -25.62 1.04 -53.82
C VAL D 63 -27.00 0.52 -53.41
N ASN D 64 -27.65 -0.22 -54.28
CA ASN D 64 -28.95 -0.80 -53.93
C ASN D 64 -28.86 -1.69 -52.70
N ASP D 65 -27.66 -2.03 -52.25
CA ASP D 65 -27.53 -2.73 -50.98
C ASP D 65 -27.43 -1.74 -49.83
N VAL D 66 -26.46 -0.83 -49.90
CA VAL D 66 -26.33 0.17 -48.85
C VAL D 66 -27.64 0.93 -48.67
N PHE D 67 -28.15 1.51 -49.76
CA PHE D 67 -29.38 2.26 -49.66
C PHE D 67 -30.53 1.43 -49.10
N GLU D 68 -30.40 0.11 -49.09
CA GLU D 68 -31.42 -0.71 -48.46
C GLU D 68 -31.07 -1.05 -47.03
N ARG D 69 -29.83 -0.83 -46.61
CA ARG D 69 -29.50 -0.98 -45.20
C ARG D 69 -29.72 0.32 -44.45
N ILE D 70 -29.16 1.42 -44.96
CA ILE D 70 -29.33 2.71 -44.30
C ILE D 70 -30.80 3.04 -44.14
N ALA D 71 -31.53 3.10 -45.25
CA ALA D 71 -32.95 3.39 -45.16
C ALA D 71 -33.66 2.36 -44.30
N GLY D 72 -33.41 1.08 -44.56
CA GLY D 72 -33.99 0.04 -43.73
C GLY D 72 -33.62 0.15 -42.27
N GLU D 73 -32.57 0.90 -41.95
CA GLU D 73 -32.22 1.16 -40.57
C GLU D 73 -33.00 2.35 -40.04
N ALA D 74 -33.05 3.43 -40.79
CA ALA D 74 -33.83 4.55 -40.32
C ALA D 74 -35.25 4.37 -40.56
N SER D 75 -35.68 3.15 -40.83
CA SER D 75 -37.09 2.81 -40.73
C SER D 75 -37.44 2.21 -39.38
N ARG D 76 -36.50 1.49 -38.77
CA ARG D 76 -36.71 0.97 -37.43
C ARG D 76 -36.43 2.04 -36.37
N LEU D 77 -35.48 2.93 -36.64
CA LEU D 77 -35.25 4.04 -35.73
C LEU D 77 -36.53 4.84 -35.51
N ALA D 78 -37.14 5.33 -36.58
CA ALA D 78 -38.36 6.10 -36.42
C ALA D 78 -39.43 5.29 -35.72
N HIS D 79 -39.53 4.01 -36.05
CA HIS D 79 -40.56 3.18 -35.43
C HIS D 79 -40.33 3.00 -33.94
N TYR D 80 -39.06 2.80 -33.54
CA TYR D 80 -38.77 2.57 -32.13
C TYR D 80 -39.16 3.79 -31.30
N ASN D 81 -38.64 4.95 -31.65
CA ASN D 81 -38.95 6.17 -30.91
C ASN D 81 -40.40 6.61 -31.09
N LYS D 82 -41.18 5.88 -31.89
CA LYS D 82 -42.59 6.11 -32.18
C LYS D 82 -42.82 7.32 -33.07
N ARG D 83 -41.78 8.03 -33.49
CA ARG D 83 -41.93 9.01 -34.54
C ARG D 83 -42.43 8.32 -35.79
N SER D 84 -43.39 8.94 -36.48
CA SER D 84 -43.94 8.29 -37.67
C SER D 84 -43.06 8.50 -38.88
N THR D 85 -42.43 9.66 -39.00
CA THR D 85 -41.75 10.04 -40.23
C THR D 85 -40.24 9.78 -40.13
N ILE D 86 -39.60 9.82 -41.28
CA ILE D 86 -38.16 9.62 -41.42
C ILE D 86 -37.52 10.91 -41.92
N THR D 87 -36.64 11.48 -41.10
CA THR D 87 -36.00 12.73 -41.46
C THR D 87 -34.51 12.55 -41.47
N SER D 88 -33.78 13.62 -41.73
CA SER D 88 -32.35 13.46 -41.87
C SER D 88 -31.67 12.96 -40.64
N ARG D 89 -32.05 13.46 -39.49
CA ARG D 89 -31.34 13.07 -38.30
C ARG D 89 -31.40 11.58 -38.24
N GLU D 90 -32.57 11.04 -38.49
CA GLU D 90 -32.73 9.62 -38.37
C GLU D 90 -31.81 8.96 -39.35
N ILE D 91 -31.20 9.72 -40.26
CA ILE D 91 -30.25 9.02 -41.12
C ILE D 91 -28.86 9.04 -40.51
N GLN D 92 -28.48 10.16 -39.86
CA GLN D 92 -27.21 10.18 -39.15
C GLN D 92 -27.12 9.02 -38.17
N THR D 93 -28.13 8.87 -37.33
CA THR D 93 -28.17 7.72 -36.44
C THR D 93 -28.20 6.42 -37.21
N ALA D 94 -28.67 6.44 -38.45
CA ALA D 94 -28.62 5.23 -39.26
C ALA D 94 -27.24 5.00 -39.83
N VAL D 95 -26.55 6.07 -40.20
CA VAL D 95 -25.21 5.92 -40.75
C VAL D 95 -24.22 5.52 -39.66
N ARG D 96 -24.20 6.27 -38.57
CA ARG D 96 -23.22 6.01 -37.53
C ARG D 96 -23.33 4.61 -36.93
N LEU D 97 -24.33 3.83 -37.33
CA LEU D 97 -24.39 2.45 -36.90
C LEU D 97 -23.84 1.48 -37.92
N LEU D 98 -24.13 1.70 -39.21
CA LEU D 98 -23.68 0.76 -40.23
C LEU D 98 -22.24 1.04 -40.64
N LEU D 99 -21.98 2.21 -41.17
CA LEU D 99 -20.64 2.52 -41.67
C LEU D 99 -19.64 2.45 -40.54
N PRO D 100 -18.70 1.52 -40.57
CA PRO D 100 -17.83 1.29 -39.41
C PRO D 100 -16.54 2.10 -39.45
N GLY D 101 -16.28 2.79 -38.33
CA GLY D 101 -15.00 3.47 -38.19
C GLY D 101 -14.96 4.81 -38.91
N GLU D 102 -13.84 5.05 -39.60
CA GLU D 102 -13.58 6.37 -40.17
C GLU D 102 -14.64 6.80 -41.17
N LEU D 103 -15.33 5.86 -41.81
CA LEU D 103 -16.37 6.25 -42.74
C LEU D 103 -17.48 7.00 -42.03
N ALA D 104 -17.84 6.57 -40.82
CA ALA D 104 -18.92 7.21 -40.10
C ALA D 104 -18.62 8.68 -39.85
N LYS D 105 -17.36 9.01 -39.55
CA LYS D 105 -17.02 10.39 -39.29
C LYS D 105 -16.81 11.19 -40.56
N HIS D 106 -16.74 10.53 -41.71
CA HIS D 106 -16.63 11.23 -42.99
C HIS D 106 -17.95 11.32 -43.72
N ALA D 107 -18.76 10.27 -43.66
CA ALA D 107 -20.07 10.32 -44.30
C ALA D 107 -20.93 11.41 -43.71
N VAL D 108 -21.13 11.40 -42.39
CA VAL D 108 -21.99 12.39 -41.77
C VAL D 108 -21.41 13.78 -41.91
N SER D 109 -20.08 13.88 -41.98
CA SER D 109 -19.48 15.17 -42.31
C SER D 109 -19.63 15.50 -43.78
N GLU D 110 -19.94 14.52 -44.61
CA GLU D 110 -20.25 14.78 -46.01
C GLU D 110 -21.75 14.94 -46.23
N GLY D 111 -22.56 14.30 -45.40
CA GLY D 111 -23.99 14.48 -45.50
C GLY D 111 -24.42 15.90 -45.15
N THR D 112 -24.09 16.34 -43.93
CA THR D 112 -24.50 17.66 -43.48
C THR D 112 -24.02 18.74 -44.45
N LYS D 113 -22.78 18.64 -44.93
CA LYS D 113 -22.27 19.61 -45.88
C LYS D 113 -23.17 19.71 -47.10
N ALA D 114 -23.82 18.61 -47.49
CA ALA D 114 -24.80 18.67 -48.56
C ALA D 114 -26.08 19.34 -48.09
N VAL D 115 -26.74 18.77 -47.09
CA VAL D 115 -28.07 19.24 -46.70
C VAL D 115 -28.02 20.70 -46.27
N THR D 116 -26.94 21.11 -45.62
CA THR D 116 -26.78 22.52 -45.28
C THR D 116 -26.76 23.38 -46.55
N LYS D 117 -26.03 22.93 -47.56
CA LYS D 117 -25.97 23.69 -48.80
C LYS D 117 -27.34 23.72 -49.48
N TYR D 118 -28.10 22.64 -49.35
CA TYR D 118 -29.39 22.57 -50.02
C TYR D 118 -30.36 23.60 -49.46
N THR D 119 -30.67 23.51 -48.17
CA THR D 119 -31.64 24.40 -47.56
C THR D 119 -31.25 25.86 -47.77
N SER D 120 -29.97 26.19 -47.58
CA SER D 120 -29.52 27.55 -47.77
C SER D 120 -29.64 28.01 -49.20
N ALA D 121 -29.72 27.09 -50.16
CA ALA D 121 -29.82 27.49 -51.55
C ALA D 121 -31.26 27.51 -52.05
N LYS D 122 -32.18 26.87 -51.34
CA LYS D 122 -33.56 26.77 -51.80
C LYS D 122 -34.21 28.16 -51.89
N VAL E 35 21.16 -43.33 -60.69
CA VAL E 35 21.29 -42.87 -62.06
C VAL E 35 19.89 -42.63 -62.61
N ML3 E 36 19.80 -42.04 -63.81
CA ML3 E 36 18.53 -41.71 -64.43
CB ML3 E 36 17.74 -42.97 -64.80
SG ML3 E 36 18.77 -44.00 -65.79
CD ML3 E 36 17.66 -45.21 -66.40
CE ML3 E 36 16.62 -44.51 -67.26
NZ ML3 E 36 16.62 -44.81 -68.74
CM1 ML3 E 36 15.59 -43.98 -69.43
CM2 ML3 E 36 17.96 -44.45 -69.30
CM3 ML3 E 36 16.36 -46.24 -69.02
C ML3 E 36 17.63 -40.85 -63.55
O ML3 E 36 16.78 -41.28 -62.77
N LYS E 37 17.82 -39.54 -63.71
CA LYS E 37 17.07 -38.56 -62.93
C LYS E 37 16.23 -37.69 -63.84
N PRO E 38 14.90 -37.77 -63.67
CA PRO E 38 14.00 -37.01 -64.54
C PRO E 38 13.85 -35.54 -64.16
N HIS E 39 14.57 -35.07 -63.16
CA HIS E 39 14.45 -33.70 -62.67
C HIS E 39 13.01 -33.41 -62.23
N ARG E 40 12.58 -34.14 -61.22
CA ARG E 40 11.27 -33.92 -60.62
C ARG E 40 11.39 -32.85 -59.53
N TYR E 41 10.53 -31.85 -59.59
CA TYR E 41 10.54 -30.82 -58.57
C TYR E 41 10.30 -31.44 -57.21
N ARG E 42 10.67 -30.70 -56.17
CA ARG E 42 10.51 -31.23 -54.83
C ARG E 42 9.03 -31.31 -54.48
N PRO E 43 8.56 -32.42 -53.92
CA PRO E 43 7.20 -32.46 -53.40
C PRO E 43 6.95 -31.27 -52.50
N GLY E 44 5.96 -30.47 -52.88
CA GLY E 44 5.60 -29.27 -52.15
C GLY E 44 5.72 -27.99 -52.94
N THR E 45 6.56 -27.95 -53.97
CA THR E 45 6.77 -26.71 -54.69
C THR E 45 6.03 -26.66 -56.01
N VAL E 46 5.09 -27.54 -56.22
CA VAL E 46 4.31 -27.41 -57.43
C VAL E 46 3.03 -26.83 -56.91
N ALA E 47 2.60 -27.32 -55.77
CA ALA E 47 1.39 -26.79 -55.20
C ALA E 47 1.54 -25.32 -54.83
N LEU E 48 2.65 -24.92 -54.26
CA LEU E 48 2.75 -23.53 -53.86
C LEU E 48 2.70 -22.77 -55.14
N ARG E 49 3.46 -23.22 -56.12
CA ARG E 49 3.45 -22.59 -57.42
C ARG E 49 2.02 -22.40 -57.89
N GLU E 50 1.26 -23.47 -57.94
CA GLU E 50 -0.10 -23.36 -58.45
C GLU E 50 -1.04 -22.72 -57.44
N ILE E 51 -0.66 -22.59 -56.18
CA ILE E 51 -1.38 -21.66 -55.32
C ILE E 51 -1.15 -20.23 -55.80
N ARG E 52 0.09 -19.90 -56.11
CA ARG E 52 0.37 -18.58 -56.63
C ARG E 52 -0.26 -18.36 -57.99
N ARG E 53 -0.70 -19.42 -58.66
CA ARG E 53 -1.27 -19.25 -59.98
C ARG E 53 -2.77 -19.08 -59.92
N TYR E 54 -3.43 -19.65 -58.92
CA TYR E 54 -4.88 -19.55 -58.89
C TYR E 54 -5.35 -18.31 -58.15
N GLN E 55 -4.76 -18.01 -56.99
CA GLN E 55 -5.16 -16.81 -56.27
C GLN E 55 -5.01 -15.58 -57.14
N LYS E 56 -3.97 -15.53 -57.97
CA LYS E 56 -3.85 -14.43 -58.92
C LYS E 56 -4.99 -14.45 -59.93
N SER E 57 -5.28 -15.62 -60.49
CA SER E 57 -6.31 -15.71 -61.52
C SER E 57 -7.70 -15.56 -60.89
N THR E 58 -8.72 -15.53 -61.75
CA THR E 58 -10.07 -15.30 -61.27
C THR E 58 -11.15 -16.11 -61.97
N GLU E 59 -10.82 -17.02 -62.89
CA GLU E 59 -11.85 -17.72 -63.63
C GLU E 59 -12.59 -18.70 -62.73
N LEU E 60 -13.56 -19.40 -63.33
CA LEU E 60 -14.31 -20.40 -62.58
C LEU E 60 -13.58 -21.73 -62.59
N LEU E 61 -13.60 -22.41 -61.46
CA LEU E 61 -12.83 -23.64 -61.26
C LEU E 61 -13.66 -24.90 -61.42
N ILE E 62 -14.81 -24.98 -60.73
CA ILE E 62 -15.66 -26.14 -60.89
C ILE E 62 -16.24 -26.15 -62.29
N ARG E 63 -16.08 -27.27 -62.99
CA ARG E 63 -16.30 -27.28 -64.41
C ARG E 63 -17.77 -27.04 -64.73
N LYS E 64 -18.02 -26.14 -65.67
CA LYS E 64 -19.34 -25.54 -65.83
C LYS E 64 -20.42 -26.59 -66.05
N LEU E 65 -20.34 -27.32 -67.16
CA LEU E 65 -21.41 -28.25 -67.48
C LEU E 65 -21.62 -29.32 -66.41
N PRO E 66 -20.61 -30.03 -65.91
CA PRO E 66 -20.89 -31.03 -64.87
C PRO E 66 -21.45 -30.43 -63.60
N PHE E 67 -21.31 -29.12 -63.43
CA PHE E 67 -22.03 -28.46 -62.35
C PHE E 67 -23.51 -28.32 -62.70
N GLN E 68 -23.79 -27.71 -63.85
CA GLN E 68 -25.18 -27.50 -64.26
C GLN E 68 -25.99 -28.78 -64.15
N ARG E 69 -25.42 -29.91 -64.57
CA ARG E 69 -26.14 -31.16 -64.44
C ARG E 69 -26.33 -31.56 -62.99
N LEU E 70 -25.62 -30.92 -62.06
CA LEU E 70 -25.87 -31.19 -60.65
C LEU E 70 -27.05 -30.36 -60.16
N VAL E 71 -27.05 -29.06 -60.43
CA VAL E 71 -28.12 -28.20 -59.93
C VAL E 71 -29.45 -28.67 -60.47
N ARG E 72 -29.53 -28.92 -61.77
CA ARG E 72 -30.77 -29.45 -62.34
C ARG E 72 -31.20 -30.72 -61.63
N GLU E 73 -30.23 -31.47 -61.12
CA GLU E 73 -30.57 -32.72 -60.43
C GLU E 73 -31.05 -32.45 -59.01
N ILE E 74 -30.52 -31.42 -58.34
CA ILE E 74 -30.99 -31.11 -57.00
C ILE E 74 -32.39 -30.52 -57.04
N ALA E 75 -32.60 -29.53 -57.90
CA ALA E 75 -33.92 -28.92 -57.98
C ALA E 75 -34.97 -29.90 -58.47
N GLN E 76 -34.57 -30.87 -59.28
CA GLN E 76 -35.50 -31.91 -59.72
C GLN E 76 -36.14 -32.62 -58.53
N ASP E 77 -35.52 -32.54 -57.36
CA ASP E 77 -36.08 -33.17 -56.18
C ASP E 77 -37.18 -32.32 -55.55
N PHE E 78 -36.94 -31.02 -55.41
CA PHE E 78 -37.86 -30.17 -54.67
C PHE E 78 -39.11 -29.85 -55.48
N LYS E 79 -38.96 -29.63 -56.78
CA LYS E 79 -40.12 -29.45 -57.65
C LYS E 79 -39.77 -29.97 -59.02
N THR E 80 -40.50 -30.98 -59.48
CA THR E 80 -40.20 -31.59 -60.76
C THR E 80 -40.50 -30.65 -61.91
N ASP E 81 -39.77 -30.83 -63.00
CA ASP E 81 -40.04 -30.15 -64.26
C ASP E 81 -39.84 -28.64 -64.12
N LEU E 82 -38.71 -28.25 -63.55
CA LEU E 82 -38.31 -26.85 -63.57
C LEU E 82 -37.42 -26.58 -64.77
N ARG E 83 -37.36 -25.31 -65.14
CA ARG E 83 -36.43 -24.83 -66.16
C ARG E 83 -35.61 -23.73 -65.53
N PHE E 84 -34.29 -23.82 -65.69
CA PHE E 84 -33.40 -22.84 -65.08
C PHE E 84 -32.97 -21.81 -66.10
N GLN E 85 -33.16 -20.54 -65.76
CA GLN E 85 -32.59 -19.47 -66.55
C GLN E 85 -31.08 -19.63 -66.56
N SER E 86 -30.44 -19.19 -67.66
CA SER E 86 -29.01 -19.41 -67.80
C SER E 86 -28.23 -18.80 -66.64
N SER E 87 -28.42 -17.50 -66.41
CA SER E 87 -27.68 -16.83 -65.35
C SER E 87 -27.93 -17.47 -63.99
N ALA E 88 -29.14 -17.96 -63.75
CA ALA E 88 -29.46 -18.49 -62.43
C ALA E 88 -28.61 -19.71 -62.10
N VAL E 89 -28.14 -20.42 -63.11
CA VAL E 89 -27.15 -21.47 -62.85
C VAL E 89 -25.80 -20.85 -62.56
N MET E 90 -25.43 -19.83 -63.33
CA MET E 90 -24.15 -19.17 -63.10
C MET E 90 -24.10 -18.53 -61.72
N ALA E 91 -25.20 -17.88 -61.31
CA ALA E 91 -25.23 -17.23 -60.01
C ALA E 91 -24.94 -18.21 -58.89
N LEU E 92 -25.41 -19.45 -59.02
CA LEU E 92 -25.12 -20.46 -58.01
C LEU E 92 -23.65 -20.79 -57.98
N GLN E 93 -23.12 -21.26 -59.11
CA GLN E 93 -21.71 -21.63 -59.18
C GLN E 93 -20.82 -20.50 -58.68
N GLU E 94 -21.18 -19.26 -58.97
CA GLU E 94 -20.39 -18.16 -58.46
C GLU E 94 -20.43 -18.09 -56.94
N ALA E 95 -21.55 -18.51 -56.34
CA ALA E 95 -21.62 -18.50 -54.89
C ALA E 95 -21.12 -19.82 -54.31
N SER E 96 -21.36 -20.93 -55.00
CA SER E 96 -20.94 -22.21 -54.47
C SER E 96 -19.42 -22.29 -54.39
N GLU E 97 -18.71 -21.75 -55.38
CA GLU E 97 -17.27 -21.64 -55.29
C GLU E 97 -16.87 -20.82 -54.08
N ALA E 98 -17.28 -19.55 -54.06
CA ALA E 98 -16.83 -18.65 -53.01
C ALA E 98 -17.38 -19.02 -51.65
N TYR E 99 -18.12 -20.10 -51.54
CA TYR E 99 -18.39 -20.69 -50.23
C TYR E 99 -17.32 -21.70 -49.86
N LEU E 100 -17.03 -22.64 -50.77
CA LEU E 100 -15.99 -23.62 -50.52
C LEU E 100 -14.65 -22.93 -50.26
N VAL E 101 -14.28 -21.99 -51.12
CA VAL E 101 -13.02 -21.29 -50.91
C VAL E 101 -13.00 -20.64 -49.54
N ALA E 102 -14.15 -20.11 -49.10
CA ALA E 102 -14.22 -19.61 -47.74
C ALA E 102 -14.12 -20.73 -46.72
N LEU E 103 -14.45 -21.96 -47.12
CA LEU E 103 -14.30 -23.08 -46.20
C LEU E 103 -12.84 -23.50 -46.09
N PHE E 104 -12.18 -23.71 -47.24
CA PHE E 104 -10.81 -24.19 -47.21
C PHE E 104 -9.89 -23.18 -46.55
N GLU E 105 -10.04 -21.90 -46.89
CA GLU E 105 -9.24 -20.88 -46.22
C GLU E 105 -9.51 -20.84 -44.72
N ASP E 106 -10.57 -21.50 -44.26
CA ASP E 106 -10.85 -21.59 -42.84
C ASP E 106 -10.61 -22.97 -42.25
N THR E 107 -10.60 -24.02 -43.08
CA THR E 107 -10.14 -25.31 -42.57
C THR E 107 -8.63 -25.34 -42.48
N ASN E 108 -7.95 -24.61 -43.36
CA ASN E 108 -6.50 -24.53 -43.31
C ASN E 108 -6.03 -23.99 -41.98
N LEU E 109 -6.63 -22.88 -41.52
CA LEU E 109 -6.29 -22.34 -40.21
C LEU E 109 -6.46 -23.38 -39.12
N ALA E 110 -7.38 -24.32 -39.31
CA ALA E 110 -7.51 -25.39 -38.33
C ALA E 110 -6.39 -26.41 -38.50
N ALA E 111 -5.93 -26.63 -39.73
CA ALA E 111 -4.90 -27.62 -39.95
C ALA E 111 -3.53 -27.07 -39.58
N ILE E 112 -3.26 -25.81 -39.88
CA ILE E 112 -2.08 -25.18 -39.32
C ILE E 112 -2.08 -25.28 -37.82
N HIS E 113 -3.26 -25.30 -37.21
CA HIS E 113 -3.35 -25.22 -35.76
C HIS E 113 -2.79 -26.47 -35.11
N ALA E 114 -3.12 -27.63 -35.62
CA ALA E 114 -2.55 -28.81 -35.01
C ALA E 114 -1.10 -29.00 -35.37
N LYS E 115 -0.49 -27.98 -35.97
CA LYS E 115 0.90 -27.86 -36.35
C LYS E 115 1.24 -28.66 -37.59
N ARG E 116 0.28 -29.30 -38.24
CA ARG E 116 0.53 -30.06 -39.45
C ARG E 116 0.15 -29.23 -40.65
N VAL E 117 0.52 -29.71 -41.84
CA VAL E 117 0.23 -28.97 -43.06
C VAL E 117 -0.99 -29.54 -43.76
N THR E 118 -1.06 -30.86 -43.88
CA THR E 118 -2.11 -31.51 -44.64
C THR E 118 -3.47 -31.33 -43.97
N ILE E 119 -4.41 -30.70 -44.67
CA ILE E 119 -5.77 -30.63 -44.14
C ILE E 119 -6.40 -32.01 -44.17
N MET E 120 -7.47 -32.17 -43.41
CA MET E 120 -8.07 -33.48 -43.21
C MET E 120 -9.52 -33.35 -42.78
N PRO E 121 -10.37 -34.32 -43.10
CA PRO E 121 -11.80 -34.18 -42.78
C PRO E 121 -12.08 -33.92 -41.32
N LYS E 122 -11.15 -34.22 -40.41
CA LYS E 122 -11.34 -33.84 -39.03
C LYS E 122 -11.11 -32.35 -38.80
N ASP E 123 -10.96 -31.57 -39.87
CA ASP E 123 -10.91 -30.12 -39.78
C ASP E 123 -12.14 -29.46 -40.38
N ILE E 124 -12.53 -29.85 -41.59
CA ILE E 124 -13.78 -29.37 -42.16
C ILE E 124 -14.94 -29.73 -41.25
N GLN E 125 -14.80 -30.79 -40.45
CA GLN E 125 -15.78 -31.04 -39.41
C GLN E 125 -15.65 -30.04 -38.29
N LEU E 126 -14.46 -29.47 -38.08
CA LEU E 126 -14.32 -28.42 -37.08
C LEU E 126 -14.73 -27.07 -37.65
N ALA E 127 -14.05 -26.63 -38.71
CA ALA E 127 -14.25 -25.29 -39.22
C ALA E 127 -15.68 -25.01 -39.62
N ARG E 128 -16.55 -26.02 -39.63
CA ARG E 128 -17.96 -25.78 -39.85
C ARG E 128 -18.74 -25.73 -38.55
N ARG E 129 -18.22 -26.30 -37.47
CA ARG E 129 -18.92 -26.20 -36.20
C ARG E 129 -18.51 -24.96 -35.42
N ILE E 130 -17.28 -24.47 -35.62
CA ILE E 130 -16.90 -23.20 -35.03
C ILE E 130 -17.82 -22.10 -35.53
N ARG E 131 -18.03 -22.03 -36.84
CA ARG E 131 -18.93 -21.04 -37.40
C ARG E 131 -20.34 -21.18 -36.87
N GLY E 132 -20.67 -22.29 -36.21
CA GLY E 132 -22.01 -22.52 -35.76
C GLY E 132 -22.99 -22.90 -36.84
N GLU E 133 -22.58 -22.85 -38.11
CA GLU E 133 -23.51 -23.20 -39.18
C GLU E 133 -23.81 -24.69 -39.19
N ARG E 134 -22.87 -25.51 -38.71
CA ARG E 134 -23.09 -26.94 -38.57
C ARG E 134 -23.58 -27.62 -39.85
N VAL F 21 -34.88 -37.68 -66.04
CA VAL F 21 -34.45 -37.88 -64.67
C VAL F 21 -32.93 -37.94 -64.62
N LEU F 22 -32.34 -37.39 -63.56
CA LEU F 22 -30.89 -37.28 -63.42
C LEU F 22 -30.45 -38.05 -62.19
N ARG F 23 -29.29 -38.70 -62.30
CA ARG F 23 -28.75 -39.46 -61.19
C ARG F 23 -27.23 -39.36 -61.19
N ASP F 24 -26.65 -39.51 -59.99
CA ASP F 24 -25.19 -39.59 -59.82
C ASP F 24 -24.47 -38.43 -60.49
N ASN F 25 -24.81 -37.20 -60.11
CA ASN F 25 -24.12 -36.05 -60.67
C ASN F 25 -23.10 -35.48 -59.71
N ILE F 26 -23.29 -35.67 -58.41
CA ILE F 26 -22.35 -35.12 -57.45
C ILE F 26 -20.94 -35.58 -57.71
N GLN F 27 -20.76 -36.83 -58.12
CA GLN F 27 -19.42 -37.27 -58.49
C GLN F 27 -18.96 -36.60 -59.77
N GLY F 28 -19.78 -35.76 -60.37
CA GLY F 28 -19.34 -34.97 -61.52
C GLY F 28 -18.37 -33.87 -61.13
N ILE F 29 -18.43 -33.41 -59.88
CA ILE F 29 -17.46 -32.41 -59.44
C ILE F 29 -16.13 -33.13 -59.36
N THR F 30 -15.29 -32.90 -60.36
CA THR F 30 -14.12 -33.73 -60.57
C THR F 30 -13.14 -33.56 -59.42
N LYS F 31 -12.44 -34.64 -59.09
CA LYS F 31 -11.49 -34.58 -57.98
C LYS F 31 -10.48 -33.46 -58.12
N PRO F 32 -9.87 -33.20 -59.28
CA PRO F 32 -9.05 -31.99 -59.39
C PRO F 32 -9.81 -30.72 -59.09
N ALA F 33 -11.07 -30.62 -59.53
CA ALA F 33 -11.82 -29.39 -59.27
C ALA F 33 -11.96 -29.13 -57.78
N ILE F 34 -11.77 -30.15 -56.94
CA ILE F 34 -11.75 -29.91 -55.51
C ILE F 34 -10.43 -29.28 -55.11
N ARG F 35 -9.32 -29.75 -55.67
CA ARG F 35 -8.04 -29.15 -55.30
C ARG F 35 -7.87 -27.79 -55.94
N ARG F 36 -8.30 -27.64 -57.20
CA ARG F 36 -8.19 -26.36 -57.87
C ARG F 36 -8.84 -25.25 -57.05
N LEU F 37 -10.00 -25.53 -56.46
CA LEU F 37 -10.52 -24.64 -55.43
C LEU F 37 -9.53 -24.51 -54.29
N ALA F 38 -9.20 -25.64 -53.65
CA ALA F 38 -8.41 -25.62 -52.44
C ALA F 38 -7.10 -24.87 -52.62
N ARG F 39 -6.51 -24.92 -53.81
CA ARG F 39 -5.37 -24.06 -54.08
C ARG F 39 -5.74 -22.60 -53.85
N ARG F 40 -6.70 -22.10 -54.62
CA ARG F 40 -7.17 -20.74 -54.43
C ARG F 40 -7.47 -20.45 -52.96
N GLY F 41 -7.94 -21.45 -52.24
CA GLY F 41 -8.12 -21.27 -50.81
C GLY F 41 -6.81 -21.01 -50.10
N GLY F 42 -5.79 -21.81 -50.40
CA GLY F 42 -4.50 -21.58 -49.78
C GLY F 42 -3.96 -22.74 -48.98
N VAL F 43 -4.36 -23.96 -49.34
CA VAL F 43 -3.86 -25.16 -48.67
C VAL F 43 -2.80 -25.79 -49.54
N LYS F 44 -1.84 -26.47 -48.91
CA LYS F 44 -0.72 -27.04 -49.64
C LYS F 44 -0.90 -28.53 -49.90
N ARG F 45 -1.08 -29.32 -48.85
CA ARG F 45 -1.24 -30.76 -49.00
C ARG F 45 -2.65 -31.14 -48.62
N ILE F 46 -3.30 -31.96 -49.45
CA ILE F 46 -4.69 -32.35 -49.27
C ILE F 46 -4.75 -33.84 -49.05
N SER F 47 -5.41 -34.26 -47.98
CA SER F 47 -5.49 -35.68 -47.69
C SER F 47 -6.42 -36.37 -48.66
N GLY F 48 -6.51 -37.69 -48.53
CA GLY F 48 -7.31 -38.46 -49.46
C GLY F 48 -8.80 -38.37 -49.20
N LEU F 49 -9.20 -38.16 -47.96
CA LEU F 49 -10.61 -38.20 -47.59
C LEU F 49 -11.32 -36.89 -47.89
N ILE F 50 -10.60 -35.79 -48.04
CA ILE F 50 -11.25 -34.50 -48.25
C ILE F 50 -12.16 -34.53 -49.46
N TYR F 51 -11.66 -35.07 -50.57
CA TYR F 51 -12.43 -35.08 -51.82
C TYR F 51 -13.82 -35.64 -51.61
N GLU F 52 -13.92 -36.86 -51.10
CA GLU F 52 -15.22 -37.46 -50.88
C GLU F 52 -16.01 -36.69 -49.83
N GLU F 53 -15.33 -35.98 -48.95
CA GLU F 53 -16.02 -35.26 -47.89
C GLU F 53 -16.60 -33.94 -48.39
N THR F 54 -15.86 -33.23 -49.23
CA THR F 54 -16.30 -31.90 -49.64
C THR F 54 -17.62 -31.95 -50.40
N ARG F 55 -17.78 -32.90 -51.31
CA ARG F 55 -19.06 -33.07 -51.98
C ARG F 55 -20.18 -33.12 -50.96
N GLY F 56 -19.97 -33.83 -49.86
CA GLY F 56 -20.99 -33.89 -48.82
C GLY F 56 -21.38 -32.52 -48.30
N VAL F 57 -20.43 -31.58 -48.27
CA VAL F 57 -20.73 -30.25 -47.79
C VAL F 57 -21.43 -29.43 -48.87
N LEU F 58 -20.84 -29.39 -50.06
CA LEU F 58 -21.42 -28.60 -51.14
C LEU F 58 -22.85 -29.04 -51.44
N LYS F 59 -23.13 -30.33 -51.35
CA LYS F 59 -24.50 -30.77 -51.56
C LYS F 59 -25.44 -30.22 -50.51
N VAL F 60 -24.97 -30.11 -49.27
CA VAL F 60 -25.80 -29.50 -48.22
C VAL F 60 -26.04 -28.04 -48.52
N PHE F 61 -25.04 -27.35 -49.05
CA PHE F 61 -25.18 -25.91 -49.27
C PHE F 61 -26.15 -25.62 -50.41
N LEU F 62 -26.24 -26.51 -51.39
CA LEU F 62 -27.16 -26.26 -52.50
C LEU F 62 -28.60 -26.54 -52.09
N GLU F 63 -28.84 -27.67 -51.43
CA GLU F 63 -30.19 -27.97 -50.96
C GLU F 63 -30.72 -26.87 -50.05
N ASN F 64 -29.86 -25.98 -49.61
CA ASN F 64 -30.37 -24.86 -48.87
C ASN F 64 -30.68 -23.75 -49.86
N VAL F 65 -29.68 -23.32 -50.62
CA VAL F 65 -29.91 -22.19 -51.51
C VAL F 65 -30.93 -22.50 -52.56
N ILE F 66 -30.89 -23.70 -53.12
CA ILE F 66 -31.80 -23.99 -54.21
C ILE F 66 -33.22 -23.99 -53.68
N ARG F 67 -33.43 -24.59 -52.53
CA ARG F 67 -34.76 -24.66 -52.00
C ARG F 67 -35.31 -23.27 -51.85
N ASP F 68 -34.72 -22.50 -50.96
CA ASP F 68 -35.17 -21.11 -50.84
C ASP F 68 -35.31 -20.47 -52.20
N ALA F 69 -34.45 -20.84 -53.16
CA ALA F 69 -34.57 -20.30 -54.50
C ALA F 69 -35.84 -20.78 -55.18
N VAL F 70 -36.18 -22.06 -55.02
CA VAL F 70 -37.38 -22.59 -55.65
C VAL F 70 -38.62 -21.94 -55.07
N THR F 71 -38.64 -21.74 -53.76
CA THR F 71 -39.86 -21.27 -53.09
C THR F 71 -40.35 -19.96 -53.69
N TYR F 72 -39.45 -18.99 -53.89
CA TYR F 72 -39.85 -17.78 -54.58
C TYR F 72 -40.40 -18.09 -55.97
N THR F 73 -39.71 -18.96 -56.71
CA THR F 73 -40.16 -19.28 -58.06
C THR F 73 -41.56 -19.87 -58.04
N GLU F 74 -41.85 -20.76 -57.11
CA GLU F 74 -43.22 -21.24 -56.95
C GLU F 74 -44.15 -20.08 -56.62
N HIS F 75 -43.67 -19.12 -55.84
CA HIS F 75 -44.55 -18.10 -55.28
C HIS F 75 -45.15 -17.23 -56.36
N ALA F 76 -44.32 -16.65 -57.22
CA ALA F 76 -44.83 -15.83 -58.30
C ALA F 76 -45.48 -16.64 -59.41
N LYS F 77 -45.59 -17.96 -59.23
CA LYS F 77 -46.24 -18.90 -60.14
C LYS F 77 -45.49 -19.10 -61.44
N ARG F 78 -44.31 -18.48 -61.55
CA ARG F 78 -43.46 -18.61 -62.74
C ARG F 78 -42.63 -19.88 -62.72
N LYS F 79 -42.67 -20.66 -63.79
CA LYS F 79 -41.92 -21.91 -63.88
C LYS F 79 -40.40 -21.79 -63.83
N THR F 80 -39.85 -20.81 -64.51
CA THR F 80 -38.39 -20.72 -64.59
C THR F 80 -37.73 -20.01 -63.43
N VAL F 81 -36.73 -20.63 -62.85
CA VAL F 81 -36.11 -20.04 -61.67
C VAL F 81 -35.30 -18.83 -62.14
N THR F 82 -35.80 -17.64 -61.85
CA THR F 82 -35.17 -16.43 -62.35
C THR F 82 -33.82 -16.23 -61.68
N ALA F 83 -32.86 -15.72 -62.45
CA ALA F 83 -31.56 -15.37 -61.87
C ALA F 83 -31.71 -14.45 -60.68
N MET F 84 -32.69 -13.54 -60.72
CA MET F 84 -32.91 -12.66 -59.60
C MET F 84 -33.32 -13.42 -58.35
N ASP F 85 -33.92 -14.61 -58.52
CA ASP F 85 -34.34 -15.39 -57.37
C ASP F 85 -33.15 -15.85 -56.54
N VAL F 86 -32.15 -16.44 -57.20
CA VAL F 86 -30.99 -16.95 -56.48
C VAL F 86 -30.32 -15.86 -55.68
N VAL F 87 -30.28 -14.64 -56.21
CA VAL F 87 -29.68 -13.55 -55.45
C VAL F 87 -30.44 -13.31 -54.16
N TYR F 88 -31.74 -13.62 -54.15
CA TYR F 88 -32.53 -13.44 -52.95
C TYR F 88 -32.29 -14.56 -51.95
N ALA F 89 -32.39 -15.81 -52.40
CA ALA F 89 -32.15 -16.93 -51.50
C ALA F 89 -30.81 -16.80 -50.80
N LEU F 90 -29.79 -16.32 -51.52
CA LEU F 90 -28.51 -16.05 -50.89
C LEU F 90 -28.62 -14.90 -49.90
N LYS F 91 -29.33 -13.83 -50.27
CA LYS F 91 -29.42 -12.67 -49.40
C LYS F 91 -30.08 -13.02 -48.09
N ARG F 92 -30.99 -13.99 -48.09
CA ARG F 92 -31.64 -14.39 -46.86
C ARG F 92 -30.69 -15.15 -45.95
N GLN F 93 -29.93 -16.09 -46.51
CA GLN F 93 -29.07 -16.92 -45.68
C GLN F 93 -27.91 -16.14 -45.08
N GLY F 94 -27.48 -15.07 -45.75
CA GLY F 94 -26.40 -14.24 -45.25
C GLY F 94 -25.23 -14.07 -46.19
N ARG F 95 -25.24 -14.72 -47.35
CA ARG F 95 -24.17 -14.58 -48.33
C ARG F 95 -24.73 -13.75 -49.48
N THR F 96 -24.67 -12.43 -49.34
CA THR F 96 -25.12 -11.56 -50.41
C THR F 96 -24.26 -11.77 -51.64
N LEU F 97 -24.83 -11.49 -52.80
CA LEU F 97 -24.12 -11.63 -54.06
C LEU F 97 -24.24 -10.32 -54.83
N TYR F 98 -23.13 -9.90 -55.43
CA TYR F 98 -23.11 -8.65 -56.18
C TYR F 98 -22.85 -8.93 -57.64
N GLY F 99 -23.58 -8.24 -58.50
CA GLY F 99 -23.29 -8.22 -59.91
C GLY F 99 -24.22 -9.04 -60.78
N PHE F 100 -24.92 -10.01 -60.21
CA PHE F 100 -25.83 -10.84 -60.99
C PHE F 100 -27.22 -10.27 -60.82
N GLY F 101 -27.77 -9.75 -61.91
CA GLY F 101 -29.11 -9.19 -61.88
C GLY F 101 -29.15 -7.87 -61.14
N GLY F 102 -28.72 -7.88 -59.88
CA GLY F 102 -28.78 -6.70 -59.05
C GLY F 102 -29.80 -6.87 -57.96
N ALA G 12 -76.89 -6.95 -33.54
CA ALA G 12 -75.97 -8.06 -33.72
C ALA G 12 -74.81 -7.96 -32.75
N LYS G 13 -74.69 -8.95 -31.88
CA LYS G 13 -73.60 -8.99 -30.92
C LYS G 13 -72.27 -9.18 -31.65
N ALA G 14 -71.25 -8.45 -31.18
CA ALA G 14 -69.94 -8.55 -31.82
C ALA G 14 -69.22 -9.82 -31.37
N LYS G 15 -68.71 -10.56 -32.32
CA LYS G 15 -67.88 -11.73 -32.07
C LYS G 15 -66.47 -11.44 -32.55
N THR G 16 -65.50 -11.62 -31.67
CA THR G 16 -64.13 -11.33 -32.02
C THR G 16 -63.65 -12.26 -33.14
N ARG G 17 -62.81 -11.72 -34.02
CA ARG G 17 -62.25 -12.53 -35.09
C ARG G 17 -61.45 -13.69 -34.52
N SER G 18 -60.70 -13.44 -33.44
CA SER G 18 -59.93 -14.50 -32.81
C SER G 18 -60.83 -15.64 -32.36
N SER G 19 -61.99 -15.31 -31.78
CA SER G 19 -62.90 -16.35 -31.30
C SER G 19 -63.65 -16.99 -32.46
N ARG G 20 -64.01 -16.20 -33.48
CA ARG G 20 -64.68 -16.77 -34.64
C ARG G 20 -63.80 -17.82 -35.32
N ALA G 21 -62.51 -17.52 -35.47
CA ALA G 21 -61.59 -18.48 -36.06
C ALA G 21 -61.27 -19.64 -35.14
N GLY G 22 -61.72 -19.59 -33.88
CA GLY G 22 -61.40 -20.63 -32.93
C GLY G 22 -60.04 -20.51 -32.28
N LEU G 23 -59.21 -19.58 -32.74
CA LEU G 23 -57.86 -19.44 -32.20
C LEU G 23 -57.89 -18.75 -30.85
N GLN G 24 -56.72 -18.62 -30.24
CA GLN G 24 -56.57 -17.92 -28.98
C GLN G 24 -55.81 -16.60 -29.11
N PHE G 25 -54.83 -16.53 -30.01
CA PHE G 25 -54.12 -15.28 -30.22
C PHE G 25 -55.04 -14.25 -30.88
N PRO G 26 -54.78 -12.96 -30.64
CA PRO G 26 -55.70 -11.91 -31.11
C PRO G 26 -55.50 -11.64 -32.59
N VAL G 27 -56.47 -12.06 -33.40
CA VAL G 27 -56.44 -11.75 -34.83
C VAL G 27 -56.43 -10.24 -35.02
N GLY G 28 -57.30 -9.54 -34.29
CA GLY G 28 -57.37 -8.10 -34.43
C GLY G 28 -56.06 -7.42 -34.10
N ARG G 29 -55.49 -7.72 -32.93
CA ARG G 29 -54.26 -7.06 -32.52
C ARG G 29 -53.12 -7.36 -33.49
N VAL G 30 -53.07 -8.57 -34.02
CA VAL G 30 -52.11 -8.87 -35.08
C VAL G 30 -52.44 -8.07 -36.32
N HIS G 31 -53.73 -7.93 -36.64
CA HIS G 31 -54.11 -7.17 -37.83
C HIS G 31 -53.69 -5.72 -37.71
N ARG G 32 -54.02 -5.08 -36.59
CA ARG G 32 -53.65 -3.68 -36.41
C ARG G 32 -52.14 -3.51 -36.45
N LEU G 33 -51.40 -4.48 -35.90
CA LEU G 33 -49.94 -4.42 -35.96
C LEU G 33 -49.45 -4.50 -37.39
N LEU G 34 -50.07 -5.39 -38.19
CA LEU G 34 -49.63 -5.53 -39.57
C LEU G 34 -49.84 -4.25 -40.36
N ARG G 35 -50.92 -3.54 -40.08
CA ARG G 35 -51.17 -2.29 -40.79
C ARG G 35 -50.15 -1.23 -40.43
N LYS G 36 -49.96 -0.97 -39.13
CA LYS G 36 -49.20 0.19 -38.72
C LYS G 36 -47.70 -0.01 -38.89
N GLY G 37 -47.24 -1.25 -38.98
CA GLY G 37 -45.82 -1.50 -39.14
C GLY G 37 -45.24 -1.06 -40.46
N ASN G 38 -46.08 -0.65 -41.41
CA ASN G 38 -45.65 -0.21 -42.73
C ASN G 38 -44.99 -1.33 -43.53
N TYR G 39 -45.48 -2.56 -43.35
CA TYR G 39 -45.01 -3.67 -44.17
C TYR G 39 -45.50 -3.53 -45.61
N ALA G 40 -46.76 -3.17 -45.77
CA ALA G 40 -47.32 -2.96 -47.10
C ALA G 40 -48.47 -1.98 -47.00
N GLU G 41 -48.86 -1.43 -48.15
CA GLU G 41 -49.97 -0.47 -48.17
C GLU G 41 -51.27 -1.11 -47.71
N ARG G 42 -51.53 -2.34 -48.15
CA ARG G 42 -52.76 -3.03 -47.83
C ARG G 42 -52.45 -4.41 -47.27
N VAL G 43 -53.28 -4.87 -46.34
CA VAL G 43 -53.18 -6.20 -45.77
C VAL G 43 -54.49 -6.93 -46.04
N GLY G 44 -54.38 -8.10 -46.66
CA GLY G 44 -55.57 -8.86 -46.97
C GLY G 44 -56.33 -9.27 -45.73
N ALA G 45 -57.61 -9.60 -45.93
CA ALA G 45 -58.44 -10.03 -44.82
C ALA G 45 -57.92 -11.32 -44.20
N GLY G 46 -57.51 -12.27 -45.04
CA GLY G 46 -57.05 -13.55 -44.55
C GLY G 46 -55.61 -13.58 -44.07
N ALA G 47 -54.86 -12.50 -44.28
CA ALA G 47 -53.45 -12.49 -43.88
C ALA G 47 -53.26 -12.65 -42.37
N PRO G 48 -53.93 -11.87 -41.50
CA PRO G 48 -53.61 -11.98 -40.07
C PRO G 48 -54.09 -13.28 -39.44
N VAL G 49 -55.29 -13.74 -39.78
CA VAL G 49 -55.79 -15.00 -39.22
C VAL G 49 -54.80 -16.12 -39.49
N TYR G 50 -54.19 -16.13 -40.67
CA TYR G 50 -53.17 -17.13 -40.96
C TYR G 50 -51.95 -16.92 -40.09
N LEU G 51 -51.56 -15.66 -39.88
CA LEU G 51 -50.37 -15.39 -39.07
C LEU G 51 -50.65 -15.63 -37.58
N ALA G 52 -51.90 -15.45 -37.15
CA ALA G 52 -52.23 -15.78 -35.77
C ALA G 52 -52.01 -17.26 -35.50
N ALA G 53 -52.49 -18.12 -36.41
CA ALA G 53 -52.33 -19.56 -36.21
C ALA G 53 -50.86 -19.96 -36.19
N VAL G 54 -50.06 -19.39 -37.10
CA VAL G 54 -48.63 -19.73 -37.14
C VAL G 54 -47.94 -19.28 -35.86
N LEU G 55 -48.43 -18.19 -35.26
CA LEU G 55 -47.88 -17.77 -33.98
C LEU G 55 -48.27 -18.72 -32.87
N GLU G 56 -49.52 -19.20 -32.88
CA GLU G 56 -49.96 -20.14 -31.87
C GLU G 56 -49.08 -21.38 -31.87
N TYR G 57 -48.94 -22.03 -33.02
CA TYR G 57 -48.25 -23.31 -33.08
C TYR G 57 -46.79 -23.20 -32.65
N LEU G 58 -46.21 -22.00 -32.74
CA LEU G 58 -44.83 -21.84 -32.27
C LEU G 58 -44.78 -21.69 -30.76
N THR G 59 -45.82 -21.10 -30.17
CA THR G 59 -45.93 -21.08 -28.71
C THR G 59 -46.53 -22.37 -28.19
N ALA G 60 -47.45 -22.97 -28.96
CA ALA G 60 -48.04 -24.23 -28.55
C ALA G 60 -47.05 -25.38 -28.62
N GLU G 61 -45.82 -25.14 -29.02
CA GLU G 61 -44.78 -26.16 -29.00
C GLU G 61 -43.65 -25.84 -28.02
N ILE G 62 -43.21 -24.58 -27.97
CA ILE G 62 -42.19 -24.22 -26.99
C ILE G 62 -42.74 -24.35 -25.58
N LEU G 63 -43.98 -23.90 -25.37
CA LEU G 63 -44.59 -24.07 -24.06
C LEU G 63 -44.89 -25.52 -23.76
N GLU G 64 -45.02 -26.35 -24.80
CA GLU G 64 -45.20 -27.78 -24.59
C GLU G 64 -43.91 -28.41 -24.09
N LEU G 65 -42.82 -28.28 -24.86
CA LEU G 65 -41.55 -28.87 -24.45
C LEU G 65 -41.11 -28.33 -23.10
N ALA G 66 -41.24 -27.03 -22.87
CA ALA G 66 -40.89 -26.48 -21.57
C ALA G 66 -41.82 -27.01 -20.49
N GLY G 67 -43.11 -27.15 -20.82
CA GLY G 67 -44.05 -27.73 -19.86
C GLY G 67 -43.59 -29.08 -19.34
N ASN G 68 -43.03 -29.91 -20.22
CA ASN G 68 -42.52 -31.19 -19.78
C ASN G 68 -41.26 -31.04 -18.94
N ALA G 69 -40.47 -29.99 -19.20
CA ALA G 69 -39.27 -29.76 -18.40
C ALA G 69 -39.62 -29.54 -16.94
N ALA G 70 -40.72 -28.82 -16.68
CA ALA G 70 -41.16 -28.62 -15.30
C ALA G 70 -41.40 -29.95 -14.60
N ARG G 71 -42.19 -30.83 -15.20
CA ARG G 71 -42.47 -32.12 -14.60
C ARG G 71 -41.18 -32.87 -14.29
N ASP G 72 -40.36 -33.11 -15.31
CA ASP G 72 -39.13 -33.86 -15.13
C ASP G 72 -38.16 -33.16 -14.19
N ASN G 73 -38.38 -31.88 -13.90
CA ASN G 73 -37.57 -31.17 -12.92
C ASN G 73 -38.33 -30.86 -11.64
N LYS G 74 -39.61 -31.22 -11.57
CA LYS G 74 -40.42 -31.20 -10.36
C LYS G 74 -40.66 -29.80 -9.81
N LYS G 75 -40.65 -28.78 -10.67
CA LYS G 75 -41.01 -27.42 -10.28
C LYS G 75 -42.17 -26.97 -11.16
N THR G 76 -43.34 -26.79 -10.54
CA THR G 76 -44.57 -26.56 -11.32
C THR G 76 -44.50 -25.28 -12.13
N ARG G 77 -43.81 -24.25 -11.64
CA ARG G 77 -43.71 -23.00 -12.38
C ARG G 77 -42.54 -23.05 -13.35
N ILE G 78 -42.79 -22.61 -14.57
CA ILE G 78 -41.77 -22.60 -15.62
C ILE G 78 -40.88 -21.38 -15.44
N ILE G 79 -39.60 -21.60 -15.20
CA ILE G 79 -38.65 -20.51 -15.03
C ILE G 79 -37.75 -20.46 -16.25
N PRO G 80 -37.17 -19.31 -16.59
CA PRO G 80 -36.50 -19.16 -17.90
C PRO G 80 -35.52 -20.28 -18.26
N ARG G 81 -34.96 -21.00 -17.30
CA ARG G 81 -34.14 -22.14 -17.64
C ARG G 81 -34.96 -23.22 -18.34
N HIS G 82 -36.21 -23.40 -17.92
CA HIS G 82 -37.05 -24.41 -18.56
C HIS G 82 -37.33 -24.07 -20.01
N LEU G 83 -37.17 -22.81 -20.40
CA LEU G 83 -37.18 -22.48 -21.82
C LEU G 83 -35.88 -22.93 -22.47
N GLN G 84 -34.74 -22.58 -21.88
CA GLN G 84 -33.44 -22.90 -22.45
C GLN G 84 -33.23 -24.40 -22.60
N LEU G 85 -33.96 -25.22 -21.84
CA LEU G 85 -33.89 -26.66 -22.03
C LEU G 85 -34.90 -27.17 -23.06
N ALA G 86 -35.97 -26.40 -23.31
CA ALA G 86 -36.95 -26.85 -24.28
C ALA G 86 -36.46 -26.63 -25.71
N VAL G 87 -35.64 -25.60 -25.93
CA VAL G 87 -35.21 -25.25 -27.28
C VAL G 87 -33.85 -25.86 -27.61
N ARG G 88 -32.89 -25.85 -26.67
CA ARG G 88 -31.58 -26.38 -27.00
C ARG G 88 -31.58 -27.90 -27.09
N ASN G 89 -32.56 -28.56 -26.48
CA ASN G 89 -32.69 -30.00 -26.67
C ASN G 89 -33.18 -30.32 -28.08
N ASP G 90 -34.19 -29.58 -28.55
CA ASP G 90 -34.85 -29.89 -29.80
C ASP G 90 -34.11 -29.23 -30.95
N GLU G 91 -33.62 -30.05 -31.90
CA GLU G 91 -32.91 -29.49 -33.04
C GLU G 91 -33.85 -28.72 -33.96
N GLU G 92 -35.05 -29.26 -34.20
CA GLU G 92 -35.97 -28.61 -35.15
C GLU G 92 -36.32 -27.19 -34.70
N LEU G 93 -36.19 -26.90 -33.42
CA LEU G 93 -36.40 -25.55 -32.91
C LEU G 93 -35.10 -24.77 -32.80
N ASN G 94 -34.01 -25.43 -32.43
CA ASN G 94 -32.75 -24.72 -32.19
C ASN G 94 -32.35 -23.89 -33.39
N LYS G 95 -32.52 -24.42 -34.60
CA LYS G 95 -32.11 -23.66 -35.78
C LYS G 95 -32.96 -22.42 -35.97
N LEU G 96 -34.21 -22.44 -35.53
CA LEU G 96 -35.02 -21.23 -35.53
C LEU G 96 -34.51 -20.22 -34.53
N LEU G 97 -33.88 -20.68 -33.46
CA LEU G 97 -33.37 -19.83 -32.39
C LEU G 97 -31.84 -19.86 -32.34
N GLY G 98 -31.21 -19.89 -33.50
CA GLY G 98 -29.76 -20.04 -33.54
C GLY G 98 -29.03 -18.90 -32.86
N ARG G 99 -29.25 -17.68 -33.35
CA ARG G 99 -28.47 -16.54 -32.88
C ARG G 99 -28.95 -16.02 -31.53
N VAL G 100 -30.23 -16.21 -31.20
CA VAL G 100 -30.81 -15.55 -30.04
C VAL G 100 -30.24 -16.11 -28.76
N THR G 101 -30.00 -15.22 -27.80
CA THR G 101 -29.63 -15.58 -26.45
C THR G 101 -30.88 -15.51 -25.57
N ILE G 102 -30.98 -16.41 -24.60
CA ILE G 102 -32.00 -16.32 -23.56
C ILE G 102 -31.33 -15.93 -22.26
N ALA G 103 -31.77 -14.82 -21.68
CA ALA G 103 -31.26 -14.43 -20.37
C ALA G 103 -31.65 -15.45 -19.32
N GLN G 104 -30.80 -15.62 -18.32
CA GLN G 104 -31.05 -16.55 -17.22
C GLN G 104 -31.31 -17.96 -17.71
N GLY G 105 -30.65 -18.37 -18.79
CA GLY G 105 -30.92 -19.65 -19.39
C GLY G 105 -29.85 -20.70 -19.13
N GLY G 106 -28.64 -20.25 -18.82
CA GLY G 106 -27.60 -21.25 -18.64
C GLY G 106 -27.25 -21.90 -19.97
N VAL G 107 -26.65 -23.08 -19.87
CA VAL G 107 -26.25 -23.85 -21.04
C VAL G 107 -26.62 -25.30 -20.83
N LEU G 108 -26.89 -26.00 -21.92
CA LEU G 108 -27.11 -27.43 -21.84
C LEU G 108 -25.85 -28.09 -21.26
N PRO G 109 -26.01 -29.04 -20.34
CA PRO G 109 -24.82 -29.62 -19.67
C PRO G 109 -24.19 -30.71 -20.52
N ASN G 110 -22.95 -30.50 -20.93
CA ASN G 110 -22.18 -31.54 -21.60
C ASN G 110 -20.70 -31.27 -21.43
N ILE G 111 -19.91 -32.33 -21.57
CA ILE G 111 -18.46 -32.28 -21.47
C ILE G 111 -17.88 -33.22 -22.50
N GLN G 112 -16.88 -32.74 -23.23
CA GLN G 112 -16.28 -33.53 -24.29
C GLN G 112 -15.66 -34.80 -23.72
N SER G 113 -15.51 -35.81 -24.58
CA SER G 113 -15.07 -37.12 -24.11
C SER G 113 -13.62 -37.09 -23.64
N VAL G 114 -12.77 -36.29 -24.31
CA VAL G 114 -11.36 -36.26 -23.95
C VAL G 114 -11.17 -35.71 -22.55
N LEU G 115 -12.02 -34.76 -22.15
CA LEU G 115 -11.88 -34.17 -20.82
C LEU G 115 -12.15 -35.19 -19.72
N LEU G 116 -13.22 -35.96 -19.85
CA LEU G 116 -13.62 -36.88 -18.81
C LEU G 116 -12.51 -37.89 -18.55
N PRO G 117 -12.12 -38.13 -17.28
CA PRO G 117 -11.07 -39.08 -16.90
C PRO G 117 -11.37 -40.51 -17.33
N SER H 33 -48.05 -6.82 -25.23
CA SER H 33 -48.40 -7.73 -24.14
C SER H 33 -49.15 -8.93 -24.66
N TYR H 34 -48.40 -9.95 -25.07
CA TYR H 34 -49.01 -11.16 -25.58
C TYR H 34 -49.18 -12.10 -24.42
N ALA H 35 -48.83 -11.65 -23.23
CA ALA H 35 -48.84 -12.53 -22.07
C ALA H 35 -50.19 -13.13 -21.71
N ILE H 36 -51.28 -12.38 -21.77
CA ILE H 36 -52.55 -13.00 -21.47
C ILE H 36 -52.79 -14.10 -22.48
N TYR H 37 -52.46 -13.82 -23.73
CA TYR H 37 -52.65 -14.81 -24.75
C TYR H 37 -51.79 -16.06 -24.51
N VAL H 38 -50.56 -15.87 -24.09
CA VAL H 38 -49.68 -17.01 -23.83
C VAL H 38 -50.21 -17.87 -22.69
N TYR H 39 -50.73 -17.23 -21.65
CA TYR H 39 -51.23 -17.97 -20.51
C TYR H 39 -52.39 -18.82 -20.97
N LYS H 40 -53.23 -18.28 -21.84
CA LYS H 40 -54.40 -19.02 -22.25
C LYS H 40 -53.92 -20.30 -22.94
N VAL H 41 -52.87 -20.22 -23.73
CA VAL H 41 -52.32 -21.41 -24.35
C VAL H 41 -51.78 -22.37 -23.31
N LEU H 42 -50.91 -21.90 -22.43
CA LEU H 42 -50.28 -22.80 -21.47
C LEU H 42 -51.33 -23.52 -20.62
N LYS H 43 -52.32 -22.77 -20.13
CA LYS H 43 -53.38 -23.40 -19.33
C LYS H 43 -54.18 -24.39 -20.15
N GLN H 44 -54.11 -24.30 -21.48
CA GLN H 44 -54.71 -25.33 -22.31
C GLN H 44 -53.82 -26.56 -22.41
N VAL H 45 -52.58 -26.36 -22.86
CA VAL H 45 -51.70 -27.51 -23.10
C VAL H 45 -51.32 -28.18 -21.79
N HIS H 46 -51.16 -27.41 -20.72
CA HIS H 46 -50.90 -27.96 -19.38
C HIS H 46 -51.86 -27.34 -18.39
N PRO H 47 -52.93 -28.05 -18.00
CA PRO H 47 -53.92 -27.45 -17.11
C PRO H 47 -53.39 -27.17 -15.70
N ASP H 48 -52.23 -27.70 -15.33
CA ASP H 48 -51.71 -27.54 -13.97
C ASP H 48 -50.47 -26.66 -13.90
N THR H 49 -49.59 -26.75 -14.89
CA THR H 49 -48.32 -26.02 -14.84
C THR H 49 -48.56 -24.51 -14.85
N GLY H 50 -47.71 -23.79 -14.14
CA GLY H 50 -47.73 -22.35 -14.14
C GLY H 50 -46.51 -21.77 -14.84
N ILE H 51 -46.51 -20.46 -15.00
CA ILE H 51 -45.47 -19.75 -15.74
C ILE H 51 -44.95 -18.60 -14.90
N SER H 52 -43.63 -18.48 -14.81
CA SER H 52 -43.03 -17.41 -14.04
C SER H 52 -43.15 -16.09 -14.79
N SER H 53 -43.11 -15.00 -14.03
CA SER H 53 -43.25 -13.67 -14.59
C SER H 53 -42.06 -13.25 -15.44
N LYS H 54 -41.02 -14.08 -15.53
CA LYS H 54 -39.94 -13.81 -16.46
C LYS H 54 -40.12 -14.58 -17.77
N ALA H 55 -40.68 -15.79 -17.71
CA ALA H 55 -40.95 -16.52 -18.94
C ALA H 55 -41.89 -15.76 -19.85
N MET H 56 -42.95 -15.22 -19.27
CA MET H 56 -43.86 -14.44 -20.05
C MET H 56 -43.02 -13.43 -20.81
N SER H 57 -42.05 -12.84 -20.12
CA SER H 57 -41.20 -11.84 -20.76
C SER H 57 -40.43 -12.47 -21.89
N ILE H 58 -39.93 -13.68 -21.70
CA ILE H 58 -39.24 -14.35 -22.78
C ILE H 58 -40.22 -14.50 -23.93
N MET H 59 -41.43 -14.99 -23.67
CA MET H 59 -42.38 -15.25 -24.75
C MET H 59 -42.87 -13.96 -25.39
N ASN H 60 -43.26 -12.99 -24.57
CA ASN H 60 -43.66 -11.68 -25.11
C ASN H 60 -42.53 -11.07 -25.93
N SER H 61 -41.30 -11.33 -25.55
CA SER H 61 -40.17 -10.89 -26.35
C SER H 61 -39.89 -11.85 -27.50
N PHE H 62 -40.39 -13.08 -27.41
CA PHE H 62 -40.16 -14.09 -28.44
C PHE H 62 -41.18 -14.01 -29.57
N VAL H 63 -42.46 -14.07 -29.22
CA VAL H 63 -43.51 -13.98 -30.24
C VAL H 63 -43.32 -12.74 -31.09
N ASN H 64 -43.02 -11.60 -30.45
CA ASN H 64 -42.80 -10.37 -31.20
C ASN H 64 -41.67 -10.52 -32.20
N ASP H 65 -40.61 -11.26 -31.83
CA ASP H 65 -39.49 -11.42 -32.74
C ASP H 65 -39.85 -12.32 -33.92
N VAL H 66 -40.54 -13.43 -33.66
CA VAL H 66 -40.97 -14.29 -34.76
C VAL H 66 -41.95 -13.55 -35.65
N PHE H 67 -42.89 -12.83 -35.05
CA PHE H 67 -43.84 -12.06 -35.84
C PHE H 67 -43.13 -11.04 -36.71
N GLU H 68 -42.10 -10.38 -36.17
CA GLU H 68 -41.38 -9.39 -36.94
C GLU H 68 -40.62 -10.05 -38.09
N ARG H 69 -39.96 -11.17 -37.81
CA ARG H 69 -39.23 -11.87 -38.88
C ARG H 69 -40.17 -12.30 -39.99
N ILE H 70 -41.31 -12.88 -39.63
CA ILE H 70 -42.25 -13.37 -40.64
C ILE H 70 -42.86 -12.20 -41.41
N ALA H 71 -43.48 -11.27 -40.70
CA ALA H 71 -44.11 -10.14 -41.36
C ALA H 71 -43.09 -9.28 -42.10
N GLY H 72 -41.86 -9.21 -41.57
CA GLY H 72 -40.82 -8.52 -42.30
C GLY H 72 -40.45 -9.24 -43.59
N GLU H 73 -40.26 -10.55 -43.52
CA GLU H 73 -40.00 -11.32 -44.72
C GLU H 73 -41.18 -11.26 -45.67
N ALA H 74 -42.40 -11.24 -45.14
CA ALA H 74 -43.58 -11.16 -46.00
C ALA H 74 -43.59 -9.87 -46.79
N SER H 75 -43.23 -8.75 -46.15
CA SER H 75 -43.20 -7.47 -46.85
C SER H 75 -42.17 -7.50 -47.99
N ARG H 76 -40.96 -7.98 -47.69
CA ARG H 76 -39.94 -8.06 -48.73
C ARG H 76 -40.36 -9.00 -49.85
N LEU H 77 -41.11 -10.05 -49.51
CA LEU H 77 -41.49 -11.03 -50.53
C LEU H 77 -42.51 -10.43 -51.50
N ALA H 78 -43.42 -9.60 -51.01
CA ALA H 78 -44.35 -8.95 -51.90
C ALA H 78 -43.66 -7.89 -52.75
N HIS H 79 -42.62 -7.26 -52.22
CA HIS H 79 -41.91 -6.23 -52.99
C HIS H 79 -41.19 -6.83 -54.18
N TYR H 80 -40.52 -7.97 -53.98
CA TYR H 80 -39.85 -8.63 -55.10
C TYR H 80 -40.83 -8.95 -56.23
N ASN H 81 -42.04 -9.37 -55.89
CA ASN H 81 -43.01 -9.79 -56.89
C ASN H 81 -43.92 -8.65 -57.34
N LYS H 82 -43.55 -7.40 -57.05
CA LYS H 82 -44.28 -6.21 -57.47
C LYS H 82 -45.69 -6.14 -56.92
N ARG H 83 -46.08 -7.09 -56.08
CA ARG H 83 -47.40 -7.05 -55.47
C ARG H 83 -47.47 -5.94 -54.43
N SER H 84 -48.63 -5.30 -54.33
CA SER H 84 -48.77 -4.20 -53.40
C SER H 84 -49.21 -4.67 -52.02
N THR H 85 -50.11 -5.64 -51.94
CA THR H 85 -50.75 -6.00 -50.70
C THR H 85 -50.25 -7.35 -50.18
N ILE H 86 -49.94 -7.39 -48.88
CA ILE H 86 -49.68 -8.65 -48.20
C ILE H 86 -50.98 -9.43 -48.10
N THR H 87 -50.93 -10.71 -48.47
CA THR H 87 -52.14 -11.50 -48.44
C THR H 87 -51.93 -12.84 -47.74
N SER H 88 -52.94 -13.69 -47.76
CA SER H 88 -52.85 -14.98 -47.08
C SER H 88 -51.73 -15.83 -47.65
N ARG H 89 -51.51 -15.76 -48.96
CA ARG H 89 -50.50 -16.62 -49.59
C ARG H 89 -49.09 -16.10 -49.31
N GLU H 90 -48.94 -14.80 -49.05
CA GLU H 90 -47.62 -14.25 -48.79
C GLU H 90 -47.05 -14.76 -47.48
N ILE H 91 -47.89 -14.86 -46.45
CA ILE H 91 -47.41 -15.30 -45.14
C ILE H 91 -47.01 -16.76 -45.18
N GLN H 92 -47.82 -17.59 -45.85
CA GLN H 92 -47.51 -19.02 -45.94
C GLN H 92 -46.14 -19.23 -46.54
N THR H 93 -45.87 -18.62 -47.70
CA THR H 93 -44.56 -18.72 -48.31
C THR H 93 -43.49 -18.08 -47.42
N ALA H 94 -43.84 -17.06 -46.66
CA ALA H 94 -42.88 -16.45 -45.75
C ALA H 94 -42.51 -17.41 -44.62
N VAL H 95 -43.41 -18.31 -44.26
CA VAL H 95 -43.12 -19.26 -43.19
C VAL H 95 -42.10 -20.30 -43.65
N ARG H 96 -42.37 -20.94 -44.79
CA ARG H 96 -41.53 -22.04 -45.25
C ARG H 96 -40.07 -21.64 -45.45
N LEU H 97 -39.78 -20.35 -45.49
CA LEU H 97 -38.38 -19.92 -45.55
C LEU H 97 -37.74 -19.92 -44.18
N LEU H 98 -38.49 -19.55 -43.14
CA LEU H 98 -37.91 -19.35 -41.81
C LEU H 98 -37.92 -20.63 -40.99
N LEU H 99 -39.09 -21.20 -40.78
CA LEU H 99 -39.21 -22.37 -39.92
C LEU H 99 -38.50 -23.56 -40.57
N PRO H 100 -37.62 -24.25 -39.84
CA PRO H 100 -36.85 -25.33 -40.44
C PRO H 100 -37.56 -26.67 -40.35
N GLY H 101 -37.69 -27.34 -41.48
CA GLY H 101 -38.06 -28.75 -41.49
C GLY H 101 -39.47 -29.00 -41.00
N GLU H 102 -39.59 -29.84 -39.97
CA GLU H 102 -40.88 -30.35 -39.54
C GLU H 102 -41.83 -29.23 -39.15
N LEU H 103 -41.29 -28.13 -38.60
CA LEU H 103 -42.15 -27.02 -38.20
C LEU H 103 -42.88 -26.44 -39.41
N ALA H 104 -42.19 -26.33 -40.54
CA ALA H 104 -42.82 -25.80 -41.74
C ALA H 104 -44.02 -26.64 -42.15
N LYS H 105 -43.96 -27.95 -41.90
CA LYS H 105 -45.05 -28.84 -42.29
C LYS H 105 -46.30 -28.59 -41.46
N HIS H 106 -46.14 -28.53 -40.14
CA HIS H 106 -47.31 -28.45 -39.26
C HIS H 106 -47.84 -27.03 -39.13
N ALA H 107 -46.95 -26.02 -39.15
CA ALA H 107 -47.40 -24.64 -39.10
C ALA H 107 -48.34 -24.33 -40.25
N VAL H 108 -47.90 -24.57 -41.48
CA VAL H 108 -48.76 -24.30 -42.63
C VAL H 108 -49.97 -25.23 -42.63
N SER H 109 -49.84 -26.40 -41.99
CA SER H 109 -51.01 -27.23 -41.78
C SER H 109 -51.95 -26.60 -40.76
N GLU H 110 -51.40 -25.87 -39.80
CA GLU H 110 -52.24 -25.17 -38.83
C GLU H 110 -52.84 -23.92 -39.45
N GLY H 111 -52.03 -23.15 -40.17
CA GLY H 111 -52.52 -21.91 -40.74
C GLY H 111 -53.71 -22.10 -41.65
N THR H 112 -53.62 -23.07 -42.56
CA THR H 112 -54.71 -23.29 -43.51
C THR H 112 -56.01 -23.62 -42.80
N LYS H 113 -55.94 -24.28 -41.64
CA LYS H 113 -57.15 -24.57 -40.88
C LYS H 113 -57.82 -23.28 -40.42
N ALA H 114 -57.05 -22.32 -39.94
CA ALA H 114 -57.63 -21.09 -39.42
C ALA H 114 -58.36 -20.32 -40.50
N VAL H 115 -57.72 -20.14 -41.66
CA VAL H 115 -58.35 -19.39 -42.74
C VAL H 115 -59.63 -20.08 -43.20
N THR H 116 -59.57 -21.40 -43.39
CA THR H 116 -60.76 -22.14 -43.81
C THR H 116 -61.85 -22.08 -42.75
N LYS H 117 -61.48 -22.16 -41.47
CA LYS H 117 -62.47 -22.01 -40.40
C LYS H 117 -63.05 -20.60 -40.38
N TYR H 118 -62.18 -19.60 -40.47
CA TYR H 118 -62.65 -18.21 -40.53
C TYR H 118 -63.54 -17.99 -41.74
N THR H 119 -63.08 -18.42 -42.92
CA THR H 119 -63.87 -18.25 -44.12
C THR H 119 -65.15 -19.08 -44.11
N SER H 120 -65.22 -20.10 -43.24
CA SER H 120 -66.44 -20.88 -43.13
C SER H 120 -67.60 -20.04 -42.63
N ALA H 121 -67.36 -19.25 -41.59
CA ALA H 121 -68.39 -18.38 -41.03
C ALA H 121 -68.40 -17.03 -41.74
N ARG K 50 4.17 -10.52 -57.43
CA ARG K 50 4.70 -9.19 -57.73
C ARG K 50 4.19 -8.69 -59.07
N ARG K 51 3.89 -9.62 -59.98
CA ARG K 51 3.41 -9.22 -61.29
C ARG K 51 2.02 -8.60 -61.20
N LYS K 52 1.21 -9.04 -60.23
CA LYS K 52 -0.10 -8.46 -59.97
C LYS K 52 -0.05 -7.87 -58.56
N ILE K 53 -0.11 -6.54 -58.47
CA ILE K 53 0.07 -5.84 -57.21
C ILE K 53 -0.79 -4.58 -57.19
N ILE K 54 -1.38 -4.30 -56.02
CA ILE K 54 -1.94 -2.99 -55.76
C ILE K 54 -0.95 -2.12 -55.00
N THR K 55 -0.10 -2.75 -54.18
CA THR K 55 0.92 -2.12 -53.34
C THR K 55 0.34 -1.21 -52.27
N SER K 56 -0.98 -1.04 -52.21
CA SER K 56 -1.66 -0.35 -51.12
C SER K 56 -1.06 1.04 -50.88
N GLU K 57 -1.25 1.90 -51.87
CA GLU K 57 -0.61 3.22 -51.88
C GLU K 57 -0.99 4.02 -50.63
N GLY K 58 -2.27 4.34 -50.48
CA GLY K 58 -2.71 5.12 -49.33
C GLY K 58 -4.05 4.66 -48.81
N ILE K 59 -4.10 4.32 -47.53
CA ILE K 59 -5.27 3.67 -46.94
C ILE K 59 -6.15 4.64 -46.17
N GLU K 60 -5.56 5.49 -45.34
CA GLU K 60 -6.34 6.39 -44.51
C GLU K 60 -7.10 7.40 -45.38
N ARG K 61 -8.29 7.76 -44.91
CA ARG K 61 -9.21 8.54 -45.72
C ARG K 61 -8.64 9.91 -46.06
N SER K 62 -8.89 10.34 -47.29
CA SER K 62 -8.63 11.70 -47.74
C SER K 62 -9.96 12.27 -48.22
N PHE K 63 -10.63 13.03 -47.37
CA PHE K 63 -12.02 13.40 -47.63
C PHE K 63 -12.08 14.38 -48.78
N LYS K 64 -12.39 13.86 -49.97
CA LYS K 64 -12.82 14.62 -51.13
C LYS K 64 -12.03 15.92 -51.31
N ASN K 65 -10.71 15.78 -51.42
CA ASN K 65 -9.91 16.94 -51.79
C ASN K 65 -10.27 17.45 -53.18
N GLU K 66 -10.72 16.56 -54.05
CA GLU K 66 -11.22 16.96 -55.36
C GLU K 66 -12.53 17.74 -55.24
N HIS K 67 -13.32 17.46 -54.20
CA HIS K 67 -14.61 18.09 -53.94
C HIS K 67 -15.44 18.33 -55.20
N LEU K 85 9.25 38.39 -37.44
CA LEU K 85 10.49 38.35 -36.68
C LEU K 85 11.58 39.11 -37.41
N GLU K 86 12.23 38.44 -38.36
CA GLU K 86 13.25 39.09 -39.15
C GLU K 86 12.80 40.51 -39.41
N LYS K 87 13.63 41.48 -39.07
CA LYS K 87 13.26 42.85 -39.34
C LYS K 87 14.40 43.60 -39.97
N ASP K 88 14.14 44.44 -40.97
CA ASP K 88 15.23 45.25 -41.47
C ASP K 88 15.40 46.12 -40.25
N SER K 89 16.53 46.00 -39.55
CA SER K 89 16.65 46.74 -38.30
C SER K 89 16.25 48.21 -38.47
N LYS K 90 16.49 48.77 -39.65
CA LYS K 90 16.03 50.13 -39.92
C LYS K 90 14.52 50.17 -40.09
N GLY K 91 13.94 49.15 -40.72
CA GLY K 91 12.51 49.12 -40.92
C GLY K 91 11.77 48.61 -39.70
N ASN K 92 10.45 48.46 -39.85
CA ASN K 92 9.63 47.94 -38.77
C ASN K 92 9.88 46.45 -38.58
N ILE K 93 9.52 45.94 -37.40
CA ILE K 93 9.68 44.51 -37.15
C ILE K 93 8.50 43.75 -37.72
N ILE K 94 8.79 42.64 -38.38
CA ILE K 94 7.74 41.68 -38.70
C ILE K 94 7.26 41.03 -37.42
N LYS K 95 5.94 40.97 -37.24
CA LYS K 95 5.39 40.41 -36.01
C LYS K 95 5.94 39.02 -35.77
N LEU K 96 6.33 38.75 -34.52
CA LEU K 96 7.07 37.54 -34.21
C LEU K 96 6.35 36.30 -34.72
N ASN K 97 5.17 36.04 -34.20
CA ASN K 97 4.42 34.82 -34.49
C ASN K 97 3.05 34.99 -33.88
N GLU K 98 2.03 34.55 -34.61
CA GLU K 98 0.69 34.58 -34.05
C GLU K 98 0.67 33.68 -32.81
N PRO K 99 0.31 34.21 -31.64
CA PRO K 99 0.41 33.41 -30.42
C PRO K 99 -0.54 32.23 -30.46
N SER K 100 0.02 31.03 -30.52
CA SER K 100 -0.74 29.80 -30.39
C SER K 100 -1.05 29.61 -28.92
N THR K 101 -2.09 30.29 -28.44
CA THR K 101 -2.43 30.32 -27.02
C THR K 101 -3.42 29.22 -26.74
N ILE K 102 -2.95 27.98 -26.77
CA ILE K 102 -3.73 26.86 -26.26
C ILE K 102 -2.99 26.33 -25.05
N SER K 103 -3.23 26.98 -23.93
CA SER K 103 -2.44 26.64 -22.75
C SER K 103 -2.93 25.50 -21.91
N GLU K 104 -4.19 25.12 -21.99
CA GLU K 104 -4.56 24.02 -21.14
C GLU K 104 -4.16 24.43 -19.75
N ASP K 105 -4.48 25.65 -19.34
CA ASP K 105 -4.14 26.19 -18.03
C ASP K 105 -5.00 25.47 -17.04
N SER K 106 -4.79 25.66 -15.74
CA SER K 106 -5.54 24.83 -14.81
C SER K 106 -6.99 25.12 -15.13
N LYS K 107 -7.37 26.36 -15.35
CA LYS K 107 -8.70 26.64 -15.86
C LYS K 107 -8.51 26.15 -17.30
N VAL K 108 -9.54 25.80 -18.06
CA VAL K 108 -9.32 25.13 -19.36
C VAL K 108 -8.51 25.83 -20.44
N SER K 109 -8.64 27.11 -20.68
CA SER K 109 -7.75 27.81 -21.61
C SER K 109 -7.74 29.20 -21.04
N VAL K 110 -6.58 29.83 -20.92
CA VAL K 110 -6.56 31.10 -20.19
C VAL K 110 -7.52 32.08 -20.83
N THR K 111 -7.60 32.10 -22.14
CA THR K 111 -8.45 33.08 -22.80
C THR K 111 -9.88 32.60 -22.90
N GLY K 112 -10.11 31.31 -22.67
CA GLY K 112 -11.45 30.77 -22.85
C GLY K 112 -12.32 31.01 -21.63
N LEU K 113 -13.61 31.22 -21.90
CA LEU K 113 -14.60 31.36 -20.84
C LEU K 113 -14.76 30.02 -20.11
N PRO K 114 -15.47 30.00 -18.98
CA PRO K 114 -15.80 28.71 -18.37
C PRO K 114 -16.71 27.90 -19.29
N LEU K 115 -16.54 26.59 -19.27
CA LEU K 115 -17.22 25.70 -20.20
C LEU K 115 -18.41 25.06 -19.51
N ASN K 116 -19.60 25.47 -19.96
CA ASN K 116 -20.94 24.94 -19.68
C ASN K 116 -21.42 25.24 -18.27
N LYS K 117 -20.50 25.65 -17.40
CA LYS K 117 -20.80 26.09 -16.02
C LYS K 117 -21.93 25.29 -15.38
N GLY K 118 -21.94 23.97 -15.58
CA GLY K 118 -23.02 23.14 -15.09
C GLY K 118 -23.13 23.09 -13.58
N PRO K 119 -22.20 22.45 -12.88
CA PRO K 119 -22.03 22.74 -11.45
C PRO K 119 -21.51 24.16 -11.28
N SER K 120 -21.35 24.55 -10.03
CA SER K 120 -20.76 25.81 -9.60
C SER K 120 -21.68 27.00 -9.86
N GLU K 121 -22.84 26.80 -10.47
CA GLU K 121 -23.76 27.90 -10.74
C GLU K 121 -25.13 27.52 -10.18
N LYS K 122 -25.67 28.39 -9.32
CA LYS K 122 -26.89 28.05 -8.59
C LYS K 122 -28.09 27.92 -9.51
N ILE K 123 -28.22 28.83 -10.48
CA ILE K 123 -29.40 28.79 -11.34
C ILE K 123 -29.20 27.81 -12.48
N LYS K 124 -28.21 28.05 -13.34
CA LYS K 124 -27.93 27.17 -14.47
C LYS K 124 -26.54 27.44 -15.03
N GLU K 258 16.48 -1.84 -23.42
CA GLU K 258 17.00 -3.17 -23.14
C GLU K 258 17.67 -3.21 -21.78
N ASN K 259 18.38 -2.14 -21.45
CA ASN K 259 19.11 -2.08 -20.18
C ASN K 259 18.15 -2.02 -19.01
N GLU K 260 18.51 -2.72 -17.94
CA GLU K 260 17.62 -2.84 -16.79
C GLU K 260 17.44 -1.51 -16.07
N ASP K 261 16.35 -1.41 -15.33
CA ASP K 261 16.04 -0.22 -14.55
C ASP K 261 16.44 -0.33 -13.10
N PHE K 262 17.25 -1.32 -12.74
CA PHE K 262 17.79 -1.45 -11.39
C PHE K 262 19.30 -1.61 -11.46
N CYS K 263 20.03 -0.82 -10.67
CA CYS K 263 21.48 -0.91 -10.65
C CYS K 263 21.93 -2.31 -10.28
N SER K 264 22.87 -2.86 -11.05
CA SER K 264 23.31 -4.23 -10.82
C SER K 264 23.99 -4.35 -9.46
N ALA K 265 24.53 -3.25 -8.94
CA ALA K 265 25.20 -3.31 -7.64
C ALA K 265 24.22 -3.10 -6.50
N CYS K 266 23.53 -1.95 -6.49
CA CYS K 266 22.62 -1.64 -5.39
C CYS K 266 21.38 -2.53 -5.42
N ASN K 267 20.86 -2.82 -6.61
CA ASN K 267 19.52 -3.35 -6.86
C ASN K 267 18.44 -2.32 -6.57
N GLN K 268 18.73 -1.03 -6.73
CA GLN K 268 17.77 0.03 -6.51
C GLN K 268 17.78 0.99 -7.69
N SER K 269 16.95 2.03 -7.61
CA SER K 269 16.79 2.97 -8.70
C SER K 269 17.71 4.17 -8.56
N GLY K 270 17.83 4.94 -9.64
CA GLY K 270 18.64 6.15 -9.65
C GLY K 270 19.08 6.47 -11.05
N SER K 271 19.94 7.49 -11.15
CA SER K 271 20.59 7.76 -12.43
C SER K 271 21.62 6.69 -12.71
N PHE K 272 21.56 6.13 -13.92
CA PHE K 272 22.35 4.97 -14.25
C PHE K 272 23.36 5.31 -15.33
N LEU K 273 24.44 4.56 -15.37
CA LEU K 273 25.37 4.53 -16.49
C LEU K 273 25.38 3.12 -17.03
N CYS K 274 24.97 2.96 -18.29
CA CYS K 274 24.58 1.66 -18.82
C CYS K 274 25.73 1.04 -19.59
N CYS K 275 26.00 -0.24 -19.31
CA CYS K 275 26.94 -0.99 -20.11
C CYS K 275 26.43 -1.12 -21.53
N ASP K 276 27.36 -1.10 -22.49
CA ASP K 276 26.96 -1.14 -23.89
C ASP K 276 26.76 -2.58 -24.37
N THR K 277 27.66 -3.48 -23.99
CA THR K 277 27.60 -4.85 -24.51
C THR K 277 26.43 -5.62 -23.92
N CYS K 278 26.28 -5.61 -22.61
CA CYS K 278 25.30 -6.44 -21.92
C CYS K 278 24.27 -5.56 -21.22
N PRO K 279 23.08 -6.08 -20.97
CA PRO K 279 22.04 -5.27 -20.30
C PRO K 279 22.22 -5.19 -18.79
N LYS K 280 23.26 -4.47 -18.37
CA LYS K 280 23.54 -4.23 -16.97
C LYS K 280 23.82 -2.75 -16.76
N SER K 281 23.07 -2.13 -15.86
CA SER K 281 23.18 -0.70 -15.59
C SER K 281 23.80 -0.51 -14.21
N PHE K 282 24.55 0.58 -14.04
CA PHE K 282 25.25 0.88 -12.81
C PHE K 282 24.93 2.31 -12.38
N HIS K 283 24.92 2.54 -11.08
CA HIS K 283 24.92 3.91 -10.56
C HIS K 283 26.20 4.61 -10.97
N PHE K 284 26.23 5.93 -10.79
CA PHE K 284 27.46 6.66 -11.03
C PHE K 284 28.46 6.46 -9.91
N LEU K 285 27.97 6.15 -8.70
CA LEU K 285 28.87 5.97 -7.57
C LEU K 285 29.37 4.54 -7.48
N CYS K 286 28.54 3.57 -7.85
CA CYS K 286 28.83 2.17 -7.56
C CYS K 286 30.04 1.66 -8.36
N LEU K 287 30.10 1.95 -9.65
CA LEU K 287 31.15 1.39 -10.48
C LEU K 287 32.51 1.82 -9.98
N ASP K 288 33.48 0.91 -10.05
CA ASP K 288 34.80 1.11 -9.49
C ASP K 288 35.80 1.38 -10.60
N PRO K 289 36.46 2.56 -10.62
CA PRO K 289 36.29 3.66 -9.67
C PRO K 289 35.07 4.51 -10.01
N PRO K 290 34.56 5.28 -9.04
CA PRO K 290 33.37 6.11 -9.30
C PRO K 290 33.63 7.09 -10.43
N ILE K 291 32.57 7.39 -11.17
CA ILE K 291 32.65 8.25 -12.36
C ILE K 291 31.80 9.48 -12.13
N ASP K 292 32.37 10.65 -12.39
CA ASP K 292 31.64 11.90 -12.19
C ASP K 292 30.48 12.01 -13.17
N PRO K 293 29.30 12.41 -12.69
CA PRO K 293 28.21 12.70 -13.64
C PRO K 293 28.53 13.85 -14.58
N ASN K 294 29.40 14.77 -14.15
CA ASN K 294 29.77 15.89 -15.02
C ASN K 294 30.75 15.45 -16.10
N ASN K 295 31.75 14.64 -15.73
CA ASN K 295 32.80 14.22 -16.64
C ASN K 295 32.76 12.70 -16.77
N LEU K 296 32.58 12.21 -17.99
CA LEU K 296 32.47 10.78 -18.26
C LEU K 296 33.54 10.37 -19.26
N PRO K 297 33.93 9.10 -19.26
CA PRO K 297 34.80 8.62 -20.33
C PRO K 297 34.14 8.77 -21.69
N LYS K 298 34.93 9.17 -22.69
CA LYS K 298 34.38 9.46 -24.00
C LYS K 298 34.12 8.18 -24.77
N GLY K 299 33.07 8.19 -25.58
CA GLY K 299 32.73 7.05 -26.39
C GLY K 299 32.02 5.96 -25.61
N ASP K 300 32.17 4.74 -26.12
CA ASP K 300 31.50 3.59 -25.52
C ASP K 300 32.11 3.25 -24.17
N TRP K 301 31.30 2.63 -23.31
CA TRP K 301 31.73 2.18 -22.00
C TRP K 301 31.33 0.73 -21.80
N HIS K 302 32.10 0.00 -21.02
CA HIS K 302 31.83 -1.40 -20.71
C HIS K 302 31.95 -1.63 -19.22
N CYS K 303 31.14 -2.56 -18.71
CA CYS K 303 31.31 -2.99 -17.33
C CYS K 303 32.59 -3.79 -17.20
N ASN K 304 33.15 -3.79 -15.99
CA ASN K 304 34.43 -4.46 -15.77
C ASN K 304 34.35 -5.94 -16.13
N GLU K 305 33.14 -6.53 -16.07
CA GLU K 305 32.97 -7.90 -16.53
C GLU K 305 33.13 -7.99 -18.05
N CYS K 306 32.44 -7.13 -18.79
CA CYS K 306 32.55 -7.15 -20.24
C CYS K 306 33.96 -6.80 -20.69
N LYS K 307 34.60 -5.84 -20.02
CA LYS K 307 35.99 -5.53 -20.33
C LYS K 307 36.88 -6.75 -20.14
N PHE K 308 36.56 -7.55 -19.12
CA PHE K 308 37.34 -8.76 -18.91
C PHE K 308 37.17 -9.69 -20.08
N LYS K 309 35.94 -9.96 -20.47
CA LYS K 309 35.72 -10.92 -21.54
C LYS K 309 36.38 -10.42 -22.80
N ILE K 310 36.24 -9.14 -23.08
CA ILE K 310 36.90 -8.57 -24.23
C ILE K 310 38.39 -8.71 -24.03
N PHE K 311 38.84 -8.45 -22.81
CA PHE K 311 40.26 -8.50 -22.54
C PHE K 311 40.76 -9.88 -22.85
N ILE K 312 40.14 -10.87 -22.24
CA ILE K 312 40.55 -12.22 -22.46
C ILE K 312 40.40 -12.55 -23.93
N ASN K 313 39.21 -12.33 -24.47
CA ASN K 313 38.96 -12.71 -25.86
C ASN K 313 39.80 -11.91 -26.80
N ASN K 314 40.23 -12.53 -27.90
CA ASN K 314 41.01 -11.82 -28.91
C ASN K 314 42.47 -11.64 -28.51
N SER K 315 42.92 -12.32 -27.46
CA SER K 315 44.31 -12.23 -27.05
C SER K 315 44.71 -13.33 -26.10
N MET K 316 45.68 -14.19 -26.44
CA MET K 316 46.05 -15.18 -25.44
C MET K 316 44.74 -15.71 -24.94
N ALA K 317 43.87 -16.15 -25.84
CA ALA K 317 42.51 -16.44 -25.42
C ALA K 317 42.27 -17.48 -24.34
N THR K 318 42.99 -18.58 -24.28
CA THR K 318 42.64 -19.50 -23.21
C THR K 318 42.92 -18.72 -21.94
N LEU K 319 41.95 -18.73 -21.02
CA LEU K 319 42.13 -18.05 -19.73
C LEU K 319 43.23 -18.71 -18.96
N LYS K 320 43.25 -20.02 -19.02
CA LYS K 320 44.22 -20.77 -18.26
C LYS K 320 45.57 -20.14 -18.44
N LYS K 321 46.02 -20.06 -19.68
CA LYS K 321 47.38 -19.56 -19.88
C LYS K 321 47.54 -18.16 -19.32
N ILE K 322 46.52 -17.32 -19.48
CA ILE K 322 46.54 -15.99 -18.87
C ILE K 322 46.62 -16.12 -17.36
N GLU K 323 45.79 -16.99 -16.78
CA GLU K 323 45.83 -17.18 -15.33
C GLU K 323 47.09 -17.92 -14.90
N SER K 324 47.54 -18.88 -15.70
CA SER K 324 48.76 -19.62 -15.35
C SER K 324 49.96 -18.69 -15.27
N ASN K 325 49.95 -17.62 -16.06
CA ASN K 325 51.01 -16.61 -15.95
C ASN K 325 50.88 -15.82 -14.66
N PHE K 326 49.64 -15.52 -14.24
CA PHE K 326 49.45 -14.72 -13.05
C PHE K 326 49.95 -15.44 -11.80
N ILE K 327 49.59 -16.71 -11.65
CA ILE K 327 50.03 -17.47 -10.48
C ILE K 327 51.55 -17.60 -10.47
N LYS K 328 52.15 -17.88 -11.62
CA LYS K 328 53.60 -17.96 -11.71
C LYS K 328 54.24 -16.59 -11.49
N GLN K 329 53.51 -15.52 -11.85
CA GLN K 329 54.06 -14.18 -11.70
C GLN K 329 54.34 -13.83 -10.25
N ASN K 330 53.41 -14.16 -9.36
CA ASN K 330 53.49 -13.77 -7.95
C ASN K 330 53.41 -15.00 -7.06
N ASN K 331 54.57 -15.61 -6.80
CA ASN K 331 54.60 -16.89 -6.08
C ASN K 331 54.51 -16.68 -4.57
N ASN K 332 54.78 -15.48 -4.09
CA ASN K 332 54.72 -15.22 -2.66
C ASN K 332 53.28 -15.27 -2.16
N VAL K 333 52.39 -14.62 -2.90
CA VAL K 333 50.98 -14.49 -2.56
C VAL K 333 50.23 -15.75 -2.99
N LYS K 334 50.99 -16.76 -3.44
CA LYS K 334 50.42 -17.93 -4.13
C LYS K 334 49.14 -18.44 -3.49
N ILE K 335 49.06 -18.43 -2.15
CA ILE K 335 47.89 -18.95 -1.47
C ILE K 335 46.64 -18.17 -1.87
N PHE K 336 46.81 -16.87 -2.16
CA PHE K 336 45.71 -16.03 -2.60
C PHE K 336 45.68 -15.81 -4.11
N ALA K 337 46.48 -16.55 -4.87
CA ALA K 337 46.69 -16.23 -6.28
C ALA K 337 45.38 -16.25 -7.06
N LYS K 338 44.61 -17.33 -6.94
CA LYS K 338 43.37 -17.44 -7.70
C LYS K 338 42.38 -16.36 -7.31
N LEU K 339 42.27 -16.05 -6.02
CA LEU K 339 41.31 -15.06 -5.57
C LEU K 339 41.65 -13.68 -6.12
N LEU K 340 42.93 -13.33 -6.15
CA LEU K 340 43.33 -12.06 -6.76
C LEU K 340 42.98 -12.01 -8.24
N PHE K 341 43.27 -13.08 -8.98
CA PHE K 341 42.99 -13.09 -10.40
C PHE K 341 41.50 -12.98 -10.67
N ASN K 342 40.68 -13.66 -9.86
CA ASN K 342 39.24 -13.68 -10.11
C ASN K 342 38.61 -12.33 -9.89
N ILE K 343 39.16 -11.53 -8.97
CA ILE K 343 38.50 -10.28 -8.58
C ILE K 343 38.55 -9.28 -9.72
N ASP K 344 39.36 -9.54 -10.75
CA ASP K 344 39.45 -8.61 -11.88
C ASP K 344 38.30 -8.82 -12.85
N SER K 345 37.46 -9.82 -12.62
CA SER K 345 36.45 -10.17 -13.62
C SER K 345 35.05 -9.76 -13.18
N HIS K 346 34.82 -9.66 -11.87
CA HIS K 346 33.48 -9.37 -11.38
C HIS K 346 33.18 -7.87 -11.41
N ASN K 347 31.90 -7.55 -11.55
CA ASN K 347 31.45 -6.17 -11.52
C ASN K 347 31.44 -5.66 -10.08
N PRO K 348 31.44 -4.35 -9.90
CA PRO K 348 31.32 -3.79 -8.55
C PRO K 348 30.00 -4.19 -7.91
N LYS K 349 30.02 -4.31 -6.58
CA LYS K 349 28.90 -4.84 -5.82
C LYS K 349 28.72 -4.02 -4.56
N GLN K 350 27.52 -4.10 -3.98
CA GLN K 350 27.26 -3.51 -2.67
C GLN K 350 27.39 -4.60 -1.62
N PHE K 351 28.08 -4.30 -0.54
CA PHE K 351 28.36 -5.31 0.47
C PHE K 351 27.08 -5.71 1.19
N GLN K 352 26.81 -7.02 1.22
CA GLN K 352 25.72 -7.59 1.99
C GLN K 352 26.27 -8.70 2.86
N LEU K 353 25.91 -8.69 4.14
CA LEU K 353 26.40 -9.70 5.06
C LEU K 353 25.94 -11.08 4.60
N PRO K 354 26.82 -12.07 4.60
CA PRO K 354 26.40 -13.42 4.20
C PRO K 354 25.35 -13.96 5.15
N ASN K 355 24.51 -14.84 4.61
CA ASN K 355 23.32 -15.27 5.34
C ASN K 355 23.66 -16.00 6.63
N TYR K 356 24.83 -16.63 6.72
CA TYR K 356 25.14 -17.38 7.93
C TYR K 356 25.45 -16.45 9.10
N ILE K 357 25.67 -15.17 8.83
CA ILE K 357 25.82 -14.20 9.91
C ILE K 357 24.46 -13.67 10.34
N LYS K 358 23.65 -13.21 9.38
CA LYS K 358 22.34 -12.65 9.72
C LYS K 358 21.43 -13.72 10.34
N GLU K 359 21.65 -14.99 10.01
CA GLU K 359 20.79 -16.05 10.54
C GLU K 359 21.15 -16.36 11.99
N THR K 360 22.32 -15.92 12.44
CA THR K 360 22.69 -16.14 13.83
C THR K 360 21.77 -15.40 14.79
N PHE K 361 21.42 -14.15 14.45
CA PHE K 361 20.56 -13.35 15.30
C PHE K 361 19.13 -13.40 14.77
N PRO K 362 18.19 -14.01 15.49
CA PRO K 362 16.82 -14.10 14.97
C PRO K 362 16.16 -12.75 14.75
N ALA K 363 16.46 -11.77 15.60
CA ALA K 363 15.76 -10.49 15.53
C ALA K 363 16.03 -9.77 14.21
N VAL K 364 17.28 -9.78 13.75
CA VAL K 364 17.63 -8.98 12.58
C VAL K 364 17.03 -9.59 11.32
N LYS K 365 16.65 -8.73 10.38
CA LYS K 365 16.13 -9.15 9.09
C LYS K 365 16.36 -8.05 8.08
N THR K 366 16.63 -8.44 6.83
CA THR K 366 16.92 -7.48 5.78
C THR K 366 15.64 -6.78 5.33
N GLY K 367 15.70 -5.45 5.26
CA GLY K 367 14.56 -4.68 4.81
C GLY K 367 14.40 -4.70 3.30
N SER K 368 13.47 -3.87 2.82
CA SER K 368 13.19 -3.82 1.39
C SER K 368 14.37 -3.25 0.61
N ARG K 369 15.11 -2.33 1.21
CA ARG K 369 16.21 -1.64 0.55
C ARG K 369 17.58 -2.21 0.92
N GLY K 370 17.63 -3.36 1.60
CA GLY K 370 18.87 -3.82 2.18
C GLY K 370 19.18 -3.22 3.53
N GLN K 371 18.21 -2.58 4.17
CA GLN K 371 18.44 -1.92 5.44
C GLN K 371 18.60 -2.94 6.57
N TYR K 372 19.22 -2.50 7.66
CA TYR K 372 19.13 -3.27 8.90
C TYR K 372 17.81 -2.98 9.57
N SER K 373 16.95 -3.98 9.65
CA SER K 373 15.66 -3.85 10.30
C SER K 373 15.58 -4.82 11.46
N ASP K 374 15.18 -4.29 12.61
CA ASP K 374 15.27 -4.99 13.88
C ASP K 374 13.87 -5.34 14.35
N GLU K 375 13.79 -5.91 15.55
CA GLU K 375 12.49 -6.14 16.18
C GLU K 375 11.85 -4.83 16.59
N ASN K 376 12.65 -3.76 16.69
CA ASN K 376 12.12 -2.47 17.13
C ASN K 376 11.32 -1.78 16.03
N ASP K 377 11.75 -1.93 14.78
CA ASP K 377 11.07 -1.25 13.69
C ASP K 377 9.66 -1.79 13.50
N LYS K 378 8.68 -0.90 13.61
CA LYS K 378 7.30 -1.26 13.43
C LYS K 378 7.04 -1.71 11.99
N ILE K 379 6.23 -2.75 11.84
CA ILE K 379 5.93 -3.25 10.50
C ILE K 379 5.21 -2.16 9.72
N PRO K 380 5.56 -1.91 8.45
CA PRO K 380 5.03 -0.74 7.75
C PRO K 380 3.51 -0.81 7.59
N LEU K 381 2.89 0.36 7.66
CA LEU K 381 1.46 0.48 7.38
C LEU K 381 1.20 0.26 5.90
N THR K 382 0.13 -0.46 5.60
CA THR K 382 -0.31 -0.61 4.21
C THR K 382 -0.62 0.76 3.62
N ASP K 383 -0.13 1.00 2.41
CA ASP K 383 -0.30 2.32 1.79
C ASP K 383 -1.78 2.69 1.67
N ARG K 384 -2.64 1.69 1.63
CA ARG K 384 -4.06 1.97 1.59
C ARG K 384 -4.53 2.56 2.91
N GLN K 385 -4.03 2.03 4.01
CA GLN K 385 -4.50 2.47 5.33
C GLN K 385 -4.16 3.93 5.57
N LEU K 386 -3.05 4.41 5.02
CA LEU K 386 -2.67 5.80 5.23
C LEU K 386 -3.55 6.76 4.45
N PHE K 387 -3.80 6.46 3.17
CA PHE K 387 -4.42 7.43 2.26
C PHE K 387 -5.85 7.08 1.89
N ASN K 388 -6.34 5.89 2.22
CA ASN K 388 -7.70 5.48 1.86
C ASN K 388 -8.50 5.22 3.14
N THR K 389 -9.05 6.30 3.69
CA THR K 389 -9.95 6.24 4.83
C THR K 389 -11.09 7.22 4.61
N SER K 390 -12.25 6.91 5.16
CA SER K 390 -13.33 7.88 5.17
C SER K 390 -12.92 9.07 6.04
N TYR K 391 -13.58 10.20 5.80
CA TYR K 391 -13.18 11.44 6.47
C TYR K 391 -13.33 11.33 7.98
N GLY K 392 -14.44 10.75 8.45
CA GLY K 392 -14.73 10.77 9.87
C GLY K 392 -13.70 10.05 10.70
N GLN K 393 -13.24 8.90 10.21
CA GLN K 393 -12.25 8.12 10.93
C GLN K 393 -10.93 8.13 10.22
N SER K 394 -9.88 8.63 10.85
CA SER K 394 -8.59 8.54 10.24
C SER K 394 -7.81 7.54 11.03
N ILE K 395 -7.35 6.50 10.35
CA ILE K 395 -6.60 5.45 11.03
C ILE K 395 -5.30 5.96 11.59
N THR K 396 -4.64 6.79 10.81
CA THR K 396 -3.35 7.22 11.26
C THR K 396 -3.40 8.02 12.56
N LYS K 397 -4.37 8.91 12.70
CA LYS K 397 -4.46 9.61 13.96
C LYS K 397 -5.83 9.40 14.53
N LEU K 398 -5.91 9.00 15.78
CA LEU K 398 -7.20 8.75 16.37
C LEU K 398 -7.64 10.03 17.03
N ASP K 399 -7.56 11.13 16.31
CA ASP K 399 -7.92 12.43 16.85
C ASP K 399 -9.33 12.87 16.41
N SER K 400 -10.30 11.95 16.44
CA SER K 400 -11.69 12.24 16.09
C SER K 400 -12.67 11.56 17.04
N TYR K 401 -12.30 11.35 18.30
CA TYR K 401 -13.13 10.67 19.30
C TYR K 401 -13.52 9.25 18.87
N ASN K 402 -12.54 8.37 18.79
CA ASN K 402 -12.86 6.95 18.69
C ASN K 402 -12.97 6.37 20.10
N PRO K 403 -14.16 5.91 20.50
CA PRO K 403 -14.29 5.36 21.86
C PRO K 403 -13.91 3.89 21.95
N ASP K 404 -13.77 3.22 20.81
CA ASP K 404 -13.42 1.81 20.82
C ASP K 404 -11.93 1.62 21.08
N THR K 405 -11.19 2.71 21.20
CA THR K 405 -9.82 2.61 21.70
C THR K 405 -9.82 2.17 23.16
N HIS K 406 -10.78 2.65 23.95
CA HIS K 406 -10.87 2.34 25.37
C HIS K 406 -11.58 1.02 25.61
N ILE K 407 -11.12 -0.01 24.90
CA ILE K 407 -11.68 -1.35 25.04
C ILE K 407 -10.60 -2.33 24.60
N ASP K 408 -10.55 -3.49 25.25
CA ASP K 408 -9.63 -4.55 24.87
C ASP K 408 -10.36 -5.47 23.90
N SER K 409 -9.84 -5.58 22.67
CA SER K 409 -10.59 -6.20 21.59
C SER K 409 -10.93 -7.66 21.90
N ASN K 410 -9.94 -8.44 22.31
CA ASN K 410 -10.15 -9.87 22.49
C ASN K 410 -10.95 -10.17 23.75
N SER K 411 -10.64 -9.49 24.86
CA SER K 411 -11.24 -9.86 26.13
C SER K 411 -12.53 -9.08 26.39
N GLY K 412 -12.62 -7.84 25.91
CA GLY K 412 -13.79 -7.03 26.11
C GLY K 412 -13.77 -6.14 27.33
N LYS K 413 -12.77 -6.26 28.19
CA LYS K 413 -12.64 -5.35 29.31
C LYS K 413 -12.00 -4.04 28.85
N PHE K 414 -12.06 -3.03 29.73
CA PHE K 414 -11.49 -1.74 29.42
C PHE K 414 -9.97 -1.77 29.57
N LEU K 415 -9.28 -1.00 28.72
CA LEU K 415 -7.87 -0.76 28.94
C LEU K 415 -7.69 0.29 30.02
N ILE K 416 -6.86 -0.01 31.02
CA ILE K 416 -6.63 0.88 32.15
C ILE K 416 -5.20 1.40 32.08
N CYS K 417 -5.06 2.72 32.10
CA CYS K 417 -3.74 3.34 32.15
C CYS K 417 -2.98 2.86 33.38
N TYR K 418 -1.65 2.90 33.29
CA TYR K 418 -0.84 2.44 34.41
C TYR K 418 -0.58 3.57 35.40
N LYS K 419 -0.41 4.80 34.91
CA LYS K 419 -0.04 5.90 35.79
C LYS K 419 -1.19 6.29 36.71
N CYS K 420 -2.40 6.43 36.16
CA CYS K 420 -3.53 6.90 36.95
C CYS K 420 -4.53 5.80 37.27
N ASN K 421 -4.32 4.59 36.76
CA ASN K 421 -5.21 3.45 37.02
C ASN K 421 -6.67 3.78 36.72
N GLN K 422 -6.89 4.51 35.64
CA GLN K 422 -8.24 4.81 35.17
C GLN K 422 -8.31 4.62 33.67
N THR K 423 -9.52 4.41 33.18
CA THR K 423 -9.84 4.65 31.77
C THR K 423 -10.81 5.83 31.74
N ARG K 424 -10.57 6.75 30.82
CA ARG K 424 -11.30 8.00 30.80
C ARG K 424 -12.29 8.10 29.65
N LEU K 425 -12.81 6.95 29.20
CA LEU K 425 -13.86 6.95 28.20
C LEU K 425 -14.99 7.90 28.60
N GLY K 426 -15.19 8.95 27.81
CA GLY K 426 -16.17 9.96 28.13
C GLY K 426 -17.46 9.72 27.36
N SER K 427 -18.52 10.39 27.82
CA SER K 427 -19.82 10.26 27.19
C SER K 427 -19.77 10.75 25.75
N TRP K 428 -20.68 10.22 24.93
CA TRP K 428 -20.89 10.79 23.61
C TRP K 428 -21.45 12.20 23.72
N SER K 429 -22.13 12.50 24.83
CA SER K 429 -22.61 13.85 25.06
C SER K 429 -21.46 14.82 25.27
N HIS K 430 -20.45 14.42 26.05
CA HIS K 430 -19.28 15.25 26.30
C HIS K 430 -18.02 14.48 25.96
N PRO K 431 -17.46 14.65 24.77
CA PRO K 431 -16.22 13.93 24.41
C PRO K 431 -14.95 14.54 24.97
N GLU K 432 -15.00 15.77 25.50
CA GLU K 432 -13.78 16.38 26.04
C GLU K 432 -13.39 15.75 27.36
N ASN K 433 -14.28 14.96 27.96
CA ASN K 433 -13.92 14.22 29.16
C ASN K 433 -13.07 13.01 28.80
N SER K 434 -13.08 12.61 27.52
CA SER K 434 -12.28 11.47 27.10
C SER K 434 -10.81 11.88 26.96
N ARG K 435 -9.92 11.00 27.42
CA ARG K 435 -8.48 11.21 27.28
C ARG K 435 -7.92 10.08 26.43
N LEU K 436 -7.00 10.41 25.53
CA LEU K 436 -6.52 9.43 24.57
C LEU K 436 -5.67 8.38 25.28
N ILE K 437 -5.82 7.12 24.84
CA ILE K 437 -5.04 6.02 25.40
C ILE K 437 -4.39 5.25 24.26
N MET K 438 -3.11 4.93 24.42
CA MET K 438 -2.43 4.01 23.52
C MET K 438 -1.78 2.91 24.33
N THR K 439 -1.39 1.84 23.66
CA THR K 439 -0.85 0.66 24.29
C THR K 439 0.60 0.47 23.83
N CYS K 440 1.44 -0.03 24.72
CA CYS K 440 2.82 -0.29 24.35
C CYS K 440 2.89 -1.29 23.20
N ASP K 441 4.02 -1.28 22.50
CA ASP K 441 4.20 -2.22 21.40
C ASP K 441 4.90 -3.49 21.89
N TYR K 442 5.62 -3.39 23.01
CA TYR K 442 6.17 -4.59 23.64
C TYR K 442 5.33 -5.00 24.85
N CYS K 443 5.13 -4.07 25.78
CA CYS K 443 4.46 -4.41 27.04
C CYS K 443 2.99 -4.77 26.82
N GLN K 444 2.29 -4.01 25.98
CA GLN K 444 0.83 -4.03 25.90
C GLN K 444 0.19 -3.57 27.21
N THR K 445 0.81 -2.58 27.85
CA THR K 445 0.21 -1.91 28.99
C THR K 445 -0.31 -0.54 28.56
N PRO K 446 -1.62 -0.32 28.58
CA PRO K 446 -2.17 0.95 28.08
C PRO K 446 -1.67 2.14 28.88
N TRP K 447 -1.39 3.23 28.17
CA TRP K 447 -0.99 4.49 28.77
C TRP K 447 -1.79 5.62 28.14
N HIS K 448 -2.17 6.60 28.96
CA HIS K 448 -2.71 7.83 28.40
C HIS K 448 -1.63 8.58 27.65
N LEU K 449 -2.03 9.32 26.61
CA LEU K 449 -1.11 10.26 25.99
C LEU K 449 -0.86 11.44 26.91
N ASP K 450 -1.46 11.44 28.08
CA ASP K 450 -1.16 12.52 28.98
C ASP K 450 -0.12 12.07 30.01
N CYS K 451 -0.29 10.86 30.54
CA CYS K 451 0.59 10.36 31.59
C CYS K 451 2.02 10.22 31.17
N VAL K 452 2.26 9.71 29.98
CA VAL K 452 3.61 9.71 29.49
C VAL K 452 3.34 10.92 28.73
N PRO K 453 4.09 11.98 29.02
CA PRO K 453 3.69 13.12 28.20
C PRO K 453 4.01 12.60 26.84
N ARG K 454 3.13 12.80 25.89
CA ARG K 454 3.34 12.27 24.58
C ARG K 454 2.45 13.07 23.72
N ALA K 455 3.01 13.54 22.63
CA ALA K 455 2.25 14.42 21.75
C ALA K 455 1.26 13.65 20.90
N SER K 456 1.65 12.48 20.37
CA SER K 456 0.81 11.75 19.44
C SER K 456 1.04 10.25 19.57
N PHE K 457 0.48 9.51 18.61
CA PHE K 457 0.39 8.07 18.76
C PHE K 457 1.66 7.35 18.29
N LYS K 458 2.44 7.98 17.41
CA LYS K 458 3.65 7.37 16.86
C LYS K 458 3.37 6.01 16.25
N ASN K 459 2.61 5.99 15.15
CA ASN K 459 2.30 4.73 14.50
C ASN K 459 3.07 4.56 13.20
N LEU K 460 4.01 5.46 12.91
CA LEU K 460 4.76 5.33 11.66
C LEU K 460 6.20 4.87 11.90
N GLY K 461 6.94 5.61 12.72
CA GLY K 461 8.39 5.45 12.71
C GLY K 461 8.85 4.10 13.23
N SER K 462 8.69 3.87 14.53
CA SER K 462 9.18 2.65 15.15
C SER K 462 8.25 2.30 16.31
N LYS K 463 8.36 1.06 16.77
CA LYS K 463 7.57 0.62 17.91
C LYS K 463 7.82 1.53 19.10
N TRP K 464 6.75 1.90 19.78
CA TRP K 464 6.84 2.81 20.91
C TRP K 464 7.20 2.03 22.16
N LYS K 465 8.38 2.21 22.71
CA LYS K 465 8.72 1.52 23.93
C LYS K 465 8.15 2.23 25.09
N CYS K 466 7.29 1.56 25.82
CA CYS K 466 6.60 2.18 26.92
C CYS K 466 7.56 2.47 28.00
N PRO K 467 7.25 3.48 28.81
CA PRO K 467 8.14 3.58 29.93
C PRO K 467 7.84 2.31 30.70
N LEU K 468 8.61 1.95 31.72
CA LEU K 468 8.43 0.67 32.45
C LEU K 468 9.09 -0.52 31.76
N HIS K 469 9.89 -0.29 30.72
CA HIS K 469 10.61 -1.39 30.10
C HIS K 469 12.11 -1.17 30.25
N SER K 470 12.86 -2.17 30.71
CA SER K 470 14.30 -2.02 30.98
C SER K 470 15.10 -1.38 29.88
N PRO K 471 16.16 -0.65 30.25
CA PRO K 471 17.04 -0.05 29.25
C PRO K 471 17.85 -1.04 28.42
N THR K 472 18.05 -0.77 27.13
CA THR K 472 18.89 -1.65 26.32
C THR K 472 20.25 -1.03 26.06
N LYS K 473 20.44 0.23 26.45
CA LYS K 473 21.68 0.95 26.23
C LYS K 473 21.82 2.03 27.29
N VAL K 474 22.93 2.00 28.03
CA VAL K 474 23.11 2.86 29.19
C VAL K 474 24.42 3.62 29.05
N TYR K 475 24.36 4.94 29.14
CA TYR K 475 25.52 5.80 29.15
C TYR K 475 25.81 6.23 30.58
N LYS K 476 26.88 5.70 31.16
CA LYS K 476 27.24 5.97 32.54
C LYS K 476 28.40 6.95 32.58
N LYS K 477 28.23 8.05 33.31
CA LYS K 477 29.33 8.98 33.52
C LYS K 477 30.22 8.47 34.64
N ILE K 478 31.53 8.40 34.35
CA ILE K 478 32.45 7.85 35.34
C ILE K 478 32.60 8.80 36.52
N HIS K 479 32.41 10.10 36.28
CA HIS K 479 32.60 11.19 37.24
C HIS K 479 34.05 11.39 37.61
N HIS K 480 34.96 10.56 37.08
CA HIS K 480 36.41 10.62 37.33
C HIS K 480 36.84 11.26 38.65
N VAL K 487 38.23 9.08 29.07
CA VAL K 487 36.91 9.35 28.51
C VAL K 487 35.93 9.73 29.60
N ASN K 488 34.92 10.51 29.24
CA ASN K 488 33.97 11.02 30.23
C ASN K 488 32.97 9.96 30.65
N TYR K 489 32.72 8.97 29.80
CA TYR K 489 31.57 8.10 29.94
C TYR K 489 31.93 6.67 29.58
N LYS K 490 31.12 5.73 30.07
CA LYS K 490 31.21 4.33 29.70
C LYS K 490 29.86 3.89 29.13
N VAL K 491 29.91 2.99 28.15
CA VAL K 491 28.71 2.56 27.42
C VAL K 491 28.47 1.09 27.71
N TRP K 492 27.22 0.74 27.99
CA TRP K 492 26.78 -0.63 28.15
C TRP K 492 25.66 -0.92 27.16
N LYS K 493 25.79 -1.99 26.39
CA LYS K 493 24.77 -2.42 25.47
C LYS K 493 24.41 -3.88 25.75
N LYS K 494 23.12 -4.15 25.85
CA LYS K 494 22.66 -5.51 26.10
C LYS K 494 23.07 -6.42 24.96
N GLN K 495 23.53 -7.63 25.31
CA GLN K 495 23.91 -8.60 24.28
C GLN K 495 22.73 -8.88 23.37
N ARG K 496 23.01 -8.95 22.07
CA ARG K 496 21.97 -9.29 21.11
C ARG K 496 21.49 -10.70 21.35
N LEU K 497 20.24 -10.97 21.00
CA LEU K 497 19.70 -12.31 21.20
C LEU K 497 20.24 -13.23 20.12
N ILE K 498 20.90 -14.30 20.55
CA ILE K 498 21.52 -15.26 19.64
C ILE K 498 20.43 -16.22 19.18
N ASN K 499 20.71 -16.99 18.12
CA ASN K 499 19.79 -18.06 17.73
C ASN K 499 19.55 -18.99 18.90
N LYS K 500 18.42 -19.69 18.86
CA LYS K 500 17.99 -20.46 20.03
C LYS K 500 18.99 -21.56 20.37
N LYS K 501 19.47 -22.29 19.36
CA LYS K 501 20.37 -23.41 19.65
C LYS K 501 21.74 -22.93 20.13
N ASN K 502 22.25 -21.84 19.54
CA ASN K 502 23.58 -21.38 19.91
C ASN K 502 23.58 -20.67 21.25
N GLN K 503 22.39 -20.38 21.80
CA GLN K 503 22.32 -19.70 23.08
C GLN K 503 22.57 -20.69 24.21
N LEU K 504 23.30 -20.24 25.23
CA LEU K 504 23.60 -21.04 26.40
C LEU K 504 23.15 -20.30 27.65
N TYR K 505 22.16 -20.85 28.33
CA TYR K 505 21.66 -20.30 29.58
C TYR K 505 22.36 -21.01 30.74
N TYR K 506 22.82 -20.22 31.71
CA TYR K 506 23.65 -20.72 32.79
C TYR K 506 23.09 -20.24 34.13
N GLU K 507 22.99 -21.15 35.09
CA GLU K 507 22.62 -20.78 36.45
C GLU K 507 23.85 -20.90 37.34
N PRO K 508 24.42 -19.79 37.81
CA PRO K 508 25.70 -19.87 38.51
C PRO K 508 25.55 -20.51 39.88
N LEU K 509 26.65 -21.09 40.37
CA LEU K 509 26.64 -21.70 41.69
C LEU K 509 26.64 -20.65 42.78
N GLN K 510 27.08 -19.44 42.46
CA GLN K 510 27.13 -18.36 43.44
C GLN K 510 25.81 -17.60 43.42
N LYS K 511 25.09 -17.62 44.55
CA LYS K 511 23.80 -16.95 44.62
C LYS K 511 23.96 -15.43 44.60
N ILE K 512 24.88 -14.91 45.41
CA ILE K 512 24.94 -13.49 45.72
C ILE K 512 26.25 -12.92 45.20
N GLY K 513 26.15 -11.91 44.34
CA GLY K 513 27.32 -11.18 43.91
C GLY K 513 27.91 -11.61 42.58
N TYR K 514 27.21 -12.44 41.82
CA TYR K 514 27.70 -12.81 40.50
C TYR K 514 27.60 -11.62 39.55
N GLN K 515 28.66 -11.38 38.78
CA GLN K 515 28.69 -10.25 37.86
C GLN K 515 27.94 -10.62 36.59
N ASN K 516 26.68 -10.22 36.52
CA ASN K 516 25.84 -10.59 35.39
C ASN K 516 26.28 -9.87 34.12
N ASN K 517 26.81 -8.66 34.26
CA ASN K 517 27.14 -7.73 33.19
C ASN K 517 25.87 -7.23 32.51
N GLY K 518 24.71 -7.39 33.13
CA GLY K 518 23.47 -6.84 32.62
C GLY K 518 22.63 -7.78 31.79
N ASN K 519 23.07 -9.01 31.55
CA ASN K 519 22.31 -9.99 30.78
C ASN K 519 21.73 -11.02 31.74
N ILE K 520 20.41 -11.18 31.72
CA ILE K 520 19.71 -11.94 32.75
C ILE K 520 18.44 -12.56 32.19
N GLN K 521 18.17 -13.79 32.64
CA GLN K 521 16.86 -14.40 32.55
C GLN K 521 16.38 -14.69 33.96
N ILE K 522 15.18 -14.22 34.29
CA ILE K 522 14.65 -14.29 35.65
C ILE K 522 14.02 -15.66 35.86
N ILE K 523 14.73 -16.53 36.59
CA ILE K 523 14.18 -17.82 37.02
C ILE K 523 13.04 -17.54 37.99
N PRO K 524 11.90 -18.24 37.87
CA PRO K 524 10.80 -17.99 38.81
C PRO K 524 11.18 -18.16 40.27
N THR K 525 11.98 -19.20 40.57
CA THR K 525 12.45 -19.44 41.94
C THR K 525 13.52 -20.52 41.92
N ASN K 534 33.02 -19.70 19.61
CA ASN K 534 33.23 -19.42 21.03
C ASN K 534 32.04 -18.66 21.61
N GLN K 535 31.28 -19.31 22.48
CA GLN K 535 30.09 -18.73 23.08
C GLN K 535 30.40 -18.24 24.48
N ASP K 536 30.81 -16.99 24.59
CA ASP K 536 30.76 -16.26 25.85
C ASP K 536 29.47 -15.47 25.98
N PHE K 537 28.59 -15.56 25.00
CA PHE K 537 27.27 -14.95 25.04
C PHE K 537 26.34 -15.85 25.82
N LYS K 538 26.48 -15.88 27.14
CA LYS K 538 25.67 -16.73 27.98
C LYS K 538 24.82 -15.86 28.90
N ILE K 539 23.50 -16.06 28.83
CA ILE K 539 22.54 -15.33 29.65
C ILE K 539 22.52 -15.97 31.03
N THR K 540 23.08 -15.28 32.01
CA THR K 540 23.04 -15.77 33.37
C THR K 540 21.59 -15.83 33.87
N GLN K 541 21.26 -16.93 34.54
CA GLN K 541 19.94 -17.11 35.12
C GLN K 541 20.03 -16.83 36.61
N ILE K 542 19.27 -15.85 37.08
CA ILE K 542 19.36 -15.37 38.45
C ILE K 542 18.01 -15.58 39.13
N ASP K 543 18.06 -16.10 40.35
CA ASP K 543 16.85 -16.19 41.17
C ASP K 543 16.42 -14.80 41.60
N GLU K 544 15.11 -14.64 41.82
CA GLU K 544 14.60 -13.36 42.27
C GLU K 544 15.14 -13.01 43.65
N ASN K 545 15.22 -14.00 44.54
CA ASN K 545 15.74 -13.74 45.89
C ASN K 545 17.17 -13.25 45.84
N SER K 546 17.91 -13.61 44.79
CA SER K 546 19.28 -13.12 44.64
C SER K 546 19.31 -11.61 44.42
N ILE K 547 18.37 -11.10 43.62
CA ILE K 547 18.36 -9.67 43.30
C ILE K 547 18.08 -8.85 44.57
N LYS K 548 17.24 -9.38 45.46
CA LYS K 548 17.01 -8.71 46.73
C LYS K 548 18.31 -8.60 47.52
N TYR K 549 19.07 -9.70 47.58
CA TYR K 549 20.32 -9.68 48.32
C TYR K 549 21.33 -8.76 47.65
N ASP K 550 21.43 -8.81 46.32
CA ASP K 550 22.38 -7.95 45.62
C ASP K 550 22.04 -6.48 45.82
N PHE K 551 20.78 -6.10 45.61
CA PHE K 551 20.41 -4.70 45.74
C PHE K 551 20.61 -4.20 47.15
N PHE K 552 20.23 -5.00 48.15
CA PHE K 552 20.47 -4.61 49.54
C PHE K 552 21.96 -4.59 49.86
N ASP K 553 22.71 -5.54 49.29
CA ASP K 553 24.16 -5.56 49.53
C ASP K 553 24.82 -4.29 49.02
N LYS K 554 24.43 -3.83 47.84
CA LYS K 554 25.00 -2.60 47.29
C LYS K 554 24.62 -1.40 48.15
N ILE K 555 23.37 -1.32 48.59
CA ILE K 555 22.91 -0.17 49.36
C ILE K 555 23.66 -0.07 50.68
N TYR K 556 23.73 -1.18 51.42
CA TYR K 556 24.32 -1.13 52.76
C TYR K 556 25.80 -0.77 52.71
N LYS K 557 26.51 -1.24 51.68
CA LYS K 557 27.93 -0.90 51.55
C LYS K 557 28.11 0.60 51.31
N SER K 558 27.29 1.17 50.42
CA SER K 558 27.41 2.60 50.13
C SER K 558 27.08 3.44 51.37
N LYS K 559 26.06 3.04 52.13
CA LYS K 559 25.71 3.77 53.34
C LYS K 559 26.85 3.77 54.34
N MET K 560 27.54 2.63 54.48
CA MET K 560 28.70 2.59 55.36
C MET K 560 29.80 3.51 54.88
N VAL K 561 30.04 3.54 53.56
CA VAL K 561 31.08 4.40 53.01
C VAL K 561 30.70 5.87 53.19
N GLN K 562 29.45 6.21 52.89
CA GLN K 562 29.00 7.60 53.04
C GLN K 562 29.12 8.06 54.48
N LYS K 563 28.77 7.20 55.43
CA LYS K 563 28.90 7.55 56.84
C LYS K 563 30.36 7.69 57.23
N ARG K 564 31.23 6.87 56.63
CA ARG K 564 32.66 6.94 56.97
C ARG K 564 33.26 8.28 56.53
N LYS K 565 33.03 8.67 55.28
CA LYS K 565 33.61 9.92 54.77
C LYS K 565 33.12 11.12 55.58
N LEU K 566 31.81 11.18 55.85
CA LEU K 566 31.28 12.28 56.65
C LEU K 566 31.88 12.29 58.04
N PHE K 567 31.97 11.12 58.68
CA PHE K 567 32.55 11.06 60.02
C PHE K 567 34.05 11.34 59.99
N GLN K 568 34.74 10.87 58.96
CA GLN K 568 36.17 11.14 58.83
C GLN K 568 36.44 12.63 58.66
N PHE K 569 35.63 13.30 57.83
CA PHE K 569 35.85 14.72 57.57
C PHE K 569 35.67 15.54 58.83
N GLN K 570 34.62 15.23 59.62
CA GLN K 570 34.44 15.91 60.89
C GLN K 570 35.57 15.59 61.86
N GLU K 571 36.05 14.34 61.85
CA GLU K 571 37.22 13.99 62.64
C GLU K 571 38.48 14.63 62.05
N SER K 572 38.49 14.86 60.73
CA SER K 572 39.68 15.40 60.09
C SER K 572 39.96 16.83 60.56
N LEU K 573 38.91 17.65 60.71
CA LEU K 573 39.12 19.02 61.19
C LEU K 573 39.64 19.01 62.62
N ILE K 574 39.31 17.97 63.39
CA ILE K 574 39.92 17.79 64.70
C ILE K 574 41.39 17.41 64.55
N ASP K 575 41.72 16.64 63.52
CA ASP K 575 43.11 16.27 63.28
C ASP K 575 43.96 17.50 62.97
N LYS K 576 43.43 18.43 62.18
CA LYS K 576 44.17 19.65 61.89
C LYS K 576 44.37 20.49 63.14
N LEU K 577 43.52 20.28 64.15
CA LEU K 577 43.64 21.00 65.42
C LEU K 577 44.88 20.53 66.17
N GLY K 581 46.72 23.70 71.10
CA GLY K 581 46.86 23.26 72.48
C GLY K 581 45.56 22.77 73.09
N SER K 582 44.58 23.68 73.19
CA SER K 582 43.27 23.37 73.74
C SER K 582 42.28 23.21 72.59
N GLN K 583 41.48 22.15 72.65
CA GLN K 583 40.56 21.85 71.56
C GLN K 583 39.53 22.97 71.38
N ASN K 584 38.91 23.42 72.48
CA ASN K 584 37.90 24.47 72.44
C ASN K 584 36.77 24.14 71.46
N GLY K 585 36.46 22.84 71.35
CA GLY K 585 35.43 22.42 70.41
C GLY K 585 34.03 22.62 70.96
N ASN K 586 33.92 22.82 72.27
CA ASN K 586 32.67 23.01 73.00
C ASN K 586 31.78 21.78 72.93
N SER K 587 32.36 20.59 72.67
CA SER K 587 31.55 19.38 72.61
C SER K 587 30.96 19.03 73.97
N GLU K 588 31.67 19.37 75.05
CA GLU K 588 31.14 19.13 76.39
C GLU K 588 29.87 19.94 76.63
N ASP K 589 29.84 21.19 76.13
CA ASP K 589 28.62 21.98 76.23
C ASP K 589 27.49 21.35 75.43
N ASN K 590 27.81 20.80 74.26
CA ASN K 590 26.80 20.12 73.45
C ASN K 590 26.31 18.86 74.15
N MET K 591 25.01 18.61 74.06
CA MET K 591 24.40 17.46 74.72
C MET K 591 23.13 17.03 74.01
N ARG L 13 6.83 -54.55 -78.42
CA ARG L 13 7.63 -53.34 -78.26
C ARG L 13 9.09 -53.67 -77.94
N CYS L 14 9.82 -52.70 -77.41
CA CYS L 14 11.24 -52.86 -77.12
C CYS L 14 11.50 -52.67 -75.64
N LEU L 15 12.64 -53.17 -75.18
CA LEU L 15 13.11 -52.98 -73.81
C LEU L 15 14.60 -52.74 -73.84
N ALA L 16 15.07 -51.76 -73.08
CA ALA L 16 16.44 -51.27 -73.17
C ALA L 16 17.22 -51.60 -71.90
N PHE L 17 18.19 -52.50 -72.02
CA PHE L 17 19.04 -52.86 -70.90
C PHE L 17 19.93 -51.67 -70.56
N HIS L 18 19.58 -50.93 -69.51
CA HIS L 18 20.35 -49.78 -69.08
C HIS L 18 21.16 -50.17 -67.85
N GLY L 19 22.43 -50.47 -68.05
CA GLY L 19 23.29 -50.92 -66.98
C GLY L 19 22.81 -52.21 -66.36
N PRO L 20 22.54 -52.18 -65.06
CA PRO L 20 22.11 -53.41 -64.37
C PRO L 20 20.76 -53.93 -64.88
N LEU L 21 19.73 -53.10 -64.84
CA LEU L 21 18.38 -53.52 -65.20
C LEU L 21 17.83 -52.65 -66.32
N MET L 22 16.97 -53.24 -67.13
CA MET L 22 16.33 -52.55 -68.24
C MET L 22 15.15 -51.71 -67.76
N TYR L 23 14.43 -51.13 -68.70
CA TYR L 23 13.23 -50.35 -68.43
C TYR L 23 12.27 -50.48 -69.59
N GLU L 24 11.06 -49.96 -69.42
CA GLU L 24 10.07 -50.01 -70.47
C GLU L 24 10.33 -48.94 -71.53
N ALA L 25 10.35 -49.35 -72.79
CA ALA L 25 10.64 -48.44 -73.89
C ALA L 25 9.66 -48.68 -75.02
N LYS L 26 9.62 -47.74 -75.94
CA LYS L 26 8.75 -47.83 -77.11
C LYS L 26 9.55 -47.50 -78.37
N ILE L 27 9.35 -48.30 -79.41
CA ILE L 27 10.07 -48.13 -80.67
C ILE L 27 9.58 -46.84 -81.32
N LEU L 28 10.45 -45.82 -81.33
CA LEU L 28 10.09 -44.56 -81.96
C LEU L 28 10.19 -44.65 -83.48
N LYS L 29 11.10 -45.47 -83.99
CA LYS L 29 11.30 -45.60 -85.43
C LYS L 29 11.80 -47.01 -85.72
N ILE L 30 11.87 -47.33 -87.01
CA ILE L 30 12.47 -48.55 -87.50
C ILE L 30 13.40 -48.20 -88.65
N TRP L 31 14.67 -48.59 -88.53
CA TRP L 31 15.70 -48.12 -89.44
C TRP L 31 16.57 -49.29 -89.90
N ASP L 32 16.86 -49.33 -91.19
CA ASP L 32 17.85 -50.25 -91.73
C ASP L 32 19.18 -49.52 -91.80
N PRO L 33 20.14 -49.83 -90.92
CA PRO L 33 21.39 -49.05 -90.89
C PRO L 33 22.23 -49.21 -92.14
N SER L 34 22.13 -50.36 -92.82
CA SER L 34 22.80 -50.50 -94.10
C SER L 34 22.30 -49.47 -95.10
N SER L 35 20.99 -49.20 -95.09
CA SER L 35 20.46 -48.09 -95.87
C SER L 35 20.97 -46.75 -95.35
N LYS L 36 21.34 -46.68 -94.07
CA LYS L 36 21.82 -45.46 -93.43
C LYS L 36 20.78 -44.34 -93.53
N MET L 37 19.50 -44.71 -93.57
CA MET L 37 18.43 -43.72 -93.64
C MET L 37 17.23 -44.30 -92.89
N TYR L 38 16.78 -43.59 -91.87
CA TYR L 38 15.82 -44.14 -90.91
C TYR L 38 14.39 -43.80 -91.30
N THR L 39 13.46 -44.66 -90.87
CA THR L 39 12.04 -44.49 -91.10
C THR L 39 11.34 -44.38 -89.76
N SER L 40 10.64 -43.26 -89.55
CA SER L 40 10.04 -42.95 -88.26
C SER L 40 8.58 -42.56 -88.44
N ILE L 41 7.77 -42.88 -87.44
CA ILE L 41 6.39 -42.39 -87.36
C ILE L 41 6.42 -40.98 -86.78
N PRO L 42 6.10 -39.96 -87.57
CA PRO L 42 6.11 -38.59 -87.04
C PRO L 42 5.00 -38.37 -86.02
N ASN L 43 5.12 -37.24 -85.31
CA ASN L 43 4.13 -36.89 -84.32
C ASN L 43 2.93 -36.21 -84.96
N ASP L 44 1.83 -36.15 -84.21
CA ASP L 44 0.61 -35.51 -84.67
C ASP L 44 0.51 -34.08 -84.16
N ALA L 52 -4.35 -36.61 -86.53
CA ALA L 52 -4.32 -37.51 -87.67
C ALA L 52 -3.11 -38.42 -87.62
N THR L 53 -3.27 -39.65 -88.12
CA THR L 53 -2.15 -40.59 -88.15
C THR L 53 -1.08 -40.09 -89.11
N LYS L 54 0.16 -40.04 -88.63
CA LYS L 54 1.30 -39.59 -89.42
C LYS L 54 2.01 -40.81 -89.99
N GLU L 55 1.89 -41.01 -91.30
CA GLU L 55 2.50 -42.17 -91.94
C GLU L 55 4.02 -42.13 -91.81
N ILE L 56 4.62 -43.32 -91.73
CA ILE L 56 6.06 -43.42 -91.61
C ILE L 56 6.72 -42.83 -92.86
N LYS L 57 7.83 -42.14 -92.66
CA LYS L 57 8.57 -41.52 -93.75
C LYS L 57 10.02 -42.01 -93.71
N PRO L 58 10.57 -42.46 -94.84
CA PRO L 58 11.99 -42.81 -94.87
C PRO L 58 12.85 -41.56 -95.01
N GLN L 59 13.61 -41.26 -93.96
CA GLN L 59 14.45 -40.07 -93.93
C GLN L 59 15.91 -40.45 -93.77
N LYS L 60 16.78 -39.62 -94.35
CA LYS L 60 18.21 -39.84 -94.24
C LYS L 60 18.67 -39.67 -92.80
N LEU L 61 19.60 -40.53 -92.37
CA LEU L 61 20.14 -40.46 -91.02
C LEU L 61 20.68 -39.07 -90.73
N GLY L 62 20.27 -38.52 -89.60
CA GLY L 62 20.70 -37.17 -89.22
C GLY L 62 22.18 -37.14 -88.90
N GLU L 63 22.90 -36.18 -89.48
CA GLU L 63 24.30 -36.00 -89.13
C GLU L 63 24.45 -35.60 -87.67
N ASP L 64 23.56 -34.72 -87.20
CA ASP L 64 23.49 -34.41 -85.77
C ASP L 64 23.12 -35.65 -84.96
N GLU L 65 22.43 -36.60 -85.58
CA GLU L 65 22.05 -37.82 -84.89
C GLU L 65 23.24 -38.78 -84.80
N SER L 66 23.55 -39.22 -83.59
CA SER L 66 24.63 -40.18 -83.36
C SER L 66 24.06 -41.55 -83.06
N ILE L 67 24.69 -42.58 -83.61
CA ILE L 67 24.24 -43.95 -83.47
C ILE L 67 25.31 -44.75 -82.75
N PRO L 68 24.92 -45.51 -81.71
CA PRO L 68 25.93 -46.40 -81.13
C PRO L 68 26.01 -47.63 -82.02
N GLU L 69 27.18 -48.23 -82.12
CA GLU L 69 27.37 -49.37 -83.03
C GLU L 69 26.43 -50.56 -82.82
N GLU L 70 26.12 -50.88 -81.57
CA GLU L 70 25.32 -52.09 -81.35
C GLU L 70 23.98 -51.96 -82.01
N ILE L 71 23.37 -50.79 -81.89
CA ILE L 71 22.13 -50.55 -82.58
C ILE L 71 22.35 -50.62 -84.08
N ILE L 72 23.47 -50.07 -84.55
CA ILE L 72 23.71 -49.96 -86.00
C ILE L 72 24.22 -51.20 -86.79
N ASN L 73 24.90 -52.15 -86.15
CA ASN L 73 25.31 -53.33 -86.90
C ASN L 73 24.11 -54.03 -87.51
N GLY L 74 23.17 -54.50 -86.69
CA GLY L 74 21.91 -55.00 -87.16
C GLY L 74 20.90 -53.89 -87.33
N LYS L 75 19.66 -54.28 -87.63
CA LYS L 75 18.60 -53.30 -87.83
C LYS L 75 18.50 -52.38 -86.61
N CYS L 76 18.47 -51.08 -86.86
CA CYS L 76 18.55 -50.08 -85.81
C CYS L 76 17.23 -49.35 -85.68
N PHE L 77 17.05 -48.71 -84.52
CA PHE L 77 15.78 -48.08 -84.19
C PHE L 77 15.97 -47.18 -82.97
N PHE L 78 15.55 -45.93 -83.10
CA PHE L 78 15.50 -45.03 -81.96
C PHE L 78 14.24 -45.32 -81.14
N ILE L 79 14.35 -45.15 -79.83
CA ILE L 79 13.29 -45.55 -78.92
C ILE L 79 12.87 -44.36 -78.07
N HIS L 80 11.63 -44.42 -77.58
CA HIS L 80 11.17 -43.51 -76.55
C HIS L 80 10.86 -44.32 -75.29
N TYR L 81 11.50 -43.97 -74.18
CA TYR L 81 11.22 -44.63 -72.92
C TYR L 81 9.86 -44.18 -72.40
N GLN L 82 9.13 -45.10 -71.79
CA GLN L 82 7.92 -44.72 -71.08
C GLN L 82 8.30 -44.12 -69.74
N GLY L 83 7.65 -43.01 -69.38
CA GLY L 83 7.90 -42.34 -68.13
C GLY L 83 8.95 -41.26 -68.19
N TRP L 84 9.83 -41.29 -69.18
CA TRP L 84 10.87 -40.29 -69.33
C TRP L 84 10.49 -39.33 -70.44
N LYS L 85 10.82 -38.05 -70.27
CA LYS L 85 10.39 -37.05 -71.22
C LYS L 85 11.19 -37.17 -72.51
N SER L 86 10.53 -36.79 -73.62
CA SER L 86 11.15 -36.93 -74.94
C SER L 86 12.48 -36.18 -75.01
N SER L 87 12.55 -34.99 -74.42
CA SER L 87 13.80 -34.26 -74.38
C SER L 87 14.87 -35.05 -73.63
N TRP L 88 14.49 -35.70 -72.53
CA TRP L 88 15.43 -36.55 -71.82
C TRP L 88 15.77 -37.80 -72.61
N ASP L 89 14.80 -38.32 -73.37
CA ASP L 89 14.94 -39.61 -74.02
C ASP L 89 16.17 -39.68 -74.91
N GLU L 90 16.86 -40.82 -74.87
CA GLU L 90 18.13 -40.99 -75.55
C GLU L 90 18.19 -42.34 -76.25
N TRP L 91 19.36 -42.62 -76.83
CA TRP L 91 19.60 -43.80 -77.64
C TRP L 91 19.97 -45.02 -76.80
N VAL L 92 20.03 -46.16 -77.48
CA VAL L 92 20.43 -47.44 -76.90
C VAL L 92 21.19 -48.24 -77.95
N GLY L 93 21.90 -49.26 -77.48
CA GLY L 93 22.40 -50.29 -78.36
C GLY L 93 21.34 -51.35 -78.61
N TYR L 94 21.70 -52.31 -79.46
CA TYR L 94 20.76 -53.40 -79.75
C TYR L 94 20.92 -54.56 -78.79
N ASP L 95 22.14 -54.82 -78.30
CA ASP L 95 22.29 -55.80 -77.23
C ASP L 95 21.45 -55.40 -76.03
N ARG L 96 21.34 -54.10 -75.78
CA ARG L 96 20.43 -53.61 -74.74
C ARG L 96 18.99 -53.97 -75.06
N ILE L 97 18.67 -54.15 -76.35
CA ILE L 97 17.30 -54.38 -76.78
C ILE L 97 17.05 -55.86 -77.01
N ARG L 98 16.09 -56.40 -76.28
CA ARG L 98 15.68 -57.76 -76.51
C ARG L 98 14.22 -57.50 -76.81
N ALA L 99 13.60 -58.32 -77.62
CA ALA L 99 12.23 -58.02 -78.01
C ALA L 99 11.37 -58.08 -76.76
N TYR L 100 10.40 -57.20 -76.69
CA TYR L 100 9.57 -57.15 -75.49
C TYR L 100 8.96 -58.51 -75.20
N ASN L 101 9.13 -59.00 -73.97
CA ASN L 101 8.61 -60.28 -73.56
C ASN L 101 8.38 -60.23 -72.05
N GLU L 102 7.30 -60.88 -71.61
CA GLU L 102 7.05 -60.98 -70.18
C GLU L 102 8.22 -61.62 -69.44
N GLU L 103 8.92 -62.54 -70.09
CA GLU L 103 10.14 -63.09 -69.50
C GLU L 103 11.23 -62.03 -69.38
N ASN L 104 11.31 -61.13 -70.37
CA ASN L 104 12.28 -60.04 -70.29
C ASN L 104 11.83 -58.98 -69.29
N ILE L 105 10.53 -58.91 -69.01
CA ILE L 105 10.05 -58.02 -67.96
C ILE L 105 10.38 -58.60 -66.59
N ALA L 106 10.27 -59.93 -66.45
CA ALA L 106 10.58 -60.57 -65.18
C ALA L 106 12.01 -60.29 -64.75
N MET L 107 12.97 -60.47 -65.66
CA MET L 107 14.38 -60.29 -65.30
C MET L 107 14.64 -58.85 -64.84
N LYS L 108 13.97 -57.89 -65.46
CA LYS L 108 14.01 -56.52 -64.95
C LYS L 108 13.53 -56.47 -63.51
N LYS L 109 12.40 -57.14 -63.22
CA LYS L 109 11.86 -57.11 -61.87
C LYS L 109 12.79 -57.81 -60.89
N ARG L 110 13.38 -58.94 -61.30
CA ARG L 110 14.35 -59.61 -60.43
C ARG L 110 15.52 -58.69 -60.12
N LEU L 111 16.04 -58.02 -61.14
CA LEU L 111 17.04 -56.99 -60.91
C LEU L 111 16.47 -55.84 -60.10
N ALA L 112 15.22 -55.44 -60.39
CA ALA L 112 14.56 -54.41 -59.61
C ALA L 112 14.47 -54.80 -58.15
N ASN L 113 14.02 -56.03 -57.87
CA ASN L 113 14.07 -56.52 -56.51
C ASN L 113 15.51 -56.56 -56.00
N GLU L 114 16.44 -57.01 -56.84
CA GLU L 114 17.85 -56.96 -56.47
C GLU L 114 18.33 -55.52 -56.30
N ALA L 115 17.69 -54.57 -56.99
CA ALA L 115 18.01 -53.17 -56.78
C ALA L 115 17.30 -52.63 -55.54
N LYS L 116 16.21 -53.27 -55.11
CA LYS L 116 15.47 -52.79 -53.95
C LYS L 116 16.32 -52.85 -52.69
N GLU L 117 16.77 -54.05 -52.31
CA GLU L 117 17.65 -54.16 -51.16
C GLU L 117 19.06 -53.65 -51.45
N ALA L 118 19.39 -53.38 -52.72
CA ALA L 118 20.67 -52.76 -53.03
C ALA L 118 20.84 -51.45 -52.28
N LYS L 119 19.78 -50.63 -52.26
CA LYS L 119 19.79 -49.44 -51.43
C LYS L 119 19.80 -49.81 -49.95
N LYS L 120 19.12 -50.89 -49.59
CA LYS L 120 19.11 -51.34 -48.20
C LYS L 120 20.45 -51.95 -47.80
N SER L 121 21.07 -52.70 -48.70
CA SER L 121 22.38 -53.27 -48.39
C SER L 121 23.43 -52.20 -48.18
N LEU L 122 23.38 -51.13 -48.99
CA LEU L 122 24.26 -49.98 -48.75
C LEU L 122 23.96 -49.33 -47.41
N LEU L 123 22.68 -49.27 -47.04
CA LEU L 123 22.29 -48.60 -45.79
C LEU L 123 22.83 -49.32 -44.57
N GLU L 124 23.24 -50.59 -44.70
CA GLU L 124 23.89 -51.27 -43.58
C GLU L 124 25.20 -50.60 -43.21
N GLN L 125 25.95 -50.14 -44.21
CA GLN L 125 27.14 -49.34 -43.93
C GLN L 125 26.76 -48.02 -43.27
N GLN L 126 25.65 -47.42 -43.71
CA GLN L 126 25.11 -46.27 -43.00
C GLN L 126 24.59 -46.66 -41.62
N LYS L 127 23.97 -47.83 -41.51
CA LYS L 127 23.64 -48.37 -40.19
C LYS L 127 24.91 -48.58 -39.36
N LYS L 128 25.97 -49.05 -40.00
CA LYS L 128 27.26 -49.15 -39.33
C LYS L 128 27.89 -47.78 -39.10
N LYS L 129 27.62 -46.82 -39.99
CA LYS L 129 28.09 -45.47 -39.78
C LYS L 129 27.41 -44.84 -38.58
N LYS L 130 26.08 -44.89 -38.52
CA LYS L 130 25.36 -44.41 -37.35
C LYS L 130 25.64 -45.28 -36.14
N LEU L 131 25.96 -46.55 -36.39
CA LEU L 131 26.24 -47.47 -35.29
C LEU L 131 27.13 -48.60 -35.76
N PRO L 218 32.21 -27.10 -3.26
CA PRO L 218 31.01 -27.21 -2.44
C PRO L 218 30.77 -25.97 -1.58
N LYS L 219 30.22 -26.18 -0.38
CA LYS L 219 29.94 -25.09 0.55
C LYS L 219 31.00 -25.08 1.64
N ILE L 220 31.63 -23.93 1.84
CA ILE L 220 32.70 -23.76 2.81
C ILE L 220 32.14 -23.07 4.04
N SER L 221 32.47 -23.60 5.22
CA SER L 221 31.97 -23.06 6.48
C SER L 221 33.12 -22.38 7.21
N LEU L 222 32.86 -21.19 7.71
CA LEU L 222 33.84 -20.40 8.46
C LEU L 222 33.27 -20.04 9.81
N GLN L 223 33.90 -20.54 10.88
CA GLN L 223 33.40 -20.28 12.21
C GLN L 223 33.91 -18.93 12.73
N ILE L 224 33.07 -17.91 12.64
CA ILE L 224 33.35 -16.59 13.16
C ILE L 224 32.90 -16.57 14.62
N PRO L 225 33.76 -16.20 15.56
CA PRO L 225 33.32 -16.12 16.96
C PRO L 225 32.16 -15.15 17.10
N ILE L 226 31.27 -15.46 18.06
CA ILE L 226 30.01 -14.74 18.16
C ILE L 226 30.24 -13.25 18.36
N LYS L 227 31.23 -12.89 19.19
CA LYS L 227 31.48 -11.47 19.44
C LYS L 227 31.83 -10.72 18.16
N LEU L 228 32.70 -11.30 17.33
CA LEU L 228 32.99 -10.67 16.04
C LEU L 228 31.78 -10.73 15.13
N LYS L 229 30.96 -11.77 15.27
CA LYS L 229 29.75 -11.87 14.46
C LYS L 229 28.70 -10.88 14.94
N SER L 230 28.82 -10.40 16.18
CA SER L 230 27.91 -9.39 16.67
C SER L 230 28.41 -7.98 16.34
N VAL L 231 29.70 -7.81 16.13
CA VAL L 231 30.21 -6.51 15.71
C VAL L 231 29.66 -6.22 14.34
N LEU L 232 29.99 -7.05 13.37
CA LEU L 232 29.54 -6.83 12.02
C LEU L 232 28.08 -6.43 12.04
N VAL L 233 27.21 -7.19 12.67
CA VAL L 233 25.79 -6.82 12.59
C VAL L 233 25.60 -5.37 13.03
N ASP L 234 26.29 -4.97 14.12
CA ASP L 234 26.22 -3.57 14.53
C ASP L 234 26.73 -2.64 13.44
N ASP L 235 27.83 -3.03 12.79
CA ASP L 235 28.32 -2.25 11.65
C ASP L 235 27.27 -2.19 10.55
N TRP L 236 26.52 -3.27 10.37
CA TRP L 236 25.45 -3.26 9.37
C TRP L 236 24.32 -2.32 9.80
N GLU L 237 24.20 -2.08 11.11
CA GLU L 237 23.13 -1.23 11.60
C GLU L 237 23.51 0.25 11.48
N TYR L 238 24.77 0.58 11.80
CA TYR L 238 25.19 1.98 11.80
C TYR L 238 25.20 2.55 10.39
N VAL L 239 25.49 1.72 9.39
CA VAL L 239 25.74 2.23 8.05
C VAL L 239 24.46 2.25 7.23
N THR L 240 23.48 1.43 7.60
CA THR L 240 22.26 1.37 6.79
C THR L 240 21.08 1.99 7.51
N LYS L 241 20.99 1.85 8.83
CA LYS L 241 19.92 2.46 9.60
C LYS L 241 20.33 3.78 10.24
N ASP L 242 21.36 3.77 11.09
CA ASP L 242 21.79 5.00 11.72
C ASP L 242 22.45 5.95 10.73
N LYS L 243 22.85 5.43 9.56
CA LYS L 243 23.38 6.24 8.46
C LYS L 243 24.62 7.03 8.89
N LYS L 244 25.53 6.36 9.58
CA LYS L 244 26.81 6.93 9.97
C LYS L 244 27.92 6.06 9.41
N ILE L 245 29.00 6.69 8.95
CA ILE L 245 30.10 5.95 8.37
C ILE L 245 31.33 6.06 9.25
N CYS L 246 32.27 5.15 9.05
CA CYS L 246 33.49 5.15 9.84
C CYS L 246 34.47 6.20 9.31
N ARG L 247 35.16 6.84 10.27
CA ARG L 247 36.18 7.81 9.91
C ARG L 247 37.18 7.06 9.14
N LEU L 248 37.34 7.39 7.87
CA LEU L 248 38.20 6.57 7.03
C LEU L 248 39.67 6.48 7.41
N PRO L 249 40.31 7.58 7.82
CA PRO L 249 41.73 7.38 8.13
C PRO L 249 41.81 6.90 9.54
N ALA L 250 41.47 5.64 9.77
CA ALA L 250 41.40 5.14 11.13
C ALA L 250 42.72 5.03 11.82
N ASP L 251 42.68 4.79 13.12
CA ASP L 251 43.92 4.60 13.87
C ASP L 251 44.52 3.21 13.73
N VAL L 252 43.71 2.18 13.74
CA VAL L 252 44.22 0.83 13.56
C VAL L 252 43.79 0.37 12.21
N THR L 253 44.66 0.53 11.22
CA THR L 253 44.28 0.22 9.86
C THR L 253 44.59 -1.24 9.56
N VAL L 254 44.13 -1.68 8.39
CA VAL L 254 44.31 -3.09 8.00
C VAL L 254 45.79 -3.43 7.98
N GLU L 255 46.66 -2.43 7.79
CA GLU L 255 48.07 -2.71 7.65
C GLU L 255 48.73 -3.03 9.00
N MET L 256 48.53 -2.18 10.00
CA MET L 256 49.17 -2.46 11.28
C MET L 256 48.46 -3.56 12.05
N VAL L 257 47.16 -3.76 11.81
CA VAL L 257 46.49 -4.91 12.41
C VAL L 257 47.19 -6.20 12.00
N LEU L 258 47.45 -6.36 10.71
CA LEU L 258 48.16 -7.55 10.25
C LEU L 258 49.64 -7.48 10.61
N ASN L 259 50.20 -6.28 10.69
CA ASN L 259 51.59 -6.15 11.13
C ASN L 259 51.77 -6.66 12.55
N LYS L 260 50.83 -6.32 13.44
CA LYS L 260 50.93 -6.80 14.81
C LYS L 260 50.68 -8.30 14.88
N TYR L 261 49.62 -8.78 14.22
CA TYR L 261 49.29 -10.19 14.27
C TYR L 261 50.42 -11.04 13.69
N GLU L 262 50.96 -10.64 12.54
CA GLU L 262 52.10 -11.35 11.98
C GLU L 262 53.30 -11.31 12.92
N HIS L 263 53.43 -10.23 13.70
CA HIS L 263 54.59 -10.09 14.57
C HIS L 263 54.38 -10.83 15.88
N GLU L 264 53.14 -10.86 16.39
CA GLU L 264 52.88 -11.57 17.63
C GLU L 264 52.95 -13.08 17.45
N VAL L 265 52.54 -13.57 16.28
CA VAL L 265 52.43 -15.01 16.09
C VAL L 265 53.73 -15.58 15.55
N SER L 266 54.55 -14.75 14.91
CA SER L 266 55.83 -15.22 14.40
C SER L 266 56.71 -15.77 15.52
N GLN L 267 56.82 -15.02 16.62
CA GLN L 267 57.61 -15.49 17.75
C GLN L 267 56.95 -16.69 18.42
N GLU L 268 55.62 -16.76 18.37
CA GLU L 268 54.91 -17.81 19.10
C GLU L 268 55.19 -19.18 18.52
N LEU L 269 55.24 -19.31 17.20
CA LEU L 269 55.41 -20.59 16.54
C LEU L 269 56.88 -20.81 16.22
N GLU L 270 57.36 -22.04 16.43
CA GLU L 270 58.78 -22.32 16.28
C GLU L 270 59.11 -22.81 14.86
N SER L 271 58.30 -23.69 14.32
CA SER L 271 58.65 -24.37 13.07
C SER L 271 58.74 -23.36 11.93
N PRO L 272 59.88 -23.31 11.22
CA PRO L 272 60.00 -22.35 10.11
C PRO L 272 59.02 -22.62 8.98
N GLY L 273 58.53 -23.85 8.86
CA GLY L 273 57.57 -24.15 7.80
C GLY L 273 56.29 -23.36 7.94
N SER L 274 55.81 -23.20 9.18
CA SER L 274 54.56 -22.47 9.38
C SER L 274 54.78 -20.96 9.24
N GLN L 275 55.99 -20.48 9.53
CA GLN L 275 56.26 -19.05 9.40
C GLN L 275 56.09 -18.59 7.96
N SER L 276 56.49 -19.42 6.99
CA SER L 276 56.19 -19.12 5.60
C SER L 276 54.69 -19.08 5.35
N GLN L 277 53.96 -20.04 5.91
CA GLN L 277 52.51 -20.07 5.75
C GLN L 277 51.87 -18.82 6.35
N LEU L 278 52.33 -18.42 7.53
CA LEU L 278 51.78 -17.22 8.16
C LEU L 278 52.07 -15.97 7.36
N SER L 279 53.34 -15.77 6.99
CA SER L 279 53.75 -14.49 6.41
C SER L 279 53.04 -14.23 5.08
N GLU L 280 52.83 -15.27 4.28
CA GLU L 280 52.16 -15.07 3.00
C GLU L 280 50.67 -14.80 3.19
N TYR L 281 50.05 -15.44 4.19
CA TYR L 281 48.65 -15.15 4.47
C TYR L 281 48.47 -13.71 4.93
N CYS L 282 49.48 -13.14 5.59
CA CYS L 282 49.43 -11.73 5.92
C CYS L 282 49.77 -10.87 4.71
N ALA L 283 50.82 -11.26 3.97
CA ALA L 283 51.16 -10.53 2.76
C ALA L 283 50.07 -10.66 1.70
N GLY L 284 49.51 -11.86 1.57
CA GLY L 284 48.44 -12.05 0.61
C GLY L 284 47.19 -11.26 0.95
N LEU L 285 46.77 -11.30 2.21
CA LEU L 285 45.51 -10.66 2.60
C LEU L 285 45.58 -9.16 2.38
N LYS L 286 46.77 -8.57 2.50
CA LYS L 286 46.92 -7.15 2.18
C LYS L 286 46.69 -6.90 0.70
N LEU L 287 47.35 -7.66 -0.17
CA LEU L 287 47.21 -7.44 -1.60
C LEU L 287 45.77 -7.69 -2.06
N TYR L 288 45.13 -8.73 -1.52
CA TYR L 288 43.74 -8.99 -1.88
C TYR L 288 42.84 -7.87 -1.41
N PHE L 289 43.12 -7.30 -0.23
CA PHE L 289 42.27 -6.25 0.31
C PHE L 289 42.28 -5.02 -0.58
N ASP L 290 43.44 -4.66 -1.13
CA ASP L 290 43.51 -3.52 -2.04
C ASP L 290 42.59 -3.72 -3.24
N LYS L 291 42.61 -4.90 -3.83
CA LYS L 291 41.75 -5.16 -5.00
C LYS L 291 40.30 -5.30 -4.58
N CYS L 292 40.04 -5.74 -3.36
CA CYS L 292 38.68 -6.14 -2.98
C CYS L 292 37.85 -4.94 -2.52
N LEU L 293 38.50 -3.96 -1.88
CA LEU L 293 37.74 -2.89 -1.22
C LEU L 293 36.88 -2.12 -2.21
N GLY L 294 37.42 -1.83 -3.39
CA GLY L 294 36.63 -1.10 -4.38
C GLY L 294 35.39 -1.86 -4.79
N ASN L 295 35.51 -3.18 -4.94
CA ASN L 295 34.43 -3.95 -5.55
C ASN L 295 33.32 -4.25 -4.55
N MET L 296 33.60 -5.04 -3.51
CA MET L 296 32.53 -5.53 -2.66
C MET L 296 32.75 -5.40 -1.15
N LEU L 297 33.46 -4.40 -0.66
CA LEU L 297 33.56 -4.20 0.77
C LEU L 297 32.98 -2.87 1.23
N LEU L 298 32.12 -2.24 0.45
CA LEU L 298 31.59 -0.92 0.77
C LEU L 298 30.08 -0.94 0.64
N TYR L 299 29.39 -0.49 1.69
CA TYR L 299 27.97 -0.23 1.59
C TYR L 299 27.74 0.96 0.65
N ARG L 300 26.51 1.08 0.17
CA ARG L 300 26.20 2.14 -0.78
C ARG L 300 26.50 3.52 -0.21
N LEU L 301 26.20 3.71 1.08
CA LEU L 301 26.32 5.05 1.66
C LEU L 301 27.79 5.46 1.75
N GLU L 302 28.69 4.48 1.77
CA GLU L 302 30.12 4.79 1.91
C GLU L 302 30.81 4.97 0.58
N ARG L 303 30.11 4.75 -0.53
CA ARG L 303 30.76 4.86 -1.83
C ARG L 303 31.28 6.26 -2.08
N LEU L 304 30.49 7.28 -1.73
CA LEU L 304 30.93 8.65 -1.95
C LEU L 304 32.18 8.98 -1.14
N GLN L 305 32.20 8.57 0.12
CA GLN L 305 33.38 8.82 0.95
C GLN L 305 34.61 8.15 0.36
N TYR L 306 34.44 6.94 -0.18
CA TYR L 306 35.52 6.31 -0.91
C TYR L 306 35.93 7.14 -2.11
N ASP L 307 34.95 7.70 -2.84
CA ASP L 307 35.26 8.48 -4.03
C ASP L 307 36.08 9.72 -3.69
N GLU L 308 35.70 10.44 -2.63
CA GLU L 308 36.45 11.64 -2.26
C GLU L 308 37.88 11.31 -1.90
N LEU L 309 38.14 10.10 -1.39
CA LEU L 309 39.51 9.70 -1.12
C LEU L 309 40.29 9.49 -2.41
N LEU L 310 39.66 8.84 -3.40
CA LEU L 310 40.28 8.75 -4.72
C LEU L 310 40.49 10.13 -5.32
N LYS L 311 39.50 11.00 -5.17
CA LYS L 311 39.61 12.34 -5.73
C LYS L 311 40.65 13.17 -4.98
N LYS L 312 40.82 12.90 -3.69
CA LYS L 312 41.90 13.55 -2.94
C LYS L 312 43.26 12.97 -3.32
N SER L 313 43.31 11.66 -3.58
CA SER L 313 44.57 11.01 -3.90
C SER L 313 45.19 11.59 -5.17
N SER L 314 44.38 11.77 -6.22
CA SER L 314 44.92 12.28 -7.48
C SER L 314 45.47 13.69 -7.31
N LYS L 315 44.76 14.55 -6.59
CA LYS L 315 45.27 15.89 -6.32
C LYS L 315 46.55 15.83 -5.48
N ASP L 316 46.57 14.96 -4.48
CA ASP L 316 47.78 14.79 -3.68
C ASP L 316 48.87 14.08 -4.46
N GLN L 317 48.53 13.57 -5.65
CA GLN L 317 49.48 12.92 -6.56
C GLN L 317 50.07 11.65 -5.97
N LYS L 318 49.46 11.11 -4.92
CA LYS L 318 49.86 9.81 -4.42
C LYS L 318 48.72 8.81 -4.59
N PRO L 319 48.99 7.62 -5.12
CA PRO L 319 47.91 6.65 -5.33
C PRO L 319 47.39 6.12 -4.00
N LEU L 320 46.06 6.00 -3.91
CA LEU L 320 45.44 5.49 -2.71
C LEU L 320 45.77 4.02 -2.51
N VAL L 321 46.12 3.67 -1.27
CA VAL L 321 46.39 2.29 -0.87
C VAL L 321 45.44 1.95 0.27
N PRO L 322 44.39 1.17 0.02
CA PRO L 322 43.33 1.01 1.04
C PRO L 322 43.82 0.48 2.38
N ILE L 323 44.81 -0.40 2.40
CA ILE L 323 45.26 -0.96 3.67
C ILE L 323 45.82 0.13 4.57
N ARG L 324 46.33 1.21 3.97
CA ARG L 324 46.84 2.32 4.79
C ARG L 324 45.68 3.12 5.38
N ILE L 325 44.55 3.18 4.68
CA ILE L 325 43.46 4.03 5.13
C ILE L 325 42.49 3.27 6.02
N TYR L 326 41.80 2.29 5.47
CA TYR L 326 40.60 1.74 6.10
C TYR L 326 40.93 0.96 7.37
N GLY L 327 39.91 0.84 8.24
CA GLY L 327 40.12 0.28 9.55
C GLY L 327 39.96 -1.22 9.62
N ALA L 328 40.00 -1.73 10.85
CA ALA L 328 39.96 -3.18 11.06
C ALA L 328 38.60 -3.75 10.71
N ILE L 329 37.53 -2.96 10.87
CA ILE L 329 36.20 -3.46 10.59
C ILE L 329 36.05 -3.81 9.11
N HIS L 330 36.71 -3.06 8.23
CA HIS L 330 36.63 -3.36 6.80
C HIS L 330 37.41 -4.62 6.47
N LEU L 331 38.45 -4.94 7.25
CA LEU L 331 39.10 -6.23 7.12
C LEU L 331 38.15 -7.35 7.50
N LEU L 332 37.34 -7.14 8.53
CA LEU L 332 36.40 -8.17 8.95
C LEU L 332 35.32 -8.40 7.90
N ARG L 333 34.96 -7.35 7.14
CA ARG L 333 34.00 -7.52 6.06
C ARG L 333 34.54 -8.46 4.99
N LEU L 334 35.84 -8.33 4.67
CA LEU L 334 36.45 -9.23 3.71
C LEU L 334 36.47 -10.66 4.22
N ILE L 335 36.72 -10.84 5.52
CA ILE L 335 36.74 -12.18 6.10
C ILE L 335 35.35 -12.81 6.04
N SER L 336 34.31 -12.00 6.21
CA SER L 336 32.95 -12.53 6.25
C SER L 336 32.57 -13.15 4.91
N VAL L 337 32.91 -12.49 3.80
CA VAL L 337 32.56 -13.01 2.48
C VAL L 337 33.67 -13.85 1.86
N LEU L 338 34.68 -14.24 2.64
CA LEU L 338 35.71 -15.12 2.11
C LEU L 338 35.16 -16.47 1.66
N PRO L 339 34.31 -17.17 2.41
CA PRO L 339 33.76 -18.44 1.89
C PRO L 339 33.01 -18.29 0.57
N GLU L 340 32.26 -17.20 0.40
CA GLU L 340 31.56 -17.01 -0.86
C GLU L 340 32.53 -16.76 -2.00
N LEU L 341 33.62 -16.03 -1.74
CA LEU L 341 34.62 -15.78 -2.77
C LEU L 341 35.39 -17.06 -3.10
N ILE L 342 35.66 -17.89 -2.10
CA ILE L 342 36.38 -19.14 -2.33
C ILE L 342 35.55 -20.08 -3.20
N SER L 343 34.24 -20.19 -2.91
CA SER L 343 33.40 -21.13 -3.62
C SER L 343 33.25 -20.75 -5.09
N SER L 344 33.30 -19.46 -5.39
CA SER L 344 33.14 -19.02 -6.77
C SER L 344 34.27 -19.51 -7.65
N THR L 345 35.50 -19.48 -7.15
CA THR L 345 36.66 -19.79 -7.96
C THR L 345 36.88 -21.29 -8.07
N THR L 346 38.01 -21.66 -8.67
CA THR L 346 38.41 -23.05 -8.83
C THR L 346 39.76 -23.25 -8.15
N MET L 347 39.73 -23.78 -6.93
CA MET L 347 40.94 -23.91 -6.13
C MET L 347 41.13 -25.35 -5.68
N ASP L 348 42.36 -25.66 -5.30
CA ASP L 348 42.66 -26.95 -4.70
C ASP L 348 41.97 -27.04 -3.34
N LEU L 349 41.44 -28.23 -3.03
CA LEU L 349 40.74 -28.41 -1.77
C LEU L 349 41.68 -28.23 -0.59
N GLN L 350 42.92 -28.71 -0.70
CA GLN L 350 43.86 -28.61 0.41
C GLN L 350 44.20 -27.15 0.71
N SER L 351 43.99 -26.26 -0.27
CA SER L 351 44.21 -24.84 -0.03
C SER L 351 42.97 -24.18 0.59
N CYS L 352 41.80 -24.75 0.31
CA CYS L 352 40.59 -24.24 0.95
C CYS L 352 40.65 -24.39 2.47
N GLN L 353 40.97 -25.59 2.95
CA GLN L 353 41.17 -25.76 4.38
C GLN L 353 42.40 -25.00 4.86
N LEU L 354 43.34 -24.71 3.96
CA LEU L 354 44.51 -23.94 4.36
C LEU L 354 44.13 -22.50 4.70
N LEU L 355 43.34 -21.86 3.82
CA LEU L 355 42.87 -20.50 4.13
C LEU L 355 41.95 -20.50 5.34
N ILE L 356 40.92 -21.35 5.32
CA ILE L 356 39.90 -21.30 6.36
C ILE L 356 40.49 -21.59 7.73
N LYS L 357 41.34 -22.62 7.83
CA LYS L 357 42.00 -22.89 9.10
C LYS L 357 42.88 -21.71 9.51
N GLN L 358 43.61 -21.15 8.55
CA GLN L 358 44.47 -20.01 8.87
C GLN L 358 43.64 -18.80 9.29
N THR L 359 42.55 -18.54 8.57
CA THR L 359 41.66 -17.44 8.95
C THR L 359 41.03 -17.68 10.31
N GLU L 360 40.55 -18.91 10.56
CA GLU L 360 39.99 -19.22 11.87
C GLU L 360 41.02 -19.00 12.97
N ASP L 361 42.30 -19.14 12.66
CA ASP L 361 43.33 -18.82 13.63
C ASP L 361 43.48 -17.32 13.80
N PHE L 362 43.28 -16.56 12.71
CA PHE L 362 43.32 -15.10 12.81
C PHE L 362 42.15 -14.58 13.62
N LEU L 363 40.94 -15.04 13.32
CA LEU L 363 39.76 -14.55 14.03
C LEU L 363 39.86 -14.82 15.53
N VAL L 364 40.41 -15.98 15.90
CA VAL L 364 40.66 -16.25 17.32
C VAL L 364 41.57 -15.20 17.91
N TRP L 365 42.65 -14.86 17.21
CA TRP L 365 43.53 -13.81 17.68
C TRP L 365 42.81 -12.47 17.74
N LEU L 366 41.94 -12.19 16.77
CA LEU L 366 41.20 -10.94 16.77
C LEU L 366 40.25 -10.89 17.95
N LEU L 367 39.70 -12.04 18.36
CA LEU L 367 38.82 -12.08 19.51
C LEU L 367 39.55 -11.67 20.78
N MET L 368 40.79 -12.12 20.95
CA MET L 368 41.55 -11.79 22.16
C MET L 368 41.84 -10.29 22.23
N HIS L 369 41.80 -9.59 21.09
CA HIS L 369 42.05 -8.16 21.05
C HIS L 369 40.84 -7.36 20.58
N VAL L 370 39.63 -7.91 20.74
CA VAL L 370 38.44 -7.25 20.23
C VAL L 370 38.20 -5.94 20.99
N ASP L 371 38.66 -5.86 22.24
CA ASP L 371 38.32 -4.71 23.07
C ASP L 371 38.89 -3.42 22.51
N GLU L 372 40.14 -3.44 22.04
CA GLU L 372 40.82 -2.20 21.72
C GLU L 372 40.84 -1.93 20.21
N TYR L 373 40.22 -2.80 19.42
CA TYR L 373 39.90 -2.43 18.03
C TYR L 373 38.47 -1.94 17.89
N PHE L 374 37.51 -2.69 18.40
CA PHE L 374 36.10 -2.34 18.28
C PHE L 374 35.60 -1.84 19.62
N ASN L 375 35.57 -0.52 19.78
CA ASN L 375 35.04 0.09 20.98
C ASN L 375 33.74 0.81 20.63
N ASP L 376 32.76 0.69 21.52
CA ASP L 376 31.45 1.29 21.30
C ASP L 376 31.44 2.67 21.95
N LYS L 377 31.67 3.69 21.14
CA LYS L 377 31.65 5.08 21.59
C LYS L 377 30.62 5.84 20.76
N ASP L 378 29.82 6.64 21.43
CA ASP L 378 28.79 7.40 20.73
C ASP L 378 29.44 8.50 19.89
N PRO L 379 29.15 8.55 18.59
CA PRO L 379 29.76 9.60 17.77
C PRO L 379 29.40 11.01 18.21
N ASN L 380 28.24 11.17 18.82
CA ASN L 380 27.86 12.50 19.20
C ASN L 380 28.84 12.85 20.29
N ARG L 381 29.13 11.91 21.16
CA ARG L 381 29.96 12.26 22.30
C ARG L 381 31.47 12.23 22.11
N SER L 382 32.06 11.06 22.01
CA SER L 382 33.51 11.02 21.99
C SER L 382 34.15 11.82 20.90
N ASP L 383 33.80 11.54 19.66
CA ASP L 383 34.41 12.18 18.49
C ASP L 383 35.65 11.41 18.20
N ASP L 384 35.96 10.42 19.03
CA ASP L 384 37.07 9.52 18.74
C ASP L 384 36.45 8.22 18.31
N ALA L 385 35.13 8.18 18.18
CA ALA L 385 34.49 6.92 17.89
C ALA L 385 34.79 6.49 16.50
N LEU L 386 34.71 5.19 16.25
CA LEU L 386 35.12 4.75 14.94
C LEU L 386 34.17 5.25 13.89
N TYR L 387 32.94 5.54 14.26
CA TYR L 387 31.96 5.98 13.28
C TYR L 387 31.68 7.46 13.48
N VAL L 388 31.46 8.17 12.38
CA VAL L 388 31.10 9.58 12.40
C VAL L 388 29.83 9.75 11.59
N ASN L 389 28.96 10.64 12.03
CA ASN L 389 27.68 10.83 11.35
C ASN L 389 27.90 11.44 9.97
N THR L 390 26.81 11.51 9.21
CA THR L 390 26.84 11.98 7.83
C THR L 390 25.94 13.20 7.69
N SER L 391 26.45 14.22 7.02
CA SER L 391 25.68 15.44 6.80
C SER L 391 24.50 15.15 5.87
N SER L 392 23.50 16.04 5.94
CA SER L 392 22.33 15.87 5.10
C SER L 392 22.66 16.09 3.63
N GLN L 393 23.85 16.63 3.35
CA GLN L 393 24.27 16.80 1.96
C GLN L 393 25.10 15.60 1.49
N TYR L 394 25.95 15.06 2.35
CA TYR L 394 26.67 13.84 2.00
C TYR L 394 25.72 12.68 1.81
N GLU L 395 24.71 12.55 2.67
CA GLU L 395 23.75 11.47 2.52
C GLU L 395 22.93 11.62 1.26
N GLY L 396 22.61 12.86 0.88
CA GLY L 396 21.78 13.08 -0.29
C GLY L 396 22.39 12.57 -1.57
N VAL L 397 23.67 12.90 -1.81
CA VAL L 397 24.31 12.47 -3.05
C VAL L 397 24.56 10.97 -3.03
N ALA L 398 25.02 10.45 -1.89
CA ALA L 398 25.37 9.03 -1.81
C ALA L 398 24.16 8.14 -2.06
N LEU L 399 23.02 8.50 -1.48
CA LEU L 399 21.83 7.68 -1.65
C LEU L 399 21.04 8.07 -2.88
N GLY L 400 20.89 9.37 -3.13
CA GLY L 400 20.15 9.83 -4.30
C GLY L 400 20.83 9.49 -5.60
N ILE M 660 8.83 -2.39 63.21
CA ILE M 660 10.21 -1.92 63.21
C ILE M 660 10.57 -1.51 61.78
N SER M 661 11.62 -0.70 61.64
CA SER M 661 12.06 -0.28 60.31
C SER M 661 12.47 -1.48 59.46
N LEU M 662 12.94 -2.55 60.11
CA LEU M 662 13.31 -3.75 59.37
C LEU M 662 12.09 -4.40 58.72
N ASN M 663 10.91 -4.20 59.28
CA ASN M 663 9.73 -4.93 58.82
C ASN M 663 9.37 -4.58 57.39
N GLU M 664 9.53 -3.31 57.05
CA GLU M 664 9.22 -2.87 55.71
C GLU M 664 10.22 -3.39 54.73
N GLU M 665 11.50 -3.28 55.05
CA GLU M 665 12.52 -3.66 54.10
C GLU M 665 12.43 -5.13 53.76
N VAL M 666 12.19 -5.98 54.74
CA VAL M 666 12.06 -7.40 54.44
C VAL M 666 10.79 -7.67 53.64
N THR M 667 9.93 -6.67 53.49
CA THR M 667 8.70 -6.80 52.72
C THR M 667 8.60 -5.82 51.56
N PHE M 668 9.65 -5.04 51.30
CA PHE M 668 9.57 -4.05 50.24
C PHE M 668 9.31 -4.69 48.88
N PHE M 669 9.93 -5.85 48.63
CA PHE M 669 9.71 -6.50 47.35
C PHE M 669 8.32 -7.14 47.29
N GLU M 670 7.79 -7.56 48.44
CA GLU M 670 6.41 -8.04 48.47
C GLU M 670 5.43 -6.90 48.21
N LYS M 671 5.65 -5.76 48.86
CA LYS M 671 4.81 -4.59 48.60
C LYS M 671 4.96 -4.13 47.15
N ALA M 672 6.18 -4.19 46.62
CA ALA M 672 6.39 -3.83 45.23
C ALA M 672 5.72 -4.83 44.30
N LYS M 673 5.79 -6.12 44.63
CA LYS M 673 5.21 -7.14 43.76
C LYS M 673 3.70 -6.97 43.62
N ARG M 674 3.02 -6.65 44.72
CA ARG M 674 1.58 -6.49 44.68
C ARG M 674 1.17 -5.33 43.77
N TYR M 675 1.85 -4.20 43.89
CA TYR M 675 1.44 -3.03 43.12
C TYR M 675 1.72 -3.20 41.63
N ILE M 676 2.91 -3.71 41.28
CA ILE M 676 3.27 -3.84 39.87
C ILE M 676 2.30 -4.76 39.15
N GLY M 677 1.70 -5.70 39.89
CA GLY M 677 0.67 -6.53 39.31
C GLY M 677 1.19 -7.66 38.47
N ASN M 678 1.06 -7.56 37.15
CA ASN M 678 1.44 -8.65 36.27
C ASN M 678 2.93 -8.94 36.36
N LYS M 679 3.30 -10.20 36.20
CA LYS M 679 4.70 -10.56 36.33
C LYS M 679 5.58 -9.93 35.26
N HIS M 680 5.07 -9.83 34.05
CA HIS M 680 5.90 -9.30 32.97
C HIS M 680 6.41 -7.90 33.28
N LEU M 681 5.64 -7.12 34.03
CA LEU M 681 6.13 -5.81 34.46
C LEU M 681 7.03 -5.93 35.68
N TYR M 682 6.78 -6.93 36.52
CA TYR M 682 7.63 -7.12 37.70
C TYR M 682 9.03 -7.58 37.31
N THR M 683 9.13 -8.39 36.26
CA THR M 683 10.44 -8.83 35.80
C THR M 683 11.30 -7.64 35.38
N GLU M 684 10.73 -6.73 34.60
CA GLU M 684 11.47 -5.53 34.21
C GLU M 684 11.87 -4.71 35.43
N PHE M 685 11.03 -4.70 36.45
CA PHE M 685 11.40 -4.01 37.69
C PHE M 685 12.59 -4.68 38.35
N LEU M 686 12.70 -6.01 38.23
CA LEU M 686 13.85 -6.69 38.79
C LEU M 686 15.10 -6.46 37.93
N LYS M 687 14.93 -6.46 36.61
CA LYS M 687 16.07 -6.20 35.73
C LYS M 687 16.65 -4.81 35.97
N ILE M 688 15.79 -3.81 36.14
CA ILE M 688 16.26 -2.47 36.44
C ILE M 688 17.00 -2.44 37.76
N LEU M 689 16.44 -3.09 38.78
CA LEU M 689 17.12 -3.18 40.06
C LEU M 689 18.45 -3.91 39.94
N ASN M 690 18.55 -4.85 39.00
CA ASN M 690 19.80 -5.53 38.77
C ASN M 690 20.87 -4.56 38.25
N LEU M 691 20.54 -3.81 37.20
CA LEU M 691 21.54 -2.95 36.56
C LEU M 691 22.17 -2.00 37.55
N TYR M 692 21.41 -1.51 38.53
CA TYR M 692 21.99 -0.67 39.56
C TYR M 692 22.99 -1.44 40.41
N SER M 693 22.67 -2.69 40.76
CA SER M 693 23.55 -3.46 41.61
C SER M 693 24.77 -3.96 40.84
N GLN M 694 24.71 -3.92 39.50
CA GLN M 694 25.87 -4.27 38.69
C GLN M 694 26.72 -3.05 38.37
N ASP M 695 26.37 -1.90 38.93
CA ASP M 695 27.10 -0.65 38.74
C ASP M 695 27.01 -0.17 37.30
N ILE M 696 26.07 -0.73 36.53
CA ILE M 696 25.85 -0.26 35.17
C ILE M 696 24.96 0.97 35.17
N LEU M 697 24.02 1.06 36.11
CA LEU M 697 23.01 2.10 36.13
C LEU M 697 23.23 2.99 37.35
N ASP M 698 23.26 4.29 37.12
CA ASP M 698 23.49 5.23 38.21
C ASP M 698 22.27 5.30 39.13
N LEU M 699 22.51 5.75 40.36
CA LEU M 699 21.45 5.79 41.36
C LEU M 699 20.31 6.71 40.94
N ASP M 700 20.63 7.90 40.45
CA ASP M 700 19.60 8.84 40.04
C ASP M 700 18.76 8.26 38.90
N ASP M 701 19.41 7.57 37.96
CA ASP M 701 18.67 6.94 36.87
C ASP M 701 17.79 5.80 37.39
N LEU M 702 18.24 5.10 38.43
CA LEU M 702 17.42 4.04 39.00
C LEU M 702 16.16 4.62 39.63
N VAL M 703 16.29 5.68 40.41
CA VAL M 703 15.13 6.27 41.08
C VAL M 703 14.16 6.82 40.04
N GLU M 704 14.69 7.38 38.95
CA GLU M 704 13.81 7.91 37.91
C GLU M 704 13.00 6.80 37.24
N LYS M 705 13.63 5.63 37.03
CA LYS M 705 12.90 4.53 36.42
C LYS M 705 11.91 3.91 37.38
N VAL M 706 12.28 3.79 38.66
CA VAL M 706 11.37 3.24 39.66
C VAL M 706 10.14 4.13 39.79
N ASP M 707 10.30 5.44 39.54
CA ASP M 707 9.18 6.36 39.60
C ASP M 707 8.04 5.92 38.70
N PHE M 708 8.36 5.40 37.51
CA PHE M 708 7.30 4.96 36.60
C PHE M 708 6.60 3.71 37.14
N TYR M 709 7.29 2.93 37.96
CA TYR M 709 6.64 1.78 38.59
C TYR M 709 5.86 2.20 39.83
N LEU M 710 6.53 2.74 40.83
CA LEU M 710 5.94 3.00 42.14
C LEU M 710 5.54 4.46 42.33
N GLY M 711 5.15 5.15 41.26
CA GLY M 711 4.85 6.57 41.39
C GLY M 711 3.62 6.85 42.23
N SER M 712 2.58 6.04 42.07
CA SER M 712 1.32 6.33 42.74
C SER M 712 1.41 6.10 44.24
N ASN M 713 2.06 5.02 44.66
CA ASN M 713 2.19 4.70 46.08
C ASN M 713 3.19 5.67 46.71
N LYS M 714 2.72 6.87 47.04
CA LYS M 714 3.61 7.89 47.57
C LYS M 714 4.25 7.44 48.88
N GLU M 715 3.49 6.76 49.73
CA GLU M 715 4.05 6.28 50.99
C GLU M 715 5.12 5.23 50.75
N LEU M 716 5.01 4.48 49.65
CA LEU M 716 6.02 3.49 49.33
C LEU M 716 7.21 4.12 48.60
N PHE M 717 6.94 4.89 47.55
CA PHE M 717 8.01 5.52 46.79
C PHE M 717 8.87 6.40 47.67
N THR M 718 8.26 7.15 48.59
CA THR M 718 9.03 7.97 49.52
C THR M 718 9.96 7.10 50.36
N TRP M 719 9.47 5.94 50.81
CA TRP M 719 10.33 5.04 51.56
C TRP M 719 11.50 4.55 50.70
N PHE M 720 11.22 4.20 49.44
CA PHE M 720 12.30 3.75 48.56
C PHE M 720 13.31 4.85 48.33
N LYS M 721 12.85 6.08 48.10
CA LYS M 721 13.76 7.20 47.96
C LYS M 721 14.58 7.41 49.22
N ASN M 722 13.95 7.21 50.39
CA ASN M 722 14.68 7.27 51.65
C ASN M 722 15.72 6.17 51.75
N PHE M 723 15.36 4.96 51.31
CA PHE M 723 16.24 3.80 51.48
C PHE M 723 17.51 3.94 50.68
N VAL M 724 17.40 4.26 49.38
CA VAL M 724 18.58 4.29 48.53
C VAL M 724 19.45 5.51 48.85
N GLY M 725 18.88 6.48 49.54
CA GLY M 725 19.60 7.70 49.86
C GLY M 725 19.53 8.79 48.82
N TYR M 726 18.55 8.72 47.92
CA TYR M 726 18.41 9.73 46.88
C TYR M 726 18.17 11.11 47.51
N GLN M 727 18.88 12.11 47.00
CA GLN M 727 18.77 13.48 47.48
C GLN M 727 18.46 14.40 46.30
N GLU M 728 17.36 15.13 46.40
CA GLU M 728 16.89 16.01 45.35
C GLU M 728 17.22 17.46 45.69
N LYS M 729 17.64 18.22 44.69
CA LYS M 729 18.00 19.63 44.85
C LYS M 729 19.04 19.83 45.94
N CYS M 748 25.28 19.34 27.60
CA CYS M 748 25.48 18.23 28.53
C CYS M 748 24.84 16.95 28.01
N GLU M 749 24.42 16.08 28.93
CA GLU M 749 23.85 14.80 28.52
C GLU M 749 22.39 14.94 28.10
N ALA M 750 21.82 16.13 28.29
CA ALA M 750 20.47 16.42 27.78
C ALA M 750 20.57 16.88 26.33
N PHE M 751 20.95 15.92 25.46
CA PHE M 751 21.21 16.24 24.07
C PHE M 751 19.92 16.48 23.30
N GLY M 752 18.91 15.66 23.52
CA GLY M 752 17.71 15.72 22.74
C GLY M 752 17.72 14.70 21.61
N PRO M 753 16.53 14.27 21.19
CA PRO M 753 16.48 13.20 20.17
C PRO M 753 16.65 13.70 18.75
N SER M 754 16.41 14.98 18.49
CA SER M 754 16.31 15.45 17.12
C SER M 754 17.68 15.60 16.47
N TYR M 755 18.66 16.12 17.20
CA TYR M 755 19.89 16.63 16.61
C TYR M 755 21.05 15.68 16.84
N LYS M 756 21.88 15.51 15.81
CA LYS M 756 23.05 14.65 15.84
C LYS M 756 24.29 15.50 15.52
N ARG M 757 25.43 15.10 16.08
CA ARG M 757 26.66 15.86 15.87
C ARG M 757 27.34 15.45 14.57
N LEU M 758 27.84 16.44 13.83
CA LEU M 758 28.68 16.18 12.66
C LEU M 758 30.13 16.09 13.07
N PRO M 759 30.96 15.44 12.26
CA PRO M 759 32.41 15.43 12.53
C PRO M 759 32.99 16.82 12.34
N LYS M 760 34.23 16.98 12.80
CA LYS M 760 34.87 18.29 12.77
C LYS M 760 35.23 18.70 11.34
N SER M 761 35.59 17.72 10.50
CA SER M 761 36.08 18.05 9.17
C SER M 761 34.98 18.67 8.29
N ASP M 762 33.75 18.18 8.41
CA ASP M 762 32.69 18.61 7.51
C ASP M 762 32.28 20.06 7.77
N THR M 763 32.65 20.61 8.93
CA THR M 763 32.26 21.97 9.26
C THR M 763 33.11 23.02 8.56
N PHE M 764 34.01 22.61 7.66
CA PHE M 764 34.96 23.54 7.09
C PHE M 764 34.50 24.13 5.76
N MET M 765 33.33 23.72 5.26
CA MET M 765 32.89 24.19 3.96
C MET M 765 32.59 25.69 4.02
N PRO M 766 33.18 26.48 3.13
CA PRO M 766 33.40 27.91 3.42
C PRO M 766 32.15 28.76 3.27
N CYS M 767 32.16 29.90 3.98
CA CYS M 767 31.20 30.98 3.82
C CYS M 767 31.97 32.27 3.58
N SER M 768 31.62 32.97 2.49
CA SER M 768 32.41 34.12 2.09
C SER M 768 32.25 35.29 3.06
N GLY M 769 31.01 35.57 3.47
CA GLY M 769 30.76 36.80 4.18
C GLY M 769 30.41 36.63 5.65
N ARG M 770 31.04 35.67 6.32
CA ARG M 770 30.84 35.46 7.74
C ARG M 770 31.87 36.25 8.52
N ASP M 771 31.39 37.23 9.28
CA ASP M 771 32.26 38.00 10.16
C ASP M 771 32.74 37.13 11.32
N ASP M 772 33.70 37.64 12.09
CA ASP M 772 34.17 36.92 13.26
C ASP M 772 33.03 36.65 14.23
N MET M 773 32.11 37.62 14.37
CA MET M 773 30.99 37.44 15.27
C MET M 773 30.11 36.26 14.85
N CYS M 774 29.89 36.10 13.55
CA CYS M 774 29.00 35.05 13.07
C CYS M 774 29.51 33.67 13.46
N TRP M 775 30.84 33.51 13.57
CA TRP M 775 31.38 32.19 13.86
C TRP M 775 31.03 31.74 15.28
N GLU M 776 31.03 32.67 16.24
CA GLU M 776 30.71 32.28 17.61
C GLU M 776 29.22 31.98 17.76
N VAL M 777 28.37 32.72 17.06
CA VAL M 777 26.93 32.62 17.29
C VAL M 777 26.34 31.42 16.57
N LEU M 778 26.59 31.31 15.27
CA LEU M 778 25.90 30.31 14.46
C LEU M 778 26.32 28.90 14.84
N ASN M 779 25.51 27.94 14.43
CA ASN M 779 25.73 26.53 14.73
C ASN M 779 26.18 25.82 13.46
N ASP M 780 27.30 25.10 13.55
CA ASP M 780 27.82 24.32 12.44
C ASP M 780 27.97 22.84 12.76
N GLU M 781 28.17 22.49 14.03
CA GLU M 781 28.43 21.10 14.38
C GLU M 781 27.16 20.27 14.44
N TRP M 782 26.10 20.82 15.02
CA TRP M 782 24.86 20.08 15.25
C TRP M 782 23.88 20.33 14.12
N VAL M 783 23.25 19.26 13.64
CA VAL M 783 22.36 19.32 12.50
C VAL M 783 21.22 18.33 12.72
N GLY M 784 20.03 18.66 12.20
CA GLY M 784 18.90 17.76 12.24
C GLY M 784 18.08 17.85 10.96
N HIS M 785 17.61 16.72 10.46
CA HIS M 785 16.95 16.68 9.17
C HIS M 785 15.66 15.89 9.25
N PRO M 786 14.69 16.18 8.37
CA PRO M 786 13.46 15.37 8.38
C PRO M 786 13.68 13.89 8.18
N VAL M 787 14.59 13.49 7.29
CA VAL M 787 14.74 12.07 6.98
C VAL M 787 15.27 11.30 8.18
N TRP M 788 15.83 12.02 9.16
CA TRP M 788 16.27 11.35 10.38
C TRP M 788 15.20 11.41 11.46
N ALA M 789 14.55 12.57 11.62
CA ALA M 789 13.51 12.70 12.63
C ALA M 789 12.27 11.89 12.27
N SER M 790 12.03 11.69 10.97
CA SER M 790 10.88 10.91 10.54
C SER M 790 11.13 9.42 10.69
N GLU M 791 12.36 9.05 11.05
CA GLU M 791 12.78 7.65 11.11
C GLU M 791 12.66 7.00 9.74
N ASP M 792 12.72 7.81 8.70
CA ASP M 792 12.73 7.42 7.28
C ASP M 792 11.37 6.92 6.85
N SER M 793 10.40 6.82 7.75
CA SER M 793 9.09 6.25 7.44
C SER M 793 8.09 7.28 6.93
N GLY M 794 8.51 8.54 6.76
CA GLY M 794 7.61 9.55 6.23
C GLY M 794 6.71 10.16 7.29
N PHE M 795 5.86 11.08 6.83
CA PHE M 795 4.99 11.85 7.68
C PHE M 795 3.53 11.61 7.32
N ILE M 796 2.63 12.09 8.17
CA ILE M 796 1.19 12.05 7.93
C ILE M 796 0.70 13.47 7.76
N ALA M 797 0.14 13.77 6.60
CA ALA M 797 -0.48 15.07 6.38
C ALA M 797 -1.88 15.08 6.95
N HIS M 798 -2.34 16.27 7.36
CA HIS M 798 -3.68 16.38 7.91
C HIS M 798 -4.72 16.19 6.81
N ARG M 799 -5.71 15.34 7.09
CA ARG M 799 -6.75 15.08 6.11
C ARG M 799 -7.65 16.30 5.95
N LYS M 800 -8.21 16.44 4.75
CA LYS M 800 -9.07 17.57 4.42
C LYS M 800 -10.38 17.08 3.86
N ASN M 801 -11.40 17.93 3.93
CA ASN M 801 -12.75 17.55 3.53
C ASN M 801 -12.82 17.27 2.03
N GLN M 802 -14.00 16.81 1.59
CA GLN M 802 -14.29 16.81 0.17
C GLN M 802 -14.57 18.21 -0.33
N TYR M 803 -15.13 19.06 0.54
CA TYR M 803 -15.46 20.43 0.15
C TYR M 803 -14.28 21.37 0.40
N GLU M 804 -13.50 21.12 1.45
CA GLU M 804 -12.34 21.97 1.71
C GLU M 804 -11.27 21.77 0.65
N GLU M 805 -11.36 20.70 -0.12
CA GLU M 805 -10.44 20.53 -1.24
C GLU M 805 -10.99 21.18 -2.50
N THR M 806 -12.23 21.66 -2.45
CA THR M 806 -12.76 22.46 -3.55
C THR M 806 -12.33 23.91 -3.44
N LEU M 807 -12.32 24.45 -2.21
CA LEU M 807 -11.80 25.80 -2.01
C LEU M 807 -10.32 25.89 -2.34
N PHE M 808 -9.65 24.74 -2.42
CA PHE M 808 -8.24 24.73 -2.78
C PHE M 808 -8.06 24.68 -4.29
N LYS M 809 -8.92 23.92 -4.97
CA LYS M 809 -8.95 23.97 -6.43
C LYS M 809 -9.34 25.35 -6.92
N ILE M 810 -10.33 25.96 -6.28
CA ILE M 810 -10.74 27.32 -6.66
C ILE M 810 -9.61 28.30 -6.39
N GLU M 811 -8.92 28.14 -5.26
CA GLU M 811 -7.84 29.06 -4.93
C GLU M 811 -6.77 29.07 -6.02
N GLU M 812 -6.41 27.89 -6.51
CA GLU M 812 -5.40 27.82 -7.56
C GLU M 812 -5.91 28.42 -8.87
N GLU M 813 -7.15 28.12 -9.25
CA GLU M 813 -7.72 28.75 -10.44
C GLU M 813 -7.77 30.26 -10.28
N ARG M 814 -8.00 30.74 -9.06
CA ARG M 814 -7.94 32.18 -8.81
C ARG M 814 -6.53 32.71 -9.04
N HIS M 815 -5.52 32.05 -8.48
CA HIS M 815 -4.15 32.54 -8.58
C HIS M 815 -3.66 32.48 -10.02
N GLU M 816 -4.00 31.41 -10.75
CA GLU M 816 -3.47 31.25 -12.10
C GLU M 816 -3.91 32.39 -13.00
N TYR M 817 -5.16 32.80 -12.90
CA TYR M 817 -5.61 33.96 -13.68
C TYR M 817 -5.03 35.25 -13.12
N ASP M 818 -4.89 35.33 -11.80
CA ASP M 818 -4.44 36.57 -11.18
C ASP M 818 -2.94 36.76 -11.38
N PHE M 819 -2.17 35.67 -11.31
CA PHE M 819 -0.73 35.76 -11.54
C PHE M 819 -0.40 36.28 -12.92
N TYR M 820 -1.03 35.70 -13.96
CA TYR M 820 -0.68 36.07 -15.32
C TYR M 820 -1.10 37.50 -15.64
N ILE M 821 -2.28 37.91 -15.18
CA ILE M 821 -2.75 39.26 -15.47
C ILE M 821 -1.87 40.30 -14.80
N GLU M 822 -1.63 40.15 -13.49
CA GLU M 822 -0.87 41.17 -12.76
C GLU M 822 0.58 41.22 -13.22
N SER M 823 1.20 40.05 -13.43
CA SER M 823 2.55 40.04 -13.99
C SER M 823 2.58 40.70 -15.35
N ASN M 824 1.46 40.66 -16.08
CA ASN M 824 1.38 41.35 -17.35
C ASN M 824 1.29 42.86 -17.17
N LEU M 825 0.50 43.32 -16.19
CA LEU M 825 0.39 44.75 -15.95
C LEU M 825 1.72 45.38 -15.63
N ARG M 826 2.52 44.73 -14.77
CA ARG M 826 3.78 45.34 -14.35
C ARG M 826 4.70 45.56 -15.52
N THR M 827 4.55 44.77 -16.59
CA THR M 827 5.29 45.02 -17.81
C THR M 827 4.69 46.18 -18.59
N ILE M 828 3.35 46.29 -18.58
CA ILE M 828 2.68 47.36 -19.33
C ILE M 828 3.17 48.72 -18.87
N GLN M 829 3.22 48.95 -17.55
CA GLN M 829 3.71 50.23 -17.06
C GLN M 829 5.19 50.41 -17.36
N CYS M 830 5.96 49.33 -17.31
CA CYS M 830 7.38 49.42 -17.64
C CYS M 830 7.57 49.83 -19.09
N LEU M 831 6.80 49.24 -20.01
CA LEU M 831 6.92 49.59 -21.41
C LEU M 831 6.25 50.93 -21.71
N GLU M 832 5.18 51.25 -21.00
CA GLU M 832 4.45 52.49 -21.29
C GLU M 832 5.31 53.72 -21.07
N THR M 833 6.08 53.75 -19.99
CA THR M 833 7.00 54.86 -19.77
C THR M 833 8.09 54.87 -20.82
N ILE M 834 8.52 53.68 -21.26
CA ILE M 834 9.50 53.60 -22.34
C ILE M 834 8.94 54.18 -23.63
N VAL M 835 7.75 53.72 -24.04
CA VAL M 835 7.23 54.03 -25.36
C VAL M 835 7.08 55.53 -25.55
N ASN M 836 6.54 56.21 -24.54
CA ASN M 836 6.39 57.67 -24.62
C ASN M 836 7.75 58.35 -24.82
N LYS M 837 8.82 57.73 -24.33
CA LYS M 837 10.15 58.31 -24.51
C LYS M 837 10.57 58.30 -25.98
N ILE M 838 10.26 57.22 -26.70
CA ILE M 838 10.63 57.15 -28.12
C ILE M 838 9.99 58.28 -28.91
N GLU M 839 8.68 58.49 -28.72
CA GLU M 839 8.00 59.50 -29.53
C GLU M 839 8.47 60.90 -29.19
N ASN M 840 9.13 61.06 -28.04
CA ASN M 840 9.83 62.32 -27.77
C ASN M 840 11.12 62.41 -28.59
N MET M 841 11.83 61.29 -28.72
CA MET M 841 13.14 61.33 -29.38
C MET M 841 13.13 61.51 -30.89
N THR M 842 14.23 62.04 -31.42
CA THR M 842 14.37 62.24 -32.86
C THR M 842 14.52 60.91 -33.55
N GLU M 843 14.15 60.84 -34.81
CA GLU M 843 14.19 59.57 -35.50
C GLU M 843 15.63 59.07 -35.54
N ASN M 844 16.56 59.99 -35.77
CA ASN M 844 17.96 59.59 -35.75
C ASN M 844 18.27 59.10 -34.35
N GLU M 845 17.76 59.79 -33.36
CA GLU M 845 17.99 59.36 -32.01
C GLU M 845 17.38 57.99 -31.82
N LYS M 846 16.24 57.76 -32.43
CA LYS M 846 15.57 56.51 -32.22
C LYS M 846 16.49 55.41 -32.65
N ALA M 847 17.40 55.70 -33.55
CA ALA M 847 18.22 54.62 -34.07
C ALA M 847 19.02 54.05 -32.95
N ASN M 848 19.49 54.88 -32.04
CA ASN M 848 20.35 54.37 -30.99
C ASN M 848 19.82 54.55 -29.57
N PHE M 849 18.75 53.84 -29.20
CA PHE M 849 18.30 53.92 -27.81
C PHE M 849 18.08 52.54 -27.29
N LYS M 850 19.15 51.80 -27.12
CA LYS M 850 19.07 50.46 -26.59
C LYS M 850 18.71 50.45 -25.11
N LEU M 851 18.01 49.42 -24.66
CA LEU M 851 17.65 49.31 -23.25
C LEU M 851 18.49 48.29 -22.49
N PRO M 852 19.22 48.73 -21.45
CA PRO M 852 19.97 47.78 -20.63
C PRO M 852 19.06 46.69 -20.12
N PRO M 853 19.62 45.55 -19.68
CA PRO M 853 18.66 44.55 -19.20
C PRO M 853 17.84 45.07 -18.03
N GLY M 854 16.68 44.48 -17.82
CA GLY M 854 15.70 45.03 -16.91
C GLY M 854 15.01 46.29 -17.38
N LEU M 855 15.29 46.71 -18.61
CA LEU M 855 14.62 47.90 -19.14
C LEU M 855 14.70 49.08 -18.18
N GLY M 856 15.71 49.10 -17.32
CA GLY M 856 15.79 50.08 -16.26
C GLY M 856 14.89 49.80 -15.08
N HIS M 857 14.07 48.76 -15.14
CA HIS M 857 13.18 48.44 -14.05
C HIS M 857 13.95 47.74 -12.93
N THR M 858 13.26 47.54 -11.80
CA THR M 858 13.92 46.96 -10.64
C THR M 858 14.12 45.45 -10.79
N SER M 859 13.22 44.79 -11.50
CA SER M 859 13.22 43.33 -11.60
C SER M 859 13.66 42.92 -13.00
N MET M 860 14.76 42.16 -13.07
CA MET M 860 15.27 41.72 -14.37
C MET M 860 14.51 40.51 -14.90
N THR M 861 13.75 39.84 -14.04
CA THR M 861 13.22 38.53 -14.42
C THR M 861 11.76 38.60 -14.84
N ILE M 862 11.00 39.54 -14.27
CA ILE M 862 9.55 39.55 -14.48
C ILE M 862 9.21 39.74 -15.95
N TYR M 863 9.88 40.68 -16.61
CA TYR M 863 9.50 41.04 -17.98
C TYR M 863 9.89 39.94 -18.97
N LYS M 864 10.64 38.93 -18.52
CA LYS M 864 10.94 37.80 -19.41
C LYS M 864 9.86 36.73 -19.33
N LYS M 865 9.37 36.43 -18.13
CA LYS M 865 8.40 35.35 -17.98
C LYS M 865 7.06 35.73 -18.59
N VAL M 866 6.84 37.02 -18.84
CA VAL M 866 5.57 37.45 -19.42
C VAL M 866 5.63 37.46 -20.94
N ILE M 867 6.75 37.95 -21.50
CA ILE M 867 6.90 37.96 -22.96
C ILE M 867 7.03 36.54 -23.49
N ARG M 868 7.75 35.69 -22.76
CA ARG M 868 7.94 34.32 -23.22
C ARG M 868 6.62 33.57 -23.27
N LYS M 869 5.70 33.86 -22.34
CA LYS M 869 4.41 33.20 -22.35
C LYS M 869 3.61 33.56 -23.59
N VAL M 870 3.50 34.86 -23.89
CA VAL M 870 2.68 35.30 -25.01
C VAL M 870 3.30 34.86 -26.33
N TYR M 871 4.55 35.22 -26.55
CA TYR M 871 5.16 34.98 -27.87
C TYR M 871 5.75 33.62 -28.13
N ASP M 872 4.96 32.57 -28.02
CA ASP M 872 5.43 31.25 -28.44
C ASP M 872 6.71 30.66 -27.88
N LYS M 873 6.96 30.75 -26.57
CA LYS M 873 8.14 30.04 -26.05
C LYS M 873 9.44 30.51 -26.67
N GLU M 874 10.13 29.61 -27.36
CA GLU M 874 11.39 29.93 -28.02
C GLU M 874 11.41 31.16 -28.90
N ARG M 875 10.34 31.41 -29.64
CA ARG M 875 10.39 32.52 -30.56
C ARG M 875 10.58 33.69 -29.68
N GLY M 876 9.91 33.67 -28.56
CA GLY M 876 10.08 34.74 -27.62
C GLY M 876 11.47 35.13 -27.23
N PHE M 877 12.47 34.29 -27.47
CA PHE M 877 13.77 34.75 -26.98
C PHE M 877 14.34 35.87 -27.85
N GLU M 878 14.18 35.77 -29.17
CA GLU M 878 14.73 36.80 -30.04
C GLU M 878 13.89 38.08 -30.00
N ILE M 879 12.71 38.03 -29.39
CA ILE M 879 11.99 39.27 -29.09
C ILE M 879 12.75 40.08 -28.07
N ILE M 880 13.15 39.44 -26.96
CA ILE M 880 13.86 40.16 -25.90
C ILE M 880 15.15 40.73 -26.43
N ASP M 881 15.91 39.94 -27.20
CA ASP M 881 17.13 40.46 -27.81
C ASP M 881 16.81 41.59 -28.78
N ALA M 882 15.72 41.47 -29.54
CA ALA M 882 15.27 42.57 -30.36
C ALA M 882 14.80 43.74 -29.51
N LEU M 883 14.17 43.44 -28.37
CA LEU M 883 13.70 44.50 -27.49
C LEU M 883 14.87 45.30 -26.92
N HIS M 884 15.97 44.64 -26.59
CA HIS M 884 17.16 45.35 -26.12
C HIS M 884 17.88 46.03 -27.27
N GLU M 885 18.19 45.27 -28.32
CA GLU M 885 19.04 45.81 -29.38
C GLU M 885 18.33 46.89 -30.17
N HIS M 886 17.05 46.70 -30.47
CA HIS M 886 16.28 47.64 -31.31
C HIS M 886 14.90 47.88 -30.69
N PRO M 887 14.84 48.66 -29.63
CA PRO M 887 13.53 48.86 -28.96
C PRO M 887 12.61 49.81 -29.70
N ALA M 888 13.17 50.80 -30.41
CA ALA M 888 12.35 51.84 -31.02
C ALA M 888 11.28 51.26 -31.93
N VAL M 889 11.57 50.12 -32.57
CA VAL M 889 10.60 49.50 -33.45
C VAL M 889 10.00 48.26 -32.80
N THR M 890 10.59 47.79 -31.70
CA THR M 890 10.07 46.59 -31.05
C THR M 890 9.10 46.94 -29.92
N ALA M 891 9.48 47.88 -29.06
CA ALA M 891 8.64 48.20 -27.91
C ALA M 891 7.22 48.61 -28.29
N PRO M 892 6.99 49.48 -29.28
CA PRO M 892 5.59 49.78 -29.64
C PRO M 892 4.78 48.55 -30.02
N VAL M 893 5.39 47.60 -30.73
CA VAL M 893 4.66 46.41 -31.15
C VAL M 893 4.38 45.50 -29.96
N VAL M 894 5.37 45.32 -29.09
CA VAL M 894 5.19 44.41 -27.96
C VAL M 894 4.16 44.97 -26.98
N LEU M 895 4.19 46.29 -26.76
CA LEU M 895 3.19 46.90 -25.89
C LEU M 895 1.79 46.70 -26.43
N LYS M 896 1.63 46.86 -27.75
CA LYS M 896 0.32 46.71 -28.35
C LYS M 896 -0.25 45.35 -28.03
N ARG M 897 0.50 44.30 -28.29
CA ARG M 897 0.00 42.95 -28.09
C ARG M 897 -0.23 42.66 -26.61
N LEU M 898 0.67 43.13 -25.75
CA LEU M 898 0.53 42.85 -24.33
C LEU M 898 -0.74 43.46 -23.76
N LYS M 899 -1.10 44.67 -24.19
CA LYS M 899 -2.40 45.22 -23.84
C LYS M 899 -3.52 44.38 -24.41
N GLN M 900 -3.38 43.94 -25.67
CA GLN M 900 -4.42 43.11 -26.28
C GLN M 900 -4.57 41.78 -25.55
N LYS M 901 -3.46 41.19 -25.10
CA LYS M 901 -3.56 39.97 -24.33
C LYS M 901 -4.09 40.24 -22.93
N ASP M 902 -3.88 41.46 -22.43
CA ASP M 902 -4.48 41.84 -21.16
C ASP M 902 -6.00 41.87 -21.26
N GLU M 903 -6.54 42.43 -22.34
CA GLU M 903 -7.99 42.55 -22.47
C GLU M 903 -8.65 41.17 -22.56
N GLU M 904 -8.04 40.24 -23.29
CA GLU M 904 -8.60 38.90 -23.36
C GLU M 904 -8.58 38.21 -22.01
N TRP M 905 -7.48 38.34 -21.28
CA TRP M 905 -7.35 37.66 -20.00
C TRP M 905 -8.36 38.17 -18.98
N ARG M 906 -8.57 39.50 -18.93
CA ARG M 906 -9.53 40.04 -17.98
C ARG M 906 -10.95 39.63 -18.34
N ARG M 907 -11.29 39.64 -19.63
CA ARG M 907 -12.63 39.25 -20.03
C ARG M 907 -12.94 37.81 -19.61
N ALA M 908 -11.91 37.01 -19.47
CA ALA M 908 -12.15 35.67 -19.00
C ALA M 908 -12.35 35.65 -17.53
N GLN M 909 -11.59 36.45 -16.79
CA GLN M 909 -11.70 36.35 -15.36
C GLN M 909 -13.08 36.71 -14.95
N ARG M 910 -13.66 37.73 -15.55
CA ARG M 910 -14.97 38.17 -15.11
C ARG M 910 -15.94 37.03 -15.31
N GLU M 911 -15.91 36.39 -16.47
CA GLU M 911 -16.76 35.22 -16.68
C GLU M 911 -16.42 34.12 -15.69
N TRP M 912 -15.15 33.98 -15.33
CA TRP M 912 -14.76 32.95 -14.38
C TRP M 912 -15.04 33.39 -12.94
N ASN M 913 -15.28 34.68 -12.73
CA ASN M 913 -15.59 35.16 -11.39
C ASN M 913 -16.93 34.64 -10.89
N LYS M 914 -17.93 34.60 -11.78
CA LYS M 914 -19.24 34.10 -11.37
C LYS M 914 -19.17 32.61 -11.03
N VAL M 915 -18.44 31.83 -11.82
CA VAL M 915 -18.32 30.41 -11.54
C VAL M 915 -17.66 30.17 -10.20
N TRP M 916 -16.62 30.96 -9.88
CA TRP M 916 -15.89 30.75 -8.64
C TRP M 916 -16.68 31.24 -7.44
N ARG M 917 -17.42 32.34 -7.60
CA ARG M 917 -18.12 32.92 -6.46
C ARG M 917 -19.26 32.02 -5.99
N GLU M 918 -20.09 31.54 -6.92
CA GLU M 918 -21.20 30.69 -6.53
C GLU M 918 -20.74 29.35 -5.99
N LEU M 919 -19.71 28.77 -6.60
CA LEU M 919 -19.19 27.50 -6.10
C LEU M 919 -18.67 27.64 -4.68
N GLU M 920 -17.95 28.74 -4.39
CA GLU M 920 -17.52 28.99 -3.02
C GLU M 920 -18.70 29.17 -2.09
N GLN M 921 -19.83 29.65 -2.61
CA GLN M 921 -20.99 29.85 -1.77
C GLN M 921 -21.66 28.53 -1.41
N LYS M 922 -21.65 27.57 -2.34
CA LYS M 922 -22.31 26.30 -2.09
C LYS M 922 -21.52 25.43 -1.11
N VAL M 923 -20.18 25.57 -1.09
CA VAL M 923 -19.36 24.63 -0.34
C VAL M 923 -18.45 25.29 0.70
N PHE M 924 -18.65 26.57 1.01
CA PHE M 924 -17.79 27.18 2.02
C PHE M 924 -18.12 26.68 3.41
N PHE M 925 -19.36 26.88 3.85
CA PHE M 925 -19.69 26.63 5.25
C PHE M 925 -19.62 25.14 5.59
N LYS M 926 -19.56 24.29 4.57
CA LYS M 926 -19.30 22.88 4.82
C LYS M 926 -17.83 22.64 5.12
N SER M 927 -16.94 23.41 4.48
CA SER M 927 -15.51 23.21 4.68
C SER M 927 -15.10 23.43 6.13
N LEU M 928 -15.66 24.46 6.76
CA LEU M 928 -15.40 24.69 8.18
C LEU M 928 -15.94 23.55 9.03
N ASP M 929 -17.01 22.90 8.56
CA ASP M 929 -17.78 21.96 9.38
C ASP M 929 -17.16 20.58 9.32
N HIS M 930 -16.09 20.40 10.10
CA HIS M 930 -15.42 19.09 10.14
C HIS M 930 -16.27 18.04 10.83
N LEU M 931 -16.94 18.41 11.93
CA LEU M 931 -17.66 17.40 12.72
C LEU M 931 -19.07 17.20 12.19
N GLY M 932 -19.65 18.22 11.55
CA GLY M 932 -21.03 18.10 11.09
C GLY M 932 -21.20 17.09 9.98
N LEU M 933 -20.24 17.01 9.06
CA LEU M 933 -20.36 16.08 7.96
C LEU M 933 -20.35 14.63 8.43
N THR M 934 -19.50 14.32 9.41
CA THR M 934 -19.40 12.93 9.86
C THR M 934 -20.32 12.65 11.03
N PHE M 935 -21.16 13.61 11.40
CA PHE M 935 -22.02 13.43 12.57
C PHE M 935 -23.13 12.41 12.31
N LYS M 936 -23.81 12.53 11.17
CA LYS M 936 -24.98 11.69 10.92
C LYS M 936 -24.63 10.21 10.98
N GLN M 937 -23.44 9.84 10.54
CA GLN M 937 -23.02 8.46 10.59
C GLN M 937 -22.54 8.09 11.97
N ALA M 938 -21.92 9.04 12.68
CA ALA M 938 -21.34 8.71 13.98
C ALA M 938 -22.41 8.50 15.02
N ASP M 939 -23.44 9.32 14.98
CA ASP M 939 -24.48 9.21 15.97
C ASP M 939 -25.04 7.80 15.96
N LYS M 940 -25.51 7.32 14.81
CA LYS M 940 -26.14 6.01 14.90
C LYS M 940 -25.14 4.95 15.34
N LYS M 941 -23.84 5.25 15.26
CA LYS M 941 -22.84 4.29 15.70
C LYS M 941 -22.63 4.36 17.21
N LEU M 942 -22.65 5.57 17.78
CA LEU M 942 -22.28 5.75 19.18
C LEU M 942 -23.48 5.98 20.10
N LEU M 943 -24.68 6.13 19.56
CA LEU M 943 -25.88 6.23 20.37
C LEU M 943 -26.68 4.95 20.20
N THR M 944 -26.33 3.94 20.98
CA THR M 944 -26.96 2.63 20.89
C THR M 944 -27.08 2.06 22.31
N THR M 945 -27.85 0.98 22.43
CA THR M 945 -28.04 0.35 23.73
C THR M 945 -26.72 -0.14 24.31
N LYS M 946 -25.74 -0.41 23.45
CA LYS M 946 -24.47 -0.94 23.93
C LYS M 946 -23.59 0.14 24.53
N GLN M 947 -23.27 1.18 23.75
CA GLN M 947 -22.29 2.16 24.20
C GLN M 947 -22.82 2.98 25.37
N LEU M 948 -24.13 3.16 25.45
CA LEU M 948 -24.70 3.87 26.60
C LEU M 948 -24.53 3.07 27.88
N ILE M 949 -24.36 1.75 27.77
CA ILE M 949 -24.09 0.94 28.95
C ILE M 949 -22.59 0.79 29.16
N SER M 950 -21.83 0.74 28.07
CA SER M 950 -20.37 0.72 28.20
C SER M 950 -19.86 2.03 28.81
N GLU M 951 -20.50 3.13 28.46
CA GLU M 951 -20.08 4.43 28.98
C GLU M 951 -20.29 4.50 30.50
N ILE M 952 -21.46 4.13 30.97
CA ILE M 952 -21.76 4.25 32.39
C ILE M 952 -20.97 3.21 33.19
N SER M 953 -20.77 2.03 32.62
CA SER M 953 -19.97 1.01 33.31
C SER M 953 -18.51 1.45 33.42
N SER M 954 -18.03 2.20 32.44
CA SER M 954 -16.65 2.65 32.46
C SER M 954 -16.37 3.55 33.66
N ILE M 955 -17.37 4.30 34.10
CA ILE M 955 -17.17 5.16 35.27
C ILE M 955 -17.21 4.33 36.55
N LYS M 956 -18.02 3.28 36.58
CA LYS M 956 -18.08 2.42 37.75
C LYS M 956 -16.76 1.70 37.98
N VAL M 957 -16.12 1.24 36.92
CA VAL M 957 -14.87 0.49 37.08
C VAL M 957 -13.76 1.41 37.55
N ASP M 958 -13.78 2.68 37.12
CA ASP M 958 -12.75 3.62 37.55
C ASP M 958 -12.79 3.84 39.06
N GLN M 959 -13.99 3.99 39.62
CA GLN M 959 -14.11 4.22 41.05
C GLN M 959 -13.73 2.97 41.84
N THR M 960 -13.84 1.79 41.22
CA THR M 960 -13.49 0.57 41.92
C THR M 960 -12.06 0.14 41.62
N ASN M 961 -11.52 0.53 40.48
CA ASN M 961 -10.15 0.19 40.12
C ASN M 961 -9.24 0.84 41.09
N LYS M 962 -9.43 2.13 41.26
CA LYS M 962 -8.54 2.87 42.14
C LYS M 962 -8.72 2.26 43.50
N LYS M 963 -9.95 1.94 43.85
CA LYS M 963 -10.15 1.25 45.12
C LYS M 963 -9.07 0.16 45.22
N ILE M 964 -8.80 -0.53 44.12
CA ILE M 964 -7.74 -1.53 44.15
C ILE M 964 -6.38 -0.86 44.37
N HIS M 965 -6.16 0.29 43.75
CA HIS M 965 -4.85 0.94 43.80
C HIS M 965 -4.86 2.26 44.58
N TRP M 966 -5.71 3.22 44.18
CA TRP M 966 -5.73 4.50 44.88
C TRP M 966 -6.55 4.42 46.17
N LEU M 967 -7.35 3.36 46.30
CA LEU M 967 -8.26 3.12 47.43
C LEU M 967 -9.42 4.11 47.47
N THR M 968 -10.01 4.42 46.32
CA THR M 968 -11.20 5.24 46.30
C THR M 968 -12.37 4.49 46.93
N PRO M 969 -13.16 5.13 47.80
CA PRO M 969 -14.35 4.47 48.31
C PRO M 969 -15.38 4.24 47.22
N LYS M 970 -16.20 3.21 47.40
CA LYS M 970 -17.23 2.91 46.41
C LYS M 970 -18.41 3.85 46.60
N PRO M 971 -18.66 4.76 45.67
CA PRO M 971 -19.76 5.71 45.83
C PRO M 971 -21.03 5.38 45.07
N LYS M 972 -22.05 6.21 45.27
CA LYS M 972 -23.28 6.11 44.52
C LYS M 972 -23.21 6.99 43.28
N SER M 973 -24.18 6.81 42.38
CA SER M 973 -24.42 7.75 41.29
C SER M 973 -23.20 7.91 40.39
N GLN M 974 -22.85 6.84 39.68
CA GLN M 974 -21.75 6.92 38.72
C GLN M 974 -21.98 8.06 37.72
N LEU M 975 -23.21 8.25 37.26
CA LEU M 975 -23.54 9.24 36.26
C LEU M 975 -24.46 10.30 36.86
N ASP M 976 -24.17 11.56 36.56
CA ASP M 976 -24.95 12.68 37.08
C ASP M 976 -25.43 13.55 35.93
N PHE M 977 -26.72 13.88 35.95
CA PHE M 977 -27.33 14.81 35.00
C PHE M 977 -27.91 15.99 35.75
N ASP M 978 -28.16 17.08 35.04
CA ASP M 978 -28.74 18.27 35.62
C ASP M 978 -29.70 18.90 34.62
N PHE M 979 -30.81 19.43 35.13
CA PHE M 979 -31.90 19.93 34.31
C PHE M 979 -32.25 21.35 34.75
N PRO M 980 -31.52 22.35 34.26
CA PRO M 980 -31.73 23.71 34.77
C PRO M 980 -32.97 24.39 34.21
N ASP M 981 -33.36 24.06 32.98
CA ASP M 981 -34.41 24.79 32.28
C ASP M 981 -35.61 23.88 32.04
N LYS M 982 -36.78 24.32 32.48
CA LYS M 982 -37.99 23.50 32.38
C LYS M 982 -38.54 23.47 30.96
N ASN M 983 -38.50 24.60 30.26
CA ASN M 983 -39.29 24.74 29.04
C ASN M 983 -38.74 23.89 27.90
N ILE M 984 -37.61 23.23 28.12
CA ILE M 984 -37.12 22.28 27.13
C ILE M 984 -38.02 21.05 27.09
N PHE M 985 -38.62 20.70 28.22
CA PHE M 985 -39.46 19.51 28.27
C PHE M 985 -40.70 19.67 27.41
N TYR M 986 -41.35 20.84 27.45
CA TYR M 986 -42.44 21.10 26.53
C TYR M 986 -41.94 21.20 25.10
N ASP M 987 -40.65 21.48 24.93
CA ASP M 987 -40.08 21.56 23.59
C ASP M 987 -39.82 20.17 23.02
N ILE M 988 -39.31 19.26 23.85
CA ILE M 988 -39.07 17.90 23.39
C ILE M 988 -40.40 17.17 23.18
N LEU M 989 -41.36 17.38 24.07
CA LEU M 989 -42.65 16.72 23.94
C LEU M 989 -43.36 17.11 22.66
N CYS M 990 -43.36 18.40 22.32
CA CYS M 990 -44.01 18.84 21.09
C CYS M 990 -43.27 18.33 19.87
N LEU M 991 -41.95 18.13 19.97
CA LEU M 991 -41.22 17.50 18.89
C LEU M 991 -41.64 16.05 18.71
N ALA M 992 -41.66 15.27 19.80
CA ALA M 992 -42.08 13.88 19.71
C ALA M 992 -43.57 13.77 19.45
N ASP M 993 -44.34 14.79 19.82
CA ASP M 993 -45.75 14.81 19.45
C ASP M 993 -45.93 14.88 17.94
N THR M 994 -45.14 15.73 17.28
CA THR M 994 -45.22 15.85 15.83
C THR M 994 -44.84 14.53 15.15
N PHE M 995 -43.75 13.91 15.59
CA PHE M 995 -43.29 12.69 14.94
C PHE M 995 -44.31 11.56 15.10
N ILE M 996 -44.91 11.44 16.28
CA ILE M 996 -45.83 10.34 16.53
C ILE M 996 -47.03 10.41 15.61
N THR M 997 -47.64 11.59 15.50
CA THR M 997 -48.80 11.73 14.61
C THR M 997 -48.41 11.48 13.17
N HIS M 998 -47.24 11.97 12.75
CA HIS M 998 -46.84 11.84 11.36
C HIS M 998 -46.45 10.40 11.02
N THR M 999 -45.91 9.67 11.99
CA THR M 999 -45.31 8.36 11.71
C THR M 999 -46.36 7.40 11.16
N THR M 1000 -45.97 6.60 10.18
CA THR M 1000 -46.89 5.63 9.59
C THR M 1000 -46.74 4.26 10.22
N ALA M 1001 -45.62 4.02 10.91
CA ALA M 1001 -45.37 2.68 11.45
C ALA M 1001 -46.35 2.35 12.58
N TYR M 1002 -46.54 3.25 13.53
CA TYR M 1002 -47.39 2.97 14.68
C TYR M 1002 -48.87 3.08 14.29
N SER M 1003 -49.65 2.09 14.70
CA SER M 1003 -51.07 2.07 14.39
C SER M 1003 -51.80 3.16 15.16
N ASN M 1004 -52.82 3.73 14.51
CA ASN M 1004 -53.50 4.90 15.06
C ASN M 1004 -54.02 4.72 16.49
N PRO M 1005 -54.72 3.63 16.84
CA PRO M 1005 -55.16 3.51 18.25
C PRO M 1005 -54.00 3.48 19.23
N ASP M 1006 -52.86 2.89 18.83
CA ASP M 1006 -51.74 2.77 19.76
C ASP M 1006 -51.00 4.10 19.90
N LYS M 1007 -51.03 4.94 18.87
CA LYS M 1007 -50.33 6.21 18.93
C LYS M 1007 -50.84 7.08 20.06
N GLU M 1008 -52.11 6.91 20.44
CA GLU M 1008 -52.66 7.68 21.54
C GLU M 1008 -51.97 7.33 22.86
N ARG M 1009 -51.48 6.10 22.98
CA ARG M 1009 -50.72 5.73 24.17
C ARG M 1009 -49.32 6.32 24.12
N LEU M 1010 -48.70 6.31 22.94
CA LEU M 1010 -47.36 6.90 22.80
C LEU M 1010 -47.37 8.38 23.14
N LYS M 1011 -48.38 9.12 22.69
CA LYS M 1011 -48.52 10.51 23.09
C LYS M 1011 -48.78 10.60 24.59
N ASP M 1012 -49.61 9.72 25.13
CA ASP M 1012 -50.04 9.88 26.52
C ASP M 1012 -49.04 9.27 27.49
N LEU M 1013 -48.12 8.44 26.99
CA LEU M 1013 -47.04 7.95 27.83
C LEU M 1013 -46.07 9.08 28.17
N LEU M 1014 -45.63 9.83 27.15
CA LEU M 1014 -44.58 10.81 27.36
C LEU M 1014 -45.05 11.92 28.30
N LYS M 1015 -46.28 12.41 28.11
CA LYS M 1015 -46.79 13.46 28.98
C LYS M 1015 -46.88 13.00 30.43
N TYR M 1016 -47.42 11.80 30.66
CA TYR M 1016 -47.59 11.32 32.02
C TYR M 1016 -46.25 10.95 32.67
N PHE M 1017 -45.39 10.26 31.93
CA PHE M 1017 -44.10 9.88 32.50
C PHE M 1017 -43.29 11.12 32.87
N ILE M 1018 -43.27 12.12 32.00
CA ILE M 1018 -42.56 13.36 32.31
C ILE M 1018 -43.21 14.07 33.48
N SER M 1019 -44.54 14.17 33.45
CA SER M 1019 -45.25 14.84 34.55
C SER M 1019 -45.08 14.11 35.86
N LEU M 1020 -44.66 12.84 35.80
CA LEU M 1020 -44.48 12.06 37.01
C LEU M 1020 -43.03 12.12 37.49
N PHE M 1021 -42.08 11.91 36.58
CA PHE M 1021 -40.68 11.86 36.99
C PHE M 1021 -40.18 13.24 37.40
N PHE M 1022 -40.50 14.28 36.64
CA PHE M 1022 -39.90 15.60 36.82
C PHE M 1022 -40.79 16.58 37.56
N SER M 1023 -41.86 16.10 38.21
CA SER M 1023 -42.75 16.87 39.06
C SER M 1023 -43.52 17.95 38.31
N ILE M 1024 -43.35 18.08 37.00
CA ILE M 1024 -44.13 19.05 36.23
C ILE M 1024 -45.60 18.67 36.26
N SER M 1025 -46.46 19.64 36.53
CA SER M 1025 -47.90 19.38 36.49
C SER M 1025 -48.32 19.04 35.06
N PHE M 1026 -49.21 18.05 34.95
CA PHE M 1026 -49.64 17.61 33.62
C PHE M 1026 -50.39 18.70 32.88
N GLU M 1027 -51.28 19.42 33.58
CA GLU M 1027 -52.10 20.43 32.92
C GLU M 1027 -51.22 21.49 32.25
N LYS M 1028 -50.12 21.86 32.91
CA LYS M 1028 -49.19 22.82 32.29
C LYS M 1028 -48.64 22.28 30.98
N ILE M 1029 -48.35 20.98 30.92
CA ILE M 1029 -47.86 20.38 29.69
C ILE M 1029 -48.93 20.46 28.59
N GLU M 1030 -50.19 20.18 28.95
CA GLU M 1030 -51.24 20.11 27.95
C GLU M 1030 -51.45 21.45 27.27
N GLU M 1031 -51.34 22.56 28.01
CA GLU M 1031 -51.42 23.87 27.40
C GLU M 1031 -50.27 24.09 26.43
N SER M 1032 -49.06 23.65 26.80
CA SER M 1032 -47.91 23.83 25.93
C SER M 1032 -48.10 23.10 24.60
N LEU M 1033 -48.58 21.86 24.65
CA LEU M 1033 -48.91 21.14 23.43
C LEU M 1033 -50.05 21.84 22.69
N TYR M 1034 -51.04 22.33 23.43
CA TYR M 1034 -52.19 22.97 22.81
C TYR M 1034 -51.79 24.21 22.04
N SER M 1035 -50.91 25.03 22.62
CA SER M 1035 -50.43 26.23 21.92
C SER M 1035 -49.64 25.86 20.67
N HIS M 1036 -48.80 24.82 20.77
CA HIS M 1036 -48.05 24.38 19.60
C HIS M 1036 -48.99 23.82 18.53
N LYS M 1037 -50.11 23.22 18.94
CA LYS M 1037 -51.12 22.82 17.97
C LYS M 1037 -51.76 24.04 17.32
N GLN M 1038 -51.95 25.11 18.10
CA GLN M 1038 -52.54 26.33 17.55
C GLN M 1038 -51.61 26.97 16.52
N ASN M 1039 -50.30 26.94 16.78
CA ASN M 1039 -49.35 27.48 15.82
C ASN M 1039 -49.38 26.71 14.51
N VAL M 1040 -49.43 25.38 14.59
CA VAL M 1040 -49.46 24.45 13.45
C VAL M 1040 -48.69 24.93 12.21
N PRO M 1058 -63.46 15.42 25.21
CA PRO M 1058 -63.81 16.73 25.75
C PRO M 1058 -63.74 16.78 27.28
N TYR M 1059 -63.47 15.64 27.89
CA TYR M 1059 -63.36 15.54 29.34
C TYR M 1059 -62.08 14.79 29.69
N GLN M 1060 -61.48 15.15 30.82
CA GLN M 1060 -60.20 14.58 31.26
C GLN M 1060 -60.36 13.99 32.66
N GLN M 1061 -60.77 12.73 32.72
CA GLN M 1061 -60.67 11.98 33.96
C GLN M 1061 -59.21 11.70 34.26
N GLU M 1062 -58.92 11.23 35.47
CA GLU M 1062 -57.54 11.01 35.85
C GLU M 1062 -57.02 9.71 35.23
N MET M 1063 -56.28 9.86 34.13
CA MET M 1063 -55.57 8.74 33.51
C MET M 1063 -54.22 8.59 34.20
N SER M 1064 -54.09 7.56 35.02
CA SER M 1064 -52.81 7.28 35.63
C SER M 1064 -51.85 6.71 34.59
N LEU M 1065 -50.55 6.97 34.80
CA LEU M 1065 -49.53 6.28 34.01
C LEU M 1065 -49.65 4.77 34.21
N LEU M 1066 -50.11 4.35 35.37
CA LEU M 1066 -50.35 2.94 35.63
C LEU M 1066 -51.39 2.39 34.67
N ASP M 1067 -52.44 3.17 34.40
CA ASP M 1067 -53.46 2.73 33.44
C ASP M 1067 -52.88 2.62 32.03
N ILE M 1068 -52.03 3.57 31.64
CA ILE M 1068 -51.47 3.58 30.29
C ILE M 1068 -50.65 2.32 30.04
N LEU M 1069 -49.99 1.82 31.08
CA LEU M 1069 -49.01 0.76 30.88
C LEU M 1069 -49.67 -0.58 30.60
N HIS M 1070 -50.97 -0.70 30.87
CA HIS M 1070 -51.73 -1.90 30.57
C HIS M 1070 -52.83 -1.58 29.58
N ARG M 1071 -52.83 -2.32 28.46
CA ARG M 1071 -53.81 -2.06 27.41
C ARG M 1071 -55.24 -2.31 27.89
N SER M 1072 -55.44 -3.34 28.70
CA SER M 1072 -56.78 -3.75 29.10
C SER M 1072 -57.50 -2.64 29.86
N ARG M 1073 -56.81 -1.99 30.80
CA ARG M 1073 -57.42 -0.90 31.55
C ARG M 1073 -57.54 0.37 30.71
N TYR M 1074 -56.72 0.48 29.66
CA TYR M 1074 -56.68 1.70 28.87
C TYR M 1074 -58.01 1.94 28.17
N GLN M 1075 -58.63 0.89 27.64
CA GLN M 1075 -59.88 1.05 26.89
C GLN M 1075 -60.98 1.62 27.77
N LYS M 1076 -61.00 1.27 29.05
CA LYS M 1076 -62.02 1.81 29.95
C LYS M 1076 -61.91 3.32 30.06
N LEU M 1077 -60.69 3.83 30.18
CA LEU M 1077 -60.52 5.28 30.20
C LEU M 1077 -60.47 5.83 28.77
N LYS M 1078 -60.40 4.95 27.78
CA LYS M 1078 -60.61 5.36 26.40
C LYS M 1078 -62.10 5.38 26.06
N ARG M 1079 -62.85 4.39 26.54
CA ARG M 1079 -64.28 4.35 26.28
C ARG M 1079 -64.99 5.54 26.93
N SER M 1080 -64.58 5.90 28.14
CA SER M 1080 -65.15 7.05 28.82
C SER M 1080 -64.73 8.33 28.11
N ASN M 1081 -65.47 9.41 28.37
CA ASN M 1081 -65.22 10.70 27.75
C ASN M 1081 -63.74 11.06 27.87
N GLU M 1110 -41.96 -11.29 50.32
CA GLU M 1110 -40.59 -11.13 50.77
C GLU M 1110 -40.55 -10.96 52.27
N ALA M 1111 -39.70 -11.74 52.93
CA ALA M 1111 -39.62 -11.68 54.38
C ALA M 1111 -38.20 -11.84 54.88
N LYS M 1112 -38.00 -11.54 56.16
CA LYS M 1112 -36.67 -11.69 56.78
C LYS M 1112 -35.57 -11.25 55.83
N ASN M 1113 -35.56 -9.96 55.50
CA ASN M 1113 -34.55 -9.41 54.61
C ASN M 1113 -34.00 -8.12 55.17
N PRO M 1114 -32.91 -8.16 55.93
CA PRO M 1114 -32.39 -6.94 56.56
C PRO M 1114 -31.70 -6.03 55.56
N TRP M 1115 -31.55 -4.76 55.95
CA TRP M 1115 -30.79 -3.82 55.17
C TRP M 1115 -29.30 -4.07 55.35
N LEU M 1116 -28.64 -4.45 54.26
CA LEU M 1116 -27.22 -4.77 54.34
C LEU M 1116 -26.40 -3.89 53.41
N THR M 1117 -26.91 -3.66 52.21
CA THR M 1117 -26.18 -2.88 51.22
C THR M 1117 -26.02 -1.43 51.67
N GLY M 1118 -27.12 -0.79 52.04
CA GLY M 1118 -27.05 0.59 52.50
C GLY M 1118 -26.79 1.59 51.39
N ASN M 1119 -25.77 1.30 50.58
CA ASN M 1119 -25.38 2.24 49.53
C ASN M 1119 -26.38 2.25 48.38
N LEU M 1120 -26.97 1.10 48.06
CA LEU M 1120 -27.85 1.02 46.89
C LEU M 1120 -29.06 1.93 47.05
N VAL M 1121 -29.77 1.81 48.16
CA VAL M 1121 -30.87 2.73 48.47
C VAL M 1121 -30.25 3.95 49.14
N GLU M 1122 -30.17 5.03 48.38
CA GLU M 1122 -29.56 6.27 48.86
C GLU M 1122 -30.21 6.75 50.16
N GLU M 1123 -31.50 6.52 50.31
CA GLU M 1123 -32.27 7.14 51.37
C GLU M 1123 -32.17 6.32 52.66
N ALA M 1124 -31.36 6.81 53.59
CA ALA M 1124 -31.39 6.41 54.99
C ALA M 1124 -31.64 7.61 55.89
N ASN M 1125 -32.49 8.54 55.44
CA ASN M 1125 -32.52 9.87 56.02
C ASN M 1125 -33.04 9.88 57.45
N SER M 1126 -34.15 9.19 57.71
CA SER M 1126 -34.87 9.32 58.96
C SER M 1126 -35.02 7.97 59.64
N GLN M 1127 -35.13 8.00 60.97
CA GLN M 1127 -35.43 6.79 61.73
C GLN M 1127 -36.82 6.28 61.35
N GLY M 1128 -36.92 4.97 61.20
CA GLY M 1128 -38.21 4.39 60.85
C GLY M 1128 -38.61 4.76 59.44
N ILE M 1129 -39.59 5.65 59.33
CA ILE M 1129 -40.15 6.05 58.05
C ILE M 1129 -39.82 7.51 57.79
N ILE M 1130 -39.21 7.79 56.64
CA ILE M 1130 -39.05 9.16 56.20
C ILE M 1130 -40.41 9.73 55.86
N GLN M 1131 -40.72 10.90 56.40
CA GLN M 1131 -42.06 11.46 56.22
C GLN M 1131 -42.16 12.28 54.95
N ASN M 1132 -41.35 13.30 54.77
CA ASN M 1132 -41.47 14.01 53.48
C ASN M 1132 -40.16 14.16 52.72
N ARG M 1133 -39.94 13.34 51.69
CA ARG M 1133 -38.66 13.42 51.00
C ARG M 1133 -38.76 13.81 49.56
N SER M 1134 -38.00 14.84 49.17
CA SER M 1134 -37.96 15.20 47.77
C SER M 1134 -37.32 14.06 47.01
N ILE M 1135 -36.29 13.48 47.60
CA ILE M 1135 -35.55 12.45 46.90
C ILE M 1135 -36.35 11.24 46.47
N PHE M 1136 -36.27 10.91 45.19
CA PHE M 1136 -36.98 9.79 44.61
C PHE M 1136 -36.11 9.06 43.60
N ASN M 1137 -36.03 7.75 43.74
CA ASN M 1137 -35.21 6.91 42.88
C ASN M 1137 -36.10 5.97 42.08
N LEU M 1138 -35.77 5.79 40.81
CA LEU M 1138 -36.49 4.89 39.92
C LEU M 1138 -35.59 3.70 39.63
N PHE M 1139 -36.05 2.50 39.98
CA PHE M 1139 -35.34 1.28 39.66
C PHE M 1139 -35.75 0.83 38.26
N ALA M 1140 -34.77 0.53 37.43
CA ALA M 1140 -35.00 0.45 36.00
C ALA M 1140 -34.33 -0.77 35.39
N ASN M 1141 -34.93 -1.25 34.30
CA ASN M 1141 -34.31 -2.25 33.47
C ASN M 1141 -33.29 -1.60 32.55
N THR M 1142 -32.81 -2.36 31.57
CA THR M 1142 -32.01 -1.76 30.52
C THR M 1142 -32.86 -0.89 29.60
N ASN M 1143 -34.07 -1.36 29.26
CA ASN M 1143 -34.89 -0.66 28.29
C ASN M 1143 -35.60 0.54 28.91
N ILE M 1144 -35.53 0.67 30.23
CA ILE M 1144 -36.02 1.91 30.86
C ILE M 1144 -34.91 2.95 30.87
N TYR M 1145 -33.70 2.54 31.28
CA TYR M 1145 -32.58 3.46 31.32
C TYR M 1145 -32.24 4.00 29.95
N ILE M 1146 -32.27 3.15 28.92
CA ILE M 1146 -31.99 3.61 27.56
C ILE M 1146 -33.03 4.62 27.11
N PHE M 1147 -34.31 4.35 27.42
CA PHE M 1147 -35.33 5.33 27.12
C PHE M 1147 -35.08 6.64 27.85
N PHE M 1148 -34.42 6.57 29.00
CA PHE M 1148 -34.15 7.80 29.75
C PHE M 1148 -32.87 8.47 29.26
N ARG M 1149 -31.92 7.70 28.74
CA ARG M 1149 -30.74 8.33 28.16
C ARG M 1149 -31.06 8.95 26.82
N HIS M 1150 -32.06 8.43 26.13
CA HIS M 1150 -32.53 9.07 24.91
C HIS M 1150 -33.31 10.34 25.24
N TRP M 1151 -33.75 10.49 26.49
CA TRP M 1151 -34.44 11.71 26.86
C TRP M 1151 -33.46 12.80 27.26
N THR M 1152 -32.40 12.44 27.99
CA THR M 1152 -31.40 13.45 28.34
C THR M 1152 -30.60 13.86 27.13
N THR M 1153 -30.35 12.92 26.20
CA THR M 1153 -29.56 13.23 25.02
C THR M 1153 -30.17 14.38 24.24
N ILE M 1154 -31.50 14.38 24.08
CA ILE M 1154 -32.16 15.52 23.45
C ILE M 1154 -32.01 16.77 24.31
N TYR M 1155 -32.15 16.61 25.63
CA TYR M 1155 -32.09 17.77 26.52
C TYR M 1155 -30.72 18.42 26.50
N GLU M 1156 -29.65 17.62 26.49
CA GLU M 1156 -28.31 18.20 26.42
C GLU M 1156 -28.11 18.90 25.09
N ARG M 1157 -28.60 18.33 24.00
CA ARG M 1157 -28.42 18.95 22.68
C ARG M 1157 -29.25 20.21 22.55
N LEU M 1158 -30.48 20.20 23.08
CA LEU M 1158 -31.33 21.38 22.98
C LEU M 1158 -30.87 22.50 23.90
N LEU M 1159 -30.49 22.17 25.14
CA LEU M 1159 -30.17 23.20 26.12
C LEU M 1159 -29.00 24.06 25.67
N GLU M 1160 -27.94 23.44 25.16
CA GLU M 1160 -26.76 24.21 24.78
C GLU M 1160 -27.07 25.16 23.65
N ILE M 1161 -28.18 24.95 22.94
CA ILE M 1161 -28.64 25.93 21.96
C ILE M 1161 -29.30 27.10 22.65
N LYS M 1162 -30.16 26.81 23.65
CA LYS M 1162 -30.88 27.89 24.33
C LYS M 1162 -29.94 28.75 25.16
N GLN M 1163 -28.83 28.18 25.63
CA GLN M 1163 -27.85 28.99 26.34
C GLN M 1163 -27.18 29.99 25.40
N MET M 1164 -26.89 29.56 24.16
CA MET M 1164 -26.37 30.49 23.16
C MET M 1164 -27.45 31.41 22.61
N ASN M 1165 -28.72 31.12 22.88
CA ASN M 1165 -29.81 31.79 22.16
C ASN M 1165 -29.79 33.30 22.35
N GLU M 1166 -29.37 33.77 23.52
CA GLU M 1166 -29.36 35.21 23.74
C GLU M 1166 -28.23 35.87 22.97
N ARG M 1167 -27.05 35.26 22.96
CA ARG M 1167 -25.93 35.83 22.21
C ARG M 1167 -26.16 35.71 20.71
N VAL M 1168 -26.65 34.56 20.25
CA VAL M 1168 -26.77 34.32 18.81
C VAL M 1168 -27.87 35.18 18.21
N THR M 1169 -29.00 35.31 18.91
CA THR M 1169 -30.11 36.09 18.38
C THR M 1169 -29.70 37.53 18.07
N LYS M 1170 -28.94 38.14 18.98
CA LYS M 1170 -28.43 39.48 18.73
C LYS M 1170 -27.45 39.49 17.56
N GLU M 1171 -26.60 38.49 17.47
CA GLU M 1171 -25.58 38.46 16.43
C GLU M 1171 -26.20 38.35 15.04
N ILE M 1172 -27.23 37.52 14.89
CA ILE M 1172 -27.82 37.30 13.58
C ILE M 1172 -28.46 38.59 13.05
N ASN M 1173 -29.13 39.33 13.93
CA ASN M 1173 -29.80 40.56 13.50
C ASN M 1173 -28.79 41.63 13.12
N THR M 1174 -27.70 41.75 13.88
CA THR M 1174 -26.85 42.93 13.77
C THR M 1174 -25.85 42.81 12.63
N ARG M 1175 -25.67 41.61 12.07
CA ARG M 1175 -24.75 41.47 10.94
C ARG M 1175 -25.27 42.28 9.76
N SER M 1176 -24.37 42.97 9.09
CA SER M 1176 -24.74 43.93 8.05
C SER M 1176 -23.97 43.62 6.77
N THR M 1177 -24.65 43.81 5.64
CA THR M 1177 -24.02 43.66 4.34
C THR M 1177 -23.01 44.78 4.11
N VAL M 1178 -21.86 44.41 3.55
CA VAL M 1178 -20.89 45.43 3.16
C VAL M 1178 -21.44 46.18 1.96
N THR M 1179 -21.33 47.52 2.00
CA THR M 1179 -21.89 48.34 0.94
C THR M 1179 -21.27 48.01 -0.41
N PHE M 1180 -19.99 47.62 -0.40
CA PHE M 1180 -19.31 47.32 -1.66
C PHE M 1180 -19.69 45.94 -2.17
N ALA M 1181 -20.43 45.18 -1.37
CA ALA M 1181 -20.90 43.87 -1.81
C ALA M 1181 -22.40 43.86 -2.02
N LYS M 1182 -23.07 44.97 -1.70
CA LYS M 1182 -24.51 45.04 -1.94
C LYS M 1182 -24.82 45.78 -3.24
N ASP M 1183 -24.06 46.81 -3.56
CA ASP M 1183 -24.24 47.49 -4.85
C ASP M 1183 -24.06 46.51 -6.00
N LEU M 1184 -22.95 45.79 -5.99
CA LEU M 1184 -22.82 44.62 -6.86
C LEU M 1184 -23.61 43.47 -6.27
N ASP M 1185 -23.93 42.50 -7.11
CA ASP M 1185 -24.70 41.33 -6.70
C ASP M 1185 -23.72 40.22 -6.31
N LEU M 1186 -23.31 40.21 -5.04
CA LEU M 1186 -22.34 39.25 -4.54
C LEU M 1186 -22.83 38.39 -3.39
N LEU M 1187 -23.53 38.95 -2.41
CA LEU M 1187 -23.94 38.16 -1.25
C LEU M 1187 -24.98 37.12 -1.65
N SER M 1188 -24.84 35.92 -1.08
CA SER M 1188 -25.75 34.83 -1.40
C SER M 1188 -27.17 35.18 -0.98
N SER M 1189 -28.12 34.97 -1.88
CA SER M 1189 -29.53 35.20 -1.61
C SER M 1189 -30.34 33.92 -1.58
N GLN M 1190 -29.69 32.75 -1.60
CA GLN M 1190 -30.41 31.49 -1.69
C GLN M 1190 -31.28 31.26 -0.44
N LEU M 1191 -30.72 31.51 0.75
CA LEU M 1191 -31.46 31.22 1.96
C LEU M 1191 -32.55 32.24 2.22
N SER M 1192 -32.29 33.52 1.90
CA SER M 1192 -33.29 34.56 2.15
C SER M 1192 -34.57 34.29 1.38
N GLU M 1193 -34.46 33.84 0.13
CA GLU M 1193 -35.64 33.46 -0.64
C GLU M 1193 -36.35 32.28 0.02
N MET M 1194 -35.58 31.30 0.50
CA MET M 1194 -36.18 30.14 1.13
C MET M 1194 -36.63 30.46 2.55
N GLY M 1195 -36.15 31.56 3.12
CA GLY M 1195 -36.53 31.99 4.44
C GLY M 1195 -35.74 31.39 5.57
N LEU M 1196 -34.69 30.61 5.28
CA LEU M 1196 -33.93 29.93 6.32
C LEU M 1196 -32.73 30.76 6.77
N ASP M 1197 -33.02 32.00 7.15
CA ASP M 1197 -32.07 32.88 7.82
C ASP M 1197 -32.79 33.55 8.96
N PHE M 1198 -32.21 33.48 10.16
CA PHE M 1198 -32.96 33.76 11.39
C PHE M 1198 -33.02 35.28 11.63
N VAL M 1199 -33.47 35.99 10.60
CA VAL M 1199 -33.42 37.46 10.64
C VAL M 1199 -34.59 38.01 11.43
N GLY M 1200 -35.75 37.38 11.33
CA GLY M 1200 -36.97 37.91 11.90
C GLY M 1200 -37.39 37.37 13.24
N GLU M 1201 -36.73 36.34 13.75
CA GLU M 1201 -37.15 35.68 14.97
C GLU M 1201 -35.95 35.40 15.86
N ASP M 1202 -36.23 35.09 17.12
CA ASP M 1202 -35.19 34.60 18.00
C ASP M 1202 -34.70 33.24 17.51
N ALA M 1203 -33.42 32.97 17.70
CA ALA M 1203 -32.80 31.82 17.05
C ALA M 1203 -33.39 30.51 17.55
N TYR M 1204 -33.54 30.34 18.87
CA TYR M 1204 -33.93 29.05 19.40
C TYR M 1204 -35.35 28.67 19.02
N LYS M 1205 -36.30 29.58 19.20
CA LYS M 1205 -37.68 29.28 18.82
C LYS M 1205 -37.79 29.03 17.32
N GLN M 1206 -36.88 29.61 16.53
CA GLN M 1206 -36.88 29.35 15.10
C GLN M 1206 -36.29 27.98 14.79
N VAL M 1207 -35.31 27.55 15.58
CA VAL M 1207 -34.69 26.25 15.35
C VAL M 1207 -35.71 25.13 15.57
N LEU M 1208 -36.62 25.33 16.51
CA LEU M 1208 -37.67 24.33 16.73
C LEU M 1208 -38.61 24.24 15.54
N ARG M 1209 -39.13 25.37 15.08
CA ARG M 1209 -40.11 25.33 13.99
C ARG M 1209 -39.45 24.99 12.67
N LEU M 1210 -38.11 24.94 12.63
CA LEU M 1210 -37.44 24.31 11.50
C LEU M 1210 -37.37 22.80 11.69
N SER M 1211 -37.09 22.36 12.92
CA SER M 1211 -37.07 20.93 13.20
C SER M 1211 -38.45 20.32 13.00
N ARG M 1212 -39.49 21.01 13.46
CA ARG M 1212 -40.85 20.51 13.24
C ARG M 1212 -41.15 20.31 11.76
N ARG M 1213 -40.49 21.08 10.90
CA ARG M 1213 -40.65 20.88 9.47
C ARG M 1213 -39.81 19.70 8.98
N LEU M 1214 -38.70 19.40 9.66
CA LEU M 1214 -37.87 18.27 9.26
C LEU M 1214 -38.60 16.95 9.43
N ILE M 1215 -39.18 16.71 10.61
CA ILE M 1215 -39.97 15.50 10.81
C ILE M 1215 -41.17 15.47 9.88
N ASN M 1216 -41.80 16.64 9.65
CA ASN M 1216 -42.94 16.69 8.75
C ASN M 1216 -42.53 16.34 7.32
N GLY M 1217 -41.24 16.39 7.01
CA GLY M 1217 -40.75 16.08 5.69
C GLY M 1217 -40.80 17.23 4.71
N ASP M 1218 -41.27 18.40 5.14
CA ASP M 1218 -41.38 19.54 4.23
C ASP M 1218 -40.01 20.03 3.78
N LEU M 1219 -39.03 20.01 4.67
CA LEU M 1219 -37.73 20.60 4.43
C LEU M 1219 -36.71 19.52 4.13
N GLU M 1220 -35.95 19.71 3.04
CA GLU M 1220 -34.88 18.79 2.71
C GLU M 1220 -33.78 18.84 3.77
N HIS M 1221 -33.11 17.71 3.96
CA HIS M 1221 -32.11 17.63 5.03
C HIS M 1221 -30.95 18.58 4.79
N GLN M 1222 -30.45 18.64 3.56
CA GLN M 1222 -29.26 19.46 3.29
C GLN M 1222 -29.58 20.94 3.40
N TRP M 1223 -30.86 21.31 3.32
CA TRP M 1223 -31.23 22.71 3.49
C TRP M 1223 -31.47 23.06 4.95
N PHE M 1224 -31.94 22.09 5.74
CA PHE M 1224 -32.05 22.31 7.18
C PHE M 1224 -30.68 22.50 7.81
N GLU M 1225 -29.72 21.64 7.43
CA GLU M 1225 -28.38 21.74 8.01
C GLU M 1225 -27.71 23.05 7.64
N GLU M 1226 -27.74 23.42 6.36
CA GLU M 1226 -27.04 24.62 5.91
C GLU M 1226 -27.56 25.86 6.62
N SER M 1227 -28.83 25.85 7.03
CA SER M 1227 -29.38 27.03 7.69
C SER M 1227 -28.81 27.20 9.09
N LEU M 1228 -28.49 26.10 9.77
CA LEU M 1228 -27.86 26.20 11.09
C LEU M 1228 -26.37 26.45 10.98
N ARG M 1229 -25.77 26.19 9.82
CA ARG M 1229 -24.36 26.49 9.65
C ARG M 1229 -24.13 28.00 9.60
N GLN M 1230 -24.94 28.72 8.84
CA GLN M 1230 -24.77 30.17 8.76
C GLN M 1230 -25.32 30.87 10.01
N ALA M 1231 -26.32 30.27 10.64
CA ALA M 1231 -26.96 30.94 11.78
C ALA M 1231 -26.13 30.80 13.05
N TYR M 1232 -25.50 29.65 13.25
CA TYR M 1232 -24.79 29.42 14.51
C TYR M 1232 -23.28 29.23 14.41
N ASN M 1233 -22.69 29.62 13.29
CA ASN M 1233 -21.24 29.51 13.11
C ASN M 1233 -20.78 28.07 13.27
N ASN M 1234 -21.56 27.12 12.77
CA ASN M 1234 -21.20 25.70 12.84
C ASN M 1234 -21.26 25.17 14.26
N LYS M 1235 -21.50 26.04 15.21
CA LYS M 1235 -21.56 25.62 16.61
C LYS M 1235 -22.63 24.58 16.88
N ALA M 1236 -23.80 24.73 16.26
CA ALA M 1236 -24.91 23.82 16.55
C ALA M 1236 -25.02 22.63 15.66
N PHE M 1237 -23.95 21.90 15.50
CA PHE M 1237 -23.96 20.77 14.57
C PHE M 1237 -24.73 19.58 15.13
N LYS M 1238 -24.92 19.52 16.44
CA LYS M 1238 -25.57 18.36 17.03
C LYS M 1238 -27.01 18.23 16.60
N LEU M 1239 -27.64 19.35 16.20
CA LEU M 1239 -29.01 19.32 15.72
C LEU M 1239 -29.06 19.02 14.21
N TYR M 1240 -28.37 17.94 13.83
CA TYR M 1240 -28.51 17.38 12.49
C TYR M 1240 -29.33 16.11 12.48
N THR M 1241 -29.40 15.40 13.61
CA THR M 1241 -30.21 14.20 13.74
C THR M 1241 -31.34 14.38 14.74
N ILE M 1242 -31.94 15.56 14.80
CA ILE M 1242 -33.07 15.76 15.70
C ILE M 1242 -34.30 15.03 15.20
N ASP M 1243 -34.32 14.68 13.91
CA ASP M 1243 -35.42 13.88 13.38
C ASP M 1243 -35.27 12.41 13.76
N LYS M 1244 -34.03 11.92 13.85
CA LYS M 1244 -33.83 10.50 14.13
C LYS M 1244 -33.80 10.23 15.63
N VAL M 1245 -33.15 11.08 16.40
CA VAL M 1245 -33.12 10.90 17.85
C VAL M 1245 -34.53 10.97 18.42
N THR M 1246 -35.37 11.86 17.86
CA THR M 1246 -36.77 11.87 18.23
C THR M 1246 -37.43 10.55 17.88
N GLN M 1247 -37.10 9.98 16.72
CA GLN M 1247 -37.68 8.70 16.32
C GLN M 1247 -37.26 7.58 17.28
N SER M 1248 -35.96 7.49 17.59
CA SER M 1248 -35.50 6.42 18.46
C SER M 1248 -36.07 6.56 19.86
N LEU M 1249 -36.27 7.79 20.32
CA LEU M 1249 -36.90 7.99 21.62
C LEU M 1249 -38.32 7.45 21.64
N VAL M 1250 -39.08 7.71 20.57
CA VAL M 1250 -40.44 7.19 20.49
C VAL M 1250 -40.42 5.67 20.44
N LYS M 1251 -39.50 5.10 19.65
CA LYS M 1251 -39.43 3.64 19.54
C LYS M 1251 -39.14 3.00 20.89
N HIS M 1252 -38.20 3.56 21.64
CA HIS M 1252 -37.91 3.02 22.96
C HIS M 1252 -39.10 3.20 23.90
N ALA M 1253 -39.80 4.33 23.79
CA ALA M 1253 -40.99 4.55 24.60
C ALA M 1253 -42.08 3.54 24.25
N HIS M 1254 -42.11 3.07 23.01
CA HIS M 1254 -43.07 2.05 22.62
C HIS M 1254 -42.79 0.73 23.34
N THR M 1255 -41.51 0.42 23.54
CA THR M 1255 -41.14 -0.81 24.26
C THR M 1255 -41.75 -0.82 25.66
N LEU M 1256 -42.00 0.36 26.23
CA LEU M 1256 -42.52 0.43 27.60
C LEU M 1256 -43.96 -0.07 27.69
N MET M 1257 -44.79 0.27 26.70
CA MET M 1257 -46.15 -0.27 26.71
C MET M 1257 -46.17 -1.76 26.39
N THR M 1258 -45.43 -2.17 25.37
CA THR M 1258 -45.26 -3.58 25.08
C THR M 1258 -44.24 -4.13 26.07
N ASP M 1259 -43.76 -5.35 25.85
CA ASP M 1259 -42.78 -5.98 26.76
C ASP M 1259 -43.32 -5.96 28.19
N ALA M 1260 -44.41 -6.70 28.39
CA ALA M 1260 -45.19 -6.58 29.62
C ALA M 1260 -44.34 -6.79 30.86
N LYS M 1261 -43.19 -7.44 30.73
CA LYS M 1261 -42.24 -7.49 31.83
C LYS M 1261 -41.76 -6.10 32.22
N THR M 1262 -41.35 -5.31 31.23
CA THR M 1262 -40.84 -3.96 31.51
C THR M 1262 -41.95 -3.05 32.04
N ALA M 1263 -43.15 -3.16 31.47
CA ALA M 1263 -44.26 -2.33 31.94
C ALA M 1263 -44.56 -2.58 33.41
N GLU M 1264 -44.39 -3.83 33.85
CA GLU M 1264 -44.66 -4.15 35.26
C GLU M 1264 -43.64 -3.48 36.17
N ILE M 1265 -42.46 -3.16 35.66
CA ILE M 1265 -41.48 -2.41 36.44
C ILE M 1265 -41.99 -1.01 36.73
N MET M 1266 -42.46 -0.31 35.70
CA MET M 1266 -42.99 1.03 35.92
C MET M 1266 -44.38 0.98 36.55
N ALA M 1267 -44.99 -0.21 36.58
CA ALA M 1267 -46.16 -0.38 37.42
C ALA M 1267 -45.80 -0.18 38.89
N LEU M 1268 -44.65 -0.71 39.30
CA LEU M 1268 -44.19 -0.51 40.67
C LEU M 1268 -43.68 0.91 40.88
N PHE M 1269 -42.98 1.46 39.90
CA PHE M 1269 -42.38 2.79 40.06
C PHE M 1269 -43.44 3.85 40.32
N VAL M 1270 -44.54 3.82 39.56
CA VAL M 1270 -45.58 4.82 39.73
C VAL M 1270 -46.12 4.80 41.16
N LYS M 1271 -46.30 3.60 41.71
CA LYS M 1271 -46.77 3.51 43.09
C LYS M 1271 -45.73 4.07 44.06
N ASP M 1272 -44.45 3.78 43.82
CA ASP M 1272 -43.41 4.30 44.70
C ASP M 1272 -43.28 5.81 44.57
N ARG M 1273 -43.28 6.32 43.33
CA ARG M 1273 -43.15 7.76 43.12
C ARG M 1273 -44.32 8.52 43.71
N ASN M 1274 -45.48 7.87 43.83
CA ASN M 1274 -46.64 8.52 44.43
C ASN M 1274 -46.57 8.48 45.95
N ALA M 1275 -45.68 7.66 46.51
CA ALA M 1275 -45.61 7.50 47.96
C ALA M 1275 -44.78 8.63 48.57
N SER M 1276 -45.40 9.42 49.44
CA SER M 1276 -44.69 10.50 50.11
C SER M 1276 -43.77 9.97 51.20
N THR M 1277 -44.26 9.01 52.00
CA THR M 1277 -43.53 8.49 53.14
C THR M 1277 -43.06 7.07 52.82
N THR M 1278 -41.75 6.93 52.60
CA THR M 1278 -41.14 5.64 52.30
C THR M 1278 -40.09 5.32 53.34
N SER M 1279 -40.30 4.23 54.07
CA SER M 1279 -39.30 3.77 55.03
C SER M 1279 -38.07 3.26 54.30
N ALA M 1280 -36.96 3.17 55.03
CA ALA M 1280 -35.74 2.63 54.44
C ALA M 1280 -35.96 1.21 53.93
N LYS M 1281 -36.64 0.38 54.71
CA LYS M 1281 -36.94 -0.97 54.27
C LYS M 1281 -37.91 -0.97 53.09
N ASP M 1282 -38.75 0.06 52.98
CA ASP M 1282 -39.69 0.12 51.86
C ASP M 1282 -38.96 0.19 50.53
N GLN M 1283 -37.85 0.94 50.47
CA GLN M 1283 -37.05 0.97 49.26
C GLN M 1283 -36.52 -0.42 48.92
N ILE M 1284 -36.04 -1.15 49.93
CA ILE M 1284 -35.56 -2.50 49.72
C ILE M 1284 -36.69 -3.40 49.24
N ILE M 1285 -37.88 -3.24 49.82
CA ILE M 1285 -39.07 -3.92 49.31
C ILE M 1285 -39.29 -3.54 47.85
N TYR M 1286 -39.19 -2.25 47.54
CA TYR M 1286 -39.37 -1.80 46.17
C TYR M 1286 -38.28 -2.38 45.27
N ARG M 1287 -37.03 -2.40 45.73
CA ARG M 1287 -35.95 -2.92 44.91
C ARG M 1287 -36.11 -4.41 44.63
N LEU M 1288 -36.42 -5.20 45.66
CA LEU M 1288 -36.43 -6.64 45.50
C LEU M 1288 -37.56 -7.11 44.58
N GLN M 1289 -38.73 -6.46 44.69
CA GLN M 1289 -39.82 -6.81 43.78
C GLN M 1289 -39.43 -6.53 42.33
N VAL M 1290 -38.79 -5.39 42.09
CA VAL M 1290 -38.36 -5.06 40.74
C VAL M 1290 -37.35 -6.08 40.23
N ARG M 1291 -36.45 -6.54 41.11
CA ARG M 1291 -35.47 -7.54 40.70
C ARG M 1291 -36.13 -8.84 40.29
N SER M 1292 -37.30 -9.13 40.86
CA SER M 1292 -37.99 -10.37 40.53
C SER M 1292 -38.39 -10.40 39.06
N HIS M 1293 -38.68 -9.24 38.47
CA HIS M 1293 -39.21 -9.23 37.12
C HIS M 1293 -38.11 -9.32 36.07
N MET M 1294 -36.93 -8.77 36.36
CA MET M 1294 -35.81 -8.98 35.46
C MET M 1294 -35.28 -10.40 35.59
N SER M 1295 -34.67 -10.88 34.51
CA SER M 1295 -33.91 -12.11 34.59
C SER M 1295 -32.70 -11.91 35.49
N ASN M 1296 -32.19 -13.02 36.03
CA ASN M 1296 -31.05 -12.93 36.94
C ASN M 1296 -29.80 -12.48 36.23
N THR M 1297 -29.85 -12.38 34.89
CA THR M 1297 -28.68 -11.94 34.14
C THR M 1297 -28.66 -10.43 33.94
N GLU M 1298 -29.84 -9.84 33.73
CA GLU M 1298 -29.89 -8.41 33.41
C GLU M 1298 -29.44 -7.56 34.59
N ASN M 1299 -28.86 -6.41 34.27
CA ASN M 1299 -28.26 -5.52 35.25
C ASN M 1299 -29.08 -4.25 35.40
N MET M 1300 -29.84 -4.16 36.50
CA MET M 1300 -30.76 -3.05 36.66
C MET M 1300 -30.00 -1.78 37.00
N PHE M 1301 -30.61 -0.65 36.66
CA PHE M 1301 -30.05 0.67 36.90
C PHE M 1301 -30.88 1.33 38.00
N ARG M 1302 -30.31 2.34 38.63
CA ARG M 1302 -31.04 3.18 39.58
C ARG M 1302 -30.93 4.63 39.15
N ILE M 1303 -32.05 5.21 38.73
CA ILE M 1303 -32.12 6.62 38.37
C ILE M 1303 -32.74 7.36 39.56
N GLU M 1304 -32.03 8.35 40.06
CA GLU M 1304 -32.37 9.02 41.31
C GLU M 1304 -32.67 10.48 41.02
N PHE M 1305 -33.74 10.99 41.59
CA PHE M 1305 -34.22 12.34 41.31
C PHE M 1305 -34.27 13.15 42.59
N ASP M 1306 -33.86 14.41 42.50
CA ASP M 1306 -33.89 15.34 43.63
C ASP M 1306 -34.75 16.53 43.23
N LYS M 1307 -35.96 16.61 43.80
CA LYS M 1307 -36.94 17.58 43.33
C LYS M 1307 -36.47 19.02 43.52
N ARG M 1308 -35.85 19.31 44.66
CA ARG M 1308 -35.45 20.70 44.93
C ARG M 1308 -34.41 21.18 43.94
N THR M 1309 -33.45 20.32 43.60
CA THR M 1309 -32.36 20.74 42.73
C THR M 1309 -32.43 20.14 41.32
N LEU M 1310 -33.58 19.59 40.95
CA LEU M 1310 -33.72 19.02 39.61
C LEU M 1310 -32.45 18.32 39.17
N HIS M 1311 -31.93 17.47 40.06
CA HIS M 1311 -30.69 16.73 39.83
C HIS M 1311 -31.04 15.26 39.67
N VAL M 1312 -30.60 14.67 38.55
CA VAL M 1312 -30.87 13.28 38.24
C VAL M 1312 -29.54 12.54 38.18
N SER M 1313 -29.39 11.55 39.06
CA SER M 1313 -28.15 10.79 39.19
C SER M 1313 -28.46 9.32 38.94
N ILE M 1314 -27.72 8.72 38.01
CA ILE M 1314 -27.93 7.33 37.62
C ILE M 1314 -26.81 6.50 38.22
N GLN M 1315 -27.18 5.40 38.88
CA GLN M 1315 -26.22 4.48 39.47
C GLN M 1315 -26.30 3.15 38.72
N TYR M 1316 -25.15 2.55 38.46
CA TYR M 1316 -25.08 1.29 37.73
C TYR M 1316 -24.96 0.14 38.73
N ILE M 1317 -25.91 -0.79 38.67
CA ILE M 1317 -26.03 -1.85 39.66
C ILE M 1317 -26.01 -3.19 38.96
N ALA M 1318 -25.19 -4.12 39.47
CA ALA M 1318 -25.14 -5.50 38.98
C ALA M 1318 -25.06 -6.42 40.20
N LEU M 1319 -25.89 -6.16 41.20
CA LEU M 1319 -25.83 -6.89 42.46
C LEU M 1319 -26.33 -8.33 42.27
N ASP M 1320 -26.40 -9.05 43.39
CA ASP M 1320 -26.90 -10.44 43.41
C ASP M 1320 -28.15 -10.66 42.56
N VAL N 2 0.85 24.44 35.47
CA VAL N 2 0.81 25.90 35.52
C VAL N 2 0.00 26.45 34.35
N TYR N 3 -1.01 25.61 33.94
CA TYR N 3 -1.86 25.97 32.81
C TYR N 3 -3.26 26.20 33.34
N GLU N 4 -3.72 27.45 33.30
CA GLU N 4 -5.00 27.84 33.84
C GLU N 4 -5.93 28.21 32.69
N ALA N 5 -6.84 27.31 32.36
CA ALA N 5 -7.78 27.55 31.28
C ALA N 5 -8.61 28.80 31.59
N THR N 6 -8.66 29.72 30.62
CA THR N 6 -9.30 31.01 30.80
C THR N 6 -9.98 31.39 29.49
N PRO N 7 -11.22 31.88 29.53
CA PRO N 7 -11.89 32.25 28.28
C PRO N 7 -11.20 33.41 27.58
N PHE N 8 -11.33 33.43 26.25
CA PHE N 8 -10.73 34.48 25.45
C PHE N 8 -11.37 35.83 25.75
N ASP N 9 -10.57 36.88 25.65
CA ASP N 9 -11.03 38.24 25.87
C ASP N 9 -10.82 39.05 24.61
N PRO N 10 -11.69 40.03 24.34
CA PRO N 10 -11.53 40.84 23.12
C PRO N 10 -10.18 41.54 23.09
N ILE N 11 -9.60 41.62 21.88
CA ILE N 11 -8.33 42.28 21.73
C ILE N 11 -8.48 43.77 22.02
N THR N 12 -7.75 44.24 23.02
CA THR N 12 -7.79 45.63 23.44
C THR N 12 -6.45 46.28 23.14
N VAL N 13 -6.50 47.50 22.59
CA VAL N 13 -5.27 48.19 22.25
C VAL N 13 -4.71 48.90 23.48
N LYS N 14 -3.39 48.93 23.57
CA LYS N 14 -2.71 49.49 24.73
C LYS N 14 -2.23 50.90 24.42
N PRO N 15 -2.87 51.93 24.98
CA PRO N 15 -2.48 53.30 24.63
C PRO N 15 -1.09 53.68 25.12
N SER N 16 -0.51 52.92 26.05
CA SER N 16 0.81 53.26 26.58
C SER N 16 1.87 53.23 25.47
N ASP N 17 1.81 52.22 24.61
CA ASP N 17 2.78 52.09 23.52
C ASP N 17 2.24 52.74 22.26
N LYS N 18 3.01 53.68 21.71
CA LYS N 18 2.75 54.26 20.40
C LYS N 18 4.02 54.07 19.56
N ARG N 19 4.13 52.89 18.96
CA ARG N 19 5.31 52.56 18.17
C ARG N 19 5.16 53.11 16.75
N ARG N 20 6.27 53.61 16.20
CA ARG N 20 6.30 54.12 14.84
C ARG N 20 6.78 53.01 13.91
N VAL N 21 5.85 52.43 13.16
CA VAL N 21 6.13 51.24 12.39
C VAL N 21 6.87 51.60 11.11
N ALA N 22 7.54 50.62 10.53
CA ALA N 22 8.15 50.73 9.21
C ALA N 22 7.78 49.50 8.41
N TYR N 23 7.08 49.70 7.30
CA TYR N 23 6.55 48.62 6.48
C TYR N 23 7.42 48.42 5.26
N PHE N 24 7.84 47.18 5.03
CA PHE N 24 8.72 46.82 3.93
C PHE N 24 7.93 46.07 2.87
N TYR N 25 7.59 46.75 1.78
CA TYR N 25 6.91 46.14 0.65
C TYR N 25 7.70 46.42 -0.62
N ASP N 26 8.15 45.35 -1.27
CA ASP N 26 8.78 45.44 -2.58
C ASP N 26 7.75 44.99 -3.61
N ALA N 27 7.38 45.89 -4.52
CA ALA N 27 6.20 45.66 -5.36
C ALA N 27 6.34 44.42 -6.22
N ASP N 28 7.57 43.96 -6.47
CA ASP N 28 7.78 42.84 -7.38
C ASP N 28 7.44 41.51 -6.73
N VAL N 29 7.41 41.45 -5.39
CA VAL N 29 7.39 40.16 -4.70
C VAL N 29 6.09 39.41 -4.97
N GLY N 30 5.09 40.09 -5.52
CA GLY N 30 3.84 39.42 -5.82
C GLY N 30 3.88 38.65 -7.13
N ASN N 31 4.85 38.95 -7.99
CA ASN N 31 4.81 38.46 -9.36
C ASN N 31 5.57 37.14 -9.51
N TYR N 32 6.00 36.54 -8.42
CA TYR N 32 6.67 35.25 -8.51
C TYR N 32 5.74 34.12 -8.08
N ALA N 33 5.71 33.06 -8.88
CA ALA N 33 4.81 31.94 -8.66
C ALA N 33 5.61 30.65 -8.62
N TYR N 34 5.27 29.77 -7.67
CA TYR N 34 6.08 28.56 -7.45
C TYR N 34 5.83 27.52 -8.53
N GLY N 35 4.57 27.14 -8.76
CA GLY N 35 4.30 26.08 -9.70
C GLY N 35 2.82 26.01 -10.05
N ALA N 36 2.46 24.89 -10.69
CA ALA N 36 1.10 24.73 -11.19
C ALA N 36 0.11 24.49 -10.05
N GLY N 37 0.51 23.73 -9.04
CA GLY N 37 -0.33 23.44 -7.90
C GLY N 37 0.33 23.65 -6.56
N HIS N 38 1.37 24.48 -6.49
CA HIS N 38 2.18 24.55 -5.30
C HIS N 38 1.48 25.37 -4.22
N PRO N 39 1.62 25.01 -2.95
CA PRO N 39 0.91 25.75 -1.89
C PRO N 39 1.45 27.13 -1.63
N MET N 40 2.78 27.28 -1.54
CA MET N 40 3.36 28.60 -1.33
C MET N 40 3.04 29.49 -2.52
N LYS N 41 2.36 30.60 -2.25
CA LYS N 41 1.97 31.53 -3.29
C LYS N 41 2.38 32.93 -2.86
N PRO N 42 3.48 33.48 -3.39
CA PRO N 42 3.89 34.83 -3.01
C PRO N 42 2.89 35.90 -3.38
N HIS N 43 1.76 35.54 -3.99
CA HIS N 43 0.69 36.49 -4.19
C HIS N 43 0.16 37.04 -2.87
N ARG N 44 0.18 36.22 -1.81
CA ARG N 44 -0.48 36.60 -0.56
C ARG N 44 0.12 37.87 0.03
N ILE N 45 1.39 38.15 -0.28
CA ILE N 45 1.96 39.41 0.17
C ILE N 45 1.26 40.58 -0.50
N ARG N 46 0.96 40.44 -1.80
CA ARG N 46 0.38 41.55 -2.54
C ARG N 46 -1.03 41.87 -2.07
N MET N 47 -1.86 40.84 -1.85
CA MET N 47 -3.20 41.11 -1.32
C MET N 47 -3.14 41.65 0.10
N ALA N 48 -2.28 41.06 0.94
CA ALA N 48 -2.15 41.56 2.31
C ALA N 48 -1.65 43.00 2.31
N HIS N 49 -0.92 43.39 1.27
CA HIS N 49 -0.55 44.79 1.13
C HIS N 49 -1.69 45.59 0.50
N SER N 50 -2.43 44.97 -0.42
CA SER N 50 -3.54 45.68 -1.05
C SER N 50 -4.60 46.06 -0.03
N LEU N 51 -4.92 45.15 0.89
CA LEU N 51 -5.88 45.46 1.94
C LEU N 51 -5.37 46.57 2.85
N ILE N 52 -4.08 46.55 3.17
CA ILE N 52 -3.51 47.51 4.12
C ILE N 52 -3.67 48.94 3.60
N MET N 53 -3.38 49.15 2.32
CA MET N 53 -3.41 50.50 1.77
C MET N 53 -4.83 51.08 1.75
N ASN N 54 -5.85 50.22 1.71
CA ASN N 54 -7.21 50.72 1.59
C ASN N 54 -7.78 51.13 2.95
N TYR N 55 -7.38 50.46 4.02
CA TYR N 55 -7.69 50.95 5.36
C TYR N 55 -7.02 52.29 5.65
N GLY N 56 -6.18 52.78 4.75
CA GLY N 56 -5.45 53.99 5.01
C GLY N 56 -4.37 53.84 6.06
N LEU N 57 -3.90 52.62 6.30
CA LEU N 57 -2.84 52.41 7.27
C LEU N 57 -1.56 53.09 6.84
N TYR N 58 -1.43 53.42 5.55
CA TYR N 58 -0.23 54.13 5.08
C TYR N 58 -0.12 55.51 5.71
N LYS N 59 -1.21 56.02 6.29
CA LYS N 59 -1.14 57.30 6.97
C LYS N 59 -0.34 57.20 8.26
N LYS N 60 -0.32 56.01 8.88
CA LYS N 60 0.42 55.86 10.13
C LYS N 60 1.80 55.25 9.90
N MET N 61 1.88 54.25 9.01
CA MET N 61 3.14 53.58 8.77
C MET N 61 4.07 54.42 7.92
N GLU N 62 5.28 53.92 7.75
CA GLU N 62 6.26 54.47 6.82
C GLU N 62 6.64 53.38 5.84
N ILE N 63 6.31 53.58 4.56
CA ILE N 63 6.47 52.55 3.54
C ILE N 63 7.91 52.56 3.05
N TYR N 64 8.53 51.38 3.01
CA TYR N 64 9.91 51.24 2.60
C TYR N 64 10.05 50.12 1.59
N ARG N 65 11.08 50.22 0.76
CA ARG N 65 11.43 49.19 -0.21
C ARG N 65 12.89 48.81 0.00
N ALA N 66 13.11 47.72 0.73
CA ALA N 66 14.47 47.34 1.09
C ALA N 66 15.26 46.95 -0.14
N LYS N 67 16.50 47.43 -0.21
CA LYS N 67 17.37 47.08 -1.32
C LYS N 67 17.67 45.58 -1.29
N PRO N 68 17.51 44.88 -2.41
CA PRO N 68 17.63 43.42 -2.39
C PRO N 68 19.00 42.97 -1.92
N ALA N 69 19.01 41.83 -1.23
CA ALA N 69 20.23 41.33 -0.62
C ALA N 69 21.25 40.92 -1.68
N THR N 70 22.50 41.28 -1.44
CA THR N 70 23.57 40.92 -2.37
C THR N 70 23.85 39.42 -2.30
N LYS N 71 24.71 38.96 -3.21
CA LYS N 71 25.10 37.56 -3.21
C LYS N 71 26.04 37.26 -2.05
N GLN N 72 26.88 38.22 -1.67
CA GLN N 72 27.80 38.00 -0.57
C GLN N 72 27.07 37.99 0.78
N GLU N 73 26.17 38.95 0.99
CA GLU N 73 25.48 39.05 2.27
C GLU N 73 24.60 37.83 2.52
N MET N 74 24.11 37.21 1.46
CA MET N 74 23.35 35.97 1.61
C MET N 74 24.22 34.85 2.18
N CYS N 75 25.54 35.01 2.09
CA CYS N 75 26.43 33.92 2.45
C CYS N 75 26.86 33.96 3.91
N GLN N 76 26.47 34.99 4.66
CA GLN N 76 26.88 35.05 6.05
C GLN N 76 26.16 34.00 6.88
N PHE N 77 25.16 33.34 6.29
CA PHE N 77 24.62 32.14 6.91
C PHE N 77 24.83 30.92 6.02
N HIS N 78 24.51 31.04 4.74
CA HIS N 78 24.55 29.92 3.82
C HIS N 78 25.94 29.77 3.23
N THR N 79 26.34 28.52 3.01
CA THR N 79 27.66 28.26 2.46
C THR N 79 27.74 28.73 1.01
N ASP N 80 28.95 29.11 0.60
CA ASP N 80 29.14 29.71 -0.72
C ASP N 80 28.71 28.78 -1.83
N GLU N 81 28.83 27.47 -1.62
CA GLU N 81 28.40 26.53 -2.65
C GLU N 81 26.90 26.61 -2.89
N TYR N 82 26.12 26.73 -1.81
CA TYR N 82 24.66 26.76 -1.95
C TYR N 82 24.20 28.01 -2.67
N ILE N 83 24.66 29.18 -2.22
CA ILE N 83 24.22 30.43 -2.84
C ILE N 83 24.61 30.47 -4.31
N ASP N 84 25.80 29.96 -4.63
CA ASP N 84 26.24 29.93 -6.02
C ASP N 84 25.32 29.06 -6.87
N PHE N 85 24.78 27.98 -6.29
CA PHE N 85 23.82 27.17 -7.01
C PHE N 85 22.52 27.94 -7.27
N LEU N 86 22.08 28.74 -6.30
CA LEU N 86 20.83 29.48 -6.46
C LEU N 86 20.91 30.47 -7.61
N SER N 87 22.04 31.15 -7.76
CA SER N 87 22.13 32.21 -8.76
C SER N 87 21.96 31.66 -10.17
N ARG N 88 22.58 30.52 -10.48
CA ARG N 88 22.55 30.03 -11.85
C ARG N 88 21.28 29.23 -12.15
N VAL N 89 20.70 28.59 -11.13
CA VAL N 89 19.67 27.59 -11.39
C VAL N 89 18.42 28.25 -11.94
N THR N 90 17.91 27.69 -13.03
CA THR N 90 16.69 28.09 -13.70
C THR N 90 16.05 26.84 -14.27
N PRO N 91 14.75 26.88 -14.60
CA PRO N 91 14.10 25.66 -15.11
C PRO N 91 14.78 25.08 -16.34
N ASP N 92 15.38 25.91 -17.18
CA ASP N 92 16.07 25.40 -18.36
C ASP N 92 17.40 24.75 -17.98
N ASN N 93 17.97 25.15 -16.85
CA ASN N 93 19.29 24.66 -16.46
C ASN N 93 19.24 23.44 -15.56
N LEU N 94 18.05 22.89 -15.32
CA LEU N 94 17.94 21.79 -14.35
C LEU N 94 18.69 20.55 -14.80
N GLU N 95 18.77 20.32 -16.12
CA GLU N 95 19.50 19.16 -16.61
C GLU N 95 20.98 19.24 -16.27
N MET N 96 21.56 20.44 -16.38
CA MET N 96 22.99 20.60 -16.11
C MET N 96 23.32 20.33 -14.65
N PHE N 97 22.39 20.59 -13.74
CA PHE N 97 22.59 20.41 -12.32
C PHE N 97 21.78 19.22 -11.83
N LYS N 98 22.45 18.08 -11.64
CA LYS N 98 21.80 16.90 -11.09
C LYS N 98 22.37 16.47 -9.75
N ARG N 99 23.69 16.50 -9.58
CA ARG N 99 24.27 16.21 -8.28
C ARG N 99 23.84 17.27 -7.26
N GLU N 100 23.86 18.54 -7.66
CA GLU N 100 23.48 19.60 -6.73
C GLU N 100 22.00 19.50 -6.34
N SER N 101 21.12 19.25 -7.32
CA SER N 101 19.70 19.26 -7.04
C SER N 101 19.31 18.16 -6.06
N VAL N 102 20.15 17.12 -5.94
CA VAL N 102 19.93 16.11 -4.91
C VAL N 102 20.61 16.54 -3.62
N LYS N 103 21.84 17.04 -3.72
CA LYS N 103 22.55 17.51 -2.54
C LYS N 103 21.82 18.68 -1.89
N PHE N 104 21.42 19.65 -2.69
CA PHE N 104 20.62 20.78 -2.24
C PHE N 104 19.18 20.49 -2.59
N ASN N 105 18.33 20.36 -1.58
CA ASN N 105 16.98 19.88 -1.81
C ASN N 105 16.19 20.97 -2.53
N VAL N 106 16.46 21.14 -3.83
CA VAL N 106 15.91 22.24 -4.61
C VAL N 106 15.34 21.69 -5.90
N GLY N 107 14.08 22.05 -6.16
CA GLY N 107 13.48 21.79 -7.44
C GLY N 107 12.51 20.62 -7.50
N ASP N 108 12.23 19.97 -6.38
CA ASP N 108 11.36 18.80 -6.43
C ASP N 108 10.11 19.07 -5.58
N ASP N 109 10.30 19.46 -4.33
CA ASP N 109 9.19 19.98 -3.54
C ASP N 109 9.24 21.50 -3.45
N CYS N 110 10.44 22.05 -3.21
CA CYS N 110 10.68 23.46 -3.42
C CYS N 110 11.10 23.65 -4.86
N PRO N 111 10.21 24.05 -5.76
CA PRO N 111 10.52 23.99 -7.19
C PRO N 111 11.53 25.05 -7.59
N VAL N 112 12.21 24.80 -8.70
CA VAL N 112 13.04 25.82 -9.33
C VAL N 112 12.16 26.61 -10.28
N PHE N 113 11.50 27.65 -9.76
CA PHE N 113 10.68 28.50 -10.61
C PHE N 113 11.54 29.63 -11.19
N ASP N 114 11.05 30.20 -12.28
CA ASP N 114 11.75 31.31 -12.90
C ASP N 114 11.81 32.50 -11.94
N GLY N 115 13.00 33.06 -11.77
CA GLY N 115 13.19 34.10 -10.79
C GLY N 115 13.48 33.62 -9.39
N LEU N 116 14.04 32.41 -9.25
CA LEU N 116 14.30 31.85 -7.93
C LEU N 116 15.24 32.74 -7.13
N TYR N 117 16.30 33.23 -7.75
CA TYR N 117 17.26 34.06 -7.04
C TYR N 117 16.67 35.41 -6.68
N GLU N 118 15.91 36.00 -7.59
CA GLU N 118 15.40 37.35 -7.35
C GLU N 118 14.44 37.37 -6.16
N TYR N 119 13.53 36.39 -6.09
CA TYR N 119 12.58 36.36 -4.99
C TYR N 119 13.27 36.17 -3.66
N CYS N 120 14.26 35.28 -3.59
CA CYS N 120 15.03 35.12 -2.38
C CYS N 120 15.78 36.41 -2.04
N SER N 121 16.29 37.09 -3.07
CA SER N 121 16.95 38.36 -2.83
C SER N 121 15.96 39.42 -2.36
N ILE N 122 14.67 39.24 -2.55
CA ILE N 122 13.77 40.27 -2.05
C ILE N 122 13.49 40.00 -0.60
N SER N 123 13.35 38.74 -0.23
CA SER N 123 13.09 38.39 1.16
C SER N 123 14.17 38.87 2.11
N GLY N 124 15.42 38.49 1.88
CA GLY N 124 16.45 38.85 2.83
C GLY N 124 16.74 40.33 3.03
N GLY N 125 16.77 41.14 1.99
CA GLY N 125 17.14 42.53 2.19
C GLY N 125 16.01 43.14 2.93
N GLY N 126 14.90 42.48 2.90
CA GLY N 126 13.68 42.96 3.53
C GLY N 126 13.69 42.74 5.03
N SER N 127 14.18 41.58 5.47
CA SER N 127 14.31 41.31 6.89
C SER N 127 15.61 41.89 7.44
N MET N 128 16.71 41.74 6.70
CA MET N 128 17.98 42.26 7.18
C MET N 128 17.91 43.75 7.47
N GLU N 129 17.37 44.54 6.54
CA GLU N 129 17.28 45.97 6.78
C GLU N 129 16.28 46.28 7.88
N GLY N 130 15.23 45.47 8.02
CA GLY N 130 14.31 45.66 9.13
C GLY N 130 15.03 45.63 10.45
N ALA N 131 16.02 44.75 10.58
CA ALA N 131 16.87 44.76 11.76
C ALA N 131 17.78 45.98 11.79
N ALA N 132 18.22 46.43 10.61
CA ALA N 132 19.16 47.55 10.55
C ALA N 132 18.49 48.85 10.99
N ARG N 133 17.20 49.00 10.71
CA ARG N 133 16.50 50.23 11.10
C ARG N 133 16.21 50.24 12.59
N LEU N 134 15.90 49.08 13.18
CA LEU N 134 15.70 49.01 14.61
C LEU N 134 16.97 49.40 15.36
N ASN N 135 18.12 48.96 14.87
CA ASN N 135 19.38 49.26 15.55
C ASN N 135 19.66 50.75 15.55
N ARG N 136 19.43 51.43 14.43
CA ARG N 136 19.71 52.85 14.35
C ARG N 136 18.76 53.66 15.23
N GLY N 137 17.66 53.04 15.67
CA GLY N 137 16.65 53.73 16.42
C GLY N 137 15.61 54.43 15.58
N LYS N 138 15.58 54.17 14.28
CA LYS N 138 14.66 54.89 13.41
C LYS N 138 13.22 54.41 13.58
N CYS N 139 13.03 53.14 13.87
CA CYS N 139 11.70 52.57 14.00
C CYS N 139 11.69 51.55 15.13
N ASP N 140 10.60 51.52 15.90
CA ASP N 140 10.48 50.56 16.99
C ASP N 140 9.96 49.22 16.50
N VAL N 141 9.44 49.16 15.28
CA VAL N 141 8.90 47.95 14.69
C VAL N 141 9.32 47.90 13.22
N ALA N 142 9.56 46.70 12.72
CA ALA N 142 9.76 46.47 11.30
C ALA N 142 8.83 45.35 10.86
N VAL N 143 8.13 45.56 9.75
CA VAL N 143 7.17 44.61 9.24
C VAL N 143 7.61 44.20 7.84
N ASN N 144 8.05 42.95 7.71
CA ASN N 144 8.56 42.42 6.44
C ASN N 144 7.79 41.14 6.15
N TYR N 145 6.61 41.28 5.54
CA TYR N 145 5.79 40.11 5.27
C TYR N 145 6.35 39.31 4.11
N ALA N 146 7.13 39.94 3.23
CA ALA N 146 7.70 39.24 2.10
C ALA N 146 8.62 38.11 2.55
N GLY N 147 9.32 38.30 3.65
CA GLY N 147 10.25 37.32 4.15
C GLY N 147 9.64 36.40 5.20
N GLY N 148 10.49 35.99 6.12
CA GLY N 148 10.07 35.10 7.20
C GLY N 148 10.30 33.63 6.94
N LEU N 149 11.03 33.27 5.89
CA LEU N 149 11.18 31.88 5.51
C LEU N 149 12.06 31.16 6.54
N HIS N 150 11.44 30.44 7.46
CA HIS N 150 12.14 29.88 8.60
C HIS N 150 12.54 28.42 8.45
N HIS N 151 12.29 27.81 7.30
CA HIS N 151 12.58 26.39 7.14
C HIS N 151 13.90 26.11 6.45
N ALA N 152 14.51 27.09 5.80
CA ALA N 152 15.74 26.86 5.08
C ALA N 152 16.89 26.57 6.03
N LYS N 153 17.90 25.86 5.54
CA LYS N 153 19.05 25.47 6.33
C LYS N 153 20.31 26.07 5.73
N LYS N 154 21.46 25.69 6.30
CA LYS N 154 22.72 26.29 5.87
C LYS N 154 23.02 25.98 4.41
N SER N 155 22.89 24.72 4.03
CA SER N 155 23.10 24.31 2.64
C SER N 155 21.97 23.45 2.11
N GLU N 156 20.72 23.80 2.41
CA GLU N 156 19.59 23.00 2.00
C GLU N 156 18.33 23.86 1.98
N ALA N 157 17.46 23.59 1.02
CA ALA N 157 16.18 24.28 0.91
C ALA N 157 15.06 23.32 1.31
N SER N 158 14.43 23.61 2.45
CA SER N 158 13.38 22.75 2.97
C SER N 158 12.13 23.58 3.23
N GLY N 159 10.98 22.91 3.17
CA GLY N 159 9.73 23.56 3.53
C GLY N 159 9.44 24.82 2.76
N PHE N 160 9.65 24.80 1.45
CA PHE N 160 9.35 25.88 0.50
C PHE N 160 10.29 27.06 0.69
N CYS N 161 11.27 26.98 1.59
CA CYS N 161 12.08 28.13 1.98
C CYS N 161 13.51 27.92 1.46
N TYR N 162 13.96 28.82 0.58
CA TYR N 162 15.30 28.66 0.03
C TYR N 162 16.31 29.45 0.85
N LEU N 163 16.11 30.75 0.97
CA LEU N 163 16.98 31.61 1.76
C LEU N 163 16.36 31.83 3.12
N ASN N 164 17.09 31.48 4.17
CA ASN N 164 16.61 31.65 5.53
C ASN N 164 16.91 33.07 5.95
N ASP N 165 15.97 33.98 5.70
CA ASP N 165 16.20 35.39 5.98
C ASP N 165 16.27 35.68 7.47
N ILE N 166 15.49 34.95 8.27
CA ILE N 166 15.40 35.24 9.70
C ILE N 166 16.78 35.18 10.35
N VAL N 167 17.58 34.17 10.00
CA VAL N 167 18.95 34.12 10.48
C VAL N 167 19.73 35.33 9.99
N LEU N 168 19.54 35.72 8.73
CA LEU N 168 20.16 36.94 8.24
C LEU N 168 19.64 38.16 8.99
N GLY N 169 18.34 38.18 9.29
CA GLY N 169 17.79 39.28 10.06
C GLY N 169 18.31 39.33 11.47
N ILE N 170 18.37 38.18 12.14
CA ILE N 170 18.77 38.14 13.54
C ILE N 170 20.25 38.52 13.69
N ILE N 171 21.09 38.02 12.79
CA ILE N 171 22.51 38.35 12.85
C ILE N 171 22.72 39.86 12.75
N GLU N 172 21.81 40.55 12.06
CA GLU N 172 21.92 42.00 11.97
C GLU N 172 21.55 42.66 13.29
N LEU N 173 20.52 42.15 13.97
CA LEU N 173 20.18 42.65 15.30
C LEU N 173 21.29 42.35 16.30
N LEU N 174 21.97 41.21 16.13
CA LEU N 174 22.92 40.75 17.13
C LEU N 174 24.14 41.65 17.20
N ARG N 175 24.31 42.54 16.23
CA ARG N 175 25.48 43.41 16.22
C ARG N 175 25.29 44.61 17.13
N TYR N 176 24.07 44.81 17.64
CA TYR N 176 23.84 45.91 18.56
C TYR N 176 23.22 45.41 19.86
N HIS N 177 22.28 44.48 19.78
CA HIS N 177 21.59 43.97 20.95
C HIS N 177 22.24 42.69 21.44
N PRO N 178 22.68 42.64 22.70
CA PRO N 178 23.36 41.42 23.19
C PRO N 178 22.50 40.18 23.15
N ARG N 179 21.20 40.29 23.37
CA ARG N 179 20.31 39.15 23.40
C ARG N 179 19.10 39.41 22.50
N VAL N 180 18.71 38.39 21.75
CA VAL N 180 17.56 38.48 20.84
C VAL N 180 16.67 37.28 21.09
N LEU N 181 15.36 37.49 21.10
CA LEU N 181 14.38 36.44 21.30
C LEU N 181 13.64 36.19 19.99
N TYR N 182 13.48 34.92 19.62
CA TYR N 182 12.76 34.55 18.42
C TYR N 182 11.52 33.75 18.82
N ILE N 183 10.36 34.20 18.36
CA ILE N 183 9.08 33.60 18.73
C ILE N 183 8.42 33.10 17.46
N ASP N 184 8.11 31.80 17.43
CA ASP N 184 7.52 31.15 16.27
C ASP N 184 6.08 30.77 16.56
N ILE N 185 5.16 31.21 15.71
CA ILE N 185 3.77 30.80 15.80
C ILE N 185 3.27 30.13 14.54
N ASP N 186 4.18 29.68 13.67
CA ASP N 186 3.80 28.85 12.54
C ASP N 186 3.61 27.41 13.03
N VAL N 187 2.63 26.71 12.43
CA VAL N 187 2.26 25.39 12.93
C VAL N 187 3.41 24.41 12.78
N HIS N 188 4.31 24.66 11.84
CA HIS N 188 5.48 23.80 11.69
C HIS N 188 6.57 24.25 12.66
N HIS N 189 7.48 23.32 12.95
CA HIS N 189 8.60 23.65 13.82
C HIS N 189 9.62 24.49 13.06
N GLY N 190 10.05 25.60 13.66
CA GLY N 190 11.02 26.45 13.03
C GLY N 190 12.43 25.89 13.11
N ASP N 191 12.66 24.76 12.44
CA ASP N 191 13.95 24.08 12.55
C ASP N 191 15.06 24.89 11.91
N GLY N 192 14.74 25.72 10.92
CA GLY N 192 15.77 26.49 10.26
C GLY N 192 16.46 27.48 11.19
N VAL N 193 15.70 28.09 12.10
CA VAL N 193 16.29 29.06 13.01
C VAL N 193 16.78 28.37 14.29
N GLU N 194 16.05 27.35 14.75
CA GLU N 194 16.48 26.64 15.94
C GLU N 194 17.83 25.95 15.72
N GLU N 195 18.00 25.28 14.58
CA GLU N 195 19.26 24.62 14.29
C GLU N 195 20.36 25.64 14.04
N ALA N 196 20.05 26.88 13.76
CA ALA N 196 21.15 27.79 13.52
C ALA N 196 21.67 28.37 14.80
N PHE N 197 20.80 28.63 15.74
CA PHE N 197 21.18 29.26 16.98
C PHE N 197 21.20 28.31 18.17
N TYR N 198 21.20 27.00 17.94
CA TYR N 198 21.10 26.04 19.03
C TYR N 198 22.24 26.14 20.01
N THR N 199 23.45 26.36 19.52
CA THR N 199 24.60 26.46 20.40
C THR N 199 24.73 27.76 21.18
N THR N 200 24.45 28.90 20.56
CA THR N 200 24.65 30.18 21.21
C THR N 200 23.55 30.46 22.22
N ASP N 201 23.89 31.28 23.23
CA ASP N 201 22.88 31.70 24.20
C ASP N 201 22.33 33.07 23.86
N ARG N 202 22.88 33.71 22.83
CA ARG N 202 22.46 35.07 22.51
C ARG N 202 21.10 35.10 21.83
N VAL N 203 20.58 33.95 21.44
CA VAL N 203 19.25 33.88 20.85
C VAL N 203 18.42 32.76 21.44
N MET N 204 17.18 33.03 21.83
CA MET N 204 16.30 31.98 22.34
C MET N 204 15.23 31.75 21.32
N THR N 205 15.01 30.52 20.91
CA THR N 205 14.07 30.26 19.85
C THR N 205 12.83 29.55 20.35
N CYS N 206 11.86 30.31 20.85
CA CYS N 206 10.65 29.73 21.38
C CYS N 206 9.69 29.45 20.25
N SER N 207 9.37 28.19 20.03
CA SER N 207 8.58 27.76 18.87
C SER N 207 7.39 26.93 19.31
N PHE N 208 6.22 27.30 18.81
CA PHE N 208 5.00 26.54 19.02
C PHE N 208 4.67 25.81 17.73
N HIS N 209 4.41 24.51 17.83
CA HIS N 209 4.21 23.70 16.64
C HIS N 209 3.43 22.44 16.98
N LYS N 210 3.04 21.72 15.94
CA LYS N 210 2.31 20.46 16.07
C LYS N 210 3.32 19.32 15.95
N TYR N 211 3.52 18.60 17.05
CA TYR N 211 4.40 17.44 17.04
C TYR N 211 3.59 16.20 16.65
N GLY N 212 4.26 15.06 16.59
CA GLY N 212 3.57 13.87 16.16
C GLY N 212 3.70 13.56 14.68
N GLU N 213 4.93 13.38 14.22
CA GLU N 213 5.28 13.13 12.81
C GLU N 213 4.59 14.12 11.89
N PHE N 214 4.70 15.40 12.23
CA PHE N 214 4.28 16.50 11.39
C PHE N 214 5.54 17.25 10.98
N PHE N 215 5.62 17.63 9.71
CA PHE N 215 6.85 18.20 9.18
C PHE N 215 7.30 19.38 10.04
N PRO N 216 8.59 19.46 10.39
CA PRO N 216 9.64 18.54 9.99
C PRO N 216 9.90 17.42 10.99
N GLY N 217 8.95 17.19 11.89
CA GLY N 217 9.09 16.11 12.85
C GLY N 217 10.18 16.33 13.88
N THR N 218 10.61 17.58 14.05
CA THR N 218 11.55 17.93 15.10
C THR N 218 10.85 18.84 16.08
N GLY N 219 11.60 19.37 17.03
CA GLY N 219 11.04 20.26 18.02
C GLY N 219 10.39 19.57 19.20
N GLU N 220 10.78 18.34 19.52
CA GLU N 220 10.25 17.67 20.69
C GLU N 220 10.58 18.47 21.95
N LEU N 221 9.77 18.27 22.99
CA LEU N 221 9.90 19.06 24.22
C LEU N 221 11.30 18.96 24.81
N ARG N 222 11.98 17.84 24.60
CA ARG N 222 13.26 17.65 25.26
C ARG N 222 14.41 18.35 24.52
N ASP N 223 14.15 18.81 23.30
CA ASP N 223 15.17 19.57 22.59
C ASP N 223 15.32 20.96 23.22
N ILE N 224 16.38 21.13 24.00
CA ILE N 224 16.64 22.39 24.69
C ILE N 224 18.03 22.92 24.41
N GLY N 225 18.61 22.60 23.26
CA GLY N 225 19.91 23.11 22.92
C GLY N 225 21.04 22.40 23.63
N VAL N 226 22.25 22.60 23.11
CA VAL N 226 23.44 21.95 23.62
C VAL N 226 24.55 22.97 23.74
N GLY N 227 25.57 22.63 24.54
CA GLY N 227 26.67 23.55 24.75
C GLY N 227 26.24 24.73 25.59
N ALA N 228 26.68 25.92 25.18
CA ALA N 228 26.28 27.13 25.90
C ALA N 228 24.78 27.35 25.82
N GLY N 229 24.19 27.10 24.66
CA GLY N 229 22.77 27.30 24.49
C GLY N 229 21.93 26.16 25.01
N LYS N 230 22.14 25.75 26.26
CA LYS N 230 21.30 24.76 26.92
C LYS N 230 20.28 25.51 27.75
N ASN N 231 19.02 25.13 27.60
CA ASN N 231 17.82 25.79 28.12
C ASN N 231 17.52 27.04 27.31
N TYR N 232 18.40 27.43 26.40
CA TYR N 232 18.14 28.60 25.59
C TYR N 232 17.43 28.24 24.32
N ALA N 233 16.70 27.14 24.32
CA ALA N 233 15.85 26.80 23.21
C ALA N 233 14.57 26.39 23.90
N VAL N 234 13.41 26.66 23.33
CA VAL N 234 12.19 26.33 24.04
C VAL N 234 11.14 25.91 23.05
N ASN N 235 10.86 24.63 23.00
CA ASN N 235 9.86 24.11 22.07
C ASN N 235 8.62 23.72 22.86
N VAL N 236 7.46 24.09 22.35
CA VAL N 236 6.18 23.77 22.96
C VAL N 236 5.42 22.88 22.00
N PRO N 237 5.49 21.56 22.14
CA PRO N 237 4.81 20.69 21.18
C PRO N 237 3.33 20.57 21.48
N LEU N 238 2.50 21.23 20.67
CA LEU N 238 1.06 21.25 20.86
C LEU N 238 0.47 20.11 20.04
N ARG N 239 -0.75 19.71 20.39
CA ARG N 239 -1.44 18.70 19.62
C ARG N 239 -2.39 19.36 18.63
N ASP N 240 -3.20 18.52 17.98
CA ASP N 240 -4.09 18.98 16.93
C ASP N 240 -5.19 19.85 17.53
N GLY N 241 -5.84 20.63 16.67
CA GLY N 241 -7.05 21.35 17.03
C GLY N 241 -6.96 22.35 18.17
N ILE N 242 -5.79 22.97 18.37
CA ILE N 242 -5.71 24.06 19.33
C ILE N 242 -6.55 25.22 18.82
N ASP N 243 -7.17 25.95 19.74
CA ASP N 243 -8.11 27.01 19.36
C ASP N 243 -7.76 28.31 20.07
N ASP N 244 -8.66 29.30 19.91
CA ASP N 244 -8.38 30.67 20.34
C ASP N 244 -8.11 30.75 21.84
N ALA N 245 -9.03 30.20 22.65
CA ALA N 245 -8.93 30.39 24.09
C ALA N 245 -7.80 29.58 24.69
N THR N 246 -7.55 28.37 24.16
CA THR N 246 -6.51 27.53 24.71
C THR N 246 -5.13 28.02 24.31
N TYR N 247 -4.99 28.53 23.08
CA TYR N 247 -3.70 29.04 22.63
C TYR N 247 -3.24 30.22 23.48
N ARG N 248 -4.15 31.13 23.81
CA ARG N 248 -3.79 32.27 24.63
C ARG N 248 -3.35 31.83 26.02
N SER N 249 -3.99 30.79 26.56
CA SER N 249 -3.64 30.33 27.89
C SER N 249 -2.28 29.65 27.91
N VAL N 250 -1.73 29.36 26.74
CA VAL N 250 -0.39 28.79 26.66
C VAL N 250 0.63 29.84 26.23
N PHE N 251 0.30 30.58 25.18
CA PHE N 251 1.24 31.55 24.63
C PHE N 251 1.62 32.61 25.66
N GLU N 252 0.63 33.21 26.30
CA GLU N 252 0.91 34.32 27.20
C GLU N 252 1.74 33.92 28.43
N PRO N 253 1.39 32.84 29.16
CA PRO N 253 2.22 32.49 30.32
C PRO N 253 3.66 32.17 29.97
N VAL N 254 3.90 31.49 28.85
CA VAL N 254 5.26 31.12 28.49
C VAL N 254 6.07 32.35 28.10
N ILE N 255 5.50 33.19 27.23
CA ILE N 255 6.21 34.39 26.79
C ILE N 255 6.51 35.30 27.98
N LYS N 256 5.55 35.43 28.90
CA LYS N 256 5.76 36.27 30.07
C LYS N 256 6.91 35.74 30.92
N LYS N 257 7.09 34.42 30.95
CA LYS N 257 8.20 33.85 31.70
C LYS N 257 9.53 34.14 31.02
N ILE N 258 9.58 34.00 29.68
CA ILE N 258 10.83 34.20 28.95
C ILE N 258 11.33 35.62 29.11
N MET N 259 10.45 36.61 28.94
CA MET N 259 10.88 38.00 28.98
C MET N 259 11.15 38.46 30.41
N GLU N 260 10.86 37.60 31.39
CA GLU N 260 11.30 37.89 32.76
C GLU N 260 12.67 37.29 33.03
N TRP N 261 12.82 36.00 32.74
CA TRP N 261 14.06 35.32 33.12
C TRP N 261 15.19 35.60 32.14
N TYR N 262 14.89 35.58 30.84
CA TYR N 262 15.87 35.87 29.81
C TYR N 262 15.42 37.15 29.11
N GLN N 263 15.82 38.30 29.65
CA GLN N 263 15.34 39.58 29.18
C GLN N 263 15.89 39.87 27.80
N PRO N 264 15.10 39.79 26.76
CA PRO N 264 15.62 40.06 25.42
C PRO N 264 15.71 41.55 25.14
N SER N 265 16.67 41.96 24.32
CA SER N 265 16.72 43.35 23.90
C SER N 265 15.88 43.59 22.66
N ALA N 266 15.62 42.54 21.90
CA ALA N 266 14.77 42.62 20.70
C ALA N 266 14.06 41.30 20.50
N VAL N 267 12.96 41.35 19.76
CA VAL N 267 12.14 40.17 19.46
C VAL N 267 11.99 40.06 17.96
N VAL N 268 12.12 38.84 17.44
CA VAL N 268 11.81 38.54 16.05
C VAL N 268 10.62 37.59 16.06
N LEU N 269 9.42 38.14 15.84
CA LEU N 269 8.18 37.38 15.91
C LEU N 269 7.75 36.98 14.52
N GLN N 270 7.74 35.69 14.25
CA GLN N 270 7.43 35.16 12.92
C GLN N 270 5.95 34.78 12.88
N CYS N 271 5.13 35.69 12.36
CA CYS N 271 3.69 35.54 12.35
C CYS N 271 3.29 34.56 11.26
N GLY N 272 3.33 33.27 11.57
CA GLY N 272 3.00 32.27 10.59
C GLY N 272 1.52 32.25 10.27
N GLY N 273 1.19 32.11 8.99
CA GLY N 273 -0.22 32.05 8.62
C GLY N 273 -0.76 30.64 8.70
N ASP N 274 0.11 29.64 8.82
CA ASP N 274 -0.31 28.25 8.71
C ASP N 274 -1.21 27.84 9.88
N SER N 275 -1.05 28.49 11.03
CA SER N 275 -1.79 28.07 12.21
C SER N 275 -3.28 28.36 12.08
N LEU N 276 -3.64 29.35 11.27
CA LEU N 276 -5.04 29.71 11.09
C LEU N 276 -5.86 28.51 10.61
N SER N 277 -7.16 28.56 10.89
CA SER N 277 -8.05 27.48 10.50
C SER N 277 -8.29 27.52 8.99
N GLY N 278 -8.40 26.33 8.39
CA GLY N 278 -8.71 26.21 6.98
C GLY N 278 -7.52 26.13 6.06
N ASP N 279 -6.29 26.26 6.57
CA ASP N 279 -5.13 26.17 5.70
C ASP N 279 -4.92 24.74 5.22
N ARG N 280 -4.28 24.61 4.06
CA ARG N 280 -4.25 23.32 3.38
C ARG N 280 -3.23 22.37 4.01
N LEU N 281 -2.19 22.91 4.64
CA LEU N 281 -1.13 22.06 5.19
C LEU N 281 -1.08 22.04 6.71
N GLY N 282 -1.69 23.02 7.38
CA GLY N 282 -1.60 23.10 8.82
C GLY N 282 -2.91 22.70 9.47
N CYS N 283 -2.79 22.12 10.66
CA CYS N 283 -3.95 21.62 11.41
C CYS N 283 -3.97 22.24 12.80
N PHE N 284 -4.47 23.47 12.88
CA PHE N 284 -4.89 24.14 14.10
C PHE N 284 -6.25 24.77 13.85
N ASN N 285 -6.88 25.24 14.92
CA ASN N 285 -8.18 25.88 14.85
C ASN N 285 -8.13 27.36 15.22
N LEU N 286 -6.95 27.98 15.15
CA LEU N 286 -6.84 29.38 15.52
C LEU N 286 -7.64 30.26 14.58
N SER N 287 -8.42 31.17 15.15
CA SER N 287 -9.04 32.21 14.37
C SER N 287 -8.16 33.46 14.40
N MET N 288 -8.56 34.47 13.62
CA MET N 288 -7.79 35.71 13.55
C MET N 288 -7.60 36.33 14.92
N GLU N 289 -8.69 36.56 15.65
CA GLU N 289 -8.58 37.21 16.96
C GLU N 289 -7.70 36.42 17.90
N GLY N 290 -7.74 35.09 17.81
CA GLY N 290 -6.86 34.28 18.64
C GLY N 290 -5.44 34.25 18.12
N HIS N 291 -5.25 34.59 16.85
CA HIS N 291 -3.92 34.60 16.28
C HIS N 291 -3.28 35.98 16.36
N ALA N 292 -4.05 37.03 16.07
CA ALA N 292 -3.50 38.37 16.15
C ALA N 292 -3.26 38.80 17.59
N ASN N 293 -3.92 38.13 18.53
CA ASN N 293 -3.67 38.42 19.94
C ASN N 293 -2.24 38.06 20.32
N CYS N 294 -1.65 37.07 19.64
CA CYS N 294 -0.26 36.74 19.90
C CYS N 294 0.66 37.92 19.62
N VAL N 295 0.41 38.64 18.52
CA VAL N 295 1.21 39.81 18.21
C VAL N 295 0.99 40.91 19.23
N ASN N 296 -0.27 41.15 19.59
CA ASN N 296 -0.58 42.24 20.50
C ASN N 296 0.07 42.03 21.87
N TYR N 297 0.17 40.76 22.30
CA TYR N 297 0.79 40.50 23.59
C TYR N 297 2.29 40.83 23.56
N VAL N 298 3.00 40.33 22.54
CA VAL N 298 4.43 40.55 22.46
C VAL N 298 4.75 42.03 22.32
N LYS N 299 3.91 42.75 21.58
CA LYS N 299 4.12 44.19 21.41
C LYS N 299 4.00 44.93 22.73
N SER N 300 3.11 44.46 23.62
CA SER N 300 2.79 45.23 24.82
C SER N 300 3.98 45.38 25.75
N PHE N 301 5.01 44.55 25.57
CA PHE N 301 6.14 44.57 26.50
C PHE N 301 6.99 45.82 26.35
N GLY N 302 7.08 46.35 25.13
CA GLY N 302 7.73 47.64 24.93
C GLY N 302 9.14 47.58 24.37
N ILE N 303 9.63 46.41 23.99
CA ILE N 303 10.99 46.29 23.48
C ILE N 303 10.95 46.18 21.96
N PRO N 304 11.96 46.65 21.24
CA PRO N 304 11.89 46.67 19.77
C PRO N 304 11.72 45.27 19.20
N MET N 305 10.85 45.16 18.21
CA MET N 305 10.53 43.87 17.61
C MET N 305 10.51 43.99 16.10
N MET N 306 10.60 42.86 15.42
CA MET N 306 10.45 42.79 13.97
C MET N 306 9.45 41.68 13.64
N VAL N 307 8.50 41.99 12.79
CA VAL N 307 7.44 41.06 12.38
C VAL N 307 7.72 40.62 10.96
N VAL N 308 7.87 39.31 10.77
CA VAL N 308 8.15 38.75 9.46
C VAL N 308 6.99 37.86 9.05
N GLY N 309 6.70 37.80 7.76
CA GLY N 309 5.51 37.12 7.30
C GLY N 309 5.58 35.61 7.48
N GLY N 310 6.66 35.00 7.03
CA GLY N 310 6.71 33.55 7.15
C GLY N 310 5.80 32.86 6.16
N GLY N 311 5.27 31.73 6.60
CA GLY N 311 4.49 30.85 5.74
C GLY N 311 3.00 31.04 5.96
N GLY N 312 2.27 31.11 4.84
CA GLY N 312 0.82 31.13 4.84
C GLY N 312 0.29 30.54 3.55
N TYR N 313 -0.58 29.54 3.63
CA TYR N 313 -0.87 28.71 2.47
C TYR N 313 -2.26 28.91 1.89
N THR N 314 -3.16 29.57 2.61
CA THR N 314 -4.45 29.96 2.06
C THR N 314 -4.47 31.48 1.94
N MET N 315 -4.44 31.96 0.70
CA MET N 315 -4.28 33.39 0.46
C MET N 315 -5.40 34.20 1.10
N ARG N 316 -6.62 33.67 1.11
CA ARG N 316 -7.74 34.42 1.66
C ARG N 316 -7.56 34.68 3.15
N ASN N 317 -7.11 33.67 3.90
CA ASN N 317 -7.07 33.80 5.35
C ASN N 317 -5.85 34.59 5.80
N VAL N 318 -4.68 34.33 5.22
CA VAL N 318 -3.46 34.95 5.71
C VAL N 318 -3.41 36.43 5.35
N ALA N 319 -4.00 36.80 4.21
CA ALA N 319 -4.01 38.21 3.83
C ALA N 319 -4.88 39.02 4.77
N ARG N 320 -5.93 38.40 5.31
CA ARG N 320 -6.79 39.12 6.25
C ARG N 320 -6.13 39.30 7.61
N THR N 321 -5.47 38.25 8.11
CA THR N 321 -4.88 38.35 9.45
C THR N 321 -3.62 39.20 9.45
N TRP N 322 -2.87 39.21 8.35
CA TRP N 322 -1.69 40.06 8.29
C TRP N 322 -2.08 41.53 8.24
N CYS N 323 -3.25 41.84 7.66
CA CYS N 323 -3.73 43.21 7.66
C CYS N 323 -4.22 43.62 9.05
N PHE N 324 -4.87 42.69 9.75
CA PHE N 324 -5.33 42.98 11.10
C PHE N 324 -4.16 43.14 12.06
N GLU N 325 -3.14 42.28 11.94
CA GLU N 325 -1.97 42.41 12.78
C GLU N 325 -1.24 43.72 12.53
N THR N 326 -1.19 44.15 11.26
CA THR N 326 -0.61 45.45 10.96
C THR N 326 -1.43 46.57 11.60
N GLY N 327 -2.73 46.33 11.79
CA GLY N 327 -3.54 47.30 12.50
C GLY N 327 -3.17 47.42 13.96
N LEU N 328 -2.97 46.29 14.62
CA LEU N 328 -2.67 46.31 16.05
C LEU N 328 -1.36 47.02 16.34
N LEU N 329 -0.34 46.78 15.52
CA LEU N 329 0.95 47.43 15.73
C LEU N 329 0.81 48.95 15.64
N ASN N 330 -0.09 49.43 14.78
CA ASN N 330 -0.33 50.86 14.66
C ASN N 330 -1.37 51.37 15.65
N ASN N 331 -1.66 50.61 16.70
CA ASN N 331 -2.57 51.03 17.77
C ASN N 331 -3.97 51.33 17.26
N VAL N 332 -4.40 50.65 16.20
CA VAL N 332 -5.74 50.83 15.65
C VAL N 332 -6.35 49.45 15.43
N VAL N 333 -7.53 49.23 16.00
CA VAL N 333 -8.28 48.01 15.77
C VAL N 333 -9.19 48.23 14.56
N LEU N 334 -9.00 47.41 13.53
CA LEU N 334 -9.66 47.68 12.25
C LEU N 334 -11.12 47.27 12.29
N ASP N 335 -11.91 47.92 11.42
CA ASP N 335 -13.33 47.62 11.34
C ASP N 335 -13.54 46.32 10.58
N LYS N 336 -14.57 45.58 10.96
CA LYS N 336 -14.87 44.29 10.35
C LYS N 336 -15.68 44.46 9.06
N ASP N 337 -15.17 45.31 8.18
CA ASP N 337 -15.77 45.58 6.89
C ASP N 337 -14.67 45.85 5.88
N LEU N 338 -14.52 44.95 4.92
CA LEU N 338 -13.47 45.11 3.93
C LEU N 338 -13.70 46.36 3.09
N PRO N 339 -12.66 47.09 2.74
CA PRO N 339 -12.80 48.18 1.78
C PRO N 339 -12.50 47.68 0.38
N TYR N 340 -13.04 48.39 -0.61
CA TYR N 340 -12.89 47.92 -1.97
C TYR N 340 -11.41 47.86 -2.35
N ASN N 341 -11.01 46.71 -2.89
CA ASN N 341 -9.63 46.47 -3.28
C ASN N 341 -9.62 45.59 -4.52
N GLU N 342 -8.49 45.61 -5.22
CA GLU N 342 -8.39 44.88 -6.48
C GLU N 342 -8.72 43.40 -6.31
N TYR N 343 -8.29 42.81 -5.20
CA TYR N 343 -8.52 41.38 -4.95
C TYR N 343 -9.71 41.22 -4.00
N TYR N 344 -10.86 41.62 -4.50
CA TYR N 344 -12.04 41.72 -3.66
C TYR N 344 -12.86 40.44 -3.71
N GLU N 345 -12.85 39.76 -4.87
CA GLU N 345 -13.68 38.57 -5.04
C GLU N 345 -13.15 37.40 -4.22
N TYR N 346 -11.94 37.51 -3.67
CA TYR N 346 -11.39 36.41 -2.90
C TYR N 346 -12.13 36.21 -1.60
N TYR N 347 -12.37 37.28 -0.85
CA TYR N 347 -12.74 37.19 0.56
C TYR N 347 -14.24 36.93 0.70
N GLY N 348 -14.67 35.79 0.17
CA GLY N 348 -16.04 35.36 0.32
C GLY N 348 -16.27 34.74 1.68
N PRO N 349 -17.53 34.52 2.04
CA PRO N 349 -18.73 34.93 1.30
C PRO N 349 -19.39 36.17 1.89
N ASP N 350 -19.09 36.48 3.15
CA ASP N 350 -19.68 37.64 3.79
C ASP N 350 -18.88 38.90 3.51
N TYR N 351 -17.69 38.75 2.94
CA TYR N 351 -16.81 39.87 2.59
C TYR N 351 -16.50 40.73 3.80
N LYS N 352 -16.25 40.09 4.93
CA LYS N 352 -15.82 40.77 6.14
C LYS N 352 -14.43 40.29 6.51
N LEU N 353 -13.74 41.09 7.32
CA LEU N 353 -12.39 40.75 7.76
C LEU N 353 -12.48 39.86 9.00
N SER N 354 -12.66 38.57 8.73
CA SER N 354 -12.71 37.56 9.78
C SER N 354 -12.26 36.23 9.21
N VAL N 355 -11.54 35.47 10.02
CA VAL N 355 -11.21 34.09 9.72
C VAL N 355 -11.98 33.22 10.70
N ARG N 356 -12.92 32.46 10.18
CA ARG N 356 -13.91 31.82 11.05
C ARG N 356 -13.38 30.51 11.57
N PRO N 357 -13.34 30.32 12.89
CA PRO N 357 -12.84 29.05 13.43
C PRO N 357 -13.72 27.88 13.02
N SER N 358 -13.09 26.74 12.83
CA SER N 358 -13.79 25.56 12.35
C SER N 358 -14.48 24.83 13.50
N ASN N 359 -15.03 23.66 13.16
CA ASN N 359 -15.74 22.85 14.15
C ASN N 359 -14.90 21.73 14.73
N MET N 360 -13.64 21.61 14.30
CA MET N 360 -12.86 20.41 14.61
C MET N 360 -12.62 20.28 16.11
N PHE N 361 -12.38 19.05 16.54
CA PHE N 361 -12.35 18.74 17.96
C PHE N 361 -10.99 19.12 18.56
N ASN N 362 -11.03 19.96 19.59
CA ASN N 362 -9.82 20.37 20.30
C ASN N 362 -9.35 19.20 21.15
N VAL N 363 -8.10 18.79 20.93
CA VAL N 363 -7.60 17.61 21.59
C VAL N 363 -6.56 17.91 22.63
N ASN N 364 -5.95 19.08 22.62
CA ASN N 364 -4.98 19.31 23.66
C ASN N 364 -5.80 19.28 24.91
N THR N 365 -5.30 18.65 25.95
CA THR N 365 -6.10 18.50 27.16
C THR N 365 -5.44 19.23 28.28
N PRO N 366 -6.24 19.74 29.21
CA PRO N 366 -5.52 20.55 30.22
C PRO N 366 -4.53 19.76 31.05
N GLU N 367 -4.73 18.45 31.21
CA GLU N 367 -3.75 17.65 31.93
C GLU N 367 -2.45 17.55 31.15
N TYR N 368 -2.54 17.46 29.83
CA TYR N 368 -1.33 17.40 29.01
C TYR N 368 -0.61 18.74 28.99
N LEU N 369 -1.35 19.83 28.75
CA LEU N 369 -0.73 21.14 28.63
C LEU N 369 -0.04 21.57 29.91
N ASP N 370 -0.51 21.06 31.05
CA ASP N 370 0.15 21.39 32.31
C ASP N 370 1.51 20.71 32.40
N LYS N 371 1.63 19.52 31.84
CA LYS N 371 2.91 18.80 31.90
C LYS N 371 3.93 19.42 30.95
N VAL N 372 3.48 19.90 29.79
CA VAL N 372 4.39 20.57 28.86
C VAL N 372 4.84 21.90 29.44
N MET N 373 3.92 22.69 29.98
CA MET N 373 4.28 24.00 30.50
C MET N 373 5.07 23.89 31.80
N THR N 374 4.95 22.76 32.50
CA THR N 374 5.73 22.59 33.72
C THR N 374 7.20 22.34 33.39
N ASN N 375 7.46 21.48 32.41
CA ASN N 375 8.85 21.17 32.06
C ASN N 375 9.57 22.40 31.51
N ILE N 376 8.87 23.19 30.70
CA ILE N 376 9.48 24.40 30.14
C ILE N 376 9.86 25.36 31.26
N PHE N 377 8.96 25.58 32.23
CA PHE N 377 9.27 26.47 33.33
C PHE N 377 10.39 25.91 34.20
N ALA N 378 10.49 24.59 34.29
CA ALA N 378 11.62 23.99 34.99
C ALA N 378 12.93 24.34 34.30
N ASN N 379 12.94 24.32 32.98
CA ASN N 379 14.16 24.66 32.24
C ASN N 379 14.44 26.16 32.28
N LEU N 380 13.41 26.98 32.13
CA LEU N 380 13.63 28.42 31.94
C LEU N 380 14.15 29.10 33.20
N GLU N 381 14.09 28.42 34.34
CA GLU N 381 14.64 29.01 35.55
C GLU N 381 16.17 28.99 35.54
N ASN N 382 16.75 28.29 34.56
CA ASN N 382 18.20 28.31 34.40
C ASN N 382 18.65 29.48 33.54
N THR N 383 17.78 29.95 32.64
CA THR N 383 18.11 31.04 31.73
C THR N 383 17.85 32.38 32.41
N LYS N 384 18.68 32.68 33.41
CA LYS N 384 18.71 34.03 33.94
C LYS N 384 19.54 34.92 33.04
N TYR N 385 19.15 36.20 32.96
CA TYR N 385 19.83 37.12 32.08
C TYR N 385 21.28 37.31 32.53
N ALA N 386 22.18 37.40 31.56
CA ALA N 386 23.62 37.52 31.80
C ALA N 386 24.13 36.39 32.67
N ALA N 398 31.38 43.92 -2.67
CA ALA N 398 30.38 44.97 -2.54
C ALA N 398 29.60 44.90 -1.22
N GLU N 399 30.29 44.71 -0.10
CA GLU N 399 29.61 44.54 1.17
C GLU N 399 28.88 45.78 1.71
N ASP N 400 27.74 45.57 2.38
CA ASP N 400 27.01 46.66 3.03
C ASP N 400 26.76 46.22 4.46
N LEU N 401 26.99 47.07 5.42
CA LEU N 401 26.83 46.61 6.78
C LEU N 401 25.74 47.43 7.36
N GLY N 402 24.94 46.87 8.26
CA GLY N 402 23.95 47.75 8.83
C GLY N 402 23.26 48.31 7.63
N ASP N 403 22.86 47.44 6.71
CA ASP N 403 22.39 47.97 5.48
C ASP N 403 21.34 48.87 5.93
N VAL N 404 21.35 50.09 5.42
CA VAL N 404 20.40 51.05 5.92
C VAL N 404 19.63 51.61 4.78
N GLU N 405 20.23 51.68 3.61
CA GLU N 405 19.53 52.31 2.51
C GLU N 405 18.15 51.70 2.32
N GLU N 406 17.13 52.55 2.23
CA GLU N 406 15.74 52.14 2.33
C GLU N 406 14.86 52.52 1.15
N ASP N 407 15.14 53.62 0.48
CA ASP N 407 14.39 53.98 -0.74
C ASP N 407 13.06 54.74 -0.61
N SER N 408 12.49 54.88 0.58
CA SER N 408 11.30 55.76 0.67
C SER N 408 10.21 55.44 -0.34
N ALA N 409 9.74 54.22 -0.43
CA ALA N 409 8.82 53.78 -1.50
C ALA N 409 7.45 54.40 -1.66
N GLU N 410 6.84 54.99 -0.65
CA GLU N 410 5.43 55.38 -0.79
C GLU N 410 5.05 56.34 -1.90
N ALA N 411 5.82 57.36 -2.18
CA ALA N 411 5.45 58.20 -3.32
C ALA N 411 5.08 57.34 -4.51
N LYS N 412 5.79 56.25 -4.72
CA LYS N 412 5.53 55.40 -5.88
C LYS N 412 4.33 54.47 -5.63
N ASP N 413 3.99 54.24 -4.37
CA ASP N 413 3.10 53.13 -4.05
C ASP N 413 1.68 53.61 -3.76
N THR N 414 1.50 54.91 -3.50
CA THR N 414 0.20 55.39 -3.06
C THR N 414 -0.89 55.12 -4.10
N LYS N 415 -0.55 55.23 -5.39
CA LYS N 415 -1.55 55.00 -6.42
C LYS N 415 -1.90 53.52 -6.50
N GLY N 416 -0.96 52.65 -6.13
CA GLY N 416 -1.31 51.27 -5.92
C GLY N 416 -2.07 51.10 -4.62
N GLY N 417 -2.91 50.07 -4.57
CA GLY N 417 -3.62 49.75 -3.35
C GLY N 417 -4.82 50.60 -3.05
N SER N 418 -4.73 51.91 -3.19
CA SER N 418 -5.82 52.81 -2.83
C SER N 418 -6.73 52.99 -4.04
N GLN N 419 -7.98 52.54 -3.91
CA GLN N 419 -8.89 52.42 -5.03
C GLN N 419 -10.14 53.28 -4.82
N TYR N 420 -10.38 54.21 -5.75
CA TYR N 420 -11.71 54.80 -5.96
C TYR N 420 -12.16 54.38 -7.36
N ALA N 421 -12.76 53.20 -7.45
CA ALA N 421 -13.12 52.67 -8.76
C ALA N 421 -14.53 53.09 -9.17
N ARG N 422 -15.45 53.16 -8.21
CA ARG N 422 -16.81 53.58 -8.50
C ARG N 422 -17.47 54.17 -7.26
N GLU O 260 43.79 -56.53 39.46
CA GLU O 260 45.08 -56.01 39.88
C GLU O 260 45.50 -56.65 41.21
N ASP O 261 46.66 -56.23 41.73
CA ASP O 261 47.16 -56.83 42.96
C ASP O 261 47.03 -55.84 44.13
N PHE O 262 47.16 -54.54 43.86
CA PHE O 262 47.11 -53.55 44.91
C PHE O 262 45.69 -53.00 45.06
N CYS O 263 45.39 -52.50 46.26
CA CYS O 263 44.12 -51.85 46.53
C CYS O 263 44.24 -50.37 46.25
N SER O 264 43.33 -49.85 45.41
CA SER O 264 43.41 -48.43 45.04
C SER O 264 43.23 -47.52 46.24
N ALA O 265 42.48 -47.97 47.25
CA ALA O 265 42.20 -47.09 48.37
C ALA O 265 43.09 -47.42 49.57
N CYS O 266 43.67 -48.62 49.62
CA CYS O 266 44.75 -48.86 50.56
C CYS O 266 46.10 -48.48 49.97
N ASN O 267 46.16 -48.25 48.66
CA ASN O 267 47.37 -47.95 47.91
C ASN O 267 48.39 -49.07 48.07
N GLN O 268 47.95 -50.30 48.36
CA GLN O 268 48.85 -51.41 48.65
C GLN O 268 48.11 -52.72 48.43
N SER O 269 48.88 -53.81 48.39
CA SER O 269 48.31 -55.11 48.07
C SER O 269 47.44 -55.63 49.21
N GLY O 270 46.17 -55.89 48.91
CA GLY O 270 45.23 -56.30 49.92
C GLY O 270 44.29 -57.39 49.43
N SER O 271 43.80 -58.17 50.39
CA SER O 271 42.71 -59.10 50.10
C SER O 271 41.49 -58.33 49.62
N PHE O 272 40.84 -58.86 48.59
CA PHE O 272 39.98 -58.05 47.75
C PHE O 272 38.53 -58.51 47.79
N LEU O 273 37.63 -57.53 47.81
CA LEU O 273 36.26 -57.67 47.35
C LEU O 273 36.19 -57.02 45.98
N CYS O 274 35.67 -57.75 44.99
CA CYS O 274 35.81 -57.34 43.60
C CYS O 274 34.45 -57.04 43.00
N CYS O 275 34.32 -55.84 42.43
CA CYS O 275 33.19 -55.54 41.57
C CYS O 275 33.36 -56.25 40.23
N ASP O 276 32.29 -56.90 39.77
CA ASP O 276 32.40 -57.69 38.55
C ASP O 276 32.67 -56.82 37.32
N THR O 277 31.98 -55.68 37.21
CA THR O 277 32.09 -54.88 35.99
C THR O 277 33.45 -54.21 35.87
N CYS O 278 33.96 -53.62 36.95
CA CYS O 278 35.25 -52.95 36.87
C CYS O 278 36.35 -53.89 37.31
N PRO O 279 37.42 -54.03 36.52
CA PRO O 279 38.52 -54.91 36.94
C PRO O 279 39.15 -54.49 38.25
N LYS O 280 39.11 -53.20 38.57
CA LYS O 280 39.68 -52.73 39.82
C LYS O 280 38.91 -53.28 41.01
N SER O 281 39.65 -53.70 42.03
CA SER O 281 39.08 -54.23 43.27
C SER O 281 39.77 -53.58 44.45
N PHE O 282 39.10 -53.61 45.59
CA PHE O 282 39.53 -52.83 46.76
C PHE O 282 39.67 -53.72 47.98
N HIS O 283 40.47 -53.26 48.94
CA HIS O 283 40.61 -53.95 50.21
C HIS O 283 39.43 -53.66 51.11
N PHE O 284 39.08 -54.63 51.95
CA PHE O 284 37.83 -54.54 52.72
C PHE O 284 37.86 -53.38 53.72
N LEU O 285 39.05 -53.03 54.21
CA LEU O 285 39.13 -52.02 55.26
C LEU O 285 38.62 -50.67 54.78
N CYS O 286 39.12 -50.27 53.61
CA CYS O 286 38.71 -49.01 53.03
C CYS O 286 37.41 -49.19 52.32
N LEU O 287 36.36 -49.37 53.10
CA LEU O 287 35.05 -49.52 52.52
C LEU O 287 34.27 -48.34 53.02
N ASP O 288 33.58 -47.63 52.14
CA ASP O 288 32.92 -46.41 52.57
C ASP O 288 31.93 -46.84 53.61
N PRO O 289 31.26 -47.97 53.38
CA PRO O 289 30.46 -48.47 54.47
C PRO O 289 31.31 -49.62 54.86
N PRO O 290 31.62 -49.72 56.15
CA PRO O 290 32.56 -50.81 56.40
C PRO O 290 31.92 -52.12 56.00
N ILE O 291 32.70 -52.97 55.33
CA ILE O 291 32.18 -54.23 54.85
C ILE O 291 33.09 -55.31 55.34
N ASP O 292 32.79 -55.86 56.50
CA ASP O 292 33.70 -56.83 57.08
C ASP O 292 33.71 -58.11 56.26
N PRO O 293 34.91 -58.60 55.93
CA PRO O 293 35.03 -59.83 55.14
C PRO O 293 34.05 -60.90 55.56
N ASN O 294 33.87 -61.11 56.85
CA ASN O 294 33.01 -62.20 57.30
C ASN O 294 31.64 -62.10 56.67
N ASN O 295 31.09 -60.89 56.55
CA ASN O 295 29.78 -60.65 55.95
C ASN O 295 29.99 -59.98 54.59
N LEU O 296 29.69 -60.71 53.52
CA LEU O 296 29.96 -60.21 52.18
C LEU O 296 28.67 -60.02 51.41
N PRO O 297 28.62 -59.04 50.51
CA PRO O 297 27.46 -58.90 49.62
C PRO O 297 27.43 -60.03 48.60
N LYS O 298 26.27 -60.15 47.94
CA LYS O 298 25.98 -61.30 47.08
C LYS O 298 26.60 -61.09 45.71
N GLY O 299 27.79 -61.64 45.50
CA GLY O 299 28.36 -61.75 44.17
C GLY O 299 28.91 -60.48 43.57
N ASP O 300 28.05 -59.48 43.38
CA ASP O 300 28.44 -58.32 42.58
C ASP O 300 29.43 -57.42 43.31
N TRP O 301 29.05 -56.88 44.45
CA TRP O 301 29.85 -55.88 45.17
C TRP O 301 30.24 -54.73 44.24
N HIS O 302 29.22 -54.04 43.71
CA HIS O 302 29.48 -52.95 42.79
C HIS O 302 30.12 -51.78 43.52
N CYS O 303 31.24 -51.29 42.99
CA CYS O 303 31.91 -50.16 43.59
C CYS O 303 31.10 -48.88 43.39
N ASN O 304 31.43 -47.86 44.18
CA ASN O 304 30.72 -46.59 44.10
C ASN O 304 30.73 -46.04 42.68
N GLU O 305 31.89 -46.07 42.02
CA GLU O 305 31.98 -45.56 40.66
C GLU O 305 31.11 -46.37 39.70
N CYS O 306 31.12 -47.70 39.85
CA CYS O 306 30.25 -48.54 39.03
C CYS O 306 28.79 -48.37 39.41
N LYS O 307 28.51 -48.24 40.72
CA LYS O 307 27.14 -48.05 41.16
C LYS O 307 26.55 -46.77 40.61
N PHE O 308 27.40 -45.76 40.38
CA PHE O 308 26.91 -44.50 39.84
C PHE O 308 26.44 -44.66 38.39
N LYS O 309 27.20 -45.40 37.58
CA LYS O 309 26.85 -45.54 36.18
C LYS O 309 25.52 -46.28 36.00
N ILE O 310 25.35 -47.39 36.72
CA ILE O 310 24.13 -48.19 36.57
C ILE O 310 22.94 -47.45 37.14
N PHE O 311 23.15 -46.63 38.17
CA PHE O 311 22.06 -45.84 38.74
C PHE O 311 21.51 -44.86 37.72
N ILE O 312 22.38 -44.07 37.09
CA ILE O 312 21.95 -43.12 36.07
C ILE O 312 21.70 -43.83 34.75
N ASN O 313 22.13 -45.09 34.64
CA ASN O 313 22.08 -45.91 33.44
C ASN O 313 22.98 -45.36 32.35
N ASN O 314 24.08 -44.69 32.72
CA ASN O 314 25.05 -44.18 31.75
C ASN O 314 24.41 -43.21 30.77
N SER O 315 23.53 -42.34 31.26
CA SER O 315 22.81 -41.38 30.45
C SER O 315 23.26 -39.98 30.81
N MET O 316 23.69 -39.21 29.79
CA MET O 316 24.14 -37.85 30.04
C MET O 316 22.98 -36.93 30.39
N ALA O 317 21.86 -37.05 29.67
CA ALA O 317 20.73 -36.14 29.87
C ALA O 317 20.20 -36.22 31.30
N THR O 318 19.99 -37.44 31.81
CA THR O 318 19.60 -37.59 33.21
C THR O 318 20.71 -37.10 34.13
N LEU O 319 21.96 -37.44 33.81
CA LEU O 319 23.09 -36.99 34.62
C LEU O 319 23.07 -35.47 34.79
N LYS O 320 22.95 -34.74 33.68
CA LYS O 320 22.79 -33.29 33.78
C LYS O 320 21.50 -32.94 34.50
N LYS O 321 20.42 -33.67 34.23
CA LYS O 321 19.15 -33.40 34.89
C LYS O 321 19.23 -33.71 36.38
N ILE O 322 19.71 -34.90 36.74
CA ILE O 322 19.78 -35.27 38.15
C ILE O 322 20.76 -34.34 38.88
N GLU O 323 21.78 -33.86 38.17
CA GLU O 323 22.60 -32.78 38.71
C GLU O 323 21.77 -31.53 38.90
N SER O 324 21.20 -30.99 37.81
CA SER O 324 20.46 -29.74 37.89
C SER O 324 19.33 -29.83 38.92
N ASN O 325 18.77 -31.02 39.12
CA ASN O 325 17.82 -31.20 40.22
C ASN O 325 18.52 -31.12 41.56
N PHE O 326 19.73 -31.67 41.66
CA PHE O 326 20.43 -31.69 42.94
C PHE O 326 20.81 -30.28 43.39
N ILE O 327 21.28 -29.44 42.47
CA ILE O 327 21.57 -28.06 42.83
C ILE O 327 20.32 -27.32 43.27
N LYS O 328 19.24 -27.46 42.50
CA LYS O 328 18.00 -26.77 42.85
C LYS O 328 17.45 -27.29 44.17
N GLN O 329 17.62 -28.58 44.44
CA GLN O 329 17.16 -29.14 45.72
C GLN O 329 17.93 -28.54 46.88
N ASN O 330 19.25 -28.42 46.76
CA ASN O 330 20.08 -27.93 47.86
C ASN O 330 20.31 -26.43 47.73
N ASN O 331 19.20 -25.70 47.64
CA ASN O 331 19.28 -24.24 47.64
C ASN O 331 19.76 -23.73 48.99
N ASN O 332 19.67 -24.55 50.03
CA ASN O 332 20.18 -24.16 51.33
C ASN O 332 21.69 -23.96 51.29
N VAL O 333 22.42 -24.91 50.72
CA VAL O 333 23.85 -24.76 50.51
C VAL O 333 24.16 -24.94 49.03
N LYS O 334 24.17 -23.84 48.27
CA LYS O 334 24.35 -23.94 46.83
C LYS O 334 25.82 -24.05 46.46
N ILE O 335 26.69 -23.29 47.13
CA ILE O 335 28.08 -23.25 46.72
C ILE O 335 28.73 -24.63 46.84
N PHE O 336 28.27 -25.43 47.80
CA PHE O 336 28.71 -26.82 47.92
C PHE O 336 27.68 -27.77 47.27
N ALA O 337 27.35 -27.50 46.01
CA ALA O 337 26.42 -28.37 45.31
C ALA O 337 27.12 -29.38 44.41
N LYS O 338 27.94 -28.89 43.47
CA LYS O 338 28.68 -29.80 42.60
C LYS O 338 29.57 -30.72 43.41
N LEU O 339 30.14 -30.20 44.50
CA LEU O 339 31.04 -31.01 45.32
C LEU O 339 30.29 -32.15 46.00
N LEU O 340 29.13 -31.88 46.57
CA LEU O 340 28.34 -32.96 47.17
C LEU O 340 27.83 -33.93 46.10
N PHE O 341 27.52 -33.42 44.91
CA PHE O 341 27.03 -34.30 43.85
C PHE O 341 28.11 -35.28 43.41
N ASN O 342 29.35 -34.84 43.32
CA ASN O 342 30.42 -35.69 42.80
C ASN O 342 30.84 -36.76 43.79
N ILE O 343 30.76 -36.45 45.09
CA ILE O 343 31.44 -37.28 46.09
C ILE O 343 30.80 -38.66 46.19
N ASP O 344 29.54 -38.79 45.78
CA ASP O 344 28.89 -40.09 45.86
C ASP O 344 29.44 -41.04 44.81
N SER O 345 29.79 -40.50 43.63
CA SER O 345 30.25 -41.36 42.53
C SER O 345 31.65 -41.89 42.77
N HIS O 346 32.56 -41.02 43.22
CA HIS O 346 33.95 -41.41 43.35
C HIS O 346 34.13 -42.51 44.39
N ASN O 347 34.95 -43.50 44.05
CA ASN O 347 35.25 -44.57 45.00
C ASN O 347 36.10 -44.02 46.14
N PRO O 348 36.00 -44.63 47.33
CA PRO O 348 36.77 -44.14 48.47
C PRO O 348 38.27 -44.24 48.20
N LYS O 349 39.02 -43.33 48.81
CA LYS O 349 40.46 -43.27 48.61
C LYS O 349 41.12 -42.81 49.91
N GLN O 350 42.27 -43.42 50.20
CA GLN O 350 43.02 -43.06 51.40
C GLN O 350 43.42 -41.58 51.35
N PHE O 351 43.44 -40.95 52.51
CA PHE O 351 43.88 -39.56 52.58
C PHE O 351 45.34 -39.46 52.20
N GLN O 352 45.65 -38.64 51.21
CA GLN O 352 47.02 -38.53 50.77
C GLN O 352 47.46 -37.10 50.87
N LEU O 353 48.52 -36.83 51.61
CA LEU O 353 48.87 -35.44 51.81
C LEU O 353 49.24 -34.82 50.47
N PRO O 354 48.53 -33.77 50.04
CA PRO O 354 48.71 -33.27 48.68
C PRO O 354 50.13 -32.80 48.44
N ASN O 355 50.56 -32.89 47.17
CA ASN O 355 51.95 -32.61 46.85
C ASN O 355 52.35 -31.18 47.18
N TYR O 356 51.46 -30.22 46.90
CA TYR O 356 51.84 -28.81 47.03
C TYR O 356 52.19 -28.45 48.47
N ILE O 357 51.42 -28.94 49.43
CA ILE O 357 51.78 -28.71 50.84
C ILE O 357 53.07 -29.45 51.17
N LYS O 358 53.26 -30.63 50.57
CA LYS O 358 54.50 -31.38 50.77
C LYS O 358 55.67 -30.71 50.04
N GLU O 359 55.42 -30.21 48.82
CA GLU O 359 56.51 -29.71 47.99
C GLU O 359 57.20 -28.51 48.63
N THR O 360 56.46 -27.71 49.38
CA THR O 360 57.06 -26.54 50.02
C THR O 360 58.11 -26.94 51.05
N PHE O 361 57.84 -28.00 51.80
CA PHE O 361 58.76 -28.39 52.85
C PHE O 361 60.00 -29.07 52.26
N PRO O 362 61.20 -28.75 52.76
CA PRO O 362 62.43 -29.31 52.17
C PRO O 362 62.51 -30.82 52.20
N ALA O 363 62.03 -31.46 53.27
CA ALA O 363 62.30 -32.87 53.51
C ALA O 363 61.01 -33.67 53.61
N VAL O 364 61.10 -34.95 53.24
CA VAL O 364 60.00 -35.89 53.32
C VAL O 364 60.49 -37.16 54.00
N LYS O 365 59.68 -37.72 54.90
CA LYS O 365 60.09 -38.93 55.61
C LYS O 365 59.54 -40.19 54.94
N THR O 366 58.23 -40.28 54.79
CA THR O 366 57.56 -41.48 54.28
C THR O 366 57.10 -41.24 52.85
N GLY O 367 57.41 -42.19 51.97
CA GLY O 367 57.00 -42.10 50.58
C GLY O 367 56.51 -43.42 50.02
N ASP O 543 10.58 -22.58 53.05
CA ASP O 543 9.20 -22.24 52.72
C ASP O 543 9.12 -20.73 52.50
N GLU O 544 7.92 -20.19 52.24
CA GLU O 544 7.82 -18.76 51.98
C GLU O 544 8.25 -17.93 53.19
N ASN O 545 7.75 -18.29 54.39
CA ASN O 545 8.15 -17.56 55.59
C ASN O 545 9.63 -17.77 55.88
N SER O 546 10.16 -18.95 55.54
CA SER O 546 11.57 -19.22 55.77
C SER O 546 12.44 -18.26 54.96
N ILE O 547 12.08 -18.00 53.71
CA ILE O 547 12.84 -17.07 52.89
C ILE O 547 12.82 -15.68 53.51
N LYS O 548 11.66 -15.22 53.96
CA LYS O 548 11.58 -13.93 54.64
C LYS O 548 12.39 -13.96 55.94
N TYR O 549 12.29 -15.05 56.70
CA TYR O 549 13.08 -15.17 57.92
C TYR O 549 14.57 -15.23 57.60
N ASP O 550 14.95 -15.98 56.57
CA ASP O 550 16.36 -16.04 56.18
C ASP O 550 16.84 -14.69 55.67
N PHE O 551 15.94 -13.92 55.06
CA PHE O 551 16.31 -12.56 54.65
C PHE O 551 16.33 -11.62 55.85
N PHE O 552 15.41 -11.82 56.79
CA PHE O 552 15.26 -10.88 57.90
C PHE O 552 16.46 -10.93 58.85
N ASP O 553 16.87 -12.12 59.25
CA ASP O 553 17.93 -12.24 60.25
C ASP O 553 19.25 -11.68 59.73
N LYS O 554 19.58 -11.94 58.46
CA LYS O 554 20.80 -11.37 57.89
C LYS O 554 20.74 -9.85 57.89
N ILE O 555 19.60 -9.29 57.51
CA ILE O 555 19.41 -7.84 57.64
C ILE O 555 19.56 -7.42 59.10
N TYR O 556 18.92 -8.16 60.01
CA TYR O 556 19.00 -7.82 61.43
C TYR O 556 20.42 -7.96 61.96
N LYS O 557 21.11 -9.05 61.60
CA LYS O 557 22.50 -9.20 62.00
C LYS O 557 23.37 -8.12 61.40
N SER O 558 23.03 -7.68 60.19
CA SER O 558 23.78 -6.61 59.55
C SER O 558 23.66 -5.30 60.32
N LYS O 559 22.51 -5.07 60.95
CA LYS O 559 22.24 -3.77 61.55
C LYS O 559 23.19 -3.46 62.71
N MET O 560 23.33 -4.39 63.65
CA MET O 560 24.22 -4.14 64.80
C MET O 560 25.65 -3.94 64.33
N VAL O 561 26.09 -4.76 63.37
CA VAL O 561 27.43 -4.61 62.82
C VAL O 561 27.60 -3.21 62.24
N GLN O 562 26.59 -2.75 61.50
CA GLN O 562 26.60 -1.37 61.04
C GLN O 562 26.60 -0.40 62.21
N LYS O 563 25.79 -0.68 63.24
CA LYS O 563 25.70 0.22 64.38
C LYS O 563 27.01 0.24 65.17
N ARG O 564 27.56 -0.95 65.48
CA ARG O 564 28.69 -1.00 66.39
C ARG O 564 29.95 -0.45 65.73
N LYS O 565 30.07 -0.59 64.41
CA LYS O 565 31.17 0.07 63.71
C LYS O 565 31.00 1.58 63.71
N LEU O 566 29.77 2.06 63.47
CA LEU O 566 29.52 3.49 63.55
C LEU O 566 29.71 3.98 64.99
N PHE O 567 29.27 3.20 65.97
CA PHE O 567 29.43 3.59 67.36
C PHE O 567 30.89 3.66 67.76
N GLN O 568 31.70 2.68 67.31
CA GLN O 568 33.10 2.65 67.70
C GLN O 568 33.86 3.85 67.13
N PHE O 569 33.44 4.34 65.97
CA PHE O 569 34.02 5.59 65.48
C PHE O 569 33.63 6.75 66.38
N GLN O 570 32.41 6.74 66.89
CA GLN O 570 31.97 7.81 67.79
C GLN O 570 32.76 7.79 69.09
N GLU O 571 33.02 6.60 69.65
CA GLU O 571 33.79 6.57 70.89
C GLU O 571 35.27 6.80 70.60
N SER O 572 35.68 6.68 69.34
CA SER O 572 36.99 7.18 68.94
C SER O 572 36.98 8.71 68.90
N LEU O 573 35.83 9.31 68.58
CA LEU O 573 35.73 10.76 68.59
C LEU O 573 35.85 11.31 70.01
N ILE O 574 35.16 10.68 70.97
CA ILE O 574 35.28 11.14 72.35
C ILE O 574 36.67 10.82 72.89
N ASP O 575 37.26 9.72 72.45
CA ASP O 575 38.62 9.39 72.86
C ASP O 575 39.64 10.26 72.13
N LYS O 576 39.23 10.87 71.02
CA LYS O 576 40.09 11.87 70.38
C LYS O 576 40.35 13.03 71.33
N LEU O 577 39.32 13.44 72.08
CA LEU O 577 39.55 14.29 73.23
C LEU O 577 40.28 13.49 74.30
N VAL O 578 41.44 13.98 74.70
CA VAL O 578 42.39 13.22 75.50
C VAL O 578 41.93 13.18 76.94
N SER O 579 42.12 12.02 77.58
CA SER O 579 41.92 11.74 79.00
C SER O 579 40.46 11.68 79.41
N ASN O 580 39.51 12.01 78.53
CA ASN O 580 38.10 11.95 78.87
C ASN O 580 37.27 12.00 77.60
N GLY O 581 36.10 11.37 77.65
CA GLY O 581 35.19 11.42 76.53
C GLY O 581 34.56 12.81 76.40
N SER O 582 34.36 13.23 75.15
CA SER O 582 33.74 14.54 74.92
C SER O 582 32.29 14.55 75.40
N GLN O 583 31.55 13.47 75.14
CA GLN O 583 30.19 13.38 75.67
C GLN O 583 30.21 13.16 77.17
N ASN O 584 31.28 12.55 77.70
CA ASN O 584 31.51 12.20 79.10
C ASN O 584 30.54 11.10 79.55
N GLY O 585 29.67 10.60 78.69
CA GLY O 585 28.76 9.54 79.06
C GLY O 585 28.30 8.79 77.83
N ASN O 586 27.50 7.76 78.06
CA ASN O 586 26.94 6.93 76.99
C ASN O 586 25.46 7.22 76.85
N SER O 587 25.04 7.46 75.60
CA SER O 587 23.63 7.76 75.32
C SER O 587 22.83 6.47 75.16
N PRO P 218 42.65 -22.55 34.95
CA PRO P 218 43.79 -23.44 35.16
C PRO P 218 43.60 -24.34 36.39
N LYS P 219 44.68 -24.52 37.15
CA LYS P 219 44.60 -25.24 38.42
C LYS P 219 44.30 -24.23 39.52
N ILE P 220 43.53 -24.66 40.52
CA ILE P 220 43.04 -23.72 41.52
C ILE P 220 44.12 -23.48 42.56
N SER P 221 44.45 -22.21 42.77
CA SER P 221 45.53 -21.82 43.66
C SER P 221 44.95 -21.44 45.02
N LEU P 222 45.22 -22.27 46.02
CA LEU P 222 44.78 -22.03 47.39
C LEU P 222 46.01 -21.99 48.28
N GLN P 223 46.08 -21.00 49.17
CA GLN P 223 47.25 -20.77 50.00
C GLN P 223 46.94 -21.16 51.44
N ILE P 224 47.64 -22.19 51.92
CA ILE P 224 47.60 -22.56 53.33
C ILE P 224 48.58 -21.66 54.08
N PRO P 225 48.23 -21.15 55.27
CA PRO P 225 49.24 -20.46 56.08
C PRO P 225 50.40 -21.37 56.42
N ILE P 226 51.59 -20.77 56.54
CA ILE P 226 52.82 -21.54 56.62
C ILE P 226 52.84 -22.42 57.87
N LYS P 227 52.35 -21.91 58.99
CA LYS P 227 52.31 -22.71 60.20
C LYS P 227 51.33 -23.86 60.05
N LEU P 228 50.18 -23.61 59.40
CA LEU P 228 49.19 -24.66 59.19
C LEU P 228 49.75 -25.76 58.28
N LYS P 229 50.60 -25.39 57.32
CA LYS P 229 51.24 -26.40 56.50
C LYS P 229 52.07 -27.36 57.36
N SER P 230 52.80 -26.81 58.33
CA SER P 230 53.53 -27.67 59.27
C SER P 230 52.59 -28.52 60.08
N VAL P 231 51.46 -27.96 60.50
CA VAL P 231 50.52 -28.68 61.34
C VAL P 231 50.07 -29.97 60.66
N LEU P 232 49.66 -29.89 59.40
CA LEU P 232 49.22 -31.08 58.67
C LEU P 232 50.38 -32.01 58.38
N VAL P 233 51.50 -31.47 57.87
CA VAL P 233 52.61 -32.32 57.47
C VAL P 233 53.19 -33.06 58.67
N ASP P 234 53.42 -32.36 59.78
CA ASP P 234 53.87 -33.03 60.98
C ASP P 234 52.85 -34.04 61.47
N ASP P 235 51.56 -33.69 61.41
CA ASP P 235 50.52 -34.60 61.90
C ASP P 235 50.51 -35.89 61.10
N TRP P 236 50.71 -35.80 59.78
CA TRP P 236 50.79 -37.00 58.95
C TRP P 236 51.97 -37.88 59.37
N GLU P 237 53.04 -37.26 59.86
CA GLU P 237 54.18 -38.04 60.35
C GLU P 237 53.79 -38.92 61.52
N TYR P 238 52.98 -38.40 62.44
CA TYR P 238 52.64 -39.14 63.66
C TYR P 238 51.83 -40.39 63.34
N VAL P 239 50.80 -40.27 62.50
CA VAL P 239 49.91 -41.39 62.26
C VAL P 239 50.64 -42.53 61.58
N THR P 240 51.46 -42.21 60.56
CA THR P 240 52.18 -43.26 59.85
C THR P 240 53.23 -43.93 60.74
N LYS P 241 53.92 -43.15 61.57
CA LYS P 241 55.02 -43.65 62.37
C LYS P 241 54.61 -44.00 63.80
N ASP P 242 54.06 -43.03 64.55
CA ASP P 242 53.70 -43.29 65.93
C ASP P 242 52.43 -44.13 66.02
N LYS P 243 51.64 -44.16 64.94
CA LYS P 243 50.35 -44.85 64.87
C LYS P 243 49.37 -44.35 65.92
N LYS P 244 49.40 -43.07 66.26
CA LYS P 244 48.47 -42.54 67.23
C LYS P 244 47.10 -42.28 66.61
N ILE P 245 46.05 -42.41 67.40
CA ILE P 245 44.68 -42.19 66.96
C ILE P 245 44.01 -41.22 67.92
N CYS P 246 43.21 -40.30 67.37
CA CYS P 246 42.52 -39.31 68.18
C CYS P 246 41.48 -39.97 69.09
N ARG P 247 41.40 -39.50 70.33
CA ARG P 247 40.30 -39.87 71.18
C ARG P 247 39.01 -39.29 70.63
N LEU P 248 38.01 -40.14 70.41
CA LEU P 248 36.80 -39.71 69.75
C LEU P 248 35.58 -40.09 70.60
N PRO P 249 34.65 -39.16 70.85
CA PRO P 249 34.63 -37.79 70.31
C PRO P 249 35.76 -36.89 70.82
N ALA P 250 36.25 -36.02 69.96
CA ALA P 250 37.46 -35.26 70.24
C ALA P 250 37.20 -34.13 71.24
N ASP P 251 38.29 -33.57 71.76
CA ASP P 251 38.17 -32.48 72.71
C ASP P 251 37.49 -31.26 72.09
N VAL P 252 37.88 -30.90 70.87
CA VAL P 252 37.29 -29.79 70.14
C VAL P 252 36.59 -30.37 68.92
N THR P 253 35.27 -30.40 68.95
CA THR P 253 34.50 -30.97 67.86
C THR P 253 34.56 -30.06 66.63
N VAL P 254 34.31 -30.67 65.47
CA VAL P 254 34.23 -29.89 64.24
C VAL P 254 33.15 -28.83 64.35
N GLU P 255 32.04 -29.17 65.01
CA GLU P 255 30.91 -28.25 65.09
C GLU P 255 31.28 -26.95 65.80
N MET P 256 31.61 -27.01 67.09
CA MET P 256 31.80 -25.78 67.84
C MET P 256 32.96 -24.97 67.31
N VAL P 257 33.93 -25.62 66.67
CA VAL P 257 34.95 -24.87 65.94
C VAL P 257 34.32 -24.11 64.78
N LEU P 258 33.49 -24.80 63.99
CA LEU P 258 32.96 -24.18 62.78
C LEU P 258 31.72 -23.33 63.08
N ASN P 259 30.86 -23.78 63.99
CA ASN P 259 29.71 -22.97 64.37
C ASN P 259 30.16 -21.63 64.96
N LYS P 260 31.25 -21.64 65.72
CA LYS P 260 31.76 -20.40 66.30
C LYS P 260 32.23 -19.45 65.22
N TYR P 261 32.91 -19.96 64.18
CA TYR P 261 33.29 -19.12 63.04
C TYR P 261 32.09 -18.39 62.47
N GLU P 262 30.94 -19.06 62.40
CA GLU P 262 29.73 -18.41 61.91
C GLU P 262 29.28 -17.30 62.87
N HIS P 263 29.82 -17.29 64.10
CA HIS P 263 29.35 -16.34 65.10
C HIS P 263 30.20 -15.06 65.10
N GLU P 264 31.53 -15.19 65.28
CA GLU P 264 32.34 -13.98 65.35
C GLU P 264 32.36 -13.23 64.02
N VAL P 265 32.60 -13.94 62.91
CA VAL P 265 32.69 -13.29 61.61
C VAL P 265 31.36 -12.66 61.25
N SER P 266 30.26 -13.17 61.81
CA SER P 266 28.96 -12.56 61.59
C SER P 266 28.91 -11.14 62.11
N GLN P 267 29.50 -10.89 63.28
CA GLN P 267 29.47 -9.54 63.85
C GLN P 267 30.46 -8.61 63.17
N GLU P 268 31.15 -9.09 62.13
CA GLU P 268 32.15 -8.25 61.49
C GLU P 268 31.68 -7.77 60.12
N LEU P 269 30.88 -8.57 59.42
CA LEU P 269 30.42 -8.23 58.08
C LEU P 269 29.15 -7.39 58.19
N GLU P 270 29.13 -6.27 57.47
CA GLU P 270 28.02 -5.33 57.62
C GLU P 270 26.96 -5.53 56.55
N SER P 271 27.34 -6.10 55.41
CA SER P 271 26.41 -6.25 54.32
C SER P 271 25.41 -7.38 54.59
N PRO P 272 24.23 -7.33 53.98
CA PRO P 272 23.32 -8.47 54.09
C PRO P 272 23.83 -9.71 53.38
N GLY P 273 24.31 -9.56 52.14
CA GLY P 273 24.84 -10.70 51.42
C GLY P 273 26.03 -11.32 52.11
N SER P 274 26.95 -10.49 52.60
CA SER P 274 28.14 -11.01 53.27
C SER P 274 27.76 -11.87 54.48
N GLN P 275 26.63 -11.56 55.11
CA GLN P 275 26.14 -12.42 56.19
C GLN P 275 25.58 -13.72 55.62
N SER P 276 24.96 -13.66 54.44
CA SER P 276 24.42 -14.88 53.84
C SER P 276 25.53 -15.80 53.37
N GLN P 277 26.51 -15.25 52.65
CA GLN P 277 27.61 -16.07 52.15
C GLN P 277 28.37 -16.74 53.30
N LEU P 278 28.50 -16.03 54.42
CA LEU P 278 29.18 -16.63 55.58
C LEU P 278 28.43 -17.86 56.08
N SER P 279 27.13 -17.74 56.33
CA SER P 279 26.37 -18.89 56.78
C SER P 279 26.24 -19.93 55.68
N GLU P 280 26.20 -19.47 54.43
CA GLU P 280 26.18 -20.39 53.29
C GLU P 280 27.39 -21.31 53.30
N TYR P 281 28.59 -20.75 53.20
CA TYR P 281 29.80 -21.56 53.16
C TYR P 281 29.99 -22.32 54.47
N CYS P 282 29.59 -21.72 55.59
CA CYS P 282 29.80 -22.39 56.88
C CYS P 282 28.89 -23.60 57.03
N ALA P 283 27.60 -23.45 56.70
CA ALA P 283 26.68 -24.58 56.84
C ALA P 283 27.01 -25.68 55.84
N GLY P 284 27.46 -25.31 54.64
CA GLY P 284 27.85 -26.30 53.66
C GLY P 284 29.02 -27.15 54.12
N LEU P 285 30.03 -26.52 54.73
CA LEU P 285 31.18 -27.26 55.21
C LEU P 285 30.77 -28.30 56.25
N LYS P 286 29.78 -27.97 57.08
CA LYS P 286 29.22 -28.95 57.99
C LYS P 286 28.56 -30.09 57.23
N LEU P 287 27.97 -29.79 56.07
CA LEU P 287 27.36 -30.84 55.26
C LEU P 287 28.40 -31.60 54.47
N TYR P 288 29.36 -30.89 53.86
CA TYR P 288 30.36 -31.53 53.02
C TYR P 288 31.22 -32.49 53.83
N PHE P 289 31.61 -32.11 55.03
CA PHE P 289 32.47 -32.98 55.84
C PHE P 289 31.79 -34.31 56.13
N ASP P 290 30.46 -34.29 56.25
CA ASP P 290 29.74 -35.52 56.59
C ASP P 290 29.90 -36.58 55.51
N LYS P 291 29.62 -36.22 54.26
CA LYS P 291 29.74 -37.19 53.17
C LYS P 291 31.20 -37.48 52.86
N CYS P 292 32.09 -36.50 53.05
CA CYS P 292 33.46 -36.64 52.58
C CYS P 292 34.36 -37.25 53.64
N LEU P 293 33.81 -37.58 54.81
CA LEU P 293 34.64 -38.23 55.83
C LEU P 293 34.94 -39.68 55.46
N GLY P 294 33.89 -40.48 55.26
CA GLY P 294 34.10 -41.90 54.99
C GLY P 294 34.83 -42.14 53.69
N ASN P 295 34.82 -41.15 52.79
CA ASN P 295 35.45 -41.33 51.49
C ASN P 295 36.96 -41.11 51.56
N MET P 296 37.39 -39.91 51.96
CA MET P 296 38.76 -39.52 51.66
C MET P 296 39.62 -39.18 52.88
N LEU P 297 39.04 -38.48 53.86
CA LEU P 297 39.87 -37.73 54.82
C LEU P 297 40.66 -38.65 55.74
N LEU P 298 40.28 -39.93 55.82
CA LEU P 298 40.88 -40.81 56.81
C LEU P 298 42.09 -41.55 56.24
N TYR P 299 42.94 -42.04 57.15
CA TYR P 299 44.13 -42.80 56.78
C TYR P 299 43.85 -44.29 56.84
N ARG P 300 44.88 -45.08 56.48
CA ARG P 300 44.75 -46.53 56.58
C ARG P 300 44.51 -46.96 58.02
N LEU P 301 45.35 -46.49 58.95
CA LEU P 301 45.13 -46.78 60.36
C LEU P 301 43.83 -46.18 60.86
N GLU P 302 43.53 -44.94 60.46
CA GLU P 302 42.30 -44.29 60.89
C GLU P 302 41.07 -45.05 60.40
N ARG P 303 41.15 -45.64 59.20
CA ARG P 303 39.98 -46.30 58.63
C ARG P 303 39.53 -47.46 59.51
N LEU P 304 40.48 -48.21 60.08
CA LEU P 304 40.12 -49.27 61.01
C LEU P 304 39.36 -48.70 62.21
N GLN P 305 39.81 -47.55 62.72
CA GLN P 305 39.13 -46.93 63.85
C GLN P 305 37.77 -46.37 63.42
N TYR P 306 37.67 -45.92 62.17
CA TYR P 306 36.39 -45.42 61.67
C TYR P 306 35.36 -46.55 61.58
N ASP P 307 35.80 -47.75 61.19
CA ASP P 307 34.88 -48.86 61.02
C ASP P 307 34.13 -49.16 62.32
N GLU P 308 34.84 -49.11 63.42
CA GLU P 308 34.21 -49.39 64.69
C GLU P 308 33.04 -48.46 64.89
N LEU P 309 33.28 -47.18 64.67
CA LEU P 309 32.22 -46.20 64.90
C LEU P 309 30.88 -46.59 64.30
N LEU P 310 30.88 -47.06 63.06
CA LEU P 310 29.65 -47.43 62.39
C LEU P 310 28.93 -48.55 63.14
N LYS P 311 29.68 -49.55 63.59
CA LYS P 311 29.10 -50.56 64.48
C LYS P 311 28.61 -49.93 65.78
N LYS P 312 29.43 -49.03 66.35
CA LYS P 312 29.02 -48.35 67.57
C LYS P 312 27.77 -47.52 67.34
N SER P 313 27.70 -46.82 66.21
CA SER P 313 26.47 -46.11 65.86
C SER P 313 25.33 -47.09 65.60
N SER P 314 25.63 -48.22 64.96
CA SER P 314 24.62 -49.24 64.72
C SER P 314 24.11 -49.84 66.01
N LYS P 315 25.02 -50.10 66.96
CA LYS P 315 24.60 -50.68 68.24
C LYS P 315 23.66 -49.74 68.98
N ASP P 316 23.86 -48.44 68.84
CA ASP P 316 22.92 -47.49 69.42
C ASP P 316 21.70 -47.30 68.52
N GLN P 317 21.83 -47.65 67.24
CA GLN P 317 20.89 -47.40 66.15
C GLN P 317 20.79 -45.90 65.83
N LYS P 318 21.48 -45.03 66.57
CA LYS P 318 21.49 -43.62 66.22
C LYS P 318 22.41 -43.39 65.02
N PRO P 319 22.04 -42.51 64.10
CA PRO P 319 22.88 -42.28 62.93
C PRO P 319 24.23 -41.70 63.31
N LEU P 320 25.26 -42.14 62.60
CA LEU P 320 26.60 -41.59 62.82
C LEU P 320 26.71 -40.22 62.19
N VAL P 321 27.16 -39.25 62.99
CA VAL P 321 27.29 -37.87 62.55
C VAL P 321 28.76 -37.48 62.68
N PRO P 322 29.53 -37.51 61.59
CA PRO P 322 30.97 -37.21 61.69
C PRO P 322 31.30 -35.85 62.29
N ILE P 323 30.51 -34.83 61.98
CA ILE P 323 30.87 -33.46 62.35
C ILE P 323 30.94 -33.29 63.86
N ARG P 324 29.98 -33.83 64.60
CA ARG P 324 29.96 -33.58 66.04
C ARG P 324 31.06 -34.36 66.76
N ILE P 325 31.54 -35.45 66.16
CA ILE P 325 32.41 -36.37 66.89
C ILE P 325 33.88 -36.04 66.65
N TYR P 326 34.28 -35.81 65.40
CA TYR P 326 35.70 -35.68 65.11
C TYR P 326 36.22 -34.29 65.46
N GLY P 327 37.55 -34.15 65.43
CA GLY P 327 38.18 -32.90 65.80
C GLY P 327 38.41 -32.00 64.61
N ALA P 328 38.92 -30.80 64.91
CA ALA P 328 39.07 -29.77 63.89
C ALA P 328 40.19 -30.10 62.92
N ILE P 329 41.18 -30.88 63.36
CA ILE P 329 42.30 -31.22 62.48
C ILE P 329 41.82 -31.97 61.25
N HIS P 330 40.78 -32.79 61.41
CA HIS P 330 40.18 -33.45 60.24
C HIS P 330 39.56 -32.42 59.30
N LEU P 331 38.94 -31.38 59.85
CA LEU P 331 38.44 -30.30 59.00
C LEU P 331 39.59 -29.65 58.24
N LEU P 332 40.72 -29.45 58.89
CA LEU P 332 41.88 -28.88 58.21
C LEU P 332 42.34 -29.80 57.09
N ARG P 333 42.21 -31.12 57.29
CA ARG P 333 42.54 -32.06 56.23
C ARG P 333 41.66 -31.86 55.00
N LEU P 334 40.38 -31.59 55.21
CA LEU P 334 39.47 -31.38 54.09
C LEU P 334 39.87 -30.16 53.27
N ILE P 335 40.25 -29.08 53.93
CA ILE P 335 40.61 -27.86 53.22
C ILE P 335 41.86 -28.08 52.36
N SER P 336 42.81 -28.87 52.86
CA SER P 336 44.00 -29.17 52.07
C SER P 336 43.64 -29.93 50.79
N VAL P 337 42.70 -30.88 50.89
CA VAL P 337 42.30 -31.65 49.72
C VAL P 337 41.33 -30.83 48.86
N LEU P 338 40.84 -29.71 49.38
CA LEU P 338 39.79 -28.97 48.70
C LEU P 338 40.17 -28.51 47.29
N PRO P 339 41.29 -27.82 47.05
CA PRO P 339 41.52 -27.27 45.71
C PRO P 339 41.59 -28.31 44.61
N GLU P 340 41.97 -29.54 44.94
CA GLU P 340 41.91 -30.60 43.96
C GLU P 340 40.46 -30.98 43.65
N LEU P 341 39.59 -30.88 44.65
CA LEU P 341 38.20 -31.32 44.46
C LEU P 341 37.43 -30.39 43.54
N ILE P 342 37.67 -29.08 43.65
CA ILE P 342 37.00 -28.16 42.73
C ILE P 342 37.43 -28.43 41.29
N SER P 343 38.67 -28.89 41.11
CA SER P 343 39.17 -29.15 39.76
C SER P 343 38.29 -30.17 39.02
N SER P 344 37.81 -31.18 39.74
CA SER P 344 36.94 -32.17 39.11
C SER P 344 35.56 -31.59 38.81
N THR P 345 35.14 -30.59 39.56
CA THR P 345 33.80 -30.04 39.38
C THR P 345 33.74 -29.13 38.16
N THR P 346 32.52 -28.76 37.78
CA THR P 346 32.27 -27.96 36.60
C THR P 346 31.95 -26.50 36.91
N MET P 347 32.21 -26.04 38.13
CA MET P 347 31.91 -24.66 38.48
C MET P 347 32.74 -23.70 37.65
N ASP P 348 32.11 -22.62 37.19
CA ASP P 348 32.83 -21.58 36.49
C ASP P 348 33.81 -20.87 37.41
N LEU P 349 34.58 -19.94 36.89
CA LEU P 349 35.61 -19.33 37.71
C LEU P 349 35.03 -18.50 38.80
N GLN P 350 34.01 -17.72 38.49
CA GLN P 350 33.50 -16.80 39.50
C GLN P 350 33.03 -17.53 40.75
N SER P 351 32.29 -18.63 40.58
CA SER P 351 31.86 -19.40 41.73
C SER P 351 33.04 -19.98 42.48
N CYS P 352 34.05 -20.46 41.75
CA CYS P 352 35.23 -21.03 42.39
C CYS P 352 35.99 -19.98 43.19
N GLN P 353 36.09 -18.78 42.68
CA GLN P 353 36.73 -17.75 43.46
C GLN P 353 36.15 -17.71 44.85
N LEU P 354 34.83 -17.57 44.96
CA LEU P 354 34.26 -17.39 46.29
C LEU P 354 34.51 -18.59 47.15
N LEU P 355 34.39 -19.78 46.58
CA LEU P 355 34.55 -20.96 47.41
C LEU P 355 35.91 -20.78 48.01
N ILE P 356 36.85 -20.24 47.23
CA ILE P 356 38.19 -20.13 47.78
C ILE P 356 38.28 -18.97 48.75
N LYS P 357 37.54 -17.89 48.47
CA LYS P 357 37.75 -16.65 49.20
C LYS P 357 37.34 -16.78 50.67
N GLN P 358 36.24 -17.47 50.97
CA GLN P 358 35.98 -17.79 52.36
C GLN P 358 37.04 -18.74 52.91
N THR P 359 37.46 -19.71 52.09
CA THR P 359 38.45 -20.69 52.56
C THR P 359 39.72 -20.01 53.03
N GLU P 360 40.28 -19.12 52.22
CA GLU P 360 41.46 -18.38 52.66
C GLU P 360 41.16 -17.51 53.87
N ASP P 361 40.02 -16.80 53.85
CA ASP P 361 39.65 -15.98 55.00
C ASP P 361 39.32 -16.84 56.20
N PHE P 362 38.84 -18.06 55.97
CA PHE P 362 38.62 -18.98 57.08
C PHE P 362 39.93 -19.29 57.79
N LEU P 363 40.94 -19.72 57.04
CA LEU P 363 42.19 -20.11 57.67
C LEU P 363 42.90 -18.92 58.31
N VAL P 364 42.58 -17.71 57.85
CA VAL P 364 43.09 -16.52 58.52
C VAL P 364 42.58 -16.45 59.95
N TRP P 365 41.33 -16.89 60.18
CA TRP P 365 40.87 -17.04 61.56
C TRP P 365 41.74 -18.04 62.29
N LEU P 366 42.01 -19.19 61.63
CA LEU P 366 42.60 -20.33 62.31
C LEU P 366 43.90 -19.96 63.01
N LEU P 367 44.70 -19.09 62.40
CA LEU P 367 45.96 -18.69 63.00
C LEU P 367 45.76 -18.02 64.35
N MET P 368 44.64 -17.32 64.52
CA MET P 368 44.37 -16.66 65.81
C MET P 368 44.22 -17.69 66.93
N HIS P 369 43.53 -18.79 66.65
CA HIS P 369 43.37 -19.87 67.62
C HIS P 369 44.09 -21.16 67.22
N VAL P 370 45.08 -21.07 66.34
CA VAL P 370 45.86 -22.26 66.01
C VAL P 370 46.57 -22.80 67.23
N ASP P 371 46.86 -21.93 68.21
CA ASP P 371 47.55 -22.37 69.41
C ASP P 371 46.63 -23.16 70.32
N GLU P 372 45.32 -22.86 70.27
CA GLU P 372 44.39 -23.44 71.24
C GLU P 372 44.20 -24.93 71.03
N TYR P 373 43.92 -25.34 69.79
CA TYR P 373 43.46 -26.70 69.52
C TYR P 373 44.27 -27.47 68.47
N PHE P 374 44.74 -26.83 67.39
CA PHE P 374 45.80 -27.47 66.61
C PHE P 374 47.08 -27.61 67.42
N ASN P 375 47.57 -26.52 68.00
CA ASN P 375 48.80 -26.60 68.78
C ASN P 375 48.46 -27.15 70.16
N ASP P 376 49.35 -27.99 70.68
CA ASP P 376 49.09 -28.64 71.95
C ASP P 376 49.15 -27.62 73.10
N LYS P 377 47.98 -27.33 73.66
CA LYS P 377 47.87 -26.52 74.87
C LYS P 377 47.88 -27.45 76.07
N ASP P 378 48.74 -27.14 77.04
CA ASP P 378 49.04 -28.04 78.15
C ASP P 378 49.48 -29.40 77.60
N PRO P 379 50.60 -29.45 76.85
CA PRO P 379 50.93 -30.68 76.11
C PRO P 379 51.34 -31.84 76.99
N ASN P 380 51.60 -31.59 78.27
CA ASN P 380 52.08 -32.68 79.14
C ASN P 380 51.07 -33.81 79.24
N ARG P 381 49.79 -33.48 79.39
CA ARG P 381 48.76 -34.51 79.47
C ARG P 381 48.49 -35.10 78.10
N SER P 382 48.37 -36.43 78.05
CA SER P 382 48.14 -37.11 76.77
C SER P 382 46.78 -36.77 76.19
N ASP P 383 45.80 -36.48 77.05
CA ASP P 383 44.48 -36.11 76.56
C ASP P 383 44.53 -34.82 75.75
N ASP P 384 45.34 -33.86 76.18
CA ASP P 384 45.52 -32.62 75.43
C ASP P 384 46.10 -32.91 74.05
N ALA P 385 47.04 -33.84 73.96
CA ALA P 385 47.53 -34.30 72.67
C ALA P 385 46.38 -34.87 71.86
N LEU P 386 46.25 -34.40 70.61
CA LEU P 386 45.10 -34.79 69.80
C LEU P 386 45.09 -36.28 69.50
N TYR P 387 46.25 -36.85 69.18
CA TYR P 387 46.36 -38.24 68.80
C TYR P 387 47.07 -39.02 69.90
N VAL P 388 46.55 -40.21 70.22
CA VAL P 388 47.02 -41.02 71.33
C VAL P 388 47.51 -42.36 70.78
N ASN P 389 48.64 -42.84 71.30
CA ASN P 389 49.26 -44.05 70.78
C ASN P 389 48.37 -45.26 70.95
N THR P 390 48.52 -46.23 70.05
CA THR P 390 47.68 -47.42 70.02
C THR P 390 48.54 -48.68 69.98
N SER P 391 47.89 -49.82 70.23
CA SER P 391 48.60 -51.08 70.34
C SER P 391 49.03 -51.59 68.97
N SER P 392 50.10 -52.39 68.95
CA SER P 392 50.66 -52.88 67.70
C SER P 392 49.75 -53.91 67.04
N GLN P 393 49.17 -54.81 67.83
CA GLN P 393 48.26 -55.81 67.25
C GLN P 393 47.05 -55.13 66.62
N TYR P 394 46.66 -53.96 67.14
CA TYR P 394 45.67 -53.14 66.48
C TYR P 394 46.17 -52.68 65.12
N GLU P 395 47.44 -52.28 65.05
CA GLU P 395 48.03 -51.85 63.78
C GLU P 395 48.08 -53.01 62.79
N GLY P 396 48.30 -54.23 63.27
CA GLY P 396 48.28 -55.38 62.38
C GLY P 396 46.94 -55.55 61.69
N VAL P 397 45.85 -55.32 62.42
CA VAL P 397 44.53 -55.33 61.79
C VAL P 397 44.39 -54.13 60.84
N ALA P 398 45.01 -53.00 61.21
CA ALA P 398 44.95 -51.82 60.36
C ALA P 398 45.62 -52.07 59.02
N LEU P 399 46.68 -52.90 59.01
CA LEU P 399 47.26 -53.33 57.75
C LEU P 399 46.25 -54.13 56.93
N GLY P 400 45.50 -55.01 57.58
CA GLY P 400 44.56 -55.88 56.90
C GLY P 400 45.13 -57.19 56.45
N MET P 401 46.44 -57.40 56.57
CA MET P 401 47.07 -58.66 56.21
C MET P 401 47.84 -59.24 57.39
ZN ZN Q . 4.49 26.59 8.36
CA CA R . 19.47 29.09 21.36
#